data_9B16
#
_entry.id   9B16
#
_cell.length_a   1.00
_cell.length_b   1.00
_cell.length_c   1.00
_cell.angle_alpha   90.00
_cell.angle_beta   90.00
_cell.angle_gamma   90.00
#
_symmetry.space_group_name_H-M   'P 1'
#
loop_
_entity.id
_entity.type
_entity.pdbx_description
1 polymer 'Creatine kinase U-type, mitochondrial'
2 non-polymer "ADENOSINE-5'-DIPHOSPHATE"
3 non-polymer (2S)-4-(chloroacetyl)-3,4-dihydro-2H-1,4-benzoxazine-2-carboxamide
#
_entity_poly.entity_id   1
_entity_poly.type   'polypeptide(L)'
_entity_poly.pdbx_seq_one_letter_code
;MGSSHHHHHHSSGLVPRGSHMENLYFQGAASERRRLYPPSAEYPDLRKHNNCMASHLTPAVYARLCDKTTPTGWTLDQCI
QTGVDNPGHPFIKTVGMVAGDEETYEVFADLFDPVIQERHNGYDPRTMKHTTDLDASKIRSGYFDERYVLSSRVRTGRSI
RGLSLPPACTRAERREVERVVVDALSGLKGDLAGRYYRLSEMTEAEQQQLIDDHFLFDKPVSPLLTAAGMARDWPDARGI
WHNNEKSFLIWVNEEDHTRVISMEKGGNMKRVFERFCRGLKEVERLIQERGWEFMWNERLGYILTCPSNLGTGLRAGVHI
KLPLLSKDSRFPKILENLRLQKRGTGGVDTAATGGVFDISNLDRLGKSEVELVQLVIDGVNYLIDCERRLERGQDIRIPT
PVIHTKHGSSDYKDDDDK
;
_entity_poly.pdbx_strand_id   A,B,C,D,E,F,G,H
#
loop_
_chem_comp.id
_chem_comp.type
_chem_comp.name
_chem_comp.formula
ADP non-polymer ADENOSINE-5'-DIPHOSPHATE 'C10 H15 N5 O10 P2'
KLU non-polymer (2S)-4-(chloroacetyl)-3,4-dihydro-2H-1,4-benzoxazine-2-carboxamide 'C11 H11 Cl N2 O3'
#
# COMPACT_ATOMS: atom_id res chain seq x y z
N SER A 31 15.41 -4.33 -2.94
CA SER A 31 15.24 -4.58 -4.37
C SER A 31 14.32 -5.78 -4.59
N GLU A 32 13.52 -5.72 -5.66
CA GLU A 32 12.62 -6.80 -6.02
C GLU A 32 13.29 -7.84 -6.92
N ARG A 33 14.55 -7.65 -7.28
CA ARG A 33 15.27 -8.61 -8.10
C ARG A 33 15.75 -9.82 -7.33
N ARG A 34 15.69 -9.79 -6.00
CA ARG A 34 16.10 -10.94 -5.21
C ARG A 34 15.17 -12.11 -5.46
N ARG A 35 15.73 -13.30 -5.55
CA ARG A 35 15.00 -14.49 -5.94
C ARG A 35 14.64 -15.32 -4.72
N LEU A 36 13.39 -15.79 -4.69
CA LEU A 36 12.92 -16.65 -3.61
C LEU A 36 13.41 -18.08 -3.81
N TYR A 37 13.45 -18.82 -2.72
CA TYR A 37 13.73 -20.24 -2.80
C TYR A 37 12.64 -20.92 -3.62
N PRO A 38 12.97 -21.68 -4.66
CA PRO A 38 11.94 -22.40 -5.40
C PRO A 38 11.18 -23.34 -4.48
N PRO A 39 9.87 -23.50 -4.67
CA PRO A 39 9.11 -24.40 -3.78
C PRO A 39 9.69 -25.80 -3.73
N SER A 40 10.19 -26.31 -4.86
CA SER A 40 10.79 -27.63 -4.87
C SER A 40 11.96 -27.74 -3.92
N ALA A 41 12.60 -26.62 -3.57
CA ALA A 41 13.70 -26.67 -2.62
C ALA A 41 13.22 -27.07 -1.23
N GLU A 42 11.98 -26.72 -0.89
CA GLU A 42 11.42 -27.01 0.42
C GLU A 42 10.72 -28.36 0.47
N TYR A 43 10.61 -29.07 -0.65
CA TYR A 43 9.84 -30.30 -0.68
C TYR A 43 10.44 -31.31 0.31
N PRO A 44 9.63 -31.94 1.15
CA PRO A 44 10.18 -32.89 2.13
C PRO A 44 10.77 -34.11 1.45
N ASP A 45 11.63 -34.80 2.21
CA ASP A 45 12.28 -36.03 1.77
C ASP A 45 11.44 -37.20 2.30
N LEU A 46 10.48 -37.63 1.50
CA LEU A 46 9.53 -38.66 1.89
C LEU A 46 9.84 -40.02 1.28
N ARG A 47 11.11 -40.34 1.10
CA ARG A 47 11.47 -41.60 0.45
C ARG A 47 11.26 -42.81 1.33
N LYS A 48 11.07 -42.63 2.64
CA LYS A 48 10.91 -43.75 3.57
C LYS A 48 9.78 -43.44 4.55
N HIS A 49 8.67 -42.94 4.03
CA HIS A 49 7.51 -42.56 4.84
C HIS A 49 6.32 -43.44 4.48
N ASN A 50 5.20 -43.19 5.16
CA ASN A 50 3.96 -43.91 4.89
C ASN A 50 2.79 -42.94 4.82
N CYS A 52 -0.93 -40.93 5.38
CA CYS A 52 -1.31 -40.97 3.98
C CYS A 52 -0.81 -39.74 3.23
N MET A 53 -0.28 -38.76 3.97
CA MET A 53 0.20 -37.55 3.34
C MET A 53 1.36 -37.84 2.40
N ALA A 54 2.29 -38.70 2.81
CA ALA A 54 3.47 -38.97 2.00
C ALA A 54 3.10 -39.54 0.65
N SER A 55 2.15 -40.47 0.61
CA SER A 55 1.76 -41.08 -0.65
C SER A 55 0.91 -40.13 -1.49
N HIS A 56 0.17 -39.22 -0.84
CA HIS A 56 -0.72 -38.31 -1.55
C HIS A 56 -0.15 -36.91 -1.70
N LEU A 57 1.11 -36.70 -1.32
CA LEU A 57 1.78 -35.43 -1.54
C LEU A 57 2.75 -35.58 -2.72
N THR A 58 2.63 -34.70 -3.70
CA THR A 58 3.43 -34.74 -4.91
C THR A 58 4.03 -33.37 -5.15
N PRO A 59 5.12 -33.30 -5.93
CA PRO A 59 5.76 -31.99 -6.15
C PRO A 59 4.81 -30.93 -6.68
N ALA A 60 3.90 -31.31 -7.59
CA ALA A 60 2.97 -30.34 -8.14
C ALA A 60 2.07 -29.77 -7.06
N VAL A 61 1.54 -30.62 -6.17
CA VAL A 61 0.64 -30.15 -5.13
C VAL A 61 1.38 -29.22 -4.18
N TYR A 62 2.57 -29.61 -3.75
CA TYR A 62 3.33 -28.77 -2.83
C TYR A 62 3.65 -27.43 -3.47
N ALA A 63 4.08 -27.43 -4.73
CA ALA A 63 4.38 -26.18 -5.41
C ALA A 63 3.14 -25.31 -5.51
N ARG A 64 1.99 -25.91 -5.81
CA ARG A 64 0.75 -25.15 -5.91
C ARG A 64 0.39 -24.51 -4.58
N LEU A 65 0.51 -25.25 -3.48
CA LEU A 65 0.07 -24.80 -2.18
C LEU A 65 1.20 -24.23 -1.33
N CYS A 66 2.40 -24.07 -1.89
CA CYS A 66 3.53 -23.61 -1.09
C CYS A 66 3.33 -22.19 -0.56
N ASP A 67 2.45 -21.40 -1.19
CA ASP A 67 2.29 -20.00 -0.83
C ASP A 67 0.93 -19.67 -0.23
N LYS A 68 -0.06 -20.56 -0.36
CA LYS A 68 -1.36 -20.30 0.23
C LYS A 68 -1.24 -20.19 1.75
N THR A 69 -2.32 -19.72 2.37
CA THR A 69 -2.37 -19.62 3.82
C THR A 69 -3.77 -19.25 4.25
N THR A 70 -4.22 -19.81 5.37
CA THR A 70 -5.50 -19.43 5.93
C THR A 70 -5.41 -18.01 6.48
N PRO A 71 -6.56 -17.34 6.65
CA PRO A 71 -6.51 -15.96 7.13
C PRO A 71 -5.78 -15.79 8.46
N THR A 72 -5.77 -16.82 9.29
CA THR A 72 -5.06 -16.76 10.57
C THR A 72 -3.57 -17.06 10.45
N GLY A 73 -3.09 -17.37 9.25
CA GLY A 73 -1.67 -17.59 9.02
C GLY A 73 -1.24 -19.04 8.93
N TRP A 74 -2.17 -19.99 9.02
CA TRP A 74 -1.80 -21.39 8.87
C TRP A 74 -1.28 -21.64 7.47
N THR A 75 -0.26 -22.50 7.36
CA THR A 75 0.38 -22.79 6.09
C THR A 75 0.54 -24.29 5.92
N LEU A 76 0.83 -24.70 4.68
CA LEU A 76 0.87 -26.12 4.35
C LEU A 76 1.96 -26.84 5.16
N ASP A 77 3.13 -26.23 5.26
CA ASP A 77 4.21 -26.88 6.01
C ASP A 77 3.79 -27.18 7.43
N GLN A 78 3.05 -26.26 8.06
CA GLN A 78 2.54 -26.53 9.41
C GLN A 78 1.61 -27.73 9.39
N CYS A 79 0.76 -27.83 8.37
CA CYS A 79 -0.16 -28.97 8.29
C CYS A 79 0.60 -30.28 8.21
N ILE A 80 1.65 -30.35 7.38
CA ILE A 80 2.33 -31.62 7.12
C ILE A 80 3.53 -31.85 8.03
N GLN A 81 3.81 -30.94 8.96
CA GLN A 81 4.96 -31.11 9.83
C GLN A 81 4.86 -32.39 10.65
N THR A 82 3.69 -32.66 11.23
CA THR A 82 3.56 -33.84 12.09
C THR A 82 3.83 -35.12 11.31
N GLY A 83 3.30 -35.21 10.09
CA GLY A 83 3.57 -36.39 9.29
C GLY A 83 5.02 -36.48 8.83
N VAL A 84 5.62 -35.34 8.48
CA VAL A 84 7.00 -35.34 8.00
C VAL A 84 7.94 -35.79 9.12
N ASP A 85 7.74 -35.28 10.33
CA ASP A 85 8.64 -35.63 11.43
C ASP A 85 8.58 -37.12 11.74
N ASN A 86 7.38 -37.70 11.73
CA ASN A 86 7.21 -39.10 12.07
C ASN A 86 7.05 -39.91 10.80
N PRO A 87 8.04 -40.69 10.37
CA PRO A 87 7.89 -41.47 9.14
C PRO A 87 6.76 -42.49 9.21
N GLY A 88 6.41 -42.96 10.40
CA GLY A 88 5.36 -43.95 10.55
C GLY A 88 5.85 -45.35 10.33
N HIS A 89 5.52 -46.26 11.25
CA HIS A 89 5.97 -47.64 11.12
C HIS A 89 5.25 -48.31 9.95
N PRO A 90 5.92 -49.25 9.27
CA PRO A 90 5.25 -49.97 8.18
C PRO A 90 4.05 -50.76 8.70
N PHE A 91 3.03 -50.86 7.85
CA PHE A 91 1.77 -51.54 8.11
C PHE A 91 0.86 -50.71 9.01
N ILE A 92 1.27 -49.53 9.43
CA ILE A 92 0.46 -48.65 10.28
C ILE A 92 0.14 -47.41 9.47
N LYS A 93 -1.16 -47.12 9.34
CA LYS A 93 -1.63 -45.99 8.55
C LYS A 93 -2.00 -44.84 9.47
N THR A 94 -1.32 -43.71 9.30
CA THR A 94 -1.61 -42.50 10.06
C THR A 94 -1.85 -41.36 9.07
N VAL A 95 -2.76 -40.46 9.43
CA VAL A 95 -3.13 -39.38 8.52
C VAL A 95 -1.91 -38.51 8.21
N GLY A 96 -1.17 -38.12 9.25
CA GLY A 96 0.05 -37.38 9.07
C GLY A 96 -0.11 -35.87 8.93
N MET A 97 -1.33 -35.35 9.03
CA MET A 97 -1.55 -33.92 8.93
C MET A 97 -2.62 -33.49 9.92
N VAL A 98 -2.67 -32.19 10.18
CA VAL A 98 -3.67 -31.58 11.05
C VAL A 98 -4.12 -30.27 10.43
N ALA A 99 -5.14 -29.67 11.03
CA ALA A 99 -5.71 -28.42 10.56
C ALA A 99 -5.60 -27.36 11.66
N GLY A 100 -5.25 -26.15 11.26
CA GLY A 100 -5.07 -25.07 12.20
C GLY A 100 -6.32 -24.26 12.46
N ASP A 101 -7.32 -24.39 11.59
CA ASP A 101 -8.58 -23.68 11.75
C ASP A 101 -9.56 -24.20 10.71
N GLU A 102 -10.77 -23.65 10.72
CA GLU A 102 -11.81 -24.12 9.82
C GLU A 102 -11.43 -23.88 8.36
N GLU A 103 -10.85 -22.72 8.07
CA GLU A 103 -10.54 -22.38 6.69
C GLU A 103 -9.46 -23.28 6.10
N THR A 104 -8.76 -24.05 6.92
CA THR A 104 -7.67 -24.88 6.42
C THR A 104 -8.19 -25.91 5.43
N TYR A 105 -9.29 -26.59 5.76
CA TYR A 105 -9.81 -27.62 4.89
C TYR A 105 -10.24 -27.07 3.54
N GLU A 106 -10.64 -25.79 3.48
CA GLU A 106 -10.98 -25.18 2.21
C GLU A 106 -9.73 -24.78 1.45
N VAL A 107 -8.84 -24.02 2.11
CA VAL A 107 -7.64 -23.51 1.44
C VAL A 107 -6.80 -24.66 0.91
N PHE A 108 -6.56 -25.67 1.74
CA PHE A 108 -5.73 -26.81 1.38
C PHE A 108 -6.57 -28.03 1.01
N ALA A 109 -7.74 -27.82 0.40
CA ALA A 109 -8.60 -28.93 0.05
C ALA A 109 -7.92 -29.86 -0.95
N ASP A 110 -7.12 -29.31 -1.87
CA ASP A 110 -6.50 -30.14 -2.89
C ASP A 110 -5.61 -31.22 -2.28
N LEU A 111 -5.09 -30.98 -1.08
CA LEU A 111 -4.25 -31.96 -0.40
C LEU A 111 -5.06 -32.84 0.53
N PHE A 112 -5.93 -32.24 1.34
CA PHE A 112 -6.67 -33.01 2.34
C PHE A 112 -7.65 -33.98 1.68
N ASP A 113 -8.34 -33.54 0.62
CA ASP A 113 -9.44 -34.32 0.08
C ASP A 113 -9.03 -35.75 -0.29
N PRO A 114 -7.94 -35.98 -1.02
CA PRO A 114 -7.52 -37.38 -1.22
C PRO A 114 -7.27 -38.11 0.08
N VAL A 115 -6.70 -37.42 1.07
CA VAL A 115 -6.43 -38.07 2.36
C VAL A 115 -7.73 -38.42 3.07
N ILE A 116 -8.68 -37.49 3.08
CA ILE A 116 -9.97 -37.76 3.71
C ILE A 116 -10.65 -38.93 3.03
N GLN A 117 -10.61 -38.96 1.70
CA GLN A 117 -11.26 -40.04 0.97
C GLN A 117 -10.60 -41.38 1.25
N GLU A 118 -9.26 -41.42 1.24
CA GLU A 118 -8.57 -42.67 1.52
C GLU A 118 -8.84 -43.15 2.94
N ARG A 119 -8.89 -42.22 3.90
CA ARG A 119 -9.12 -42.61 5.28
C ARG A 119 -10.51 -43.20 5.47
N HIS A 120 -11.54 -42.51 4.99
CA HIS A 120 -12.92 -42.94 5.19
C HIS A 120 -13.43 -43.79 4.03
N ASN A 121 -12.67 -44.81 3.68
CA ASN A 121 -13.07 -45.90 2.77
C ASN A 121 -13.99 -45.40 1.65
N GLY A 122 -13.48 -44.40 0.91
CA GLY A 122 -14.08 -44.00 -0.34
C GLY A 122 -14.96 -42.77 -0.29
N TYR A 123 -15.27 -42.24 0.90
CA TYR A 123 -16.07 -41.03 0.97
C TYR A 123 -15.39 -39.91 0.20
N ASP A 124 -16.16 -39.21 -0.63
CA ASP A 124 -15.61 -38.13 -1.44
C ASP A 124 -16.09 -36.80 -0.89
N PRO A 125 -15.23 -36.01 -0.24
CA PRO A 125 -15.69 -34.72 0.29
C PRO A 125 -16.19 -33.77 -0.78
N ARG A 126 -15.60 -33.81 -1.98
CA ARG A 126 -15.96 -32.83 -3.01
C ARG A 126 -17.42 -32.99 -3.43
N THR A 127 -17.88 -34.22 -3.62
CA THR A 127 -19.21 -34.49 -4.15
C THR A 127 -20.21 -34.87 -3.05
N MET A 128 -19.89 -35.88 -2.26
CA MET A 128 -20.82 -36.38 -1.27
C MET A 128 -21.08 -35.33 -0.19
N LYS A 129 -22.18 -35.53 0.54
CA LYS A 129 -22.59 -34.63 1.61
C LYS A 129 -22.82 -35.43 2.87
N HIS A 130 -22.72 -34.76 4.01
CA HIS A 130 -22.84 -35.38 5.32
C HIS A 130 -24.13 -34.93 6.00
N THR A 131 -24.76 -35.86 6.72
CA THR A 131 -25.98 -35.61 7.44
C THR A 131 -25.80 -36.01 8.89
N THR A 132 -26.30 -35.17 9.80
CA THR A 132 -26.11 -35.36 11.24
C THR A 132 -27.46 -35.53 11.92
N ASP A 133 -27.60 -36.58 12.72
CA ASP A 133 -28.77 -36.80 13.54
C ASP A 133 -28.32 -37.26 14.92
N LEU A 134 -29.04 -36.84 15.96
CA LEU A 134 -28.69 -37.16 17.34
C LEU A 134 -29.95 -37.54 18.10
N ASP A 135 -30.79 -38.37 17.49
CA ASP A 135 -32.04 -38.81 18.11
C ASP A 135 -31.82 -40.17 18.77
N ALA A 136 -32.10 -40.24 20.07
CA ALA A 136 -31.98 -41.48 20.82
C ALA A 136 -33.25 -42.33 20.76
N SER A 137 -34.30 -41.85 20.09
CA SER A 137 -35.49 -42.66 19.90
C SER A 137 -35.30 -43.71 18.82
N LYS A 138 -34.53 -43.40 17.77
CA LYS A 138 -34.36 -44.33 16.67
C LYS A 138 -33.66 -45.61 17.12
N ILE A 139 -32.66 -45.48 18.00
CA ILE A 139 -31.91 -46.64 18.43
C ILE A 139 -32.85 -47.69 19.02
N ARG A 140 -32.49 -48.96 18.81
CA ARG A 140 -33.24 -50.08 19.38
C ARG A 140 -32.28 -50.98 20.15
N SER A 141 -32.77 -52.15 20.60
CA SER A 141 -31.95 -53.07 21.37
C SER A 141 -31.37 -52.38 22.60
N GLY A 142 -30.15 -51.90 22.52
CA GLY A 142 -29.54 -51.17 23.61
C GLY A 142 -28.98 -52.06 24.70
N TYR A 143 -29.87 -52.76 25.42
CA TYR A 143 -29.43 -53.61 26.52
C TYR A 143 -28.50 -54.71 26.02
N PHE A 144 -27.40 -54.91 26.74
CA PHE A 144 -26.41 -55.93 26.42
C PHE A 144 -26.46 -57.02 27.48
N ASP A 145 -25.56 -57.99 27.35
CA ASP A 145 -25.42 -59.09 28.30
C ASP A 145 -24.13 -58.89 29.09
N GLU A 146 -24.22 -58.98 30.41
CA GLU A 146 -23.08 -58.77 31.29
C GLU A 146 -22.18 -60.00 31.27
N ARG A 147 -21.59 -60.24 30.09
CA ARG A 147 -20.63 -61.31 29.89
C ARG A 147 -19.23 -60.77 29.65
N TYR A 148 -19.07 -59.91 28.65
CA TYR A 148 -17.81 -59.23 28.40
C TYR A 148 -17.97 -57.74 28.16
N VAL A 149 -19.20 -57.21 28.19
CA VAL A 149 -19.41 -55.80 27.90
C VAL A 149 -18.66 -54.93 28.90
N LEU A 150 -18.74 -55.27 30.18
CA LEU A 150 -17.99 -54.57 31.22
C LEU A 150 -18.43 -53.11 31.30
N SER A 151 -18.09 -52.32 30.29
CA SER A 151 -18.38 -50.89 30.29
C SER A 151 -18.78 -50.45 28.88
N SER A 152 -19.49 -49.33 28.82
CA SER A 152 -19.91 -48.72 27.57
C SER A 152 -19.58 -47.24 27.59
N ARG A 153 -19.24 -46.71 26.42
CA ARG A 153 -18.83 -45.32 26.31
C ARG A 153 -19.18 -44.79 24.94
N VAL A 154 -19.35 -43.47 24.86
CA VAL A 154 -19.53 -42.76 23.59
C VAL A 154 -18.74 -41.46 23.68
N ARG A 155 -18.11 -41.09 22.57
CA ARG A 155 -17.22 -39.93 22.57
C ARG A 155 -17.36 -39.16 21.27
N THR A 156 -17.33 -37.83 21.37
CA THR A 156 -17.33 -36.97 20.20
C THR A 156 -16.47 -35.74 20.49
N GLY A 157 -16.25 -34.94 19.46
CA GLY A 157 -15.51 -33.71 19.60
C GLY A 157 -16.26 -32.54 18.99
N ARG A 158 -15.93 -31.35 19.46
CA ARG A 158 -16.59 -30.14 19.01
C ARG A 158 -15.62 -28.98 19.08
N SER A 159 -15.63 -28.14 18.04
CA SER A 159 -14.76 -26.98 17.94
C SER A 159 -15.59 -25.72 17.87
N ILE A 160 -15.20 -24.71 18.63
CA ILE A 160 -15.92 -23.44 18.67
C ILE A 160 -15.49 -22.60 17.47
N ARG A 161 -16.47 -22.09 16.73
CA ARG A 161 -16.18 -21.28 15.56
C ARG A 161 -15.54 -19.96 15.96
N GLY A 162 -14.69 -19.44 15.08
CA GLY A 162 -14.00 -18.19 15.34
C GLY A 162 -12.75 -18.31 16.17
N LEU A 163 -12.39 -19.51 16.60
CA LEU A 163 -11.21 -19.73 17.44
C LEU A 163 -10.34 -20.78 16.79
N SER A 164 -9.03 -20.51 16.72
CA SER A 164 -8.11 -21.42 16.06
C SER A 164 -8.05 -22.75 16.80
N LEU A 165 -7.80 -23.81 16.04
CA LEU A 165 -7.79 -25.15 16.59
C LEU A 165 -6.51 -25.37 17.40
N PRO A 166 -6.46 -26.41 18.22
CA PRO A 166 -5.38 -26.55 19.20
C PRO A 166 -4.01 -26.49 18.55
N PRO A 167 -3.82 -27.08 17.37
CA PRO A 167 -2.49 -27.01 16.74
C PRO A 167 -2.00 -25.59 16.53
N ALA A 168 -2.89 -24.64 16.25
CA ALA A 168 -2.50 -23.27 15.97
C ALA A 168 -2.98 -22.26 17.00
N CYS A 169 -3.82 -22.67 17.96
CA CYS A 169 -4.38 -21.71 18.90
C CYS A 169 -3.29 -21.11 19.78
N THR A 170 -3.42 -19.82 20.07
CA THR A 170 -2.51 -19.15 20.97
C THR A 170 -3.05 -19.25 22.40
N ARG A 171 -2.33 -18.65 23.35
CA ARG A 171 -2.77 -18.70 24.74
C ARG A 171 -4.11 -17.99 24.90
N ALA A 172 -4.27 -16.83 24.26
CA ALA A 172 -5.52 -16.09 24.39
C ALA A 172 -6.70 -16.89 23.86
N GLU A 173 -6.53 -17.50 22.69
CA GLU A 173 -7.62 -18.28 22.11
C GLU A 173 -7.96 -19.49 22.95
N ARG A 174 -6.94 -20.16 23.49
CA ARG A 174 -7.19 -21.31 24.36
C ARG A 174 -7.96 -20.88 25.61
N ARG A 175 -7.56 -19.77 26.22
CA ARG A 175 -8.28 -19.27 27.39
C ARG A 175 -9.72 -18.89 27.04
N GLU A 176 -9.91 -18.31 25.85
CA GLU A 176 -11.27 -17.96 25.43
C GLU A 176 -12.12 -19.20 25.26
N VAL A 177 -11.56 -20.25 24.66
CA VAL A 177 -12.31 -21.50 24.51
C VAL A 177 -12.70 -22.04 25.87
N GLU A 178 -11.75 -22.05 26.81
CA GLU A 178 -12.03 -22.56 28.14
C GLU A 178 -13.13 -21.76 28.81
N ARG A 179 -13.06 -20.42 28.70
N ARG A 179 -13.06 -20.42 28.70
CA ARG A 179 -14.06 -19.57 29.33
CA ARG A 179 -14.06 -19.57 29.33
C ARG A 179 -15.45 -19.83 28.74
C ARG A 179 -15.44 -19.83 28.74
N VAL A 180 -15.53 -19.91 27.41
CA VAL A 180 -16.82 -20.13 26.77
C VAL A 180 -17.41 -21.45 27.23
N VAL A 181 -16.61 -22.52 27.21
CA VAL A 181 -17.12 -23.83 27.56
C VAL A 181 -17.53 -23.86 29.03
N VAL A 182 -16.73 -23.28 29.91
CA VAL A 182 -17.04 -23.32 31.34
C VAL A 182 -18.30 -22.54 31.63
N ASP A 183 -18.43 -21.34 31.06
CA ASP A 183 -19.62 -20.53 31.29
C ASP A 183 -20.86 -21.24 30.77
N ALA A 184 -20.76 -21.87 29.59
CA ALA A 184 -21.90 -22.62 29.08
C ALA A 184 -22.27 -23.76 30.01
N LEU A 185 -21.29 -24.59 30.39
CA LEU A 185 -21.60 -25.76 31.22
C LEU A 185 -22.13 -25.34 32.59
N SER A 186 -21.80 -24.13 33.05
CA SER A 186 -22.34 -23.66 34.32
C SER A 186 -23.86 -23.62 34.30
N GLY A 187 -24.45 -23.41 33.13
CA GLY A 187 -25.89 -23.33 33.01
C GLY A 187 -26.62 -24.65 32.98
N LEU A 188 -25.90 -25.76 32.86
CA LEU A 188 -26.56 -27.07 32.87
C LEU A 188 -27.23 -27.31 34.21
N LYS A 189 -28.43 -27.89 34.15
CA LYS A 189 -29.23 -28.17 35.34
C LYS A 189 -29.79 -29.58 35.26
N GLY A 190 -30.07 -30.15 36.42
CA GLY A 190 -30.63 -31.48 36.50
C GLY A 190 -29.59 -32.56 36.66
N ASP A 191 -29.79 -33.69 35.99
CA ASP A 191 -28.84 -34.79 36.11
C ASP A 191 -27.46 -34.39 35.57
N LEU A 192 -27.43 -33.65 34.47
CA LEU A 192 -26.16 -33.26 33.86
C LEU A 192 -25.59 -32.01 34.52
N ALA A 193 -25.50 -32.00 35.84
CA ALA A 193 -24.96 -30.89 36.59
C ALA A 193 -23.76 -31.38 37.39
N GLY A 194 -22.65 -30.68 37.26
CA GLY A 194 -21.42 -31.08 37.91
C GLY A 194 -20.47 -29.93 38.09
N ARG A 195 -19.17 -30.25 38.03
CA ARG A 195 -18.14 -29.27 38.33
C ARG A 195 -17.03 -29.34 37.28
N TYR A 196 -16.34 -28.21 37.13
CA TYR A 196 -15.19 -28.07 36.24
C TYR A 196 -13.92 -28.02 37.10
N TYR A 197 -12.98 -28.90 36.79
CA TYR A 197 -11.71 -28.97 37.49
C TYR A 197 -10.59 -28.56 36.54
N ARG A 198 -9.80 -27.57 36.96
CA ARG A 198 -8.69 -27.07 36.17
C ARG A 198 -7.44 -27.90 36.47
N LEU A 199 -6.72 -28.25 35.40
CA LEU A 199 -5.50 -29.04 35.59
C LEU A 199 -4.48 -28.29 36.43
N SER A 200 -4.33 -26.99 36.19
CA SER A 200 -3.33 -26.22 36.92
C SER A 200 -3.59 -26.24 38.42
N GLU A 201 -4.84 -26.43 38.83
CA GLU A 201 -5.23 -26.39 40.24
C GLU A 201 -5.52 -27.78 40.81
N MET A 202 -5.07 -28.83 40.14
CA MET A 202 -5.35 -30.20 40.55
C MET A 202 -4.06 -30.91 40.94
N THR A 203 -4.11 -31.64 42.05
CA THR A 203 -2.93 -32.34 42.54
C THR A 203 -2.53 -33.46 41.60
N GLU A 204 -1.23 -33.78 41.59
CA GLU A 204 -0.72 -34.83 40.73
C GLU A 204 -1.32 -36.18 41.09
N ALA A 205 -1.44 -36.47 42.38
CA ALA A 205 -2.03 -37.74 42.80
C ALA A 205 -3.47 -37.85 42.37
N GLU A 206 -4.25 -36.78 42.52
CA GLU A 206 -5.63 -36.79 42.07
C GLU A 206 -5.71 -36.99 40.57
N GLN A 207 -4.83 -36.33 39.82
CA GLN A 207 -4.82 -36.49 38.37
C GLN A 207 -4.52 -37.93 37.98
N GLN A 208 -3.53 -38.54 38.64
CA GLN A 208 -3.19 -39.93 38.34
C GLN A 208 -4.37 -40.85 38.67
N GLN A 209 -5.02 -40.62 39.80
CA GLN A 209 -6.17 -41.44 40.17
C GLN A 209 -7.29 -41.30 39.14
N LEU A 210 -7.55 -40.08 38.69
CA LEU A 210 -8.58 -39.88 37.67
C LEU A 210 -8.20 -40.58 36.37
N ILE A 211 -6.93 -40.51 35.99
CA ILE A 211 -6.47 -41.18 34.76
C ILE A 211 -6.70 -42.68 34.88
N ASP A 212 -6.31 -43.26 36.02
CA ASP A 212 -6.50 -44.69 36.22
C ASP A 212 -7.98 -45.06 36.16
N ASP A 213 -8.83 -44.24 36.78
CA ASP A 213 -10.27 -44.45 36.73
C ASP A 213 -10.88 -44.09 35.39
N HIS A 214 -10.07 -43.74 34.39
CA HIS A 214 -10.58 -43.38 33.07
C HIS A 214 -11.45 -42.13 33.14
N PHE A 215 -11.03 -41.16 33.93
CA PHE A 215 -11.74 -39.90 34.12
C PHE A 215 -10.80 -38.72 34.01
N LEU A 216 -9.83 -38.81 33.11
CA LEU A 216 -8.88 -37.72 32.90
C LEU A 216 -8.02 -38.06 31.68
N PHE A 217 -7.22 -37.08 31.26
CA PHE A 217 -6.29 -37.23 30.15
C PHE A 217 -4.90 -36.89 30.61
N ASP A 218 -3.91 -37.64 30.12
CA ASP A 218 -2.52 -37.46 30.51
C ASP A 218 -1.85 -36.41 29.63
N LYS A 219 -0.74 -35.89 30.12
CA LYS A 219 0.03 -34.92 29.35
C LYS A 219 0.53 -35.57 28.07
N PRO A 220 0.31 -34.96 26.90
CA PRO A 220 0.78 -35.59 25.66
C PRO A 220 2.29 -35.75 25.65
N VAL A 221 2.73 -36.97 25.38
CA VAL A 221 4.16 -37.26 25.30
C VAL A 221 4.56 -37.96 24.01
N SER A 222 3.65 -38.61 23.30
CA SER A 222 4.02 -39.29 22.08
C SER A 222 4.49 -38.29 21.03
N PRO A 223 5.38 -38.69 20.13
CA PRO A 223 5.93 -37.71 19.18
C PRO A 223 4.87 -37.04 18.32
N LEU A 224 3.75 -37.73 18.04
CA LEU A 224 2.74 -37.19 17.15
C LEU A 224 2.17 -35.88 17.67
N LEU A 225 1.71 -35.87 18.92
CA LEU A 225 1.09 -34.67 19.49
C LEU A 225 2.09 -33.52 19.55
N THR A 226 3.27 -33.77 20.10
CA THR A 226 4.25 -32.70 20.25
C THR A 226 4.69 -32.16 18.90
N ALA A 227 4.92 -33.03 17.92
CA ALA A 227 5.25 -32.57 16.58
C ALA A 227 4.14 -31.72 16.00
N ALA A 228 2.88 -32.12 16.23
CA ALA A 228 1.75 -31.30 15.80
C ALA A 228 1.74 -29.96 16.53
N GLY A 229 2.40 -29.87 17.68
CA GLY A 229 2.44 -28.64 18.43
C GLY A 229 1.18 -28.40 19.24
N MET A 230 0.69 -29.45 19.91
CA MET A 230 -0.52 -29.36 20.71
C MET A 230 -0.28 -29.56 22.19
N ALA A 231 0.97 -29.74 22.62
CA ALA A 231 1.32 -29.78 24.03
C ALA A 231 1.85 -28.43 24.52
N ARG A 232 1.73 -27.39 23.70
CA ARG A 232 2.25 -26.08 24.07
C ARG A 232 1.52 -25.55 25.31
N ASP A 233 2.28 -24.91 26.20
CA ASP A 233 1.74 -24.22 27.37
C ASP A 233 1.03 -25.17 28.33
N TRP A 234 1.32 -26.46 28.27
CA TRP A 234 0.68 -27.39 29.18
C TRP A 234 1.07 -27.05 30.62
N PRO A 235 0.14 -27.14 31.59
CA PRO A 235 -1.27 -27.50 31.49
C PRO A 235 -2.20 -26.30 31.46
N ASP A 236 -1.71 -25.13 31.03
CA ASP A 236 -2.52 -23.93 31.09
C ASP A 236 -3.74 -24.05 30.17
N ALA A 237 -4.92 -23.78 30.74
CA ALA A 237 -6.18 -23.71 29.99
C ALA A 237 -6.69 -25.08 29.57
N ARG A 238 -6.29 -26.14 30.24
CA ARG A 238 -6.82 -27.48 30.01
C ARG A 238 -7.61 -27.91 31.24
N GLY A 239 -8.79 -28.47 31.03
CA GLY A 239 -9.64 -28.81 32.16
C GLY A 239 -10.54 -29.99 31.89
N ILE A 240 -11.28 -30.39 32.92
CA ILE A 240 -12.21 -31.52 32.84
C ILE A 240 -13.48 -31.14 33.60
N TRP A 241 -14.60 -31.10 32.91
CA TRP A 241 -15.90 -30.85 33.53
C TRP A 241 -16.65 -32.17 33.57
N HIS A 242 -17.07 -32.60 34.76
CA HIS A 242 -17.81 -33.85 34.86
C HIS A 242 -18.99 -33.68 35.79
N ASN A 243 -20.05 -34.43 35.48
CA ASN A 243 -21.27 -34.39 36.28
C ASN A 243 -21.03 -35.05 37.64
N ASN A 244 -22.01 -34.89 38.54
CA ASN A 244 -21.86 -35.45 39.88
C ASN A 244 -21.69 -36.96 39.84
N GLU A 245 -22.50 -37.64 39.03
CA GLU A 245 -22.40 -39.09 38.91
C GLU A 245 -21.18 -39.53 38.13
N LYS A 246 -20.45 -38.59 37.50
CA LYS A 246 -19.28 -38.88 36.67
C LYS A 246 -19.65 -39.74 35.46
N SER A 247 -20.92 -39.72 35.06
CA SER A 247 -21.36 -40.40 33.86
C SER A 247 -21.39 -39.50 32.64
N PHE A 248 -20.95 -38.24 32.77
CA PHE A 248 -20.91 -37.31 31.65
C PHE A 248 -19.70 -36.40 31.86
N LEU A 249 -18.72 -36.51 30.97
CA LEU A 249 -17.46 -35.80 31.08
C LEU A 249 -17.20 -34.98 29.83
N ILE A 250 -16.39 -33.94 29.99
CA ILE A 250 -16.01 -33.06 28.90
C ILE A 250 -14.58 -32.60 29.14
N TRP A 251 -13.69 -32.96 28.21
CA TRP A 251 -12.30 -32.54 28.27
C TRP A 251 -12.15 -31.25 27.47
N VAL A 252 -11.64 -30.21 28.12
CA VAL A 252 -11.48 -28.90 27.51
C VAL A 252 -10.01 -28.71 27.19
N ASN A 253 -9.71 -28.57 25.89
CA ASN A 253 -8.37 -28.27 25.39
C ASN A 253 -7.39 -29.40 25.73
N GLU A 254 -7.70 -30.59 25.23
CA GLU A 254 -6.77 -31.72 25.28
C GLU A 254 -6.36 -32.16 23.88
N GLU A 255 -7.32 -32.51 23.02
CA GLU A 255 -7.07 -32.72 21.60
C GLU A 255 -7.94 -31.83 20.72
N ASP A 256 -9.09 -31.40 21.21
CA ASP A 256 -9.97 -30.48 20.52
C ASP A 256 -10.45 -29.44 21.52
N HIS A 257 -11.13 -28.41 21.01
CA HIS A 257 -11.70 -27.41 21.90
C HIS A 257 -12.60 -28.07 22.95
N THR A 258 -13.35 -29.09 22.55
CA THR A 258 -14.17 -29.84 23.48
C THR A 258 -14.20 -31.30 23.05
N ARG A 259 -14.07 -32.20 24.02
CA ARG A 259 -14.24 -33.63 23.81
C ARG A 259 -15.30 -34.12 24.78
N VAL A 260 -16.48 -34.45 24.26
CA VAL A 260 -17.61 -34.88 25.07
C VAL A 260 -17.60 -36.39 25.18
N ILE A 261 -17.83 -36.90 26.39
CA ILE A 261 -17.84 -38.34 26.65
C ILE A 261 -19.02 -38.66 27.54
N SER A 262 -19.73 -39.73 27.20
CA SER A 262 -20.79 -40.28 28.03
C SER A 262 -20.42 -41.72 28.37
N MET A 263 -20.30 -42.02 29.66
CA MET A 263 -19.81 -43.30 30.13
C MET A 263 -20.87 -44.01 30.95
N GLU A 264 -20.73 -45.33 31.05
CA GLU A 264 -21.59 -46.13 31.92
C GLU A 264 -20.90 -47.45 32.19
N LYS A 265 -20.62 -47.74 33.45
CA LYS A 265 -19.95 -48.99 33.80
C LYS A 265 -20.91 -50.15 33.68
N GLY A 266 -21.34 -50.45 32.45
CA GLY A 266 -22.28 -51.52 32.20
C GLY A 266 -22.41 -51.85 30.73
N GLY A 267 -23.64 -52.10 30.27
CA GLY A 267 -23.87 -52.42 28.88
C GLY A 267 -25.17 -51.84 28.35
N ASN A 268 -25.75 -50.90 29.07
CA ASN A 268 -27.00 -50.26 28.65
C ASN A 268 -26.69 -49.11 27.70
N MET A 269 -26.18 -49.48 26.52
CA MET A 269 -25.77 -48.47 25.55
C MET A 269 -26.91 -47.52 25.20
N LYS A 270 -28.15 -47.99 25.28
CA LYS A 270 -29.29 -47.12 24.99
C LYS A 270 -29.31 -45.91 25.91
N ARG A 271 -29.21 -46.13 27.22
CA ARG A 271 -29.24 -45.03 28.16
C ARG A 271 -28.02 -44.13 27.99
N VAL A 272 -26.85 -44.72 27.74
CA VAL A 272 -25.64 -43.93 27.57
C VAL A 272 -25.82 -42.98 26.39
N PHE A 273 -26.30 -43.50 25.26
CA PHE A 273 -26.48 -42.66 24.08
C PHE A 273 -27.58 -41.62 24.30
N GLU A 274 -28.63 -41.99 25.02
CA GLU A 274 -29.68 -41.02 25.32
C GLU A 274 -29.12 -39.84 26.11
N ARG A 275 -28.40 -40.13 27.19
CA ARG A 275 -27.78 -39.07 27.97
C ARG A 275 -26.82 -38.26 27.11
N PHE A 276 -26.01 -38.95 26.30
CA PHE A 276 -25.04 -38.27 25.44
C PHE A 276 -25.74 -37.26 24.53
N CYS A 277 -26.76 -37.69 23.80
CA CYS A 277 -27.39 -36.81 22.82
C CYS A 277 -28.11 -35.65 23.52
N ARG A 278 -28.83 -35.93 24.60
CA ARG A 278 -29.56 -34.85 25.27
C ARG A 278 -28.60 -33.83 25.87
N GLY A 279 -27.54 -34.30 26.52
CA GLY A 279 -26.55 -33.38 27.06
C GLY A 279 -25.86 -32.57 25.97
N LEU A 280 -25.54 -33.20 24.85
CA LEU A 280 -24.93 -32.47 23.75
C LEU A 280 -25.87 -31.41 23.22
N LYS A 281 -27.16 -31.72 23.09
CA LYS A 281 -28.12 -30.72 22.64
C LYS A 281 -28.20 -29.56 23.60
N GLU A 282 -28.24 -29.85 24.90
CA GLU A 282 -28.30 -28.76 25.89
C GLU A 282 -27.04 -27.89 25.83
N VAL A 283 -25.87 -28.53 25.72
CA VAL A 283 -24.62 -27.79 25.66
C VAL A 283 -24.60 -26.89 24.42
N GLU A 284 -25.04 -27.42 23.28
CA GLU A 284 -25.07 -26.61 22.06
C GLU A 284 -26.02 -25.44 22.22
N ARG A 285 -27.21 -25.67 22.81
CA ARG A 285 -28.15 -24.59 23.03
C ARG A 285 -27.52 -23.49 23.87
N LEU A 286 -26.87 -23.87 24.97
CA LEU A 286 -26.22 -22.87 25.81
C LEU A 286 -25.10 -22.16 25.07
N ILE A 287 -24.39 -22.86 24.18
CA ILE A 287 -23.33 -22.22 23.40
C ILE A 287 -23.93 -21.14 22.51
N GLN A 288 -24.98 -21.47 21.76
CA GLN A 288 -25.59 -20.46 20.91
C GLN A 288 -26.26 -19.35 21.71
N GLU A 289 -26.62 -19.61 22.97
CA GLU A 289 -27.22 -18.56 23.78
C GLU A 289 -26.29 -17.36 23.90
N ARG A 290 -24.99 -17.61 24.10
CA ARG A 290 -24.01 -16.54 24.25
C ARG A 290 -23.48 -16.02 22.93
N GLY A 291 -23.90 -16.59 21.81
CA GLY A 291 -23.46 -16.13 20.51
C GLY A 291 -22.35 -16.92 19.85
N TRP A 292 -21.99 -18.08 20.40
CA TRP A 292 -20.95 -18.92 19.83
C TRP A 292 -21.58 -20.07 19.06
N GLU A 293 -20.85 -20.58 18.07
CA GLU A 293 -21.33 -21.65 17.22
C GLU A 293 -20.24 -22.69 17.02
N PHE A 294 -20.64 -23.96 17.02
CA PHE A 294 -19.72 -25.04 16.68
C PHE A 294 -19.36 -24.98 15.21
N MET A 295 -18.08 -25.20 14.90
CA MET A 295 -17.69 -25.31 13.50
C MET A 295 -18.44 -26.45 12.85
N TRP A 296 -19.02 -26.19 11.68
CA TRP A 296 -19.79 -27.21 10.98
C TRP A 296 -20.11 -26.78 9.56
N ASN A 297 -19.85 -27.66 8.60
CA ASN A 297 -20.24 -27.43 7.21
C ASN A 297 -20.72 -28.74 6.61
N GLU A 298 -21.57 -28.63 5.59
CA GLU A 298 -22.28 -29.79 5.08
C GLU A 298 -21.32 -30.85 4.55
N ARG A 299 -20.28 -30.43 3.82
CA ARG A 299 -19.40 -31.40 3.18
C ARG A 299 -18.70 -32.28 4.20
N LEU A 300 -18.22 -31.68 5.30
CA LEU A 300 -17.42 -32.39 6.27
C LEU A 300 -18.11 -32.61 7.61
N GLY A 301 -19.17 -31.86 7.91
CA GLY A 301 -19.77 -31.92 9.22
C GLY A 301 -18.92 -31.19 10.25
N TYR A 302 -18.96 -31.69 11.48
CA TYR A 302 -18.20 -31.06 12.55
C TYR A 302 -16.71 -31.11 12.24
N ILE A 303 -16.04 -29.98 12.43
CA ILE A 303 -14.65 -29.80 12.02
C ILE A 303 -13.75 -30.02 13.22
N LEU A 304 -12.77 -30.93 13.07
CA LEU A 304 -11.81 -31.24 14.11
C LEU A 304 -10.41 -31.27 13.50
N THR A 305 -9.41 -31.47 14.36
CA THR A 305 -8.02 -31.37 13.93
C THR A 305 -7.63 -32.56 13.06
N CYS A 306 -7.66 -33.76 13.62
CA CYS A 306 -7.29 -34.95 12.86
C CYS A 306 -8.31 -35.19 11.75
N PRO A 307 -7.90 -35.25 10.48
CA PRO A 307 -8.86 -35.57 9.42
C PRO A 307 -9.54 -36.90 9.62
N SER A 308 -8.93 -37.82 10.39
CA SER A 308 -9.59 -39.09 10.68
C SER A 308 -10.83 -38.92 11.53
N ASN A 309 -10.93 -37.83 12.29
CA ASN A 309 -12.05 -37.60 13.18
C ASN A 309 -13.13 -36.71 12.57
N LEU A 310 -12.99 -36.35 11.30
CA LEU A 310 -13.99 -35.50 10.66
C LEU A 310 -15.34 -36.21 10.62
N GLY A 311 -16.36 -35.47 10.20
CA GLY A 311 -17.70 -36.02 10.12
C GLY A 311 -18.48 -35.82 11.39
N THR A 312 -18.50 -36.83 12.24
CA THR A 312 -19.22 -36.78 13.51
C THR A 312 -18.32 -36.90 14.72
N GLY A 313 -17.16 -37.54 14.61
CA GLY A 313 -16.30 -37.77 15.74
C GLY A 313 -16.79 -38.84 16.69
N LEU A 314 -17.90 -39.49 16.39
CA LEU A 314 -18.45 -40.50 17.28
C LEU A 314 -17.57 -41.74 17.30
N ARG A 315 -17.26 -42.23 18.50
CA ARG A 315 -16.49 -43.46 18.69
C ARG A 315 -17.15 -44.34 19.74
N ALA A 316 -18.46 -44.56 19.60
CA ALA A 316 -19.15 -45.46 20.51
C ALA A 316 -18.46 -46.81 20.53
N GLY A 317 -18.18 -47.31 21.73
CA GLY A 317 -17.46 -48.56 21.86
C GLY A 317 -17.68 -49.16 23.23
N VAL A 318 -17.02 -50.29 23.46
CA VAL A 318 -17.12 -51.03 24.71
C VAL A 318 -15.81 -51.75 24.98
N HIS A 319 -15.67 -52.27 26.20
CA HIS A 319 -14.54 -53.09 26.60
C HIS A 319 -14.95 -54.56 26.61
N ILE A 320 -14.03 -55.43 26.20
CA ILE A 320 -14.30 -56.85 26.05
C ILE A 320 -13.16 -57.63 26.69
N LYS A 321 -13.42 -58.91 26.94
CA LYS A 321 -12.48 -59.76 27.65
C LYS A 321 -11.58 -60.53 26.69
N LEU A 322 -10.46 -61.03 27.22
CA LEU A 322 -9.45 -61.75 26.46
C LEU A 322 -9.79 -63.22 26.23
N PRO A 323 -10.19 -63.98 27.26
CA PRO A 323 -10.11 -65.45 27.17
C PRO A 323 -10.91 -66.06 26.02
N LEU A 324 -12.23 -65.87 26.04
CA LEU A 324 -13.08 -66.49 25.02
C LEU A 324 -12.88 -65.87 23.65
N LEU A 325 -12.15 -64.78 23.55
CA LEU A 325 -12.00 -64.03 22.30
C LEU A 325 -10.58 -64.05 21.74
N SER A 326 -9.56 -64.01 22.59
CA SER A 326 -8.19 -63.92 22.10
C SER A 326 -7.79 -65.14 21.28
N LYS A 327 -8.18 -66.33 21.73
CA LYS A 327 -7.79 -67.59 21.10
C LYS A 327 -8.68 -67.97 19.93
N ASP A 328 -9.38 -67.01 19.33
CA ASP A 328 -10.30 -67.28 18.24
C ASP A 328 -9.54 -67.65 16.97
N SER A 329 -10.30 -67.89 15.90
CA SER A 329 -9.69 -68.21 14.61
C SER A 329 -9.31 -66.96 13.84
N ARG A 330 -10.30 -66.20 13.38
CA ARG A 330 -10.07 -65.12 12.43
C ARG A 330 -10.91 -63.89 12.77
N PHE A 331 -10.98 -63.50 14.04
CA PHE A 331 -11.66 -62.26 14.36
C PHE A 331 -11.15 -61.04 13.60
N PRO A 332 -9.88 -60.91 13.23
CA PRO A 332 -9.54 -59.72 12.43
C PRO A 332 -10.38 -59.58 11.17
N LYS A 333 -10.62 -60.69 10.48
CA LYS A 333 -11.50 -60.66 9.31
C LYS A 333 -12.93 -60.32 9.72
N ILE A 334 -13.37 -60.84 10.87
CA ILE A 334 -14.72 -60.55 11.34
C ILE A 334 -14.89 -59.05 11.59
N LEU A 335 -13.92 -58.45 12.27
CA LEU A 335 -13.97 -57.01 12.53
C LEU A 335 -13.95 -56.22 11.24
N GLU A 336 -13.11 -56.63 10.28
CA GLU A 336 -13.11 -55.95 8.99
C GLU A 336 -14.49 -56.05 8.34
N ASN A 337 -15.11 -57.22 8.42
CA ASN A 337 -16.41 -57.42 7.77
C ASN A 337 -17.50 -56.58 8.42
N LEU A 338 -17.53 -56.53 9.75
CA LEU A 338 -18.56 -55.80 10.48
C LEU A 338 -18.18 -54.35 10.74
N ARG A 339 -17.05 -53.88 10.21
CA ARG A 339 -16.64 -52.49 10.32
C ARG A 339 -16.46 -52.09 11.79
N LEU A 340 -15.53 -52.80 12.45
CA LEU A 340 -15.21 -52.55 13.85
C LEU A 340 -13.71 -52.33 14.00
N GLN A 341 -13.36 -51.54 15.01
CA GLN A 341 -11.98 -51.23 15.34
C GLN A 341 -11.65 -51.85 16.68
N LYS A 342 -10.61 -52.67 16.73
CA LYS A 342 -10.17 -53.34 17.95
C LYS A 342 -8.81 -52.78 18.35
N ARG A 343 -8.70 -52.36 19.61
CA ARG A 343 -7.47 -51.78 20.12
C ARG A 343 -7.23 -52.25 21.55
N GLY A 344 -6.07 -51.90 22.08
CA GLY A 344 -5.74 -52.30 23.44
C GLY A 344 -6.49 -51.47 24.46
N THR A 345 -6.99 -52.15 25.49
CA THR A 345 -7.70 -51.45 26.56
C THR A 345 -6.77 -50.47 27.25
N GLY A 346 -7.26 -49.25 27.48
CA GLY A 346 -6.48 -48.22 28.12
C GLY A 346 -6.00 -47.17 27.14
N VAL A 356 -8.10 -58.72 27.12
CA VAL A 356 -9.07 -57.66 27.31
C VAL A 356 -8.78 -56.54 26.31
N PHE A 357 -9.74 -56.28 25.42
CA PHE A 357 -9.57 -55.33 24.33
C PHE A 357 -10.67 -54.27 24.40
N ASP A 358 -10.62 -53.33 23.46
CA ASP A 358 -11.64 -52.30 23.32
C ASP A 358 -12.11 -52.32 21.87
N ILE A 359 -13.42 -52.45 21.68
CA ILE A 359 -14.01 -52.59 20.35
C ILE A 359 -14.95 -51.41 20.12
N SER A 360 -14.82 -50.78 18.95
CA SER A 360 -15.60 -49.61 18.61
C SER A 360 -15.84 -49.62 17.10
N ASN A 361 -16.25 -48.47 16.55
CA ASN A 361 -16.44 -48.32 15.12
C ASN A 361 -15.22 -47.69 14.48
N LEU A 362 -15.11 -47.83 13.17
CA LEU A 362 -13.94 -47.36 12.42
C LEU A 362 -14.15 -45.97 11.85
N ASP A 363 -15.17 -45.79 11.02
CA ASP A 363 -15.37 -44.56 10.26
C ASP A 363 -16.40 -43.68 10.95
N ARG A 364 -16.14 -42.37 10.91
CA ARG A 364 -17.06 -41.37 11.44
C ARG A 364 -17.69 -40.52 10.35
N LEU A 365 -16.93 -40.16 9.32
CA LEU A 365 -17.48 -39.44 8.20
C LEU A 365 -18.39 -40.36 7.37
N GLY A 366 -19.44 -39.78 6.81
CA GLY A 366 -20.42 -40.57 6.08
C GLY A 366 -21.63 -40.91 6.91
N LYS A 367 -21.65 -42.13 7.45
CA LYS A 367 -22.77 -42.59 8.27
C LYS A 367 -23.08 -41.58 9.37
N SER A 368 -24.30 -41.60 9.88
CA SER A 368 -24.73 -40.68 10.92
C SER A 368 -24.47 -41.29 12.30
N GLU A 369 -24.66 -40.46 13.33
CA GLU A 369 -24.36 -40.90 14.70
C GLU A 369 -25.25 -42.07 15.09
N VAL A 370 -26.56 -41.97 14.81
CA VAL A 370 -27.46 -43.07 15.10
C VAL A 370 -27.06 -44.30 14.30
N GLU A 371 -26.70 -44.10 13.02
CA GLU A 371 -26.26 -45.22 12.20
C GLU A 371 -25.04 -45.89 12.80
N LEU A 372 -24.05 -45.10 13.22
CA LEU A 372 -22.82 -45.67 13.77
C LEU A 372 -23.10 -46.41 15.07
N VAL A 373 -23.95 -45.84 15.92
CA VAL A 373 -24.28 -46.51 17.19
C VAL A 373 -24.99 -47.82 16.93
N GLN A 374 -25.94 -47.82 15.99
CA GLN A 374 -26.64 -49.06 15.65
C GLN A 374 -25.68 -50.09 15.08
N LEU A 375 -24.74 -49.65 14.24
CA LEU A 375 -23.75 -50.57 13.70
C LEU A 375 -22.91 -51.18 14.81
N VAL A 376 -22.47 -50.37 15.77
CA VAL A 376 -21.68 -50.89 16.88
C VAL A 376 -22.51 -51.88 17.69
N ILE A 377 -23.77 -51.56 17.94
CA ILE A 377 -24.63 -52.44 18.73
C ILE A 377 -24.79 -53.78 18.02
N ASP A 378 -25.07 -53.75 16.72
CA ASP A 378 -25.23 -54.98 15.97
C ASP A 378 -23.94 -55.79 15.94
N GLY A 379 -22.80 -55.11 15.76
CA GLY A 379 -21.53 -55.82 15.73
C GLY A 379 -21.22 -56.50 17.04
N VAL A 380 -21.42 -55.79 18.15
CA VAL A 380 -21.13 -56.40 19.46
C VAL A 380 -22.13 -57.50 19.76
N ASN A 381 -23.39 -57.34 19.34
CA ASN A 381 -24.36 -58.42 19.51
C ASN A 381 -23.93 -59.66 18.75
N TYR A 382 -23.48 -59.49 17.50
CA TYR A 382 -22.98 -60.62 16.74
C TYR A 382 -21.77 -61.24 17.43
N LEU A 383 -20.86 -60.42 17.93
CA LEU A 383 -19.67 -60.94 18.59
C LEU A 383 -20.04 -61.76 19.82
N ILE A 384 -20.96 -61.26 20.64
CA ILE A 384 -21.35 -61.97 21.86
C ILE A 384 -22.32 -63.10 21.60
N ASP A 385 -22.88 -63.19 20.40
CA ASP A 385 -23.71 -64.33 20.03
C ASP A 385 -22.91 -65.47 19.42
N CYS A 386 -21.89 -65.15 18.62
CA CYS A 386 -21.06 -66.16 17.97
C CYS A 386 -19.74 -66.40 18.70
N GLU A 387 -19.60 -65.88 19.92
CA GLU A 387 -18.43 -66.17 20.73
C GLU A 387 -18.43 -67.59 21.29
N ARG A 388 -19.51 -68.33 21.09
CA ARG A 388 -19.70 -69.62 21.75
C ARG A 388 -18.47 -70.50 21.62
N ARG A 389 -17.85 -70.80 22.76
CA ARG A 389 -16.80 -71.81 22.83
C ARG A 389 -17.37 -73.17 23.20
N LEU A 390 -18.54 -73.22 23.83
CA LEU A 390 -19.21 -74.48 24.08
C LEU A 390 -19.38 -75.29 22.80
N GLU A 391 -19.61 -74.59 21.69
CA GLU A 391 -19.72 -75.23 20.38
C GLU A 391 -19.02 -74.34 19.36
N ARG A 392 -19.17 -74.69 18.08
CA ARG A 392 -18.61 -73.92 16.98
C ARG A 392 -19.75 -73.43 16.09
N GLY A 393 -19.39 -72.80 14.96
CA GLY A 393 -20.37 -72.31 14.02
C GLY A 393 -20.25 -70.84 13.72
N GLN A 394 -19.05 -70.28 13.91
CA GLN A 394 -18.83 -68.89 13.55
C GLN A 394 -19.10 -68.68 12.07
N ASP A 395 -19.91 -67.66 11.75
CA ASP A 395 -20.37 -67.43 10.39
C ASP A 395 -19.83 -66.16 9.75
N ILE A 396 -19.16 -65.30 10.51
CA ILE A 396 -18.62 -64.05 9.97
C ILE A 396 -19.77 -63.19 9.47
N ARG A 397 -20.42 -63.63 8.39
CA ARG A 397 -21.61 -62.97 7.86
C ARG A 397 -21.30 -61.52 7.46
N ILE A 398 -20.43 -61.37 6.46
CA ILE A 398 -20.12 -60.07 5.89
C ILE A 398 -21.41 -59.34 5.54
N SER B 31 -10.82 9.50 -7.62
CA SER B 31 -9.88 10.59 -7.92
C SER B 31 -9.43 11.27 -6.63
N GLU B 32 -8.18 11.71 -6.61
CA GLU B 32 -7.62 12.42 -5.48
C GLU B 32 -7.86 13.91 -5.53
N ARG B 33 -8.52 14.41 -6.58
CA ARG B 33 -8.81 15.83 -6.69
C ARG B 33 -10.01 16.25 -5.85
N ARG B 34 -10.76 15.30 -5.30
CA ARG B 34 -11.89 15.65 -4.45
C ARG B 34 -11.39 16.32 -3.18
N ARG B 35 -12.11 17.36 -2.74
CA ARG B 35 -11.69 18.19 -1.64
C ARG B 35 -12.42 17.82 -0.36
N LEU B 36 -11.67 17.73 0.73
CA LEU B 36 -12.23 17.42 2.04
C LEU B 36 -12.90 18.66 2.64
N TYR B 37 -13.82 18.41 3.55
CA TYR B 37 -14.40 19.51 4.32
C TYR B 37 -13.29 20.19 5.13
N PRO B 38 -13.14 21.50 5.02
CA PRO B 38 -12.14 22.19 5.86
C PRO B 38 -12.44 21.96 7.33
N PRO B 39 -11.40 21.82 8.17
CA PRO B 39 -11.67 21.57 9.59
C PRO B 39 -12.52 22.65 10.22
N SER B 40 -12.35 23.90 9.80
CA SER B 40 -13.17 24.98 10.35
C SER B 40 -14.65 24.73 10.10
N ALA B 41 -14.99 23.96 9.06
CA ALA B 41 -16.39 23.66 8.80
C ALA B 41 -17.00 22.83 9.93
N GLU B 42 -16.20 21.99 10.57
CA GLU B 42 -16.68 21.13 11.65
C GLU B 42 -16.61 21.79 13.02
N TYR B 43 -16.05 22.99 13.12
CA TYR B 43 -15.84 23.60 14.42
C TYR B 43 -17.17 23.77 15.14
N PRO B 44 -17.29 23.39 16.41
CA PRO B 44 -18.57 23.52 17.10
C PRO B 44 -18.97 24.97 17.30
N ASP B 45 -20.26 25.16 17.55
CA ASP B 45 -20.83 26.48 17.83
C ASP B 45 -20.89 26.64 19.34
N LEU B 46 -19.82 27.20 19.91
CA LEU B 46 -19.66 27.32 21.35
C LEU B 46 -19.92 28.74 21.84
N ARG B 47 -20.85 29.47 21.21
CA ARG B 47 -21.09 30.85 21.59
C ARG B 47 -21.84 31.00 22.90
N LYS B 48 -22.44 29.93 23.42
CA LYS B 48 -23.22 29.98 24.65
C LYS B 48 -22.90 28.77 25.52
N HIS B 49 -21.62 28.46 25.65
CA HIS B 49 -21.16 27.31 26.42
C HIS B 49 -20.31 27.79 27.60
N ASN B 50 -19.84 26.83 28.38
CA ASN B 50 -18.97 27.11 29.52
C ASN B 50 -17.78 26.16 29.54
N CYS B 52 -14.80 23.35 30.69
CA CYS B 52 -13.67 24.22 30.39
C CYS B 52 -13.22 24.06 28.94
N MET B 53 -13.77 23.06 28.25
CA MET B 53 -13.36 22.82 26.86
C MET B 53 -13.71 24.02 25.99
N ALA B 54 -14.91 24.58 26.17
CA ALA B 54 -15.37 25.65 25.30
C ALA B 54 -14.45 26.86 25.38
N SER B 55 -14.01 27.22 26.59
CA SER B 55 -13.13 28.37 26.74
C SER B 55 -11.71 28.06 26.28
N HIS B 56 -11.30 26.78 26.35
CA HIS B 56 -9.94 26.38 26.00
C HIS B 56 -9.86 25.73 24.63
N LEU B 57 -10.95 25.71 23.87
CA LEU B 57 -10.93 25.22 22.50
C LEU B 57 -10.96 26.41 21.54
N THR B 58 -10.02 26.45 20.62
CA THR B 58 -9.87 27.54 19.67
C THR B 58 -9.76 26.97 18.27
N PRO B 59 -10.06 27.77 17.24
CA PRO B 59 -10.01 27.25 15.87
C PRO B 59 -8.67 26.63 15.52
N ALA B 60 -7.56 27.23 15.97
CA ALA B 60 -6.25 26.68 15.66
C ALA B 60 -6.08 25.28 16.24
N VAL B 61 -6.49 25.10 17.51
CA VAL B 61 -6.33 23.80 18.15
C VAL B 61 -7.16 22.74 17.45
N TYR B 62 -8.43 23.08 17.15
CA TYR B 62 -9.28 22.11 16.49
C TYR B 62 -8.73 21.74 15.12
N ALA B 63 -8.28 22.74 14.35
CA ALA B 63 -7.71 22.46 13.04
C ALA B 63 -6.49 21.58 13.16
N ARG B 64 -5.64 21.84 14.16
CA ARG B 64 -4.44 21.04 14.36
C ARG B 64 -4.79 19.59 14.68
N LEU B 65 -5.78 19.38 15.55
CA LEU B 65 -6.12 18.05 16.03
C LEU B 65 -7.28 17.42 15.29
N CYS B 66 -7.79 18.06 14.22
CA CYS B 66 -8.96 17.53 13.54
C CYS B 66 -8.71 16.17 12.90
N ASP B 67 -7.45 15.82 12.64
CA ASP B 67 -7.13 14.59 11.93
C ASP B 67 -6.41 13.55 12.78
N LYS B 68 -5.87 13.94 13.93
CA LYS B 68 -5.19 12.97 14.78
C LYS B 68 -6.17 11.90 15.24
N THR B 69 -5.63 10.83 15.83
CA THR B 69 -6.45 9.77 16.38
C THR B 69 -5.56 8.81 17.15
N THR B 70 -6.08 8.29 18.25
CA THR B 70 -5.38 7.27 19.01
C THR B 70 -5.35 5.97 18.21
N PRO B 71 -4.42 5.07 18.52
CA PRO B 71 -4.34 3.82 17.73
C PRO B 71 -5.63 3.04 17.70
N THR B 72 -6.47 3.15 18.73
CA THR B 72 -7.74 2.44 18.77
C THR B 72 -8.84 3.18 18.02
N GLY B 73 -8.57 4.35 17.46
CA GLY B 73 -9.53 5.07 16.65
C GLY B 73 -10.23 6.22 17.33
N TRP B 74 -9.89 6.52 18.59
CA TRP B 74 -10.47 7.67 19.26
C TRP B 74 -10.08 8.96 18.56
N THR B 75 -11.01 9.90 18.48
CA THR B 75 -10.80 11.15 17.77
C THR B 75 -11.25 12.31 18.63
N LEU B 76 -10.82 13.52 18.25
CA LEU B 76 -11.09 14.71 19.05
C LEU B 76 -12.58 14.95 19.21
N ASP B 77 -13.34 14.83 18.11
CA ASP B 77 -14.77 15.08 18.18
C ASP B 77 -15.43 14.17 19.22
N GLN B 78 -14.99 12.92 19.29
CA GLN B 78 -15.52 12.03 20.33
C GLN B 78 -15.18 12.55 21.72
N CYS B 79 -13.98 13.07 21.90
CA CYS B 79 -13.59 13.60 23.20
C CYS B 79 -14.49 14.77 23.60
N ILE B 80 -14.76 15.68 22.67
CA ILE B 80 -15.48 16.91 23.02
C ILE B 80 -16.98 16.80 22.81
N GLN B 81 -17.49 15.64 22.39
CA GLN B 81 -18.93 15.51 22.14
C GLN B 81 -19.74 15.76 23.40
N THR B 82 -19.30 15.19 24.53
CA THR B 82 -20.08 15.33 25.76
C THR B 82 -20.21 16.80 26.16
N GLY B 83 -19.12 17.55 26.09
CA GLY B 83 -19.18 18.96 26.41
C GLY B 83 -19.98 19.75 25.41
N VAL B 84 -19.85 19.43 24.12
CA VAL B 84 -20.57 20.18 23.09
C VAL B 84 -22.07 20.00 23.25
N ASP B 85 -22.51 18.78 23.52
CA ASP B 85 -23.94 18.52 23.65
C ASP B 85 -24.54 19.27 24.83
N ASN B 86 -23.81 19.32 25.95
CA ASN B 86 -24.30 19.97 27.15
C ASN B 86 -23.65 21.34 27.28
N PRO B 87 -24.37 22.44 27.03
CA PRO B 87 -23.74 23.75 27.17
C PRO B 87 -23.25 24.06 28.58
N GLY B 88 -23.86 23.44 29.59
CA GLY B 88 -23.46 23.69 30.96
C GLY B 88 -24.11 24.92 31.54
N HIS B 89 -24.67 24.79 32.74
CA HIS B 89 -25.33 25.92 33.38
C HIS B 89 -24.29 26.97 33.79
N PRO B 90 -24.65 28.26 33.76
CA PRO B 90 -23.70 29.28 34.21
C PRO B 90 -23.31 29.08 35.66
N PHE B 91 -22.06 29.43 35.97
CA PHE B 91 -21.48 29.31 37.31
C PHE B 91 -21.18 27.87 37.69
N ILE B 92 -21.31 26.93 36.77
CA ILE B 92 -21.04 25.52 37.01
C ILE B 92 -19.84 25.13 36.16
N LYS B 93 -18.79 24.65 36.81
CA LYS B 93 -17.55 24.26 36.14
C LYS B 93 -17.63 22.78 35.77
N THR B 94 -17.65 22.48 34.47
CA THR B 94 -17.68 21.12 33.97
C THR B 94 -16.56 20.93 32.97
N VAL B 95 -15.87 19.79 33.06
CA VAL B 95 -14.73 19.55 32.19
C VAL B 95 -15.18 19.52 30.74
N GLY B 96 -16.21 18.74 30.44
CA GLY B 96 -16.79 18.68 29.11
C GLY B 96 -16.09 17.76 28.14
N MET B 97 -15.10 16.99 28.58
CA MET B 97 -14.43 16.05 27.70
C MET B 97 -14.13 14.77 28.46
N VAL B 98 -13.84 13.71 27.70
CA VAL B 98 -13.47 12.41 28.24
C VAL B 98 -12.36 11.83 27.37
N ALA B 99 -11.81 10.71 27.83
CA ALA B 99 -10.73 10.02 27.12
C ALA B 99 -11.17 8.61 26.77
N GLY B 100 -10.82 8.18 25.56
CA GLY B 100 -11.21 6.87 25.10
C GLY B 100 -10.21 5.77 25.42
N ASP B 101 -8.98 6.16 25.76
CA ASP B 101 -7.93 5.20 26.11
C ASP B 101 -6.75 5.97 26.65
N GLU B 102 -5.70 5.23 27.03
CA GLU B 102 -4.53 5.86 27.63
C GLU B 102 -3.86 6.81 26.66
N GLU B 103 -3.74 6.40 25.38
CA GLU B 103 -3.02 7.21 24.40
C GLU B 103 -3.72 8.54 24.13
N THR B 104 -4.98 8.69 24.55
CA THR B 104 -5.71 9.92 24.26
C THR B 104 -5.03 11.13 24.88
N TYR B 105 -4.64 11.02 26.15
CA TYR B 105 -4.02 12.15 26.83
C TYR B 105 -2.72 12.58 26.17
N GLU B 106 -2.02 11.65 25.52
CA GLU B 106 -0.80 12.01 24.80
C GLU B 106 -1.15 12.63 23.45
N VAL B 107 -1.97 11.95 22.66
CA VAL B 107 -2.28 12.42 21.31
C VAL B 107 -2.92 13.80 21.36
N PHE B 108 -3.92 13.97 22.23
CA PHE B 108 -4.63 15.24 22.37
C PHE B 108 -4.15 16.04 23.57
N ALA B 109 -2.85 15.96 23.90
CA ALA B 109 -2.34 16.69 25.04
C ALA B 109 -2.51 18.20 24.86
N ASP B 110 -2.38 18.70 23.63
CA ASP B 110 -2.45 20.13 23.40
C ASP B 110 -3.80 20.70 23.83
N LEU B 111 -4.84 19.88 23.84
CA LEU B 111 -6.17 20.31 24.26
C LEU B 111 -6.41 20.03 25.74
N PHE B 112 -6.09 18.82 26.18
CA PHE B 112 -6.38 18.43 27.57
C PHE B 112 -5.55 19.23 28.56
N ASP B 113 -4.27 19.46 28.25
CA ASP B 113 -3.36 20.02 29.25
C ASP B 113 -3.87 21.34 29.83
N PRO B 114 -4.29 22.32 29.03
CA PRO B 114 -4.89 23.51 29.65
C PRO B 114 -6.08 23.19 30.51
N VAL B 115 -6.90 22.22 30.10
CA VAL B 115 -8.08 21.86 30.89
C VAL B 115 -7.67 21.21 32.20
N ILE B 116 -6.69 20.30 32.15
CA ILE B 116 -6.22 19.67 33.38
C ILE B 116 -5.65 20.72 34.32
N GLN B 117 -4.86 21.66 33.78
CA GLN B 117 -4.27 22.68 34.63
C GLN B 117 -5.32 23.59 35.25
N GLU B 118 -6.32 24.01 34.46
CA GLU B 118 -7.36 24.86 34.99
C GLU B 118 -8.18 24.14 36.05
N ARG B 119 -8.45 22.84 35.84
CA ARG B 119 -9.24 22.08 36.80
C ARG B 119 -8.51 21.94 38.13
N HIS B 120 -7.26 21.51 38.09
CA HIS B 120 -6.50 21.24 39.31
C HIS B 120 -5.66 22.44 39.73
N ASN B 121 -6.32 23.60 39.82
CA ASN B 121 -5.79 24.81 40.44
C ASN B 121 -4.28 24.97 40.21
N GLY B 122 -3.90 24.96 38.93
CA GLY B 122 -2.57 25.37 38.53
C GLY B 122 -1.60 24.25 38.23
N TYR B 123 -1.93 23.02 38.55
CA TYR B 123 -1.03 21.91 38.24
C TYR B 123 -0.74 21.89 36.75
N ASP B 124 0.54 21.76 36.41
CA ASP B 124 0.97 21.76 35.01
C ASP B 124 1.38 20.36 34.60
N PRO B 125 0.57 19.64 33.80
CA PRO B 125 0.98 18.28 33.41
C PRO B 125 2.28 18.23 32.64
N ARG B 126 2.57 19.25 31.83
CA ARG B 126 3.75 19.20 30.97
C ARG B 126 5.03 19.15 31.80
N THR B 127 5.12 19.96 32.85
CA THR B 127 6.34 20.09 33.63
C THR B 127 6.29 19.30 34.94
N MET B 128 5.27 19.55 35.76
CA MET B 128 5.22 18.92 37.07
C MET B 128 5.05 17.40 36.94
N LYS B 129 5.36 16.71 38.03
CA LYS B 129 5.27 15.26 38.10
C LYS B 129 4.41 14.86 39.29
N HIS B 130 3.85 13.66 39.22
CA HIS B 130 2.96 13.15 40.25
C HIS B 130 3.61 12.01 41.01
N THR B 131 3.37 11.95 42.31
CA THR B 131 3.90 10.91 43.18
C THR B 131 2.75 10.25 43.92
N THR B 132 2.81 8.92 44.01
CA THR B 132 1.74 8.12 44.60
C THR B 132 2.27 7.37 45.82
N ASP B 133 1.56 7.48 46.94
CA ASP B 133 1.86 6.72 48.13
C ASP B 133 0.55 6.21 48.72
N LEU B 134 0.58 5.01 49.28
CA LEU B 134 -0.61 4.39 49.86
C LEU B 134 -0.28 3.74 51.19
N ASP B 135 0.45 4.46 52.04
CA ASP B 135 0.85 3.96 53.35
C ASP B 135 -0.11 4.48 54.41
N ALA B 136 -0.72 3.56 55.14
CA ALA B 136 -1.64 3.91 56.23
C ALA B 136 -0.92 4.14 57.55
N SER B 137 0.41 3.96 57.59
CA SER B 137 1.16 4.26 58.79
C SER B 137 1.38 5.76 58.96
N LYS B 138 1.55 6.49 57.86
CA LYS B 138 1.82 7.93 57.95
C LYS B 138 0.65 8.67 58.58
N ILE B 139 -0.58 8.29 58.23
CA ILE B 139 -1.75 9.00 58.74
C ILE B 139 -1.72 9.01 60.26
N ARG B 140 -2.26 10.10 60.84
CA ARG B 140 -2.40 10.23 62.28
C ARG B 140 -3.84 10.59 62.62
N SER B 141 -4.09 10.91 63.89
CA SER B 141 -5.44 11.26 64.33
C SER B 141 -6.42 10.12 64.00
N GLY B 142 -7.11 10.23 62.87
CA GLY B 142 -8.01 9.18 62.44
C GLY B 142 -9.35 9.20 63.16
N TYR B 143 -9.34 8.90 64.45
CA TYR B 143 -10.58 8.84 65.20
C TYR B 143 -11.28 10.19 65.19
N PHE B 144 -12.59 10.18 64.94
CA PHE B 144 -13.43 11.37 64.92
C PHE B 144 -14.36 11.35 66.12
N ASP B 145 -15.24 12.36 66.18
CA ASP B 145 -16.24 12.47 67.22
C ASP B 145 -17.62 12.19 66.62
N GLU B 146 -18.37 11.32 67.29
CA GLU B 146 -19.70 10.92 66.80
C GLU B 146 -20.71 12.03 67.08
N ARG B 147 -20.48 13.16 66.42
CA ARG B 147 -21.38 14.30 66.48
C ARG B 147 -22.10 14.53 65.15
N TYR B 148 -21.36 14.67 64.06
CA TYR B 148 -21.92 14.78 62.73
C TYR B 148 -21.23 13.88 61.71
N VAL B 149 -20.17 13.16 62.11
CA VAL B 149 -19.43 12.36 61.16
C VAL B 149 -20.33 11.30 60.54
N LEU B 150 -21.12 10.61 61.36
CA LEU B 150 -22.08 9.63 60.87
C LEU B 150 -21.39 8.49 60.16
N SER B 151 -20.81 8.77 58.98
CA SER B 151 -20.19 7.74 58.17
C SER B 151 -18.92 8.30 57.53
N SER B 152 -18.02 7.39 57.16
CA SER B 152 -16.79 7.73 56.48
C SER B 152 -16.59 6.82 55.28
N ARG B 153 -15.97 7.35 54.24
CA ARG B 153 -15.79 6.63 52.99
C ARG B 153 -14.53 7.12 52.29
N VAL B 154 -13.96 6.24 51.48
CA VAL B 154 -12.84 6.58 50.60
C VAL B 154 -13.08 5.89 49.26
N ARG B 155 -12.76 6.58 48.17
CA ARG B 155 -13.06 6.08 46.83
C ARG B 155 -11.92 6.41 45.88
N THR B 156 -11.62 5.47 44.98
CA THR B 156 -10.65 5.68 43.92
C THR B 156 -11.09 4.92 42.69
N GLY B 157 -10.38 5.15 41.58
CA GLY B 157 -10.65 4.46 40.35
C GLY B 157 -9.37 3.88 39.78
N ARG B 158 -9.55 2.86 38.94
CA ARG B 158 -8.42 2.17 38.33
C ARG B 158 -8.84 1.63 36.96
N SER B 159 -7.95 1.78 35.99
CA SER B 159 -8.17 1.35 34.62
C SER B 159 -7.14 0.29 34.24
N ILE B 160 -7.61 -0.78 33.62
CA ILE B 160 -6.73 -1.87 33.20
C ILE B 160 -6.05 -1.48 31.89
N ARG B 161 -4.73 -1.60 31.85
CA ARG B 161 -3.98 -1.26 30.65
C ARG B 161 -4.30 -2.23 29.52
N GLY B 162 -4.24 -1.72 28.29
CA GLY B 162 -4.52 -2.52 27.12
C GLY B 162 -5.99 -2.64 26.77
N LEU B 163 -6.88 -2.02 27.54
CA LEU B 163 -8.31 -2.09 27.31
C LEU B 163 -8.87 -0.68 27.23
N SER B 164 -9.71 -0.44 26.22
CA SER B 164 -10.25 0.90 26.01
C SER B 164 -11.14 1.30 27.18
N LEU B 165 -11.17 2.60 27.46
CA LEU B 165 -11.93 3.12 28.57
C LEU B 165 -13.43 3.09 28.27
N PRO B 166 -14.27 3.23 29.29
CA PRO B 166 -15.70 2.98 29.11
C PRO B 166 -16.30 3.80 27.98
N PRO B 167 -15.88 5.05 27.79
CA PRO B 167 -16.46 5.83 26.68
C PRO B 167 -16.27 5.18 25.32
N ALA B 168 -15.17 4.47 25.11
CA ALA B 168 -14.87 3.86 23.82
C ALA B 168 -14.84 2.35 23.83
N CYS B 169 -14.93 1.72 25.00
CA CYS B 169 -14.81 0.26 25.08
C CYS B 169 -15.97 -0.41 24.35
N THR B 170 -15.66 -1.50 23.66
CA THR B 170 -16.68 -2.31 23.00
C THR B 170 -17.19 -3.37 23.99
N ARG B 171 -18.12 -4.20 23.51
CA ARG B 171 -18.65 -5.26 24.36
C ARG B 171 -17.56 -6.24 24.77
N ALA B 172 -16.71 -6.62 23.82
CA ALA B 172 -15.65 -7.58 24.12
C ALA B 172 -14.69 -7.03 25.18
N GLU B 173 -14.29 -5.77 25.03
CA GLU B 173 -13.36 -5.19 25.99
C GLU B 173 -13.99 -5.05 27.37
N ARG B 174 -15.27 -4.67 27.41
CA ARG B 174 -15.96 -4.58 28.70
C ARG B 174 -16.02 -5.94 29.38
N ARG B 175 -16.37 -6.99 28.61
CA ARG B 175 -16.41 -8.32 29.19
C ARG B 175 -15.03 -8.76 29.66
N GLU B 176 -13.98 -8.41 28.90
CA GLU B 176 -12.63 -8.75 29.32
C GLU B 176 -12.27 -8.07 30.63
N VAL B 177 -12.62 -6.79 30.76
CA VAL B 177 -12.36 -6.07 32.02
C VAL B 177 -13.07 -6.76 33.17
N GLU B 178 -14.34 -7.11 32.97
CA GLU B 178 -15.09 -7.76 34.03
C GLU B 178 -14.45 -9.09 34.41
N ARG B 179 -14.05 -9.87 33.42
N ARG B 179 -14.05 -9.87 33.42
CA ARG B 179 -13.44 -11.17 33.71
CA ARG B 179 -13.44 -11.17 33.70
C ARG B 179 -12.15 -11.01 34.48
C ARG B 179 -12.14 -11.01 34.48
N VAL B 180 -11.30 -10.07 34.05
CA VAL B 180 -10.02 -9.87 34.75
C VAL B 180 -10.26 -9.48 36.19
N VAL B 181 -11.16 -8.52 36.41
CA VAL B 181 -11.39 -8.03 37.77
C VAL B 181 -11.99 -9.14 38.63
N VAL B 182 -12.94 -9.89 38.09
CA VAL B 182 -13.59 -10.92 38.89
C VAL B 182 -12.61 -12.03 39.23
N ASP B 183 -11.81 -12.49 38.26
CA ASP B 183 -10.84 -13.54 38.54
C ASP B 183 -9.82 -13.08 39.57
N ALA B 184 -9.37 -11.82 39.47
CA ALA B 184 -8.44 -11.30 40.46
C ALA B 184 -9.08 -11.29 41.85
N LEU B 185 -10.27 -10.70 41.96
CA LEU B 185 -10.91 -10.59 43.27
C LEU B 185 -11.23 -11.95 43.86
N SER B 186 -11.39 -12.98 43.01
CA SER B 186 -11.65 -14.32 43.54
C SER B 186 -10.51 -14.79 44.43
N GLY B 187 -9.28 -14.30 44.19
CA GLY B 187 -8.13 -14.72 44.96
C GLY B 187 -7.97 -14.03 46.30
N LEU B 188 -8.75 -12.99 46.58
CA LEU B 188 -8.67 -12.32 47.87
C LEU B 188 -9.06 -13.28 48.98
N LYS B 189 -8.32 -13.20 50.09
CA LYS B 189 -8.55 -14.07 51.24
C LYS B 189 -8.50 -13.24 52.51
N GLY B 190 -9.18 -13.75 53.55
CA GLY B 190 -9.21 -13.07 54.82
C GLY B 190 -10.41 -12.15 54.99
N ASP B 191 -10.19 -11.00 55.61
CA ASP B 191 -11.28 -10.05 55.84
C ASP B 191 -11.85 -9.55 54.51
N LEU B 192 -10.98 -9.29 53.53
CA LEU B 192 -11.42 -8.75 52.25
C LEU B 192 -11.85 -9.86 51.32
N ALA B 193 -12.73 -10.74 51.78
CA ALA B 193 -13.26 -11.85 50.99
C ALA B 193 -14.78 -11.70 50.91
N GLY B 194 -15.30 -11.74 49.71
CA GLY B 194 -16.72 -11.56 49.49
C GLY B 194 -17.18 -12.15 48.20
N ARG B 195 -18.19 -11.52 47.60
CA ARG B 195 -18.84 -12.06 46.42
C ARG B 195 -19.04 -10.97 45.37
N TYR B 196 -19.10 -11.41 44.11
CA TYR B 196 -19.37 -10.56 42.96
C TYR B 196 -20.80 -10.80 42.50
N TYR B 197 -21.58 -9.72 42.39
CA TYR B 197 -22.96 -9.78 41.94
C TYR B 197 -23.07 -9.07 40.59
N ARG B 198 -23.62 -9.78 39.61
CA ARG B 198 -23.80 -9.25 38.28
C ARG B 198 -25.14 -8.52 38.19
N LEU B 199 -25.12 -7.34 37.58
CA LEU B 199 -26.36 -6.58 37.45
C LEU B 199 -27.40 -7.35 36.65
N SER B 200 -26.98 -8.00 35.56
CA SER B 200 -27.92 -8.73 34.72
C SER B 200 -28.64 -9.84 35.48
N GLU B 201 -28.06 -10.34 36.58
CA GLU B 201 -28.64 -11.43 37.33
C GLU B 201 -29.18 -10.99 38.69
N MET B 202 -29.41 -9.69 38.87
CA MET B 202 -29.85 -9.14 40.15
C MET B 202 -31.26 -8.56 39.99
N THR B 203 -32.11 -8.85 40.96
CA THR B 203 -33.48 -8.37 40.92
C THR B 203 -33.54 -6.85 41.06
N GLU B 204 -34.58 -6.26 40.47
CA GLU B 204 -34.74 -4.81 40.54
C GLU B 204 -34.92 -4.34 41.98
N ALA B 205 -35.72 -5.07 42.76
CA ALA B 205 -35.92 -4.68 44.16
C ALA B 205 -34.61 -4.74 44.94
N GLU B 206 -33.83 -5.79 44.73
CA GLU B 206 -32.53 -5.89 45.41
C GLU B 206 -31.61 -4.75 45.00
N GLN B 207 -31.62 -4.42 43.70
CA GLN B 207 -30.78 -3.31 43.23
C GLN B 207 -31.20 -1.99 43.87
N GLN B 208 -32.51 -1.74 43.94
CA GLN B 208 -32.98 -0.52 44.58
C GLN B 208 -32.60 -0.48 46.05
N GLN B 209 -32.75 -1.60 46.74
CA GLN B 209 -32.36 -1.65 48.16
C GLN B 209 -30.88 -1.36 48.33
N LEU B 210 -30.04 -1.95 47.48
CA LEU B 210 -28.61 -1.69 47.56
C LEU B 210 -28.30 -0.22 47.28
N ILE B 211 -28.98 0.37 46.30
CA ILE B 211 -28.77 1.78 45.99
C ILE B 211 -29.12 2.64 47.20
N ASP B 212 -30.27 2.36 47.82
CA ASP B 212 -30.68 3.12 48.99
C ASP B 212 -29.68 2.96 50.12
N ASP B 213 -29.18 1.75 50.33
CA ASP B 213 -28.16 1.47 51.33
C ASP B 213 -26.78 1.98 50.91
N HIS B 214 -26.66 2.67 49.79
CA HIS B 214 -25.38 3.20 49.32
C HIS B 214 -24.41 2.05 49.03
N PHE B 215 -24.92 0.98 48.43
CA PHE B 215 -24.12 -0.20 48.09
C PHE B 215 -24.42 -0.62 46.66
N LEU B 216 -24.59 0.33 45.76
CA LEU B 216 -24.85 0.04 44.36
C LEU B 216 -24.83 1.34 43.58
N PHE B 217 -24.87 1.21 42.25
CA PHE B 217 -24.91 2.34 41.34
C PHE B 217 -26.13 2.23 40.43
N ASP B 218 -26.79 3.35 40.19
CA ASP B 218 -27.99 3.39 39.38
C ASP B 218 -27.63 3.47 37.90
N LYS B 219 -28.60 3.12 37.06
CA LYS B 219 -28.40 3.21 35.62
C LYS B 219 -28.17 4.67 35.24
N PRO B 220 -27.11 4.99 34.49
CA PRO B 220 -26.87 6.40 34.13
C PRO B 220 -28.03 6.97 33.32
N VAL B 221 -28.51 8.12 33.76
CA VAL B 221 -29.57 8.83 33.03
C VAL B 221 -29.24 10.30 32.78
N SER B 222 -28.26 10.88 33.48
CA SER B 222 -27.93 12.27 33.28
C SER B 222 -27.45 12.49 31.83
N PRO B 223 -27.78 13.63 31.22
CA PRO B 223 -27.33 13.85 29.84
C PRO B 223 -25.83 13.76 29.68
N LEU B 224 -25.07 14.18 30.70
CA LEU B 224 -23.61 14.11 30.62
C LEU B 224 -23.15 12.67 30.38
N LEU B 225 -23.70 11.73 31.15
CA LEU B 225 -23.25 10.34 31.05
C LEU B 225 -23.54 9.77 29.67
N THR B 226 -24.78 9.89 29.20
CA THR B 226 -25.17 9.28 27.94
C THR B 226 -24.59 9.98 26.73
N ALA B 227 -24.34 11.29 26.83
CA ALA B 227 -23.70 11.99 25.71
C ALA B 227 -22.29 11.46 25.47
N ALA B 228 -21.58 11.10 26.54
CA ALA B 228 -20.27 10.47 26.41
C ALA B 228 -20.36 9.04 25.92
N GLY B 229 -21.55 8.47 25.84
CA GLY B 229 -21.70 7.11 25.41
C GLY B 229 -21.14 6.09 26.38
N MET B 230 -21.38 6.27 27.67
CA MET B 230 -20.94 5.32 28.68
C MET B 230 -22.08 4.49 29.25
N ALA B 231 -23.31 4.69 28.77
CA ALA B 231 -24.44 3.86 29.15
C ALA B 231 -24.74 2.80 28.11
N ARG B 232 -23.85 2.60 27.14
CA ARG B 232 -24.10 1.63 26.09
C ARG B 232 -24.17 0.22 26.66
N ASP B 233 -25.09 -0.59 26.12
CA ASP B 233 -25.20 -2.00 26.44
C ASP B 233 -25.55 -2.25 27.90
N TRP B 234 -26.12 -1.26 28.59
CA TRP B 234 -26.49 -1.46 29.97
C TRP B 234 -27.55 -2.55 30.07
N PRO B 235 -27.49 -3.43 31.09
CA PRO B 235 -26.50 -3.54 32.17
C PRO B 235 -25.45 -4.60 31.90
N ASP B 236 -25.20 -4.94 30.64
CA ASP B 236 -24.27 -6.02 30.32
C ASP B 236 -22.86 -5.68 30.79
N ALA B 237 -22.26 -6.59 31.54
CA ALA B 237 -20.86 -6.51 31.97
C ALA B 237 -20.63 -5.46 33.06
N ARG B 238 -21.66 -5.10 33.80
CA ARG B 238 -21.52 -4.21 34.95
C ARG B 238 -21.82 -4.99 36.22
N GLY B 239 -21.00 -4.83 37.24
CA GLY B 239 -21.17 -5.63 38.44
C GLY B 239 -20.69 -4.93 39.69
N ILE B 240 -20.90 -5.59 40.82
CA ILE B 240 -20.50 -5.05 42.13
C ILE B 240 -19.93 -6.20 42.95
N TRP B 241 -18.66 -6.09 43.34
CA TRP B 241 -18.02 -7.07 44.21
C TRP B 241 -17.88 -6.44 45.59
N HIS B 242 -18.43 -7.09 46.61
CA HIS B 242 -18.34 -6.55 47.95
C HIS B 242 -17.97 -7.65 48.94
N ASN B 243 -17.23 -7.26 49.96
CA ASN B 243 -16.82 -8.19 51.01
C ASN B 243 -18.02 -8.61 51.85
N ASN B 244 -17.80 -9.61 52.70
CA ASN B 244 -18.90 -10.12 53.53
C ASN B 244 -19.44 -9.03 54.44
N GLU B 245 -18.56 -8.26 55.09
CA GLU B 245 -18.99 -7.18 55.96
C GLU B 245 -19.54 -5.99 55.19
N LYS B 246 -19.41 -5.98 53.87
CA LYS B 246 -19.85 -4.87 53.02
C LYS B 246 -19.11 -3.58 53.34
N SER B 247 -17.92 -3.70 53.93
CA SER B 247 -17.05 -2.56 54.20
C SER B 247 -16.03 -2.33 53.10
N PHE B 248 -16.06 -3.13 52.03
CA PHE B 248 -15.12 -2.99 50.93
C PHE B 248 -15.86 -3.37 49.65
N LEU B 249 -16.07 -2.39 48.77
CA LEU B 249 -16.86 -2.57 47.56
C LEU B 249 -16.04 -2.18 46.34
N ILE B 250 -16.43 -2.74 45.20
CA ILE B 250 -15.76 -2.47 43.93
C ILE B 250 -16.83 -2.50 42.84
N TRP B 251 -17.03 -1.38 42.17
CA TRP B 251 -17.95 -1.29 41.06
C TRP B 251 -17.19 -1.55 39.76
N VAL B 252 -17.65 -2.53 39.00
CA VAL B 252 -17.00 -2.94 37.76
C VAL B 252 -17.83 -2.41 36.59
N ASN B 253 -17.21 -1.52 35.81
CA ASN B 253 -17.79 -0.97 34.60
C ASN B 253 -19.06 -0.15 34.89
N GLU B 254 -18.87 0.89 35.69
CA GLU B 254 -19.91 1.90 35.91
C GLU B 254 -19.48 3.27 35.41
N GLU B 255 -18.37 3.81 35.90
CA GLU B 255 -17.73 4.99 35.32
C GLU B 255 -16.31 4.73 34.88
N ASP B 256 -15.64 3.76 35.50
CA ASP B 256 -14.29 3.34 35.12
C ASP B 256 -14.25 1.83 35.12
N HIS B 257 -13.14 1.28 34.62
CA HIS B 257 -12.97 -0.17 34.64
C HIS B 257 -13.15 -0.71 36.06
N THR B 258 -12.66 0.03 37.06
CA THR B 258 -12.84 -0.35 38.45
C THR B 258 -12.99 0.90 39.30
N ARG B 259 -13.96 0.87 40.21
CA ARG B 259 -14.13 1.91 41.22
C ARG B 259 -14.09 1.26 42.59
N VAL B 260 -13.00 1.48 43.32
CA VAL B 260 -12.79 0.87 44.63
C VAL B 260 -13.32 1.81 45.70
N ILE B 261 -14.04 1.26 46.67
CA ILE B 261 -14.63 2.04 47.76
C ILE B 261 -14.41 1.30 49.06
N SER B 262 -13.99 2.03 50.09
CA SER B 262 -13.89 1.52 51.45
C SER B 262 -14.79 2.35 52.34
N MET B 263 -15.76 1.70 52.98
CA MET B 263 -16.79 2.39 53.74
C MET B 263 -16.72 1.98 55.21
N GLU B 264 -17.27 2.84 56.07
CA GLU B 264 -17.40 2.52 57.48
C GLU B 264 -18.46 3.43 58.08
N LYS B 265 -19.55 2.85 58.58
CA LYS B 265 -20.63 3.63 59.17
C LYS B 265 -20.20 4.16 60.54
N GLY B 266 -19.23 5.08 60.49
CA GLY B 266 -18.69 5.67 61.69
C GLY B 266 -17.80 6.86 61.41
N GLY B 267 -16.71 6.99 62.14
CA GLY B 267 -15.78 8.09 61.93
C GLY B 267 -14.33 7.69 62.11
N ASN B 268 -14.06 6.39 62.12
CA ASN B 268 -12.69 5.89 62.30
C ASN B 268 -11.99 5.86 60.94
N MET B 269 -11.75 7.07 60.40
CA MET B 269 -11.16 7.19 59.08
C MET B 269 -9.83 6.45 58.99
N LYS B 270 -9.11 6.34 60.10
CA LYS B 270 -7.83 5.63 60.08
C LYS B 270 -8.01 4.18 59.63
N ARG B 271 -8.96 3.47 60.25
CA ARG B 271 -9.18 2.08 59.90
C ARG B 271 -9.70 1.95 58.46
N VAL B 272 -10.58 2.87 58.06
CA VAL B 272 -11.13 2.81 56.71
C VAL B 272 -10.00 2.94 55.70
N PHE B 273 -9.10 3.91 55.90
CA PHE B 273 -8.00 4.10 54.95
C PHE B 273 -7.03 2.94 55.01
N GLU B 274 -6.80 2.37 56.19
CA GLU B 274 -5.92 1.20 56.29
C GLU B 274 -6.46 0.04 55.45
N ARG B 275 -7.74 -0.29 55.64
CA ARG B 275 -8.36 -1.34 54.85
C ARG B 275 -8.30 -0.99 53.37
N PHE B 276 -8.60 0.26 53.03
CA PHE B 276 -8.58 0.67 51.63
C PHE B 276 -7.22 0.42 50.99
N CYS B 277 -6.15 0.90 51.62
CA CYS B 277 -4.84 0.78 51.00
C CYS B 277 -4.38 -0.66 50.94
N ARG B 278 -4.59 -1.43 52.01
CA ARG B 278 -4.14 -2.82 51.97
C ARG B 278 -4.90 -3.63 50.93
N GLY B 279 -6.23 -3.44 50.87
CA GLY B 279 -7.00 -4.14 49.85
C GLY B 279 -6.62 -3.74 48.44
N LEU B 280 -6.35 -2.44 48.23
CA LEU B 280 -5.91 -2.00 46.92
C LEU B 280 -4.57 -2.63 46.54
N LYS B 281 -3.65 -2.71 47.50
CA LYS B 281 -2.37 -3.35 47.23
C LYS B 281 -2.55 -4.82 46.86
N GLU B 282 -3.40 -5.53 47.60
CA GLU B 282 -3.64 -6.94 47.29
C GLU B 282 -4.26 -7.10 45.91
N VAL B 283 -5.24 -6.25 45.59
CA VAL B 283 -5.90 -6.34 44.29
C VAL B 283 -4.89 -6.08 43.17
N GLU B 284 -4.03 -5.08 43.34
CA GLU B 284 -3.02 -4.79 42.33
C GLU B 284 -2.07 -5.98 42.18
N ARG B 285 -1.65 -6.58 43.29
CA ARG B 285 -0.76 -7.73 43.20
C ARG B 285 -1.41 -8.85 42.41
N LEU B 286 -2.67 -9.14 42.71
CA LEU B 286 -3.36 -10.20 41.96
C LEU B 286 -3.52 -9.83 40.50
N ILE B 287 -3.70 -8.54 40.20
CA ILE B 287 -3.80 -8.12 38.80
C ILE B 287 -2.50 -8.41 38.07
N GLN B 288 -1.36 -7.99 38.63
CA GLN B 288 -0.09 -8.26 37.97
C GLN B 288 0.23 -9.76 37.96
N GLU B 289 -0.37 -10.54 38.86
CA GLU B 289 -0.11 -11.98 38.83
C GLU B 289 -0.50 -12.58 37.48
N ARG B 290 -1.64 -12.17 36.94
CA ARG B 290 -2.14 -12.70 35.67
C ARG B 290 -1.56 -11.98 34.47
N GLY B 291 -0.75 -10.95 34.67
CA GLY B 291 -0.13 -10.24 33.56
C GLY B 291 -0.78 -8.94 33.16
N TRP B 292 -1.72 -8.44 33.95
CA TRP B 292 -2.39 -7.17 33.67
C TRP B 292 -1.78 -6.06 34.53
N GLU B 293 -1.88 -4.83 34.03
CA GLU B 293 -1.32 -3.67 34.72
C GLU B 293 -2.31 -2.52 34.68
N PHE B 294 -2.39 -1.80 35.80
CA PHE B 294 -3.19 -0.58 35.83
C PHE B 294 -2.54 0.50 34.98
N MET B 295 -3.35 1.24 34.22
CA MET B 295 -2.82 2.38 33.49
C MET B 295 -2.20 3.36 34.48
N TRP B 296 -0.99 3.81 34.19
CA TRP B 296 -0.31 4.75 35.07
C TRP B 296 0.92 5.34 34.40
N ASN B 297 1.06 6.66 34.46
CA ASN B 297 2.25 7.33 33.99
C ASN B 297 2.59 8.47 34.94
N GLU B 298 3.87 8.83 34.97
CA GLU B 298 4.36 9.75 35.99
C GLU B 298 3.66 11.10 35.91
N ARG B 299 3.48 11.64 34.71
CA ARG B 299 2.93 12.98 34.57
C ARG B 299 1.53 13.07 35.15
N LEU B 300 0.68 12.08 34.89
CA LEU B 300 -0.72 12.13 35.28
C LEU B 300 -1.08 11.15 36.39
N GLY B 301 -0.26 10.13 36.63
CA GLY B 301 -0.65 9.10 37.57
C GLY B 301 -1.68 8.16 36.96
N TYR B 302 -2.55 7.63 37.82
CA TYR B 302 -3.58 6.72 37.36
C TYR B 302 -4.49 7.41 36.35
N ILE B 303 -4.76 6.73 35.24
CA ILE B 303 -5.48 7.30 34.11
C ILE B 303 -6.95 6.89 34.20
N LEU B 304 -7.83 7.90 34.17
CA LEU B 304 -9.27 7.69 34.21
C LEU B 304 -9.93 8.55 33.14
N THR B 305 -11.24 8.34 32.97
CA THR B 305 -11.97 8.98 31.88
C THR B 305 -12.07 10.49 32.10
N CYS B 306 -12.73 10.91 33.16
CA CYS B 306 -12.91 12.33 33.42
C CYS B 306 -11.57 12.96 33.78
N PRO B 307 -11.11 13.98 33.07
CA PRO B 307 -9.85 14.63 33.47
C PRO B 307 -9.88 15.19 34.88
N SER B 308 -11.06 15.44 35.43
CA SER B 308 -11.16 15.91 36.81
C SER B 308 -10.71 14.84 37.80
N ASN B 309 -10.77 13.56 37.43
CA ASN B 309 -10.42 12.47 38.33
C ASN B 309 -9.00 11.98 38.13
N LEU B 310 -8.20 12.64 37.29
CA LEU B 310 -6.83 12.22 37.07
C LEU B 310 -6.02 12.32 38.35
N GLY B 311 -4.80 11.82 38.30
CA GLY B 311 -3.93 11.85 39.46
C GLY B 311 -4.07 10.60 40.30
N THR B 312 -4.87 10.69 41.36
CA THR B 312 -5.11 9.57 42.26
C THR B 312 -6.54 9.08 42.27
N GLY B 313 -7.50 9.93 41.94
CA GLY B 313 -8.90 9.56 42.03
C GLY B 313 -9.45 9.49 43.44
N LEU B 314 -8.64 9.80 44.44
CA LEU B 314 -9.09 9.68 45.83
C LEU B 314 -10.11 10.77 46.14
N ARG B 315 -11.20 10.37 46.77
CA ARG B 315 -12.25 11.29 47.22
C ARG B 315 -12.67 10.96 48.64
N ALA B 316 -11.69 10.80 49.53
CA ALA B 316 -11.99 10.57 50.93
C ALA B 316 -12.90 11.67 51.46
N GLY B 317 -14.01 11.27 52.08
CA GLY B 317 -14.99 12.23 52.54
C GLY B 317 -15.83 11.65 53.66
N VAL B 318 -16.79 12.45 54.12
CA VAL B 318 -17.67 12.06 55.21
C VAL B 318 -19.03 12.72 55.01
N HIS B 319 -20.01 12.26 55.78
CA HIS B 319 -21.34 12.83 55.80
C HIS B 319 -21.50 13.69 57.06
N ILE B 320 -22.07 14.87 56.88
CA ILE B 320 -22.21 15.84 57.95
C ILE B 320 -23.66 16.30 58.03
N LYS B 321 -24.03 16.87 59.18
CA LYS B 321 -25.40 17.27 59.45
C LYS B 321 -25.64 18.72 59.03
N LEU B 322 -26.92 19.05 58.89
CA LEU B 322 -27.35 20.38 58.46
C LEU B 322 -27.41 21.41 59.59
N PRO B 323 -28.06 21.10 60.74
CA PRO B 323 -28.53 22.18 61.62
C PRO B 323 -27.44 23.10 62.16
N LEU B 324 -26.46 22.55 62.88
CA LEU B 324 -25.39 23.38 63.44
C LEU B 324 -24.43 23.90 62.40
N LEU B 325 -24.57 23.45 61.15
CA LEU B 325 -23.63 23.77 60.09
C LEU B 325 -24.21 24.66 59.00
N SER B 326 -25.40 24.35 58.51
CA SER B 326 -25.94 25.10 57.37
C SER B 326 -26.17 26.56 57.74
N LYS B 327 -26.60 26.83 58.97
CA LYS B 327 -26.97 28.17 59.41
C LYS B 327 -25.77 29.01 59.84
N ASP B 328 -24.56 28.64 59.44
CA ASP B 328 -23.36 29.37 59.83
C ASP B 328 -23.25 30.64 58.99
N SER B 329 -22.15 31.38 59.18
CA SER B 329 -22.00 32.68 58.52
C SER B 329 -21.49 32.54 57.09
N ARG B 330 -20.26 32.05 56.93
CA ARG B 330 -19.57 32.09 55.64
C ARG B 330 -18.88 30.77 55.36
N PHE B 331 -19.60 29.66 55.52
CA PHE B 331 -19.00 28.35 55.27
C PHE B 331 -18.35 28.23 53.90
N PRO B 332 -18.97 28.65 52.80
CA PRO B 332 -18.29 28.45 51.51
C PRO B 332 -16.88 29.02 51.50
N LYS B 333 -16.68 30.15 52.18
CA LYS B 333 -15.33 30.68 52.36
C LYS B 333 -14.45 29.69 53.12
N ILE B 334 -14.99 29.09 54.18
CA ILE B 334 -14.21 28.12 54.96
C ILE B 334 -13.83 26.92 54.11
N LEU B 335 -14.79 26.39 53.36
CA LEU B 335 -14.53 25.24 52.49
C LEU B 335 -13.46 25.58 51.46
N GLU B 336 -13.55 26.76 50.84
CA GLU B 336 -12.53 27.17 49.88
C GLU B 336 -11.17 27.28 50.57
N ASN B 337 -11.12 27.87 51.76
CA ASN B 337 -9.85 28.08 52.44
C ASN B 337 -9.20 26.76 52.82
N LEU B 338 -9.99 25.81 53.34
CA LEU B 338 -9.47 24.51 53.74
C LEU B 338 -9.43 23.51 52.59
N ARG B 339 -9.77 23.92 51.38
CA ARG B 339 -9.72 23.04 50.21
C ARG B 339 -10.64 21.83 50.41
N LEU B 340 -11.93 22.13 50.58
CA LEU B 340 -12.95 21.11 50.77
C LEU B 340 -14.07 21.30 49.76
N GLN B 341 -14.74 20.19 49.44
CA GLN B 341 -15.85 20.17 48.50
C GLN B 341 -17.08 19.70 49.25
N LYS B 342 -18.14 20.50 49.21
CA LYS B 342 -19.40 20.19 49.87
C LYS B 342 -20.47 19.98 48.81
N ARG B 343 -21.12 18.82 48.84
CA ARG B 343 -22.14 18.48 47.86
C ARG B 343 -23.33 17.85 48.57
N GLY B 344 -24.42 17.70 47.83
CA GLY B 344 -25.63 17.15 48.41
C GLY B 344 -25.48 15.68 48.74
N THR B 345 -26.09 15.26 49.84
CA THR B 345 -26.04 13.87 50.25
C THR B 345 -26.86 13.00 49.29
N GLY B 346 -26.29 11.86 48.92
CA GLY B 346 -26.95 10.95 48.00
C GLY B 346 -26.38 11.02 46.60
N VAL B 356 -27.92 18.20 55.74
CA VAL B 356 -27.00 17.06 55.68
C VAL B 356 -26.30 17.07 54.33
N PHE B 357 -24.96 17.02 54.35
CA PHE B 357 -24.15 17.15 53.14
C PHE B 357 -23.03 16.13 53.17
N ASP B 358 -22.30 16.06 52.06
CA ASP B 358 -21.08 15.27 51.94
C ASP B 358 -19.91 16.22 51.76
N ILE B 359 -18.92 16.09 52.64
CA ILE B 359 -17.73 16.94 52.62
C ILE B 359 -16.52 16.06 52.32
N SER B 360 -15.78 16.42 51.27
CA SER B 360 -14.62 15.64 50.83
C SER B 360 -13.54 16.61 50.35
N ASN B 361 -12.54 16.09 49.67
CA ASN B 361 -11.48 16.92 49.10
C ASN B 361 -11.85 17.33 47.68
N LEU B 362 -11.17 18.38 47.20
CA LEU B 362 -11.45 18.92 45.88
C LEU B 362 -10.53 18.33 44.80
N ASP B 363 -9.23 18.48 44.97
CA ASP B 363 -8.26 18.12 43.94
C ASP B 363 -7.66 16.75 44.22
N ARG B 364 -7.44 15.99 43.17
CA ARG B 364 -6.78 14.69 43.24
C ARG B 364 -5.40 14.68 42.62
N LEU B 365 -5.23 15.35 41.48
CA LEU B 365 -3.90 15.49 40.88
C LEU B 365 -3.04 16.39 41.75
N GLY B 366 -1.74 16.07 41.79
CA GLY B 366 -0.83 16.81 42.63
C GLY B 366 -0.55 16.11 43.94
N LYS B 367 -1.24 16.54 45.00
CA LYS B 367 -1.06 15.96 46.32
C LYS B 367 -1.20 14.44 46.26
N SER B 368 -0.62 13.74 47.23
CA SER B 368 -0.67 12.29 47.27
C SER B 368 -1.87 11.82 48.10
N GLU B 369 -2.12 10.50 48.05
CA GLU B 369 -3.30 9.95 48.71
C GLU B 369 -3.23 10.18 50.22
N VAL B 370 -2.08 9.88 50.82
CA VAL B 370 -1.92 10.14 52.25
C VAL B 370 -2.06 11.63 52.54
N GLU B 371 -1.47 12.46 51.69
CA GLU B 371 -1.59 13.90 51.86
C GLU B 371 -3.04 14.34 51.80
N LEU B 372 -3.80 13.84 50.82
CA LEU B 372 -5.20 14.23 50.69
C LEU B 372 -6.02 13.76 51.88
N VAL B 373 -5.77 12.53 52.35
CA VAL B 373 -6.52 12.02 53.49
C VAL B 373 -6.23 12.84 54.74
N GLN B 374 -4.95 13.18 54.96
CA GLN B 374 -4.60 14.01 56.10
C GLN B 374 -5.24 15.39 55.98
N LEU B 375 -5.27 15.95 54.77
CA LEU B 375 -5.91 17.23 54.57
C LEU B 375 -7.39 17.18 54.91
N VAL B 376 -8.07 16.12 54.47
CA VAL B 376 -9.50 15.97 54.77
C VAL B 376 -9.70 15.82 56.27
N ILE B 377 -8.84 15.03 56.92
CA ILE B 377 -8.98 14.84 58.37
C ILE B 377 -8.82 16.15 59.10
N ASP B 378 -7.79 16.93 58.73
CA ASP B 378 -7.58 18.22 59.38
C ASP B 378 -8.74 19.17 59.12
N GLY B 379 -9.26 19.18 57.89
CA GLY B 379 -10.38 20.06 57.58
C GLY B 379 -11.62 19.72 58.38
N VAL B 380 -11.96 18.43 58.45
CA VAL B 380 -13.14 18.03 59.20
C VAL B 380 -12.94 18.25 60.68
N ASN B 381 -11.72 18.04 61.19
CA ASN B 381 -11.44 18.35 62.58
C ASN B 381 -11.65 19.84 62.87
N TYR B 382 -11.16 20.70 61.99
CA TYR B 382 -11.39 22.13 62.14
C TYR B 382 -12.88 22.46 62.11
N LEU B 383 -13.61 21.82 61.19
CA LEU B 383 -15.04 22.08 61.09
C LEU B 383 -15.77 21.70 62.38
N ILE B 384 -15.46 20.51 62.91
CA ILE B 384 -16.12 20.04 64.11
C ILE B 384 -15.60 20.70 65.38
N ASP B 385 -14.47 21.40 65.30
CA ASP B 385 -13.98 22.18 66.43
C ASP B 385 -14.54 23.59 66.45
N CYS B 386 -14.71 24.22 65.29
CA CYS B 386 -15.22 25.58 65.20
C CYS B 386 -16.70 25.65 64.87
N GLU B 387 -17.40 24.51 64.91
CA GLU B 387 -18.85 24.50 64.72
C GLU B 387 -19.60 25.04 65.92
N ARG B 388 -18.90 25.34 67.01
CA ARG B 388 -19.54 25.67 68.28
C ARG B 388 -20.64 26.70 68.10
N ARG B 389 -21.88 26.29 68.37
CA ARG B 389 -23.00 27.21 68.46
C ARG B 389 -23.21 27.72 69.88
N LEU B 390 -22.74 26.97 70.88
CA LEU B 390 -22.77 27.43 72.27
C LEU B 390 -22.12 28.81 72.41
N GLU B 391 -21.06 29.06 71.63
CA GLU B 391 -20.39 30.36 71.62
C GLU B 391 -20.01 30.67 70.17
N ARG B 392 -19.22 31.72 70.01
CA ARG B 392 -18.72 32.14 68.70
C ARG B 392 -17.19 32.07 68.70
N GLY B 393 -16.59 32.55 67.61
CA GLY B 393 -15.14 32.56 67.51
C GLY B 393 -14.61 31.81 66.31
N GLN B 394 -15.41 31.69 65.25
CA GLN B 394 -14.94 31.06 64.03
C GLN B 394 -13.76 31.84 63.47
N ASP B 395 -12.69 31.13 63.12
CA ASP B 395 -11.45 31.75 62.71
C ASP B 395 -11.10 31.51 61.24
N ILE B 396 -11.82 30.63 60.55
CA ILE B 396 -11.53 30.34 59.14
C ILE B 396 -10.13 29.74 59.04
N ARG B 397 -9.12 30.56 59.32
CA ARG B 397 -7.73 30.10 59.37
C ARG B 397 -7.29 29.51 58.02
N ILE B 398 -7.26 30.38 57.01
CA ILE B 398 -6.76 30.01 55.70
C ILE B 398 -5.39 29.37 55.83
N SER C 31 3.45 -6.99 14.31
CA SER C 31 3.36 -8.36 13.83
C SER C 31 1.94 -8.71 13.42
N GLU C 32 1.81 -9.54 12.39
CA GLU C 32 0.50 -10.00 11.92
C GLU C 32 0.02 -11.25 12.63
N ARG C 33 0.81 -11.78 13.56
CA ARG C 33 0.41 -12.97 14.31
C ARG C 33 -0.58 -12.65 15.43
N ARG C 34 -0.79 -11.37 15.75
CA ARG C 34 -1.74 -11.02 16.79
C ARG C 34 -3.15 -11.39 16.34
N ARG C 35 -3.95 -11.87 17.28
CA ARG C 35 -5.26 -12.43 16.99
C ARG C 35 -6.35 -11.44 17.35
N LEU C 36 -7.30 -11.26 16.44
CA LEU C 36 -8.43 -10.37 16.68
C LEU C 36 -9.45 -11.04 17.60
N TYR C 37 -10.25 -10.21 18.26
CA TYR C 37 -11.37 -10.73 19.02
C TYR C 37 -12.33 -11.46 18.08
N PRO C 38 -12.69 -12.70 18.38
CA PRO C 38 -13.68 -13.39 17.53
C PRO C 38 -14.98 -12.62 17.50
N PRO C 39 -15.67 -12.60 16.37
CA PRO C 39 -16.93 -11.83 16.31
C PRO C 39 -17.93 -12.27 17.37
N SER C 40 -17.98 -13.57 17.67
CA SER C 40 -18.88 -14.05 18.70
C SER C 40 -18.61 -13.41 20.05
N ALA C 41 -17.39 -12.92 20.28
CA ALA C 41 -17.09 -12.25 21.54
C ALA C 41 -17.87 -10.95 21.67
N GLU C 42 -18.16 -10.28 20.56
CA GLU C 42 -18.88 -9.02 20.57
C GLU C 42 -20.39 -9.19 20.49
N TYR C 43 -20.89 -10.41 20.35
CA TYR C 43 -22.31 -10.61 20.14
C TYR C 43 -23.08 -10.07 21.34
N PRO C 44 -24.14 -9.27 21.12
CA PRO C 44 -24.88 -8.71 22.26
C PRO C 44 -25.59 -9.79 23.06
N ASP C 45 -25.92 -9.43 24.30
CA ASP C 45 -26.66 -10.30 25.21
C ASP C 45 -28.15 -9.95 25.09
N LEU C 46 -28.84 -10.63 24.18
CA LEU C 46 -30.22 -10.34 23.85
C LEU C 46 -31.19 -11.33 24.47
N ARG C 47 -30.88 -11.85 25.66
CA ARG C 47 -31.74 -12.87 26.27
C ARG C 47 -33.04 -12.30 26.81
N LYS C 48 -33.16 -10.99 26.96
CA LYS C 48 -34.36 -10.37 27.51
C LYS C 48 -34.75 -9.14 26.69
N HIS C 49 -34.72 -9.27 25.37
CA HIS C 49 -35.02 -8.17 24.45
C HIS C 49 -36.26 -8.51 23.63
N ASN C 50 -36.65 -7.58 22.77
CA ASN C 50 -37.78 -7.77 21.88
C ASN C 50 -37.43 -7.34 20.46
N CYS C 52 -37.51 -5.61 16.67
CA CYS C 52 -37.44 -6.85 15.92
C CYS C 52 -36.00 -7.29 15.68
N MET C 53 -35.04 -6.45 16.07
CA MET C 53 -33.64 -6.79 15.85
C MET C 53 -33.27 -8.05 16.62
N ALA C 54 -33.67 -8.13 17.89
CA ALA C 54 -33.24 -9.24 18.73
C ALA C 54 -33.70 -10.58 18.18
N SER C 55 -34.95 -10.64 17.72
CA SER C 55 -35.47 -11.91 17.19
C SER C 55 -34.86 -12.24 15.83
N HIS C 56 -34.45 -11.24 15.07
CA HIS C 56 -33.93 -11.44 13.71
C HIS C 56 -32.41 -11.33 13.64
N LEU C 57 -31.73 -11.18 14.77
CA LEU C 57 -30.27 -11.19 14.82
C LEU C 57 -29.81 -12.52 15.38
N THR C 58 -28.92 -13.18 14.65
CA THR C 58 -28.41 -14.50 15.01
C THR C 58 -26.90 -14.49 14.93
N PRO C 59 -26.23 -15.41 15.63
CA PRO C 59 -24.76 -15.40 15.62
C PRO C 59 -24.17 -15.44 14.23
N ALA C 60 -24.76 -16.22 13.31
CA ALA C 60 -24.23 -16.30 11.96
C ALA C 60 -24.29 -14.94 11.27
N VAL C 61 -25.41 -14.23 11.39
CA VAL C 61 -25.56 -12.95 10.73
C VAL C 61 -24.55 -11.95 11.29
N TYR C 62 -24.44 -11.88 12.62
CA TYR C 62 -23.50 -10.95 13.22
C TYR C 62 -22.07 -11.26 12.80
N ALA C 63 -21.69 -12.53 12.81
CA ALA C 63 -20.35 -12.91 12.38
C ALA C 63 -20.12 -12.52 10.93
N ARG C 64 -21.11 -12.72 10.07
CA ARG C 64 -20.97 -12.38 8.67
C ARG C 64 -20.78 -10.88 8.49
N LEU C 65 -21.54 -10.07 9.21
CA LEU C 65 -21.54 -8.62 9.03
C LEU C 65 -20.67 -7.90 10.04
N CYS C 66 -19.91 -8.62 10.87
CA CYS C 66 -19.12 -7.97 11.91
C CYS C 66 -18.04 -7.06 11.34
N ASP C 67 -17.63 -7.27 10.08
CA ASP C 67 -16.53 -6.52 9.50
C ASP C 67 -16.95 -5.58 8.37
N LYS C 68 -18.13 -5.77 7.79
CA LYS C 68 -18.58 -4.89 6.72
C LYS C 68 -18.67 -3.45 7.24
N THR C 69 -18.80 -2.52 6.30
CA THR C 69 -18.97 -1.11 6.65
C THR C 69 -19.32 -0.33 5.39
N THR C 70 -20.20 0.66 5.54
CA THR C 70 -20.51 1.55 4.45
C THR C 70 -19.30 2.43 4.14
N PRO C 71 -19.23 3.00 2.93
CA PRO C 71 -18.06 3.82 2.58
C PRO C 71 -17.80 4.95 3.54
N THR C 72 -18.83 5.47 4.21
CA THR C 72 -18.67 6.55 5.16
C THR C 72 -18.27 6.06 6.54
N GLY C 73 -18.14 4.74 6.75
CA GLY C 73 -17.67 4.20 8.00
C GLY C 73 -18.74 3.64 8.91
N TRP C 74 -20.00 3.66 8.49
CA TRP C 74 -21.06 3.07 9.30
C TRP C 74 -20.84 1.57 9.44
N THR C 75 -21.12 1.04 10.64
CA THR C 75 -20.90 -0.36 10.94
C THR C 75 -22.14 -0.95 11.61
N LEU C 76 -22.18 -2.29 11.65
CA LEU C 76 -23.36 -2.98 12.15
C LEU C 76 -23.64 -2.63 13.61
N ASP C 77 -22.60 -2.59 14.44
CA ASP C 77 -22.80 -2.28 15.85
C ASP C 77 -23.47 -0.92 16.02
N GLN C 78 -23.09 0.06 15.20
CA GLN C 78 -23.75 1.35 15.25
C GLN C 78 -25.22 1.22 14.89
N CYS C 79 -25.55 0.39 13.89
CA CYS C 79 -26.94 0.20 13.51
C CYS C 79 -27.75 -0.38 14.66
N ILE C 80 -27.21 -1.38 15.36
CA ILE C 80 -27.99 -2.10 16.37
C ILE C 80 -27.81 -1.54 17.77
N GLN C 81 -27.03 -0.48 17.94
CA GLN C 81 -26.80 0.06 19.27
C GLN C 81 -28.09 0.53 19.92
N THR C 82 -28.94 1.23 19.17
CA THR C 82 -30.16 1.77 19.76
C THR C 82 -31.05 0.65 20.27
N GLY C 83 -31.20 -0.42 19.50
CA GLY C 83 -31.99 -1.54 19.96
C GLY C 83 -31.36 -2.28 21.12
N VAL C 84 -30.04 -2.43 21.10
CA VAL C 84 -29.36 -3.16 22.16
C VAL C 84 -29.50 -2.42 23.48
N ASP C 85 -29.34 -1.10 23.46
CA ASP C 85 -29.42 -0.34 24.71
C ASP C 85 -30.81 -0.42 25.31
N ASN C 86 -31.85 -0.35 24.47
CA ASN C 86 -33.22 -0.38 24.96
C ASN C 86 -33.80 -1.78 24.77
N PRO C 87 -33.97 -2.57 25.83
CA PRO C 87 -34.54 -3.91 25.64
C PRO C 87 -35.95 -3.90 25.07
N GLY C 88 -36.70 -2.82 25.29
CA GLY C 88 -38.06 -2.74 24.77
C GLY C 88 -39.06 -3.41 25.69
N HIS C 89 -40.15 -2.72 26.00
CA HIS C 89 -41.17 -3.28 26.87
C HIS C 89 -41.89 -4.42 26.16
N PRO C 90 -42.33 -5.44 26.91
CA PRO C 90 -43.07 -6.55 26.29
C PRO C 90 -44.35 -6.04 25.63
N PHE C 91 -44.72 -6.68 24.52
CA PHE C 91 -45.91 -6.35 23.75
C PHE C 91 -45.74 -5.06 22.95
N ILE C 92 -44.56 -4.47 22.93
CA ILE C 92 -44.29 -3.24 22.19
C ILE C 92 -43.28 -3.58 21.09
N LYS C 93 -43.66 -3.29 19.85
CA LYS C 93 -42.83 -3.61 18.69
C LYS C 93 -42.00 -2.38 18.32
N THR C 94 -40.69 -2.47 18.49
CA THR C 94 -39.76 -1.42 18.10
C THR C 94 -38.73 -1.99 17.15
N VAL C 95 -38.40 -1.23 16.11
CA VAL C 95 -37.48 -1.73 15.08
C VAL C 95 -36.12 -2.05 15.70
N GLY C 96 -35.58 -1.11 16.47
CA GLY C 96 -34.34 -1.33 17.17
C GLY C 96 -33.08 -1.04 16.40
N MET C 97 -33.18 -0.62 15.13
CA MET C 97 -32.01 -0.29 14.34
C MET C 97 -32.28 0.98 13.55
N VAL C 98 -31.18 1.62 13.12
CA VAL C 98 -31.23 2.80 12.28
C VAL C 98 -30.16 2.66 11.19
N ALA C 99 -30.19 3.59 10.23
CA ALA C 99 -29.26 3.60 9.11
C ALA C 99 -28.45 4.88 9.15
N GLY C 100 -27.15 4.76 8.88
CA GLY C 100 -26.26 5.91 8.90
C GLY C 100 -26.17 6.62 7.56
N ASP C 101 -26.57 5.93 6.49
CA ASP C 101 -26.56 6.52 5.16
C ASP C 101 -27.30 5.56 4.23
N GLU C 102 -27.36 5.92 2.95
CA GLU C 102 -28.08 5.10 1.98
C GLU C 102 -27.43 3.72 1.85
N GLU C 103 -26.13 3.69 1.57
CA GLU C 103 -25.43 2.43 1.35
C GLU C 103 -25.68 1.42 2.46
N THR C 104 -26.02 1.87 3.66
CA THR C 104 -26.30 0.94 4.75
C THR C 104 -27.33 -0.09 4.31
N TYR C 105 -28.47 0.35 3.78
CA TYR C 105 -29.52 -0.59 3.43
C TYR C 105 -29.04 -1.63 2.42
N GLU C 106 -28.00 -1.30 1.65
CA GLU C 106 -27.40 -2.27 0.76
C GLU C 106 -26.41 -3.14 1.52
N VAL C 107 -25.49 -2.52 2.25
CA VAL C 107 -24.40 -3.27 2.88
C VAL C 107 -24.95 -4.27 3.90
N PHE C 108 -25.87 -3.82 4.75
CA PHE C 108 -26.45 -4.66 5.79
C PHE C 108 -27.84 -5.15 5.42
N ALA C 109 -28.08 -5.41 4.13
CA ALA C 109 -29.39 -5.88 3.71
C ALA C 109 -29.75 -7.20 4.36
N ASP C 110 -28.75 -8.08 4.56
CA ASP C 110 -29.04 -9.40 5.12
C ASP C 110 -29.69 -9.30 6.50
N LEU C 111 -29.45 -8.19 7.21
CA LEU C 111 -30.06 -7.99 8.52
C LEU C 111 -31.34 -7.16 8.43
N PHE C 112 -31.32 -6.07 7.67
CA PHE C 112 -32.48 -5.19 7.62
C PHE C 112 -33.66 -5.87 6.94
N ASP C 113 -33.42 -6.63 5.87
CA ASP C 113 -34.52 -7.13 5.05
C ASP C 113 -35.54 -7.91 5.85
N PRO C 114 -35.16 -8.89 6.69
CA PRO C 114 -36.17 -9.52 7.54
C PRO C 114 -36.89 -8.52 8.43
N VAL C 115 -36.17 -7.51 8.94
CA VAL C 115 -36.80 -6.52 9.81
C VAL C 115 -37.82 -5.70 9.03
N ILE C 116 -37.44 -5.25 7.83
CA ILE C 116 -38.38 -4.49 7.01
C ILE C 116 -39.61 -5.32 6.68
N GLN C 117 -39.39 -6.59 6.32
CA GLN C 117 -40.52 -7.45 5.95
C GLN C 117 -41.45 -7.68 7.13
N GLU C 118 -40.89 -7.95 8.31
CA GLU C 118 -41.72 -8.15 9.49
C GLU C 118 -42.48 -6.88 9.85
N ARG C 119 -41.82 -5.73 9.72
CA ARG C 119 -42.46 -4.47 10.08
C ARG C 119 -43.64 -4.18 9.15
N HIS C 120 -43.42 -4.25 7.85
CA HIS C 120 -44.43 -3.89 6.86
C HIS C 120 -45.23 -5.10 6.39
N ASN C 121 -45.75 -5.85 7.36
CA ASN C 121 -46.74 -6.91 7.16
C ASN C 121 -46.55 -7.65 5.84
N GLY C 122 -45.33 -8.19 5.67
CA GLY C 122 -45.06 -9.15 4.62
C GLY C 122 -44.35 -8.61 3.40
N TYR C 123 -44.21 -7.29 3.27
CA TYR C 123 -43.51 -6.73 2.13
C TYR C 123 -42.10 -7.29 2.06
N ASP C 124 -41.70 -7.74 0.88
CA ASP C 124 -40.37 -8.34 0.70
C ASP C 124 -39.47 -7.38 -0.07
N PRO C 125 -38.51 -6.71 0.57
CA PRO C 125 -37.66 -5.78 -0.18
C PRO C 125 -36.87 -6.45 -1.29
N ARG C 126 -36.46 -7.71 -1.12
CA ARG C 126 -35.60 -8.34 -2.11
C ARG C 126 -36.32 -8.49 -3.45
N THR C 127 -37.58 -8.90 -3.43
CA THR C 127 -38.32 -9.20 -4.66
C THR C 127 -39.26 -8.07 -5.05
N MET C 128 -40.16 -7.68 -4.15
CA MET C 128 -41.16 -6.68 -4.50
C MET C 128 -40.51 -5.34 -4.82
N LYS C 129 -41.28 -4.48 -5.48
CA LYS C 129 -40.83 -3.15 -5.87
C LYS C 129 -41.85 -2.12 -5.38
N HIS C 130 -41.36 -0.89 -5.23
CA HIS C 130 -42.18 0.21 -4.71
C HIS C 130 -42.45 1.22 -5.81
N THR C 131 -43.67 1.75 -5.81
CA THR C 131 -44.10 2.76 -6.77
C THR C 131 -44.59 3.99 -6.02
N THR C 132 -44.20 5.17 -6.51
CA THR C 132 -44.50 6.43 -5.85
C THR C 132 -45.35 7.30 -6.77
N ASP C 133 -46.46 7.80 -6.24
CA ASP C 133 -47.30 8.76 -6.93
C ASP C 133 -47.73 9.84 -5.95
N LEU C 134 -47.91 11.06 -6.46
CA LEU C 134 -48.29 12.18 -5.61
C LEU C 134 -49.34 13.05 -6.28
N ASP C 135 -50.23 12.45 -7.07
CA ASP C 135 -51.28 13.20 -7.76
C ASP C 135 -52.46 13.43 -6.82
N ALA C 136 -52.84 14.68 -6.65
CA ALA C 136 -53.99 15.04 -5.83
C ALA C 136 -55.29 15.03 -6.62
N SER C 137 -55.24 14.73 -7.92
CA SER C 137 -56.46 14.58 -8.69
C SER C 137 -57.15 13.24 -8.43
N LYS C 138 -56.37 12.18 -8.19
CA LYS C 138 -56.95 10.86 -8.02
C LYS C 138 -57.85 10.81 -6.79
N ILE C 139 -57.43 11.44 -5.69
CA ILE C 139 -58.17 11.41 -4.43
C ILE C 139 -59.61 11.87 -4.68
N ARG C 140 -60.54 11.30 -3.92
CA ARG C 140 -61.94 11.70 -3.98
C ARG C 140 -62.44 11.99 -2.57
N SER C 141 -63.74 12.23 -2.43
CA SER C 141 -64.33 12.53 -1.12
C SER C 141 -63.65 13.75 -0.52
N GLY C 142 -62.65 13.52 0.34
CA GLY C 142 -61.90 14.62 0.92
C GLY C 142 -62.62 15.31 2.06
N TYR C 143 -63.74 15.97 1.76
CA TYR C 143 -64.47 16.71 2.78
C TYR C 143 -64.95 15.76 3.87
N PHE C 144 -64.76 16.16 5.12
CA PHE C 144 -65.17 15.40 6.29
C PHE C 144 -66.32 16.13 6.98
N ASP C 145 -66.76 15.57 8.11
CA ASP C 145 -67.81 16.15 8.92
C ASP C 145 -67.19 16.70 10.21
N GLU C 146 -67.54 17.94 10.54
CA GLU C 146 -66.97 18.60 11.72
C GLU C 146 -67.66 18.06 12.98
N ARG C 147 -67.42 16.78 13.24
CA ARG C 147 -67.91 16.11 14.43
C ARG C 147 -66.77 15.73 15.38
N TYR C 148 -65.78 15.00 14.88
CA TYR C 148 -64.59 14.67 15.64
C TYR C 148 -63.31 14.88 14.86
N VAL C 149 -63.39 15.28 13.59
CA VAL C 149 -62.19 15.44 12.77
C VAL C 149 -61.26 16.49 13.38
N LEU C 150 -61.83 17.63 13.78
CA LEU C 150 -61.06 18.67 14.45
C LEU C 150 -59.95 19.21 13.54
N SER C 151 -58.93 18.40 13.27
CA SER C 151 -57.79 18.82 12.48
C SER C 151 -57.36 17.68 11.58
N SER C 152 -56.65 18.05 10.50
CA SER C 152 -56.10 17.09 9.56
C SER C 152 -54.65 17.45 9.26
N ARG C 153 -53.85 16.42 9.02
CA ARG C 153 -52.42 16.60 8.80
C ARG C 153 -51.89 15.50 7.88
N VAL C 154 -50.80 15.82 7.19
CA VAL C 154 -50.06 14.85 6.39
C VAL C 154 -48.58 15.11 6.60
N ARG C 155 -47.79 14.04 6.69
CA ARG C 155 -46.37 14.16 7.02
C ARG C 155 -45.56 13.17 6.20
N THR C 156 -44.39 13.62 5.75
CA THR C 156 -43.44 12.74 5.07
C THR C 156 -42.02 13.17 5.43
N GLY C 157 -41.05 12.36 5.02
CA GLY C 157 -39.66 12.67 5.24
C GLY C 157 -38.87 12.55 3.94
N ARG C 158 -37.75 13.25 3.91
CA ARG C 158 -36.90 13.27 2.73
C ARG C 158 -35.45 13.45 3.15
N SER C 159 -34.56 12.70 2.52
CA SER C 159 -33.13 12.72 2.80
C SER C 159 -32.38 13.17 1.56
N ILE C 160 -31.42 14.08 1.74
CA ILE C 160 -30.62 14.58 0.63
C ILE C 160 -29.51 13.59 0.33
N ARG C 161 -29.38 13.22 -0.95
CA ARG C 161 -28.36 12.27 -1.34
C ARG C 161 -26.97 12.88 -1.19
N GLY C 162 -26.00 12.01 -0.90
CA GLY C 162 -24.63 12.45 -0.71
C GLY C 162 -24.31 12.95 0.67
N LEU C 163 -25.28 12.98 1.59
CA LEU C 163 -25.08 13.48 2.94
C LEU C 163 -25.52 12.40 3.93
N SER C 164 -24.70 12.15 4.94
CA SER C 164 -24.99 11.11 5.91
C SER C 164 -26.25 11.44 6.69
N LEU C 165 -26.97 10.39 7.10
CA LEU C 165 -28.22 10.56 7.79
C LEU C 165 -27.97 11.01 9.23
N PRO C 166 -29.00 11.51 9.91
CA PRO C 166 -28.80 12.17 11.21
C PRO C 166 -28.04 11.30 12.19
N PRO C 167 -28.29 9.99 12.23
CA PRO C 167 -27.54 9.15 13.18
C PRO C 167 -26.04 9.23 13.02
N ALA C 168 -25.55 9.39 11.78
CA ALA C 168 -24.13 9.41 11.50
C ALA C 168 -23.61 10.75 11.00
N CYS C 169 -24.48 11.70 10.70
CA CYS C 169 -24.03 12.97 10.11
C CYS C 169 -23.16 13.73 11.09
N THR C 170 -22.11 14.37 10.57
CA THR C 170 -21.26 15.23 11.36
C THR C 170 -21.81 16.65 11.35
N ARG C 171 -21.11 17.56 12.03
CA ARG C 171 -21.56 18.95 12.07
C ARG C 171 -21.55 19.56 10.67
N ALA C 172 -20.50 19.30 9.89
CA ALA C 172 -20.42 19.86 8.55
C ALA C 172 -21.56 19.38 7.67
N GLU C 173 -21.86 18.08 7.71
CA GLU C 173 -22.94 17.54 6.88
C GLU C 173 -24.29 18.09 7.31
N ARG C 174 -24.51 18.22 8.62
CA ARG C 174 -25.76 18.78 9.10
C ARG C 174 -25.92 20.22 8.62
N ARG C 175 -24.86 21.02 8.72
CA ARG C 175 -24.92 22.40 8.24
C ARG C 175 -25.16 22.45 6.74
N GLU C 176 -24.55 21.53 6.00
CA GLU C 176 -24.77 21.48 4.55
C GLU C 176 -26.22 21.18 4.23
N VAL C 177 -26.82 20.22 4.95
CA VAL C 177 -28.22 19.89 4.74
C VAL C 177 -29.08 21.12 5.01
N GLU C 178 -28.82 21.81 6.12
CA GLU C 178 -29.60 22.99 6.46
C GLU C 178 -29.47 24.05 5.38
N ARG C 179 -28.25 24.28 4.90
N ARG C 179 -28.25 24.28 4.90
CA ARG C 179 -28.04 25.31 3.88
CA ARG C 179 -28.04 25.30 3.88
C ARG C 179 -28.78 24.95 2.59
C ARG C 179 -28.79 24.95 2.60
N VAL C 180 -28.69 23.69 2.16
CA VAL C 180 -29.36 23.28 0.93
C VAL C 180 -30.86 23.50 1.06
N VAL C 181 -31.44 23.02 2.16
CA VAL C 181 -32.88 23.12 2.33
C VAL C 181 -33.32 24.57 2.41
N VAL C 182 -32.58 25.39 3.15
CA VAL C 182 -32.98 26.80 3.31
C VAL C 182 -32.88 27.53 1.98
N ASP C 183 -31.79 27.34 1.25
CA ASP C 183 -31.65 28.01 -0.04
C ASP C 183 -32.74 27.57 -1.00
N ALA C 184 -33.07 26.28 -1.01
CA ALA C 184 -34.16 25.81 -1.87
C ALA C 184 -35.48 26.47 -1.48
N LEU C 185 -35.84 26.41 -0.19
CA LEU C 185 -37.12 26.96 0.24
C LEU C 185 -37.20 28.45 0.01
N SER C 186 -36.06 29.14 -0.03
CA SER C 186 -36.09 30.57 -0.30
C SER C 186 -36.72 30.87 -1.66
N GLY C 187 -36.62 29.94 -2.60
CA GLY C 187 -37.16 30.14 -3.94
C GLY C 187 -38.64 29.90 -4.07
N LEU C 188 -39.29 29.36 -3.05
CA LEU C 188 -40.73 29.14 -3.11
C LEU C 188 -41.46 30.48 -3.23
N LYS C 189 -42.49 30.51 -4.06
CA LYS C 189 -43.27 31.71 -4.30
C LYS C 189 -44.75 31.38 -4.26
N GLY C 190 -45.56 32.39 -3.95
CA GLY C 190 -47.00 32.22 -3.90
C GLY C 190 -47.51 31.87 -2.52
N ASP C 191 -48.50 30.98 -2.46
CA ASP C 191 -49.06 30.61 -1.17
C ASP C 191 -48.03 29.94 -0.27
N LEU C 192 -47.18 29.09 -0.86
CA LEU C 192 -46.19 28.36 -0.08
C LEU C 192 -44.92 29.20 0.13
N ALA C 193 -45.09 30.44 0.59
CA ALA C 193 -43.97 31.33 0.85
C ALA C 193 -44.00 31.71 2.32
N GLY C 194 -42.87 31.55 2.99
CA GLY C 194 -42.79 31.82 4.41
C GLY C 194 -41.37 32.10 4.85
N ARG C 195 -41.07 31.71 6.09
CA ARG C 195 -39.79 32.03 6.70
C ARG C 195 -39.21 30.82 7.40
N TYR C 196 -37.88 30.82 7.51
CA TYR C 196 -37.11 29.80 8.21
C TYR C 196 -36.63 30.36 9.54
N TYR C 197 -36.95 29.66 10.62
CA TYR C 197 -36.55 30.04 11.96
C TYR C 197 -35.54 29.03 12.50
N ARG C 198 -34.40 29.54 12.93
CA ARG C 198 -33.34 28.71 13.48
C ARG C 198 -33.55 28.52 14.98
N LEU C 199 -33.39 27.28 15.44
CA LEU C 199 -33.57 26.99 16.85
C LEU C 199 -32.60 27.79 17.71
N SER C 200 -31.34 27.86 17.27
CA SER C 200 -30.33 28.57 18.05
C SER C 200 -30.68 30.04 18.25
N GLU C 201 -31.50 30.62 17.39
CA GLU C 201 -31.84 32.04 17.45
C GLU C 201 -33.28 32.27 17.89
N MET C 202 -33.92 31.27 18.49
CA MET C 202 -35.32 31.34 18.90
C MET C 202 -35.43 31.27 20.41
N THR C 203 -36.27 32.13 20.97
CA THR C 203 -36.43 32.19 22.42
C THR C 203 -37.10 30.91 22.94
N GLU C 204 -36.79 30.56 24.18
CA GLU C 204 -37.37 29.37 24.78
C GLU C 204 -38.88 29.47 24.89
N ALA C 205 -39.39 30.64 25.27
CA ALA C 205 -40.83 30.82 25.38
C ALA C 205 -41.51 30.65 24.02
N GLU C 206 -40.92 31.25 22.98
CA GLU C 206 -41.47 31.09 21.64
C GLU C 206 -41.45 29.64 21.20
N GLN C 207 -40.36 28.92 21.50
CA GLN C 207 -40.29 27.51 21.15
C GLN C 207 -41.36 26.71 21.86
N GLN C 208 -41.57 26.97 23.16
CA GLN C 208 -42.60 26.26 23.90
C GLN C 208 -43.99 26.56 23.32
N GLN C 209 -44.24 27.82 22.99
CA GLN C 209 -45.53 28.18 22.41
C GLN C 209 -45.75 27.46 21.08
N LEU C 210 -44.71 27.41 20.24
CA LEU C 210 -44.83 26.70 18.97
C LEU C 210 -45.08 25.21 19.19
N ILE C 211 -44.40 24.62 20.17
CA ILE C 211 -44.60 23.21 20.46
C ILE C 211 -46.04 22.96 20.88
N ASP C 212 -46.56 23.81 21.78
CA ASP C 212 -47.94 23.66 22.22
C ASP C 212 -48.91 23.81 21.06
N ASP C 213 -48.66 24.76 20.18
CA ASP C 213 -49.47 24.96 18.98
C ASP C 213 -49.20 23.90 17.92
N HIS C 214 -48.40 22.88 18.20
CA HIS C 214 -48.10 21.83 17.24
C HIS C 214 -47.40 22.40 16.00
N PHE C 215 -46.48 23.34 16.23
CA PHE C 215 -45.71 23.98 15.17
C PHE C 215 -44.24 24.01 15.53
N LEU C 216 -43.73 22.93 16.12
CA LEU C 216 -42.32 22.83 16.48
C LEU C 216 -42.05 21.42 16.98
N PHE C 217 -40.77 21.14 17.19
CA PHE C 217 -40.32 19.86 17.73
C PHE C 217 -39.47 20.11 18.98
N ASP C 218 -39.62 19.25 19.97
CA ASP C 218 -38.92 19.40 21.24
C ASP C 218 -37.55 18.71 21.17
N LYS C 219 -36.68 19.10 22.09
CA LYS C 219 -35.37 18.49 22.17
C LYS C 219 -35.52 17.00 22.47
N PRO C 220 -34.89 16.11 21.70
CA PRO C 220 -35.05 14.67 21.98
C PRO C 220 -34.54 14.33 23.37
N VAL C 221 -35.38 13.63 24.13
CA VAL C 221 -34.99 13.16 25.46
C VAL C 221 -35.27 11.67 25.66
N SER C 222 -36.09 11.04 24.83
CA SER C 222 -36.36 9.63 25.00
C SER C 222 -35.07 8.84 24.83
N PRO C 223 -34.86 7.76 25.59
CA PRO C 223 -33.61 6.99 25.43
C PRO C 223 -33.41 6.46 24.04
N LEU C 224 -34.48 6.16 23.30
CA LEU C 224 -34.34 5.67 21.94
C LEU C 224 -33.58 6.66 21.08
N LEU C 225 -33.96 7.94 21.15
CA LEU C 225 -33.34 8.95 20.31
C LEU C 225 -31.86 9.11 20.65
N THR C 226 -31.55 9.32 21.92
CA THR C 226 -30.18 9.56 22.33
C THR C 226 -29.29 8.35 22.09
N ALA C 227 -29.79 7.14 22.34
CA ALA C 227 -28.99 5.95 22.08
C ALA C 227 -28.61 5.85 20.61
N ALA C 228 -29.52 6.28 19.72
CA ALA C 228 -29.21 6.35 18.30
C ALA C 228 -28.21 7.45 17.97
N GLY C 229 -27.91 8.32 18.91
CA GLY C 229 -26.98 9.41 18.66
C GLY C 229 -27.50 10.44 17.68
N MET C 230 -28.79 10.80 17.78
CA MET C 230 -29.39 11.80 16.91
C MET C 230 -29.65 13.11 17.62
N ALA C 231 -29.32 13.22 18.91
CA ALA C 231 -29.43 14.47 19.64
C ALA C 231 -28.10 15.20 19.74
N ARG C 232 -27.09 14.74 19.01
CA ARG C 232 -25.77 15.34 19.08
C ARG C 232 -25.81 16.79 18.62
N ASP C 233 -25.05 17.65 19.30
CA ASP C 233 -24.85 19.04 18.92
C ASP C 233 -26.15 19.84 18.94
N TRP C 234 -27.15 19.40 19.68
CA TRP C 234 -28.40 20.15 19.75
C TRP C 234 -28.14 21.52 20.38
N PRO C 235 -28.77 22.59 19.88
CA PRO C 235 -29.71 22.69 18.77
C PRO C 235 -29.05 23.17 17.48
N ASP C 236 -27.75 22.97 17.32
CA ASP C 236 -27.05 23.50 16.17
C ASP C 236 -27.56 22.85 14.89
N ALA C 237 -27.92 23.69 13.91
CA ALA C 237 -28.30 23.27 12.57
C ALA C 237 -29.67 22.60 12.52
N ARG C 238 -30.55 22.87 13.48
CA ARG C 238 -31.92 22.40 13.46
C ARG C 238 -32.84 23.62 13.30
N GLY C 239 -33.83 23.51 12.42
CA GLY C 239 -34.67 24.65 12.15
C GLY C 239 -36.08 24.26 11.74
N ILE C 240 -36.92 25.28 11.55
CA ILE C 240 -38.30 25.08 11.15
C ILE C 240 -38.66 26.15 10.12
N TRP C 241 -39.01 25.74 8.91
CA TRP C 241 -39.46 26.65 7.87
C TRP C 241 -40.97 26.49 7.73
N HIS C 242 -41.71 27.58 7.88
CA HIS C 242 -43.16 27.50 7.76
C HIS C 242 -43.68 28.65 6.92
N ASN C 243 -44.76 28.37 6.19
CA ASN C 243 -45.39 29.38 5.35
C ASN C 243 -46.06 30.44 6.21
N ASN C 244 -46.51 31.52 5.56
CA ASN C 244 -47.13 32.61 6.29
C ASN C 244 -48.39 32.14 7.01
N GLU C 245 -49.23 31.36 6.33
CA GLU C 245 -50.45 30.84 6.95
C GLU C 245 -50.16 29.74 7.96
N LYS C 246 -48.93 29.26 8.04
CA LYS C 246 -48.54 28.17 8.94
C LYS C 246 -49.27 26.87 8.59
N SER C 247 -49.75 26.74 7.36
CA SER C 247 -50.37 25.52 6.88
C SER C 247 -49.38 24.61 6.16
N PHE C 248 -48.11 24.99 6.09
CA PHE C 248 -47.10 24.17 5.43
C PHE C 248 -45.79 24.37 6.19
N LEU C 249 -45.32 23.30 6.84
CA LEU C 249 -44.15 23.34 7.70
C LEU C 249 -43.11 22.33 7.24
N ILE C 250 -41.86 22.59 7.60
CA ILE C 250 -40.74 21.72 7.27
C ILE C 250 -39.75 21.78 8.41
N TRP C 251 -39.52 20.63 9.06
CA TRP C 251 -38.54 20.52 10.13
C TRP C 251 -37.22 20.07 9.52
N VAL C 252 -36.17 20.86 9.76
CA VAL C 252 -34.85 20.60 9.21
C VAL C 252 -33.98 20.05 10.33
N ASN C 253 -33.52 18.80 10.16
CA ASN C 253 -32.59 18.14 11.07
C ASN C 253 -33.20 17.97 12.46
N GLU C 254 -34.32 17.24 12.51
CA GLU C 254 -34.91 16.81 13.76
C GLU C 254 -34.92 15.29 13.89
N GLU C 255 -35.52 14.58 12.94
CA GLU C 255 -35.38 13.13 12.81
C GLU C 255 -34.84 12.71 11.46
N ASP C 256 -35.05 13.52 10.43
CA ASP C 256 -34.50 13.29 9.10
C ASP C 256 -33.97 14.61 8.56
N HIS C 257 -33.27 14.53 7.43
CA HIS C 257 -32.78 15.75 6.79
C HIS C 257 -33.91 16.73 6.58
N THR C 258 -35.08 16.24 6.20
CA THR C 258 -36.26 17.08 6.04
C THR C 258 -37.50 16.30 6.46
N ARG C 259 -38.38 16.95 7.21
CA ARG C 259 -39.69 16.42 7.54
C ARG C 259 -40.74 17.42 7.08
N VAL C 260 -41.47 17.08 6.03
CA VAL C 260 -42.48 17.95 5.44
C VAL C 260 -43.83 17.64 6.06
N ILE C 261 -44.56 18.70 6.42
CA ILE C 261 -45.87 18.56 7.05
C ILE C 261 -46.82 19.56 6.41
N SER C 262 -48.04 19.10 6.11
CA SER C 262 -49.12 19.95 5.63
C SER C 262 -50.27 19.80 6.61
N MET C 263 -50.68 20.92 7.22
CA MET C 263 -51.66 20.92 8.28
C MET C 263 -52.89 21.72 7.86
N GLU C 264 -54.01 21.44 8.51
CA GLU C 264 -55.23 22.22 8.32
C GLU C 264 -56.15 21.97 9.50
N LYS C 265 -56.45 23.03 10.26
CA LYS C 265 -57.30 22.91 11.44
C LYS C 265 -58.75 22.73 10.99
N GLY C 266 -59.01 21.57 10.39
CA GLY C 266 -60.33 21.24 9.88
C GLY C 266 -60.43 19.79 9.47
N GLY C 267 -61.14 19.53 8.37
CA GLY C 267 -61.31 18.17 7.89
C GLY C 267 -61.29 18.06 6.38
N ASN C 268 -60.83 19.11 5.71
CA ASN C 268 -60.77 19.12 4.24
C ASN C 268 -59.46 18.47 3.79
N MET C 269 -59.38 17.15 4.03
CA MET C 269 -58.16 16.41 3.71
C MET C 269 -57.77 16.57 2.25
N LYS C 270 -58.75 16.76 1.37
CA LYS C 270 -58.44 16.94 -0.05
C LYS C 270 -57.52 18.14 -0.27
N ARG C 271 -57.88 19.29 0.29
CA ARG C 271 -57.07 20.49 0.12
C ARG C 271 -55.71 20.32 0.77
N VAL C 272 -55.67 19.70 1.96
CA VAL C 272 -54.41 19.51 2.65
C VAL C 272 -53.46 18.67 1.80
N PHE C 273 -53.96 17.57 1.24
CA PHE C 273 -53.11 16.72 0.41
C PHE C 273 -52.72 17.42 -0.88
N GLU C 274 -53.62 18.22 -1.46
CA GLU C 274 -53.27 18.96 -2.66
C GLU C 274 -52.10 19.90 -2.39
N ARG C 275 -52.22 20.70 -1.33
CA ARG C 275 -51.12 21.60 -0.96
C ARG C 275 -49.85 20.80 -0.69
N PHE C 276 -49.98 19.69 0.04
CA PHE C 276 -48.82 18.87 0.37
C PHE C 276 -48.08 18.43 -0.89
N CYS C 277 -48.81 17.82 -1.82
CA CYS C 277 -48.14 17.26 -3.00
C CYS C 277 -47.56 18.37 -3.88
N ARG C 278 -48.30 19.46 -4.08
CA ARG C 278 -47.76 20.51 -4.95
C ARG C 278 -46.53 21.15 -4.33
N GLY C 279 -46.56 21.43 -3.02
CA GLY C 279 -45.41 21.99 -2.37
C GLY C 279 -44.22 21.05 -2.39
N LEU C 280 -44.47 19.76 -2.20
CA LEU C 280 -43.38 18.79 -2.27
C LEU C 280 -42.76 18.75 -3.65
N LYS C 281 -43.60 18.81 -4.69
CA LYS C 281 -43.08 18.83 -6.06
C LYS C 281 -42.22 20.07 -6.29
N GLU C 282 -42.70 21.24 -5.83
CA GLU C 282 -41.92 22.46 -6.02
C GLU C 282 -40.60 22.38 -5.27
N VAL C 283 -40.62 21.88 -4.04
CA VAL C 283 -39.39 21.76 -3.25
C VAL C 283 -38.41 20.83 -3.94
N GLU C 284 -38.89 19.70 -4.45
CA GLU C 284 -38.01 18.78 -5.15
C GLU C 284 -37.42 19.43 -6.39
N ARG C 285 -38.24 20.16 -7.16
CA ARG C 285 -37.73 20.83 -8.34
C ARG C 285 -36.61 21.80 -7.97
N LEU C 286 -36.82 22.59 -6.92
CA LEU C 286 -35.78 23.52 -6.50
C LEU C 286 -34.54 22.79 -6.02
N ILE C 287 -34.72 21.62 -5.39
CA ILE C 287 -33.57 20.84 -4.95
C ILE C 287 -32.74 20.41 -6.15
N GLN C 288 -33.38 19.82 -7.16
CA GLN C 288 -32.63 19.41 -8.34
C GLN C 288 -32.08 20.59 -9.11
N GLU C 289 -32.65 21.79 -8.95
CA GLU C 289 -32.12 22.95 -9.64
C GLU C 289 -30.66 23.19 -9.26
N ARG C 290 -30.33 23.06 -7.97
CA ARG C 290 -28.98 23.29 -7.48
C ARG C 290 -28.09 22.07 -7.61
N GLY C 291 -28.60 20.94 -8.07
CA GLY C 291 -27.80 19.75 -8.27
C GLY C 291 -27.91 18.71 -7.18
N TRP C 292 -28.85 18.84 -6.25
CA TRP C 292 -29.05 17.87 -5.19
C TRP C 292 -30.23 16.96 -5.52
N GLU C 293 -30.20 15.76 -4.96
CA GLU C 293 -31.23 14.75 -5.22
C GLU C 293 -31.63 14.08 -3.92
N PHE C 294 -32.93 13.82 -3.78
CA PHE C 294 -33.41 13.04 -2.65
C PHE C 294 -32.98 11.59 -2.80
N MET C 295 -32.56 10.98 -1.69
CA MET C 295 -32.26 9.56 -1.71
C MET C 295 -33.51 8.80 -2.12
N TRP C 296 -33.35 7.87 -3.07
CA TRP C 296 -34.49 7.10 -3.55
C TRP C 296 -34.03 5.93 -4.41
N ASN C 297 -34.54 4.74 -4.13
CA ASN C 297 -34.30 3.58 -4.96
C ASN C 297 -35.58 2.76 -5.06
N GLU C 298 -35.70 2.00 -6.14
CA GLU C 298 -36.96 1.35 -6.46
C GLU C 298 -37.39 0.38 -5.36
N ARG C 299 -36.45 -0.41 -4.83
CA ARG C 299 -36.82 -1.45 -3.87
C ARG C 299 -37.44 -0.85 -2.62
N LEU C 300 -36.87 0.25 -2.11
CA LEU C 300 -37.29 0.82 -0.85
C LEU C 300 -38.00 2.15 -0.98
N GLY C 301 -37.85 2.85 -2.11
CA GLY C 301 -38.38 4.19 -2.23
C GLY C 301 -37.51 5.19 -1.47
N TYR C 302 -38.15 6.22 -0.95
CA TYR C 302 -37.44 7.25 -0.21
C TYR C 302 -36.76 6.64 1.02
N ILE C 303 -35.49 6.99 1.21
CA ILE C 303 -34.66 6.37 2.25
C ILE C 303 -34.66 7.27 3.48
N LEU C 304 -34.98 6.69 4.63
CA LEU C 304 -35.00 7.40 5.90
C LEU C 304 -34.31 6.55 6.95
N THR C 305 -34.18 7.11 8.16
CA THR C 305 -33.39 6.45 9.21
C THR C 305 -34.12 5.23 9.75
N CYS C 306 -35.28 5.43 10.35
CA CYS C 306 -36.03 4.32 10.92
C CYS C 306 -36.54 3.42 9.81
N PRO C 307 -36.21 2.12 9.81
CA PRO C 307 -36.77 1.25 8.77
C PRO C 307 -38.29 1.22 8.76
N SER C 308 -38.94 1.58 9.86
CA SER C 308 -40.39 1.65 9.88
C SER C 308 -40.94 2.74 8.97
N ASN C 309 -40.15 3.78 8.69
CA ASN C 309 -40.58 4.90 7.88
C ASN C 309 -40.19 4.77 6.41
N LEU C 310 -39.60 3.64 6.02
CA LEU C 310 -39.20 3.46 4.64
C LEU C 310 -40.42 3.50 3.72
N GLY C 311 -40.15 3.50 2.42
CA GLY C 311 -41.21 3.53 1.44
C GLY C 311 -41.57 4.94 1.04
N THR C 312 -42.61 5.49 1.67
CA THR C 312 -43.08 6.84 1.38
C THR C 312 -42.97 7.78 2.57
N GLY C 313 -42.99 7.26 3.79
CA GLY C 313 -42.99 8.11 4.97
C GLY C 313 -44.29 8.81 5.24
N LEU C 314 -45.32 8.58 4.43
CA LEU C 314 -46.59 9.27 4.61
C LEU C 314 -47.30 8.77 5.86
N ARG C 315 -47.78 9.71 6.67
CA ARG C 315 -48.56 9.41 7.86
C ARG C 315 -49.79 10.31 7.93
N ALA C 316 -50.53 10.38 6.83
CA ALA C 316 -51.77 11.13 6.83
C ALA C 316 -52.68 10.65 7.96
N GLY C 317 -53.18 11.59 8.76
CA GLY C 317 -54.00 11.25 9.90
C GLY C 317 -54.82 12.43 10.34
N VAL C 318 -55.58 12.22 11.42
CA VAL C 318 -56.47 13.23 11.97
C VAL C 318 -56.56 13.04 13.49
N HIS C 319 -57.12 14.04 14.15
CA HIS C 319 -57.40 13.99 15.58
C HIS C 319 -58.88 13.69 15.79
N ILE C 320 -59.16 12.82 16.76
CA ILE C 320 -60.51 12.35 17.02
C ILE C 320 -60.79 12.46 18.52
N LYS C 321 -62.08 12.45 18.86
CA LYS C 321 -62.52 12.67 20.22
C LYS C 321 -62.64 11.36 20.99
N LEU C 322 -62.64 11.47 22.32
CA LEU C 322 -62.71 10.33 23.22
C LEU C 322 -64.13 9.79 23.44
N PRO C 323 -65.12 10.65 23.74
CA PRO C 323 -66.35 10.15 24.38
C PRO C 323 -67.12 9.11 23.57
N LEU C 324 -67.61 9.48 22.40
CA LEU C 324 -68.40 8.57 21.59
C LEU C 324 -67.58 7.43 21.02
N LEU C 325 -66.25 7.49 21.16
CA LEU C 325 -65.33 6.53 20.55
C LEU C 325 -64.67 5.62 21.57
N SER C 326 -64.09 6.16 22.63
CA SER C 326 -63.34 5.33 23.57
C SER C 326 -64.21 4.25 24.18
N LYS C 327 -65.48 4.55 24.45
CA LYS C 327 -66.40 3.62 25.11
C LYS C 327 -66.99 2.59 24.16
N ASP C 328 -66.42 2.41 22.97
CA ASP C 328 -66.95 1.46 22.00
C ASP C 328 -66.65 0.04 22.46
N SER C 329 -67.05 -0.95 21.66
CA SER C 329 -66.93 -2.34 22.08
C SER C 329 -65.53 -2.90 21.78
N ARG C 330 -65.18 -2.98 20.50
CA ARG C 330 -63.95 -3.66 20.08
C ARG C 330 -63.20 -2.81 19.05
N PHE C 331 -63.03 -1.53 19.36
CA PHE C 331 -62.34 -0.63 18.42
C PHE C 331 -60.97 -1.14 17.99
N PRO C 332 -60.13 -1.71 18.86
CA PRO C 332 -58.83 -2.21 18.37
C PRO C 332 -58.97 -3.19 17.22
N LYS C 333 -59.95 -4.09 17.29
CA LYS C 333 -60.19 -5.00 16.17
C LYS C 333 -60.57 -4.22 14.92
N ILE C 334 -61.39 -3.17 15.08
CA ILE C 334 -61.76 -2.35 13.93
C ILE C 334 -60.54 -1.71 13.30
N LEU C 335 -59.67 -1.13 14.13
CA LEU C 335 -58.49 -0.47 13.62
C LEU C 335 -57.58 -1.45 12.90
N GLU C 336 -57.41 -2.65 13.47
CA GLU C 336 -56.62 -3.66 12.78
C GLU C 336 -57.24 -4.03 11.44
N ASN C 337 -58.56 -4.19 11.40
CA ASN C 337 -59.22 -4.60 10.17
C ASN C 337 -59.09 -3.54 9.07
N LEU C 338 -59.28 -2.28 9.43
CA LEU C 338 -59.19 -1.18 8.48
C LEU C 338 -57.77 -0.63 8.32
N ARG C 339 -56.78 -1.23 8.96
CA ARG C 339 -55.38 -0.83 8.80
C ARG C 339 -55.17 0.62 9.21
N LEU C 340 -55.47 0.88 10.49
CA LEU C 340 -55.32 2.21 11.07
C LEU C 340 -54.47 2.12 12.33
N GLN C 341 -53.76 3.20 12.61
CA GLN C 341 -52.91 3.32 13.79
C GLN C 341 -53.51 4.38 14.70
N LYS C 342 -53.79 4.01 15.94
CA LYS C 342 -54.36 4.90 16.94
C LYS C 342 -53.32 5.13 18.03
N ARG C 343 -52.99 6.40 18.29
CA ARG C 343 -52.00 6.75 19.29
C ARG C 343 -52.48 7.95 20.09
N GLY C 344 -51.76 8.24 21.17
CA GLY C 344 -52.17 9.33 22.04
C GLY C 344 -51.94 10.68 21.38
N THR C 345 -52.85 11.60 21.66
CA THR C 345 -52.74 12.95 21.11
C THR C 345 -51.56 13.69 21.76
N GLY C 346 -50.79 14.38 20.92
CA GLY C 346 -49.65 15.12 21.40
C GLY C 346 -48.33 14.42 21.08
N VAL C 356 -59.45 11.57 23.45
CA VAL C 356 -58.97 12.21 22.24
C VAL C 356 -57.69 11.52 21.78
N PHE C 357 -57.66 11.10 20.51
CA PHE C 357 -56.55 10.31 19.99
C PHE C 357 -56.18 10.82 18.60
N ASP C 358 -55.09 10.28 18.05
CA ASP C 358 -54.69 10.52 16.68
C ASP C 358 -54.81 9.22 15.91
N ILE C 359 -55.54 9.25 14.80
CA ILE C 359 -55.77 8.08 13.97
C ILE C 359 -55.15 8.33 12.61
N SER C 360 -54.36 7.37 12.14
CA SER C 360 -53.61 7.52 10.90
C SER C 360 -53.47 6.15 10.25
N ASN C 361 -52.55 6.01 9.31
CA ASN C 361 -52.26 4.74 8.66
C ASN C 361 -51.07 4.06 9.33
N LEU C 362 -50.96 2.75 9.10
CA LEU C 362 -49.92 1.95 9.74
C LEU C 362 -48.68 1.80 8.86
N ASP C 363 -48.86 1.26 7.66
CA ASP C 363 -47.75 0.92 6.79
C ASP C 363 -47.53 2.00 5.74
N ARG C 364 -46.25 2.29 5.47
CA ARG C 364 -45.85 3.23 4.45
C ARG C 364 -45.22 2.54 3.24
N LEU C 365 -44.39 1.54 3.46
CA LEU C 365 -43.82 0.77 2.36
C LEU C 365 -44.92 -0.06 1.70
N GLY C 366 -44.81 -0.23 0.39
CA GLY C 366 -45.82 -0.93 -0.37
C GLY C 366 -46.79 0.00 -1.04
N LYS C 367 -47.95 0.22 -0.43
CA LYS C 367 -48.98 1.09 -0.99
C LYS C 367 -48.39 2.44 -1.34
N SER C 368 -49.03 3.16 -2.26
CA SER C 368 -48.57 4.47 -2.67
C SER C 368 -49.20 5.57 -1.82
N GLU C 369 -48.70 6.80 -1.99
CA GLU C 369 -49.19 7.91 -1.17
C GLU C 369 -50.67 8.15 -1.40
N VAL C 370 -51.10 8.17 -2.66
CA VAL C 370 -52.52 8.34 -2.95
C VAL C 370 -53.30 7.18 -2.37
N GLU C 371 -52.78 5.96 -2.52
CA GLU C 371 -53.46 4.80 -1.95
C GLU C 371 -53.61 4.95 -0.44
N LEU C 372 -52.54 5.34 0.25
CA LEU C 372 -52.61 5.46 1.70
C LEU C 372 -53.58 6.56 2.12
N VAL C 373 -53.57 7.69 1.41
CA VAL C 373 -54.48 8.78 1.76
C VAL C 373 -55.93 8.36 1.56
N GLN C 374 -56.22 7.69 0.44
CA GLN C 374 -57.58 7.21 0.19
C GLN C 374 -57.98 6.17 1.25
N LEU C 375 -57.04 5.31 1.64
CA LEU C 375 -57.33 4.32 2.67
C LEU C 375 -57.68 5.00 3.99
N VAL C 376 -56.92 6.03 4.37
CA VAL C 376 -57.20 6.74 5.61
C VAL C 376 -58.54 7.44 5.53
N ILE C 377 -58.84 8.05 4.37
CA ILE C 377 -60.13 8.74 4.20
C ILE C 377 -61.28 7.75 4.36
N ASP C 378 -61.18 6.60 3.70
CA ASP C 378 -62.23 5.60 3.81
C ASP C 378 -62.36 5.09 5.25
N GLY C 379 -61.23 4.85 5.91
CA GLY C 379 -61.28 4.36 7.27
C GLY C 379 -61.94 5.34 8.22
N VAL C 380 -61.57 6.62 8.12
CA VAL C 380 -62.16 7.63 9.00
C VAL C 380 -63.63 7.84 8.66
N ASN C 381 -63.99 7.76 7.37
CA ASN C 381 -65.39 7.85 6.99
C ASN C 381 -66.19 6.70 7.62
N TYR C 382 -65.65 5.49 7.57
CA TYR C 382 -66.30 4.36 8.22
C TYR C 382 -66.42 4.60 9.72
N LEU C 383 -65.36 5.09 10.35
CA LEU C 383 -65.38 5.32 11.80
C LEU C 383 -66.46 6.32 12.16
N ILE C 384 -66.53 7.44 11.43
CA ILE C 384 -67.53 8.47 11.73
C ILE C 384 -68.91 8.10 11.23
N ASP C 385 -69.03 7.04 10.43
CA ASP C 385 -70.34 6.55 10.00
C ASP C 385 -70.91 5.51 10.94
N CYS C 386 -70.05 4.65 11.49
CA CYS C 386 -70.47 3.60 12.42
C CYS C 386 -70.22 3.97 13.87
N GLU C 387 -69.92 5.24 14.16
CA GLU C 387 -69.79 5.72 15.52
C GLU C 387 -71.13 5.88 16.22
N ARG C 388 -72.24 5.67 15.50
CA ARG C 388 -73.56 5.98 16.02
C ARG C 388 -73.77 5.40 17.42
N ARG C 389 -73.93 6.30 18.39
CA ARG C 389 -74.37 5.92 19.73
C ARG C 389 -75.87 6.02 19.89
N LEU C 390 -76.53 6.83 19.05
CA LEU C 390 -77.98 6.88 19.04
C LEU C 390 -78.58 5.48 18.84
N GLU C 391 -77.91 4.65 18.05
CA GLU C 391 -78.33 3.26 17.85
C GLU C 391 -77.08 2.40 17.81
N ARG C 392 -77.26 1.13 17.45
CA ARG C 392 -76.16 0.18 17.31
C ARG C 392 -76.11 -0.30 15.85
N GLY C 393 -75.25 -1.28 15.59
CA GLY C 393 -75.13 -1.85 14.27
C GLY C 393 -73.73 -1.77 13.69
N GLN C 394 -72.72 -1.69 14.56
CA GLN C 394 -71.34 -1.71 14.09
C GLN C 394 -71.08 -2.99 13.29
N ASP C 395 -70.42 -2.85 12.14
CA ASP C 395 -70.19 -3.96 11.22
C ASP C 395 -68.74 -4.34 11.07
N ILE C 396 -67.80 -3.53 11.57
CA ILE C 396 -66.37 -3.82 11.41
C ILE C 396 -66.02 -3.83 9.94
N ARG C 397 -66.52 -4.82 9.21
CA ARG C 397 -66.37 -4.90 7.75
C ARG C 397 -64.90 -4.96 7.36
N ILE C 398 -64.24 -6.05 7.78
CA ILE C 398 -62.87 -6.31 7.39
C ILE C 398 -62.73 -6.20 5.87
N SER D 31 4.79 -2.57 -15.36
CA SER D 31 6.20 -2.72 -15.07
C SER D 31 6.80 -1.42 -14.57
N GLU D 32 7.74 -1.52 -13.63
CA GLU D 32 8.43 -0.36 -13.09
C GLU D 32 9.67 0.03 -13.89
N ARG D 33 9.97 -0.69 -14.96
CA ARG D 33 11.12 -0.37 -15.79
C ARG D 33 10.87 0.79 -16.74
N ARG D 34 9.62 1.21 -16.91
CA ARG D 34 9.32 2.35 -17.76
C ARG D 34 9.90 3.62 -17.16
N ARG D 35 10.35 4.52 -18.03
CA ARG D 35 11.09 5.71 -17.63
C ARG D 35 10.23 6.94 -17.79
N LEU D 36 10.26 7.80 -16.77
CA LEU D 36 9.55 9.07 -16.83
C LEU D 36 10.29 10.05 -17.74
N TYR D 37 9.56 11.05 -18.22
CA TYR D 37 10.19 12.15 -18.92
C TYR D 37 11.15 12.85 -17.98
N PRO D 38 12.41 13.07 -18.36
CA PRO D 38 13.33 13.81 -17.49
C PRO D 38 12.78 15.21 -17.22
N PRO D 39 12.97 15.74 -16.01
CA PRO D 39 12.42 17.08 -15.73
C PRO D 39 12.89 18.13 -16.71
N SER D 40 14.14 18.03 -17.17
CA SER D 40 14.63 18.99 -18.16
C SER D 40 13.82 18.97 -19.43
N ALA D 41 13.13 17.87 -19.74
CA ALA D 41 12.28 17.83 -20.91
C ALA D 41 11.10 18.78 -20.79
N GLU D 42 10.62 19.02 -19.58
CA GLU D 42 9.48 19.90 -19.34
C GLU D 42 9.88 21.35 -19.13
N TYR D 43 11.17 21.65 -19.09
CA TYR D 43 11.61 23.00 -18.75
C TYR D 43 11.07 23.98 -19.78
N PRO D 44 10.47 25.11 -19.36
CA PRO D 44 9.91 26.06 -20.32
C PRO D 44 10.99 26.71 -21.18
N ASP D 45 10.55 27.24 -22.31
CA ASP D 45 11.42 27.96 -23.24
C ASP D 45 11.31 29.44 -22.91
N LEU D 46 12.18 29.93 -22.02
CA LEU D 46 12.13 31.29 -21.51
C LEU D 46 13.19 32.18 -22.14
N ARG D 47 13.53 31.96 -23.42
CA ARG D 47 14.59 32.72 -24.06
C ARG D 47 14.18 34.16 -24.38
N LYS D 48 12.90 34.48 -24.34
CA LYS D 48 12.40 35.81 -24.69
C LYS D 48 11.34 36.25 -23.69
N HIS D 49 11.61 36.04 -22.41
CA HIS D 49 10.68 36.36 -21.33
C HIS D 49 11.30 37.44 -20.43
N ASN D 50 10.54 37.84 -19.42
CA ASN D 50 11.00 38.81 -18.44
C ASN D 50 10.69 38.34 -17.03
N CYS D 52 9.38 38.09 -13.01
CA CYS D 52 10.68 37.79 -12.42
C CYS D 52 10.93 36.29 -12.39
N MET D 53 9.89 35.50 -12.70
CA MET D 53 10.05 34.05 -12.68
C MET D 53 11.07 33.60 -13.71
N ALA D 54 11.02 34.17 -14.91
CA ALA D 54 11.91 33.73 -15.98
C ALA D 54 13.37 33.93 -15.60
N SER D 55 13.70 35.07 -15.00
CA SER D 55 15.08 35.34 -14.64
C SER D 55 15.51 34.54 -13.41
N HIS D 56 14.57 34.20 -12.54
CA HIS D 56 14.88 33.49 -11.29
C HIS D 56 14.56 32.00 -11.36
N LEU D 57 14.19 31.49 -12.53
CA LEU D 57 13.97 30.07 -12.72
C LEU D 57 15.14 29.49 -13.50
N THR D 58 15.75 28.44 -12.96
CA THR D 58 16.92 27.81 -13.53
C THR D 58 16.69 26.31 -13.62
N PRO D 59 17.42 25.62 -14.49
CA PRO D 59 17.19 24.18 -14.65
C PRO D 59 17.29 23.41 -13.34
N ALA D 60 18.24 23.77 -12.47
CA ALA D 60 18.39 23.06 -11.20
C ALA D 60 17.14 23.22 -10.35
N VAL D 61 16.60 24.44 -10.26
CA VAL D 61 15.43 24.67 -9.42
C VAL D 61 14.23 23.90 -9.95
N TYR D 62 14.00 23.97 -11.27
CA TYR D 62 12.88 23.25 -11.84
C TYR D 62 13.01 21.75 -11.62
N ALA D 63 14.21 21.20 -11.84
CA ALA D 63 14.41 19.78 -11.61
C ALA D 63 14.15 19.41 -10.16
N ARG D 64 14.61 20.26 -9.23
CA ARG D 64 14.40 19.99 -7.82
C ARG D 64 12.92 19.98 -7.46
N LEU D 65 12.16 20.94 -8.00
CA LEU D 65 10.76 21.12 -7.64
C LEU D 65 9.80 20.48 -8.63
N CYS D 66 10.31 19.75 -9.63
CA CYS D 66 9.43 19.20 -10.65
C CYS D 66 8.44 18.18 -10.09
N ASP D 67 8.72 17.59 -8.93
CA ASP D 67 7.88 16.53 -8.38
C ASP D 67 7.17 16.92 -7.11
N LYS D 68 7.57 18.00 -6.44
CA LYS D 68 6.87 18.41 -5.23
C LYS D 68 5.43 18.76 -5.53
N THR D 69 4.64 18.92 -4.47
CA THR D 69 3.24 19.32 -4.62
C THR D 69 2.67 19.62 -3.24
N THR D 70 1.81 20.63 -3.18
CA THR D 70 1.11 20.93 -1.95
C THR D 70 0.10 19.82 -1.65
N PRO D 71 -0.34 19.69 -0.40
CA PRO D 71 -1.28 18.60 -0.08
C PRO D 71 -2.55 18.63 -0.91
N THR D 72 -2.98 19.80 -1.38
CA THR D 72 -4.17 19.90 -2.21
C THR D 72 -3.89 19.61 -3.68
N GLY D 73 -2.65 19.33 -4.06
CA GLY D 73 -2.31 18.95 -5.41
C GLY D 73 -1.71 20.03 -6.27
N TRP D 74 -1.48 21.23 -5.72
CA TRP D 74 -0.84 22.29 -6.47
C TRP D 74 0.58 21.89 -6.84
N THR D 75 1.01 22.25 -8.04
CA THR D 75 2.32 21.87 -8.55
C THR D 75 3.02 23.08 -9.15
N LEU D 76 4.34 22.94 -9.35
CA LEU D 76 5.14 24.07 -9.81
C LEU D 76 4.68 24.58 -11.16
N ASP D 77 4.40 23.67 -12.10
CA ASP D 77 3.97 24.09 -13.43
C ASP D 77 2.72 24.96 -13.35
N GLN D 78 1.79 24.62 -12.45
CA GLN D 78 0.62 25.45 -12.27
C GLN D 78 1.01 26.83 -11.77
N CYS D 79 1.98 26.91 -10.85
CA CYS D 79 2.42 28.20 -10.34
C CYS D 79 2.99 29.07 -11.46
N ILE D 80 3.82 28.48 -12.33
CA ILE D 80 4.54 29.27 -13.33
C ILE D 80 3.81 29.34 -14.67
N GLN D 81 2.61 28.75 -14.78
CA GLN D 81 1.90 28.77 -16.05
C GLN D 81 1.58 30.20 -16.49
N THR D 82 1.09 31.03 -15.58
CA THR D 82 0.71 32.39 -15.95
C THR D 82 1.91 33.16 -16.50
N GLY D 83 3.06 33.04 -15.86
CA GLY D 83 4.24 33.71 -16.35
C GLY D 83 4.75 33.14 -17.66
N VAL D 84 4.69 31.82 -17.81
CA VAL D 84 5.18 31.19 -19.04
C VAL D 84 4.33 31.61 -20.23
N ASP D 85 3.00 31.61 -20.06
CA ASP D 85 2.13 31.94 -21.17
C ASP D 85 2.35 33.37 -21.64
N ASN D 86 2.54 34.30 -20.70
CA ASN D 86 2.69 35.71 -21.05
C ASN D 86 4.16 36.09 -20.95
N PRO D 87 4.86 36.29 -22.08
CA PRO D 87 6.28 36.64 -21.98
C PRO D 87 6.53 37.95 -21.24
N GLY D 88 5.59 38.87 -21.28
CA GLY D 88 5.77 40.16 -20.63
C GLY D 88 6.49 41.15 -21.50
N HIS D 89 5.94 42.35 -21.63
CA HIS D 89 6.56 43.37 -22.47
C HIS D 89 7.86 43.85 -21.83
N PRO D 90 8.85 44.22 -22.64
CA PRO D 90 10.10 44.75 -22.07
C PRO D 90 9.84 46.03 -21.29
N PHE D 91 10.63 46.19 -20.22
CA PHE D 91 10.58 47.34 -19.31
C PHE D 91 9.42 47.22 -18.33
N ILE D 92 8.62 46.15 -18.40
CA ILE D 92 7.50 45.94 -17.50
C ILE D 92 7.81 44.70 -16.66
N LYS D 93 7.80 44.86 -15.35
CA LYS D 93 8.11 43.77 -14.42
C LYS D 93 6.83 43.19 -13.87
N THR D 94 6.61 41.90 -14.12
CA THR D 94 5.48 41.17 -13.60
C THR D 94 5.97 39.93 -12.86
N VAL D 95 5.30 39.59 -11.77
CA VAL D 95 5.74 38.46 -10.95
C VAL D 95 5.74 37.17 -11.77
N GLY D 96 4.65 36.93 -12.50
CA GLY D 96 4.58 35.78 -13.36
C GLY D 96 4.23 34.47 -12.69
N MET D 97 3.89 34.49 -11.39
CA MET D 97 3.51 33.28 -10.69
C MET D 97 2.38 33.58 -9.72
N VAL D 98 1.70 32.52 -9.29
CA VAL D 98 0.63 32.61 -8.31
C VAL D 98 0.74 31.40 -7.38
N ALA D 99 -0.05 31.44 -6.30
CA ALA D 99 -0.08 30.38 -5.32
C ALA D 99 -1.46 29.75 -5.26
N GLY D 100 -1.50 28.43 -5.13
CA GLY D 100 -2.77 27.72 -5.10
C GLY D 100 -3.34 27.55 -3.71
N ASP D 101 -2.51 27.73 -2.69
CA ASP D 101 -2.96 27.60 -1.30
C ASP D 101 -1.83 28.08 -0.40
N GLU D 102 -2.07 28.02 0.91
CA GLU D 102 -1.10 28.52 1.87
C GLU D 102 0.20 27.71 1.81
N GLU D 103 0.08 26.39 1.69
CA GLU D 103 1.26 25.53 1.71
C GLU D 103 2.17 25.75 0.51
N THR D 104 1.69 26.45 -0.52
CA THR D 104 2.49 26.65 -1.72
C THR D 104 3.77 27.42 -1.41
N TYR D 105 3.65 28.51 -0.66
CA TYR D 105 4.82 29.33 -0.36
C TYR D 105 5.87 28.56 0.42
N GLU D 106 5.47 27.57 1.20
CA GLU D 106 6.43 26.74 1.91
C GLU D 106 7.03 25.70 0.98
N VAL D 107 6.18 24.93 0.29
CA VAL D 107 6.67 23.84 -0.55
C VAL D 107 7.60 24.39 -1.64
N PHE D 108 7.18 25.46 -2.32
CA PHE D 108 7.96 26.06 -3.39
C PHE D 108 8.69 27.31 -2.93
N ALA D 109 9.16 27.33 -1.67
CA ALA D 109 9.85 28.51 -1.17
C ALA D 109 11.13 28.78 -1.96
N ASP D 110 11.81 27.72 -2.40
CA ASP D 110 13.09 27.89 -3.08
C ASP D 110 12.93 28.71 -4.35
N LEU D 111 11.74 28.72 -4.94
CA LEU D 111 11.47 29.50 -6.15
C LEU D 111 10.88 30.86 -5.82
N PHE D 112 9.89 30.90 -4.93
CA PHE D 112 9.21 32.15 -4.63
C PHE D 112 10.13 33.13 -3.93
N ASP D 113 10.95 32.66 -2.98
CA ASP D 113 11.69 33.56 -2.12
C ASP D 113 12.54 34.55 -2.90
N PRO D 114 13.35 34.14 -3.87
CA PRO D 114 14.04 35.16 -4.69
C PRO D 114 13.09 36.12 -5.35
N VAL D 115 11.93 35.64 -5.81
CA VAL D 115 10.97 36.52 -6.48
C VAL D 115 10.38 37.51 -5.48
N ILE D 116 10.01 37.03 -4.29
CA ILE D 116 9.47 37.93 -3.27
C ILE D 116 10.51 38.98 -2.91
N GLN D 117 11.77 38.57 -2.74
CA GLN D 117 12.81 39.52 -2.37
C GLN D 117 13.04 40.55 -3.46
N GLU D 118 13.10 40.12 -4.72
CA GLU D 118 13.31 41.06 -5.81
C GLU D 118 12.14 42.02 -5.93
N ARG D 119 10.91 41.53 -5.73
CA ARG D 119 9.74 42.39 -5.85
C ARG D 119 9.73 43.46 -4.77
N HIS D 120 9.90 43.07 -3.52
CA HIS D 120 9.82 44.00 -2.39
C HIS D 120 11.19 44.55 -1.99
N ASN D 121 11.91 45.08 -2.99
CA ASN D 121 13.12 45.87 -2.81
C ASN D 121 13.96 45.40 -1.63
N GLY D 122 14.32 44.12 -1.66
CA GLY D 122 15.34 43.58 -0.79
C GLY D 122 14.82 42.80 0.41
N TYR D 123 13.53 42.85 0.70
CA TYR D 123 13.00 42.08 1.82
C TYR D 123 13.34 40.61 1.65
N ASP D 124 13.85 40.00 2.72
CA ASP D 124 14.24 38.60 2.67
C ASP D 124 13.25 37.76 3.46
N PRO D 125 12.39 36.97 2.80
CA PRO D 125 11.43 36.16 3.57
C PRO D 125 12.09 35.17 4.50
N ARG D 126 13.23 34.61 4.12
CA ARG D 126 13.84 33.56 4.93
C ARG D 126 14.24 34.07 6.30
N THR D 127 14.83 35.25 6.37
CA THR D 127 15.37 35.79 7.62
C THR D 127 14.46 36.82 8.26
N MET D 128 14.10 37.87 7.52
CA MET D 128 13.31 38.94 8.09
C MET D 128 11.93 38.46 8.50
N LYS D 129 11.28 39.24 9.35
CA LYS D 129 9.95 38.93 9.85
C LYS D 129 9.03 40.13 9.62
N HIS D 130 7.73 39.85 9.56
CA HIS D 130 6.72 40.86 9.28
C HIS D 130 5.89 41.13 10.52
N THR D 131 5.55 42.41 10.72
CA THR D 131 4.73 42.85 11.84
C THR D 131 3.52 43.58 11.31
N THR D 132 2.35 43.31 11.90
CA THR D 132 1.09 43.86 11.45
C THR D 132 0.46 44.71 12.55
N ASP D 133 0.08 45.93 12.21
CA ASP D 133 -0.66 46.81 13.11
C ASP D 133 -1.76 47.49 12.33
N LEU D 134 -2.88 47.78 13.01
CA LEU D 134 -4.01 48.41 12.36
C LEU D 134 -4.64 49.48 13.25
N ASP D 135 -3.82 50.16 14.05
CA ASP D 135 -4.33 51.21 14.93
C ASP D 135 -4.46 52.51 14.17
N ALA D 136 -5.67 53.08 14.17
CA ALA D 136 -5.93 54.36 13.54
C ALA D 136 -5.62 55.54 14.45
N SER D 137 -5.20 55.29 15.69
CA SER D 137 -4.78 56.38 16.56
C SER D 137 -3.40 56.89 16.22
N LYS D 138 -2.50 56.02 15.77
CA LYS D 138 -1.13 56.43 15.48
C LYS D 138 -1.09 57.45 14.35
N ILE D 139 -1.91 57.26 13.32
CA ILE D 139 -1.89 58.17 12.17
C ILE D 139 -2.10 59.60 12.63
N ARG D 140 -1.45 60.53 11.94
CA ARG D 140 -1.63 61.96 12.17
C ARG D 140 -2.00 62.66 10.87
N SER D 141 -2.04 63.99 10.90
CA SER D 141 -2.40 64.76 9.71
C SER D 141 -3.77 64.34 9.19
N GLY D 142 -3.80 63.44 8.21
CA GLY D 142 -5.06 62.94 7.69
C GLY D 142 -5.74 63.89 6.73
N TYR D 143 -6.18 65.05 7.24
CA TYR D 143 -6.90 65.99 6.40
C TYR D 143 -6.02 66.48 5.26
N PHE D 144 -6.59 66.49 4.06
CA PHE D 144 -5.91 66.94 2.85
C PHE D 144 -6.53 68.26 2.38
N ASP D 145 -6.03 68.75 1.25
CA ASP D 145 -6.53 69.96 0.62
C ASP D 145 -7.28 69.58 -0.65
N GLU D 146 -8.50 70.13 -0.80
CA GLU D 146 -9.35 69.82 -1.94
C GLU D 146 -8.86 70.58 -3.17
N ARG D 147 -7.66 70.20 -3.61
CA ARG D 147 -7.04 70.73 -4.83
C ARG D 147 -6.95 69.69 -5.92
N TYR D 148 -6.32 68.55 -5.64
CA TYR D 148 -6.28 67.42 -6.56
C TYR D 148 -6.61 66.10 -5.89
N VAL D 149 -6.87 66.08 -4.58
CA VAL D 149 -7.11 64.83 -3.88
C VAL D 149 -8.33 64.12 -4.46
N LEU D 150 -9.41 64.87 -4.69
CA LEU D 150 -10.60 64.33 -5.33
C LEU D 150 -11.20 63.23 -4.47
N SER D 151 -10.53 62.08 -4.37
CA SER D 151 -11.04 60.94 -3.64
C SER D 151 -9.90 60.24 -2.91
N SER D 152 -10.26 59.49 -1.88
CA SER D 152 -9.31 58.70 -1.11
C SER D 152 -9.85 57.28 -0.94
N ARG D 153 -8.93 56.31 -0.91
CA ARG D 153 -9.32 54.91 -0.84
C ARG D 153 -8.22 54.13 -0.14
N VAL D 154 -8.61 53.01 0.47
CA VAL D 154 -7.69 52.05 1.06
C VAL D 154 -8.20 50.65 0.72
N ARG D 155 -7.28 49.76 0.37
CA ARG D 155 -7.65 48.43 -0.07
C ARG D 155 -6.73 47.39 0.55
N THR D 156 -7.28 46.21 0.82
CA THR D 156 -6.50 45.09 1.32
C THR D 156 -7.15 43.80 0.87
N GLY D 157 -6.44 42.69 1.10
CA GLY D 157 -6.97 41.38 0.78
C GLY D 157 -6.83 40.44 1.95
N ARG D 158 -7.69 39.42 1.95
CA ARG D 158 -7.72 38.44 3.02
C ARG D 158 -8.18 37.10 2.47
N SER D 159 -7.51 36.03 2.91
CA SER D 159 -7.80 34.68 2.47
C SER D 159 -8.20 33.83 3.68
N ILE D 160 -9.26 33.04 3.51
CA ILE D 160 -9.76 32.19 4.59
C ILE D 160 -8.92 30.93 4.65
N ARG D 161 -8.42 30.60 5.84
CA ARG D 161 -7.60 29.41 6.00
C ARG D 161 -8.42 28.14 5.76
N GLY D 162 -7.76 27.11 5.27
CA GLY D 162 -8.40 25.85 4.98
C GLY D 162 -9.09 25.77 3.64
N LEU D 163 -9.08 26.84 2.85
CA LEU D 163 -9.74 26.88 1.55
C LEU D 163 -8.73 27.28 0.49
N SER D 164 -8.73 26.56 -0.63
CA SER D 164 -7.76 26.82 -1.68
C SER D 164 -7.98 28.20 -2.27
N LEU D 165 -6.88 28.81 -2.73
CA LEU D 165 -6.94 30.16 -3.25
C LEU D 165 -7.57 30.16 -4.65
N PRO D 166 -7.98 31.33 -5.15
CA PRO D 166 -8.80 31.38 -6.36
C PRO D 166 -8.16 30.64 -7.52
N PRO D 167 -6.84 30.71 -7.70
CA PRO D 167 -6.24 29.98 -8.82
C PRO D 167 -6.53 28.49 -8.80
N ALA D 168 -6.63 27.88 -7.63
CA ALA D 168 -6.84 26.44 -7.51
C ALA D 168 -8.17 26.06 -6.89
N CYS D 169 -8.95 27.01 -6.39
CA CYS D 169 -10.19 26.67 -5.70
C CYS D 169 -11.18 26.04 -6.67
N THR D 170 -11.91 25.04 -6.18
CA THR D 170 -12.98 24.42 -6.94
C THR D 170 -14.28 25.16 -6.70
N ARG D 171 -15.36 24.68 -7.33
CA ARG D 171 -16.66 25.32 -7.13
C ARG D 171 -17.11 25.22 -5.68
N ALA D 172 -16.92 24.05 -5.06
CA ALA D 172 -17.35 23.87 -3.68
C ALA D 172 -16.60 24.82 -2.75
N GLU D 173 -15.28 24.94 -2.93
CA GLU D 173 -14.50 25.81 -2.05
C GLU D 173 -14.88 27.28 -2.26
N ARG D 174 -15.12 27.68 -3.51
CA ARG D 174 -15.54 29.04 -3.77
C ARG D 174 -16.87 29.34 -3.10
N ARG D 175 -17.83 28.41 -3.22
CA ARG D 175 -19.12 28.61 -2.57
C ARG D 175 -18.97 28.66 -1.06
N GLU D 176 -18.08 27.83 -0.50
CA GLU D 176 -17.84 27.87 0.93
C GLU D 176 -17.28 29.21 1.37
N VAL D 177 -16.33 29.75 0.61
CA VAL D 177 -15.77 31.06 0.93
C VAL D 177 -16.87 32.12 0.91
N GLU D 178 -17.71 32.09 -0.13
CA GLU D 178 -18.79 33.06 -0.22
C GLU D 178 -19.74 32.95 0.96
N ARG D 179 -20.09 31.72 1.33
N ARG D 179 -20.09 31.72 1.33
CA ARG D 179 -21.02 31.53 2.45
CA ARG D 179 -21.01 31.52 2.45
C ARG D 179 -20.42 32.04 3.74
C ARG D 179 -20.43 32.04 3.75
N VAL D 180 -19.16 31.72 4.01
CA VAL D 180 -18.51 32.17 5.24
C VAL D 180 -18.50 33.69 5.30
N VAL D 181 -18.08 34.33 4.21
CA VAL D 181 -17.96 35.79 4.22
C VAL D 181 -19.34 36.42 4.38
N VAL D 182 -20.35 35.90 3.68
CA VAL D 182 -21.67 36.51 3.73
C VAL D 182 -22.26 36.35 5.13
N ASP D 183 -22.17 35.15 5.71
CA ASP D 183 -22.71 34.94 7.05
C ASP D 183 -22.00 35.84 8.06
N ALA D 184 -20.68 35.98 7.95
CA ALA D 184 -19.97 36.88 8.85
C ALA D 184 -20.45 38.31 8.69
N LEU D 185 -20.47 38.81 7.46
CA LEU D 185 -20.86 40.20 7.24
C LEU D 185 -22.30 40.46 7.66
N SER D 186 -23.15 39.43 7.67
CA SER D 186 -24.52 39.63 8.11
C SER D 186 -24.57 40.11 9.56
N GLY D 187 -23.56 39.77 10.37
CA GLY D 187 -23.54 40.16 11.76
C GLY D 187 -23.06 41.57 12.03
N LEU D 188 -22.51 42.25 11.02
CA LEU D 188 -22.09 43.63 11.21
C LEU D 188 -23.29 44.51 11.55
N LYS D 189 -23.08 45.43 12.50
CA LYS D 189 -24.13 46.33 12.96
C LYS D 189 -23.56 47.74 13.07
N GLY D 190 -24.45 48.72 12.96
CA GLY D 190 -24.07 50.11 13.06
C GLY D 190 -23.81 50.75 11.72
N ASP D 191 -22.78 51.60 11.64
CA ASP D 191 -22.47 52.27 10.39
C ASP D 191 -22.07 51.27 9.31
N LEU D 192 -21.32 50.24 9.67
CA LEU D 192 -20.84 49.27 8.71
C LEU D 192 -21.87 48.16 8.48
N ALA D 193 -23.12 48.55 8.20
CA ALA D 193 -24.19 47.62 7.93
C ALA D 193 -24.73 47.88 6.53
N GLY D 194 -24.82 46.83 5.73
CA GLY D 194 -25.25 46.97 4.36
C GLY D 194 -25.77 45.68 3.80
N ARG D 195 -25.57 45.49 2.50
CA ARG D 195 -26.15 44.36 1.79
C ARG D 195 -25.12 43.70 0.90
N TYR D 196 -25.34 42.41 0.64
CA TYR D 196 -24.53 41.61 -0.26
C TYR D 196 -25.30 41.38 -1.56
N TYR D 197 -24.68 41.73 -2.68
CA TYR D 197 -25.27 41.56 -4.00
C TYR D 197 -24.49 40.50 -4.76
N ARG D 198 -25.21 39.49 -5.25
CA ARG D 198 -24.61 38.41 -6.02
C ARG D 198 -24.55 38.79 -7.49
N LEU D 199 -23.40 38.51 -8.12
CA LEU D 199 -23.25 38.84 -9.53
C LEU D 199 -24.28 38.08 -10.37
N SER D 200 -24.49 36.80 -10.06
CA SER D 200 -25.43 36.00 -10.85
C SER D 200 -26.84 36.56 -10.82
N GLU D 201 -27.19 37.37 -9.81
CA GLU D 201 -28.53 37.90 -9.65
C GLU D 201 -28.58 39.41 -9.88
N MET D 202 -27.61 39.96 -10.60
CA MET D 202 -27.51 41.40 -10.82
C MET D 202 -27.58 41.69 -12.31
N THR D 203 -28.36 42.72 -12.67
CA THR D 203 -28.53 43.08 -14.07
C THR D 203 -27.24 43.62 -14.66
N GLU D 204 -27.07 43.43 -15.97
CA GLU D 204 -25.88 43.90 -16.66
C GLU D 204 -25.76 45.42 -16.57
N ALA D 205 -26.88 46.13 -16.75
CA ALA D 205 -26.84 47.59 -16.66
C ALA D 205 -26.44 48.05 -15.27
N GLU D 206 -26.99 47.42 -14.23
CA GLU D 206 -26.61 47.78 -12.87
C GLU D 206 -25.14 47.50 -12.63
N GLN D 207 -24.64 46.37 -13.13
CA GLN D 207 -23.22 46.05 -12.97
C GLN D 207 -22.34 47.08 -13.66
N GLN D 208 -22.71 47.48 -14.88
CA GLN D 208 -21.93 48.50 -15.58
C GLN D 208 -21.96 49.82 -14.83
N GLN D 209 -23.12 50.21 -14.31
CA GLN D 209 -23.21 51.45 -13.54
C GLN D 209 -22.33 51.40 -12.31
N LEU D 210 -22.35 50.27 -11.60
CA LEU D 210 -21.51 50.12 -10.42
C LEU D 210 -20.02 50.19 -10.79
N ILE D 211 -19.65 49.56 -11.92
CA ILE D 211 -18.26 49.60 -12.35
C ILE D 211 -17.84 51.04 -12.66
N ASP D 212 -18.69 51.78 -13.37
CA ASP D 212 -18.38 53.16 -13.68
C ASP D 212 -18.25 53.99 -12.41
N ASP D 213 -19.13 53.77 -11.45
CA ASP D 213 -19.07 54.45 -10.15
C ASP D 213 -17.97 53.91 -9.26
N HIS D 214 -17.12 53.00 -9.75
CA HIS D 214 -16.03 52.45 -8.97
C HIS D 214 -16.56 51.67 -7.76
N PHE D 215 -17.63 50.92 -7.96
CA PHE D 215 -18.27 50.12 -6.92
C PHE D 215 -18.56 48.72 -7.42
N LEU D 216 -17.65 48.17 -8.21
CA LEU D 216 -17.81 46.81 -8.73
C LEU D 216 -16.52 46.41 -9.44
N PHE D 217 -16.45 45.15 -9.82
CA PHE D 217 -15.33 44.60 -10.58
C PHE D 217 -15.84 43.95 -11.86
N ASP D 218 -15.07 44.07 -12.92
CA ASP D 218 -15.45 43.56 -14.23
C ASP D 218 -14.98 42.12 -14.41
N LYS D 219 -15.61 41.43 -15.34
CA LYS D 219 -15.22 40.06 -15.65
C LYS D 219 -13.77 40.04 -16.12
N PRO D 220 -12.89 39.23 -15.53
CA PRO D 220 -11.49 39.23 -15.97
C PRO D 220 -11.37 38.86 -17.43
N VAL D 221 -10.62 39.67 -18.18
CA VAL D 221 -10.33 39.39 -19.58
C VAL D 221 -8.86 39.48 -19.92
N SER D 222 -8.03 40.09 -19.09
CA SER D 222 -6.61 40.20 -19.40
C SER D 222 -5.99 38.80 -19.48
N PRO D 223 -5.02 38.58 -20.36
CA PRO D 223 -4.43 37.23 -20.46
C PRO D 223 -3.85 36.75 -19.16
N LEU D 224 -3.35 37.64 -18.30
CA LEU D 224 -2.79 37.23 -17.03
C LEU D 224 -3.81 36.43 -16.23
N LEU D 225 -5.01 36.99 -16.08
CA LEU D 225 -6.02 36.35 -15.24
C LEU D 225 -6.45 35.00 -15.79
N THR D 226 -6.77 34.96 -17.08
CA THR D 226 -7.23 33.70 -17.68
C THR D 226 -6.13 32.65 -17.65
N ALA D 227 -4.88 33.02 -17.94
CA ALA D 227 -3.79 32.08 -17.85
C ALA D 227 -3.62 31.56 -16.43
N ALA D 228 -3.79 32.43 -15.43
CA ALA D 228 -3.77 32.01 -14.04
C ALA D 228 -4.95 31.11 -13.69
N GLY D 229 -5.96 31.04 -14.55
CA GLY D 229 -7.12 30.22 -14.28
C GLY D 229 -7.95 30.71 -13.10
N MET D 230 -8.18 32.02 -13.02
CA MET D 230 -8.99 32.61 -11.96
C MET D 230 -10.31 33.17 -12.47
N ALA D 231 -10.61 33.03 -13.76
CA ALA D 231 -11.89 33.40 -14.32
C ALA D 231 -12.82 32.20 -14.48
N ARG D 232 -12.45 31.06 -13.91
CA ARG D 232 -13.25 29.85 -14.06
C ARG D 232 -14.62 30.03 -13.41
N ASP D 233 -15.64 29.49 -14.06
CA ASP D 233 -17.00 29.43 -13.52
C ASP D 233 -17.59 30.82 -13.29
N TRP D 234 -17.08 31.84 -13.98
CA TRP D 234 -17.64 33.17 -13.82
C TRP D 234 -19.09 33.19 -14.29
N PRO D 235 -19.99 33.90 -13.60
CA PRO D 235 -19.82 34.69 -12.38
C PRO D 235 -20.25 33.94 -11.12
N ASP D 236 -20.24 32.61 -11.14
CA ASP D 236 -20.74 31.85 -10.00
C ASP D 236 -19.89 32.11 -8.77
N ALA D 237 -20.54 32.45 -7.66
CA ALA D 237 -19.92 32.61 -6.35
C ALA D 237 -19.05 33.85 -6.24
N ARG D 238 -19.30 34.87 -7.05
CA ARG D 238 -18.62 36.15 -6.94
C ARG D 238 -19.65 37.20 -6.54
N GLY D 239 -19.30 38.04 -5.58
CA GLY D 239 -20.27 38.99 -5.07
C GLY D 239 -19.63 40.27 -4.55
N ILE D 240 -20.49 41.21 -4.15
CA ILE D 240 -20.03 42.49 -3.62
C ILE D 240 -20.92 42.86 -2.44
N TRP D 241 -20.33 43.00 -1.26
CA TRP D 241 -21.03 43.44 -0.07
C TRP D 241 -20.64 44.87 0.22
N HIS D 242 -21.61 45.77 0.29
CA HIS D 242 -21.30 47.17 0.56
C HIS D 242 -22.26 47.73 1.59
N ASN D 243 -21.75 48.66 2.38
CA ASN D 243 -22.54 49.32 3.41
C ASN D 243 -23.57 50.24 2.76
N ASN D 244 -24.50 50.74 3.59
CA ASN D 244 -25.55 51.59 3.08
C ASN D 244 -24.98 52.86 2.45
N GLU D 245 -24.01 53.49 3.12
CA GLU D 245 -23.38 54.69 2.58
C GLU D 245 -22.46 54.39 1.40
N LYS D 246 -22.18 53.12 1.13
CA LYS D 246 -21.27 52.70 0.07
C LYS D 246 -19.85 53.19 0.32
N SER D 247 -19.52 53.48 1.57
CA SER D 247 -18.17 53.86 1.95
C SER D 247 -17.34 52.68 2.44
N PHE D 248 -17.90 51.47 2.42
CA PHE D 248 -17.19 50.28 2.86
C PHE D 248 -17.66 49.12 1.98
N LEU D 249 -16.75 48.60 1.16
CA LEU D 249 -17.07 47.56 0.19
C LEU D 249 -16.18 46.34 0.40
N ILE D 250 -16.66 45.20 -0.06
CA ILE D 250 -15.94 43.94 0.03
C ILE D 250 -16.27 43.11 -1.20
N TRP D 251 -15.26 42.82 -2.00
CA TRP D 251 -15.41 41.97 -3.18
C TRP D 251 -15.11 40.53 -2.78
N VAL D 252 -16.06 39.64 -3.02
CA VAL D 252 -15.94 38.23 -2.67
C VAL D 252 -15.66 37.45 -3.93
N ASN D 253 -14.49 36.81 -3.96
CA ASN D 253 -14.07 35.92 -5.05
C ASN D 253 -13.96 36.67 -6.37
N GLU D 254 -13.08 37.67 -6.39
CA GLU D 254 -12.69 38.35 -7.62
C GLU D 254 -11.21 38.17 -7.93
N GLU D 255 -10.33 38.53 -7.02
CA GLU D 255 -8.91 38.17 -7.10
C GLU D 255 -8.43 37.41 -5.86
N ASP D 256 -9.09 37.60 -4.73
CA ASP D 256 -8.80 36.87 -3.51
C ASP D 256 -10.12 36.45 -2.87
N HIS D 257 -10.03 35.62 -1.84
CA HIS D 257 -11.23 35.23 -1.12
C HIS D 257 -12.01 36.46 -0.66
N THR D 258 -11.30 37.50 -0.24
CA THR D 258 -11.92 38.75 0.16
C THR D 258 -11.01 39.91 -0.20
N ARG D 259 -11.61 40.95 -0.76
CA ARG D 259 -10.91 42.22 -1.03
C ARG D 259 -11.69 43.32 -0.34
N VAL D 260 -11.14 43.86 0.74
CA VAL D 260 -11.78 44.90 1.54
C VAL D 260 -11.35 46.26 1.03
N ILE D 261 -12.30 47.18 0.91
CA ILE D 261 -12.05 48.53 0.42
C ILE D 261 -12.81 49.51 1.29
N SER D 262 -12.14 50.60 1.64
CA SER D 262 -12.76 51.73 2.34
C SER D 262 -12.55 52.97 1.49
N MET D 263 -13.65 53.61 1.07
CA MET D 263 -13.62 54.71 0.13
C MET D 263 -14.17 55.96 0.78
N GLU D 264 -13.79 57.11 0.22
CA GLU D 264 -14.35 58.39 0.64
C GLU D 264 -14.09 59.40 -0.46
N LYS D 265 -15.17 59.94 -1.04
CA LYS D 265 -15.05 60.91 -2.12
C LYS D 265 -14.59 62.26 -1.54
N GLY D 266 -13.36 62.27 -1.07
CA GLY D 266 -12.77 63.45 -0.47
C GLY D 266 -11.28 63.30 -0.24
N GLY D 267 -10.80 63.82 0.89
CA GLY D 267 -9.39 63.73 1.22
C GLY D 267 -9.12 63.50 2.69
N ASN D 268 -10.15 63.11 3.44
CA ASN D 268 -10.02 62.87 4.87
C ASN D 268 -9.53 61.44 5.10
N MET D 269 -8.28 61.21 4.69
CA MET D 269 -7.70 59.87 4.78
C MET D 269 -7.75 59.32 6.20
N LYS D 270 -7.71 60.20 7.20
CA LYS D 270 -7.77 59.76 8.59
C LYS D 270 -9.05 58.98 8.85
N ARG D 271 -10.20 59.56 8.49
CA ARG D 271 -11.48 58.90 8.72
C ARG D 271 -11.59 57.63 7.89
N VAL D 272 -11.11 57.66 6.65
CA VAL D 272 -11.19 56.48 5.80
C VAL D 272 -10.43 55.33 6.43
N PHE D 273 -9.21 55.60 6.90
CA PHE D 273 -8.40 54.54 7.52
C PHE D 273 -9.01 54.08 8.83
N GLU D 274 -9.59 55.01 9.60
CA GLU D 274 -10.25 54.61 10.84
C GLU D 274 -11.37 53.63 10.58
N ARG D 275 -12.27 53.98 9.64
CA ARG D 275 -13.35 53.07 9.29
C ARG D 275 -12.80 51.75 8.77
N PHE D 276 -11.76 51.83 7.92
CA PHE D 276 -11.17 50.63 7.35
C PHE D 276 -10.70 49.68 8.45
N CYS D 277 -9.89 50.18 9.39
CA CYS D 277 -9.32 49.30 10.39
C CYS D 277 -10.38 48.76 11.34
N ARG D 278 -11.33 49.61 11.77
CA ARG D 278 -12.35 49.12 12.70
C ARG D 278 -13.24 48.08 12.03
N GLY D 279 -13.64 48.32 10.78
CA GLY D 279 -14.44 47.34 10.08
C GLY D 279 -13.70 46.04 9.85
N LEU D 280 -12.40 46.14 9.52
CA LEU D 280 -11.61 44.92 9.35
C LEU D 280 -11.52 44.13 10.65
N LYS D 281 -11.33 44.83 11.77
CA LYS D 281 -11.28 44.15 13.06
C LYS D 281 -12.61 43.45 13.36
N GLU D 282 -13.73 44.13 13.10
CA GLU D 282 -15.03 43.51 13.36
C GLU D 282 -15.24 42.30 12.47
N VAL D 283 -14.88 42.41 11.19
CA VAL D 283 -15.03 41.29 10.26
C VAL D 283 -14.19 40.11 10.72
N GLU D 284 -12.95 40.36 11.14
CA GLU D 284 -12.10 39.28 11.61
C GLU D 284 -12.70 38.63 12.85
N ARG D 285 -13.21 39.44 13.79
CA ARG D 285 -13.81 38.88 14.99
C ARG D 285 -14.97 37.96 14.63
N LEU D 286 -15.84 38.41 13.73
CA LEU D 286 -16.95 37.56 13.32
C LEU D 286 -16.47 36.30 12.61
N ILE D 287 -15.38 36.40 11.84
CA ILE D 287 -14.83 35.22 11.18
C ILE D 287 -14.40 34.19 12.22
N GLN D 288 -13.61 34.62 13.21
CA GLN D 288 -13.19 33.68 14.25
C GLN D 288 -14.35 33.20 15.10
N GLU D 289 -15.46 33.95 15.15
CA GLU D 289 -16.61 33.49 15.92
C GLU D 289 -17.10 32.14 15.42
N ARG D 290 -17.17 31.97 14.09
CA ARG D 290 -17.65 30.73 13.50
C ARG D 290 -16.57 29.67 13.36
N GLY D 291 -15.34 29.97 13.75
CA GLY D 291 -14.27 28.98 13.70
C GLY D 291 -13.36 29.09 12.50
N TRP D 292 -13.44 30.14 11.71
CA TRP D 292 -12.59 30.35 10.56
C TRP D 292 -11.47 31.33 10.90
N GLU D 293 -10.35 31.21 10.20
CA GLU D 293 -9.19 32.05 10.43
C GLU D 293 -8.61 32.52 9.11
N PHE D 294 -8.17 33.77 9.08
CA PHE D 294 -7.45 34.29 7.92
C PHE D 294 -6.09 33.63 7.84
N MET D 295 -5.67 33.26 6.62
CA MET D 295 -4.32 32.78 6.43
C MET D 295 -3.33 33.85 6.88
N TRP D 296 -2.34 33.45 7.67
CA TRP D 296 -1.36 34.40 8.17
C TRP D 296 -0.18 33.68 8.82
N ASN D 297 1.03 34.06 8.45
CA ASN D 297 2.24 33.55 9.10
C ASN D 297 3.23 34.69 9.23
N GLU D 298 4.13 34.56 10.21
CA GLU D 298 4.99 35.67 10.58
C GLU D 298 5.89 36.10 9.43
N ARG D 299 6.47 35.14 8.71
CA ARG D 299 7.43 35.48 7.67
C ARG D 299 6.80 36.33 6.58
N LEU D 300 5.60 35.97 6.14
CA LEU D 300 4.95 36.64 5.01
C LEU D 300 3.76 37.49 5.40
N GLY D 301 3.19 37.31 6.58
CA GLY D 301 1.96 38.00 6.91
C GLY D 301 0.77 37.37 6.21
N TYR D 302 -0.21 38.21 5.88
CA TYR D 302 -1.40 37.74 5.21
C TYR D 302 -1.05 37.16 3.85
N ILE D 303 -1.60 35.97 3.56
CA ILE D 303 -1.24 35.20 2.38
C ILE D 303 -2.26 35.48 1.28
N LEU D 304 -1.76 35.89 0.11
CA LEU D 304 -2.59 36.16 -1.05
C LEU D 304 -1.98 35.50 -2.27
N THR D 305 -2.70 35.58 -3.40
CA THR D 305 -2.27 34.85 -4.59
C THR D 305 -1.02 35.47 -5.20
N CYS D 306 -1.11 36.72 -5.65
CA CYS D 306 0.02 37.38 -6.28
C CYS D 306 1.11 37.62 -5.25
N PRO D 307 2.33 37.12 -5.44
CA PRO D 307 3.40 37.41 -4.47
C PRO D 307 3.66 38.90 -4.30
N SER D 308 3.28 39.72 -5.28
CA SER D 308 3.44 41.17 -5.13
C SER D 308 2.55 41.74 -4.03
N ASN D 309 1.45 41.05 -3.70
CA ASN D 309 0.50 41.53 -2.71
C ASN D 309 0.73 40.94 -1.33
N LEU D 310 1.79 40.16 -1.14
CA LEU D 310 2.05 39.57 0.16
C LEU D 310 2.30 40.65 1.20
N GLY D 311 2.41 40.22 2.45
CA GLY D 311 2.64 41.14 3.53
C GLY D 311 1.34 41.64 4.15
N THR D 312 0.90 42.82 3.72
CA THR D 312 -0.33 43.43 4.22
C THR D 312 -1.40 43.59 3.15
N GLY D 313 -1.02 43.70 1.88
CA GLY D 313 -1.97 43.97 0.82
C GLY D 313 -2.50 45.38 0.79
N LEU D 314 -2.03 46.26 1.68
CA LEU D 314 -2.54 47.62 1.73
C LEU D 314 -2.09 48.40 0.51
N ARG D 315 -3.02 49.12 -0.11
CA ARG D 315 -2.74 49.99 -1.24
C ARG D 315 -3.44 51.32 -1.07
N ALA D 316 -3.27 51.94 0.09
CA ALA D 316 -3.82 53.27 0.32
C ALA D 316 -3.34 54.23 -0.76
N GLY D 317 -4.28 54.94 -1.35
CA GLY D 317 -3.94 55.83 -2.46
C GLY D 317 -5.02 56.87 -2.65
N VAL D 318 -4.82 57.70 -3.68
CA VAL D 318 -5.72 58.80 -4.00
C VAL D 318 -5.70 59.04 -5.50
N HIS D 319 -6.64 59.85 -5.97
CA HIS D 319 -6.71 60.28 -7.35
C HIS D 319 -6.21 61.72 -7.45
N ILE D 320 -5.50 62.03 -8.53
CA ILE D 320 -4.84 63.31 -8.71
C ILE D 320 -5.12 63.81 -10.12
N LYS D 321 -4.89 65.11 -10.32
CA LYS D 321 -5.19 65.77 -11.59
C LYS D 321 -3.96 65.81 -12.49
N LEU D 322 -4.21 66.06 -13.77
CA LEU D 322 -3.17 66.09 -14.81
C LEU D 322 -2.43 67.42 -14.90
N PRO D 323 -3.12 68.57 -14.95
CA PRO D 323 -2.48 69.79 -15.47
C PRO D 323 -1.24 70.23 -14.73
N LEU D 324 -1.37 70.54 -13.44
CA LEU D 324 -0.24 71.05 -12.67
C LEU D 324 0.78 69.96 -12.35
N LEU D 325 0.48 68.71 -12.65
CA LEU D 325 1.29 67.57 -12.27
C LEU D 325 1.96 66.87 -13.45
N SER D 326 1.23 66.66 -14.55
CA SER D 326 1.81 65.96 -15.68
C SER D 326 2.98 66.73 -16.30
N LYS D 327 2.84 68.05 -16.40
CA LYS D 327 3.81 68.89 -17.10
C LYS D 327 5.02 69.25 -16.23
N ASP D 328 5.27 68.51 -15.16
CA ASP D 328 6.40 68.81 -14.29
C ASP D 328 7.69 68.32 -14.93
N SER D 329 8.81 68.49 -14.23
CA SER D 329 10.11 68.19 -14.80
C SER D 329 10.46 66.71 -14.69
N ARG D 330 10.60 66.21 -13.46
CA ARG D 330 11.11 64.86 -13.21
C ARG D 330 10.24 64.15 -12.19
N PHE D 331 8.92 64.17 -12.39
CA PHE D 331 8.01 63.51 -11.46
C PHE D 331 8.35 62.05 -11.21
N PRO D 332 8.69 61.23 -12.22
CA PRO D 332 9.02 59.83 -11.92
C PRO D 332 10.15 59.70 -10.90
N LYS D 333 11.15 60.57 -10.96
CA LYS D 333 12.20 60.54 -9.96
C LYS D 333 11.64 60.84 -8.57
N ILE D 334 10.72 61.80 -8.48
CA ILE D 334 10.10 62.12 -7.20
C ILE D 334 9.33 60.92 -6.67
N LEU D 335 8.56 60.26 -7.54
CA LEU D 335 7.79 59.10 -7.11
C LEU D 335 8.71 58.00 -6.60
N GLU D 336 9.81 57.75 -7.32
CA GLU D 336 10.77 56.74 -6.85
C GLU D 336 11.37 57.14 -5.51
N ASN D 337 11.72 58.42 -5.35
CA ASN D 337 12.36 58.86 -4.11
C ASN D 337 11.41 58.73 -2.92
N LEU D 338 10.15 59.12 -3.09
CA LEU D 338 9.16 59.06 -2.02
C LEU D 338 8.47 57.71 -1.94
N ARG D 339 8.88 56.74 -2.75
CA ARG D 339 8.30 55.40 -2.71
C ARG D 339 6.80 55.45 -2.99
N LEU D 340 6.47 55.94 -4.19
CA LEU D 340 5.09 56.06 -4.64
C LEU D 340 4.92 55.39 -5.98
N GLN D 341 3.70 54.94 -6.25
CA GLN D 341 3.33 54.28 -7.49
C GLN D 341 2.26 55.12 -8.18
N LYS D 342 2.51 55.47 -9.43
CA LYS D 342 1.57 56.26 -10.23
C LYS D 342 1.07 55.41 -11.39
N ARG D 343 -0.25 55.31 -11.51
CA ARG D 343 -0.86 54.53 -12.57
C ARG D 343 -2.06 55.28 -13.13
N GLY D 344 -2.64 54.72 -14.19
CA GLY D 344 -3.75 55.39 -14.85
C GLY D 344 -5.02 55.27 -14.03
N THR D 345 -5.74 56.39 -13.93
CA THR D 345 -7.01 56.40 -13.22
C THR D 345 -7.99 55.45 -13.90
N GLY D 346 -8.67 54.63 -13.09
CA GLY D 346 -9.62 53.67 -13.61
C GLY D 346 -9.07 52.25 -13.59
N VAL D 356 -4.94 63.16 -15.25
CA VAL D 356 -5.54 62.61 -14.05
C VAL D 356 -5.00 61.20 -13.82
N PHE D 357 -4.34 60.99 -12.69
CA PHE D 357 -3.66 59.74 -12.38
C PHE D 357 -4.12 59.23 -11.02
N ASP D 358 -3.59 58.08 -10.63
CA ASP D 358 -3.84 57.49 -9.31
C ASP D 358 -2.49 57.22 -8.66
N ILE D 359 -2.30 57.76 -7.46
CA ILE D 359 -1.03 57.66 -6.75
C ILE D 359 -1.25 56.90 -5.45
N SER D 360 -0.42 55.88 -5.21
CA SER D 360 -0.53 55.04 -4.03
C SER D 360 0.88 54.64 -3.60
N ASN D 361 0.97 53.66 -2.70
CA ASN D 361 2.26 53.14 -2.26
C ASN D 361 2.68 51.96 -3.14
N LEU D 362 3.97 51.65 -3.08
CA LEU D 362 4.55 50.60 -3.92
C LEU D 362 4.58 49.25 -3.20
N ASP D 363 5.27 49.19 -2.06
CA ASP D 363 5.54 47.93 -1.39
C ASP D 363 4.56 47.72 -0.24
N ARG D 364 4.15 46.47 -0.06
CA ARG D 364 3.27 46.06 1.04
C ARG D 364 3.97 45.19 2.07
N LEU D 365 4.84 44.29 1.62
CA LEU D 365 5.63 43.50 2.55
C LEU D 365 6.67 44.36 3.24
N GLY D 366 6.98 44.01 4.49
CA GLY D 366 7.91 44.79 5.28
C GLY D 366 7.21 45.80 6.16
N LYS D 367 7.12 47.04 5.70
CA LYS D 367 6.49 48.11 6.48
C LYS D 367 5.10 47.68 6.91
N SER D 368 4.59 48.31 7.98
CA SER D 368 3.27 47.98 8.50
C SER D 368 2.21 48.87 7.86
N GLU D 369 0.94 48.54 8.14
CA GLU D 369 -0.16 49.27 7.51
C GLU D 369 -0.14 50.73 7.91
N VAL D 370 0.04 51.01 9.20
CA VAL D 370 0.12 52.40 9.65
C VAL D 370 1.32 53.08 9.01
N GLU D 371 2.44 52.38 8.93
CA GLU D 371 3.63 52.94 8.29
C GLU D 371 3.34 53.29 6.84
N LEU D 372 2.71 52.38 6.09
CA LEU D 372 2.44 52.63 4.69
C LEU D 372 1.47 53.79 4.51
N VAL D 373 0.44 53.87 5.36
CA VAL D 373 -0.52 54.96 5.26
C VAL D 373 0.17 56.29 5.56
N GLN D 374 1.03 56.32 6.58
CA GLN D 374 1.75 57.56 6.90
C GLN D 374 2.67 57.95 5.76
N LEU D 375 3.35 56.97 5.15
CA LEU D 375 4.21 57.27 4.01
C LEU D 375 3.40 57.86 2.86
N VAL D 376 2.24 57.28 2.57
CA VAL D 376 1.40 57.82 1.49
C VAL D 376 0.97 59.24 1.82
N ILE D 377 0.57 59.48 3.07
CA ILE D 377 0.11 60.81 3.47
C ILE D 377 1.24 61.82 3.31
N ASP D 378 2.44 61.47 3.77
CA ASP D 378 3.57 62.38 3.66
C ASP D 378 3.92 62.63 2.20
N GLY D 379 3.91 61.59 1.37
CA GLY D 379 4.23 61.76 -0.03
C GLY D 379 3.25 62.66 -0.75
N VAL D 380 1.95 62.44 -0.52
CA VAL D 380 0.94 63.27 -1.17
C VAL D 380 1.00 64.71 -0.64
N ASN D 381 1.29 64.87 0.66
CA ASN D 381 1.46 66.21 1.20
C ASN D 381 2.62 66.92 0.52
N TYR D 382 3.74 66.23 0.35
CA TYR D 382 4.88 66.81 -0.37
C TYR D 382 4.49 67.16 -1.79
N LEU D 383 3.78 66.25 -2.48
CA LEU D 383 3.40 66.50 -3.86
C LEU D 383 2.52 67.75 -3.97
N ILE D 384 1.51 67.86 -3.10
CA ILE D 384 0.61 69.00 -3.15
C ILE D 384 1.27 70.26 -2.60
N ASP D 385 2.40 70.12 -1.90
CA ASP D 385 3.14 71.27 -1.41
C ASP D 385 4.13 71.79 -2.45
N CYS D 386 4.86 70.90 -3.11
CA CYS D 386 5.82 71.26 -4.14
C CYS D 386 5.23 71.17 -5.54
N GLU D 387 3.90 71.27 -5.66
CA GLU D 387 3.24 71.36 -6.95
C GLU D 387 3.24 72.77 -7.51
N ARG D 388 3.76 73.74 -6.76
CA ARG D 388 3.63 75.15 -7.10
C ARG D 388 4.02 75.41 -8.55
N ARG D 389 3.03 75.81 -9.35
CA ARG D 389 3.29 76.37 -10.68
C ARG D 389 3.41 77.88 -10.65
N LEU D 390 2.82 78.54 -9.66
CA LEU D 390 3.00 79.97 -9.47
C LEU D 390 4.49 80.32 -9.40
N GLU D 391 5.28 79.46 -8.79
CA GLU D 391 6.73 79.63 -8.69
C GLU D 391 7.39 78.27 -8.89
N ARG D 392 8.70 78.23 -8.67
CA ARG D 392 9.49 77.01 -8.77
C ARG D 392 10.11 76.71 -7.41
N GLY D 393 10.97 75.69 -7.38
CA GLY D 393 11.67 75.31 -6.16
C GLY D 393 11.42 73.89 -5.73
N GLN D 394 11.12 73.02 -6.70
CA GLN D 394 10.97 71.60 -6.38
C GLN D 394 12.27 71.06 -5.79
N ASP D 395 12.15 70.33 -4.68
CA ASP D 395 13.31 69.86 -3.93
C ASP D 395 13.48 68.35 -3.96
N ILE D 396 12.51 67.60 -4.45
CA ILE D 396 12.59 66.14 -4.50
C ILE D 396 12.71 65.60 -3.08
N ARG D 397 13.85 65.88 -2.44
CA ARG D 397 14.07 65.52 -1.04
C ARG D 397 13.94 64.02 -0.82
N ILE D 398 14.86 63.28 -1.43
CA ILE D 398 14.95 61.83 -1.23
C ILE D 398 14.98 61.53 0.26
N SER E 31 -6.85 10.98 9.91
CA SER E 31 -8.02 10.18 10.23
C SER E 31 -8.90 9.99 9.00
N GLU E 32 -9.53 8.82 8.90
CA GLU E 32 -10.43 8.51 7.80
C GLU E 32 -11.86 8.93 8.08
N ARG E 33 -12.14 9.53 9.24
CA ARG E 33 -13.48 9.98 9.57
C ARG E 33 -13.84 11.30 8.92
N ARG E 34 -12.86 12.01 8.34
CA ARG E 34 -13.16 13.26 7.66
C ARG E 34 -13.99 12.99 6.41
N ARG E 35 -14.90 13.92 6.10
CA ARG E 35 -15.88 13.75 5.05
C ARG E 35 -15.53 14.61 3.84
N LEU E 36 -15.65 14.03 2.66
CA LEU E 36 -15.42 14.76 1.43
C LEU E 36 -16.62 15.66 1.12
N TYR E 37 -16.38 16.65 0.27
CA TYR E 37 -17.48 17.45 -0.25
C TYR E 37 -18.40 16.54 -1.07
N PRO E 38 -19.70 16.54 -0.82
CA PRO E 38 -20.61 15.74 -1.65
C PRO E 38 -20.51 16.17 -3.09
N PRO E 39 -20.60 15.25 -4.05
CA PRO E 39 -20.48 15.66 -5.46
C PRO E 39 -21.48 16.72 -5.85
N SER E 40 -22.68 16.68 -5.30
CA SER E 40 -23.68 17.70 -5.61
C SER E 40 -23.18 19.09 -5.22
N ALA E 41 -22.26 19.18 -4.26
CA ALA E 41 -21.72 20.47 -3.89
C ALA E 41 -20.93 21.10 -5.03
N GLU E 42 -20.30 20.28 -5.87
CA GLU E 42 -19.49 20.77 -6.98
C GLU E 42 -20.30 20.96 -8.25
N TYR E 43 -21.58 20.60 -8.26
CA TYR E 43 -22.35 20.64 -9.50
C TYR E 43 -22.40 22.06 -10.03
N PRO E 44 -22.13 22.28 -11.32
CA PRO E 44 -22.14 23.64 -11.86
C PRO E 44 -23.53 24.27 -11.82
N ASP E 45 -23.55 25.59 -11.89
CA ASP E 45 -24.79 26.36 -11.94
C ASP E 45 -25.11 26.64 -13.41
N LEU E 46 -25.89 25.75 -14.01
CA LEU E 46 -26.19 25.80 -15.44
C LEU E 46 -27.60 26.31 -15.73
N ARG E 47 -28.10 27.23 -14.90
CA ARG E 47 -29.47 27.71 -15.07
C ARG E 47 -29.63 28.63 -16.27
N LYS E 48 -28.55 29.14 -16.85
CA LYS E 48 -28.61 30.07 -17.96
C LYS E 48 -27.58 29.70 -19.02
N HIS E 49 -27.48 28.42 -19.33
CA HIS E 49 -26.51 27.89 -20.27
C HIS E 49 -27.23 27.28 -21.47
N ASN E 50 -26.45 26.79 -22.42
CA ASN E 50 -26.99 26.12 -23.60
C ASN E 50 -26.24 24.82 -23.88
N CYS E 52 -24.23 21.76 -25.77
CA CYS E 52 -25.15 20.68 -25.43
C CYS E 52 -24.83 20.07 -24.07
N MET E 53 -23.71 20.49 -23.48
CA MET E 53 -23.31 19.92 -22.19
C MET E 53 -24.35 20.22 -21.11
N ALA E 54 -24.83 21.47 -21.07
CA ALA E 54 -25.72 21.87 -19.99
C ALA E 54 -27.02 21.06 -20.03
N SER E 55 -27.58 20.86 -21.23
CA SER E 55 -28.84 20.15 -21.34
C SER E 55 -28.67 18.66 -21.07
N HIS E 56 -27.48 18.11 -21.35
CA HIS E 56 -27.24 16.68 -21.21
C HIS E 56 -26.46 16.34 -19.95
N LEU E 57 -26.20 17.31 -19.08
CA LEU E 57 -25.57 17.06 -17.79
C LEU E 57 -26.62 17.14 -16.70
N THR E 58 -26.71 16.10 -15.88
CA THR E 58 -27.70 15.99 -14.83
C THR E 58 -27.01 15.61 -13.53
N PRO E 59 -27.64 15.89 -12.39
CA PRO E 59 -26.98 15.60 -11.10
C PRO E 59 -26.53 14.16 -10.98
N ALA E 60 -27.34 13.21 -11.46
CA ALA E 60 -26.97 11.80 -11.37
C ALA E 60 -25.69 11.51 -12.14
N VAL E 61 -25.58 12.05 -13.36
CA VAL E 61 -24.41 11.79 -14.19
C VAL E 61 -23.16 12.38 -13.53
N TYR E 62 -23.26 13.64 -13.07
CA TYR E 62 -22.11 14.25 -12.43
C TYR E 62 -21.69 13.48 -11.19
N ALA E 63 -22.65 13.09 -10.36
CA ALA E 63 -22.32 12.32 -9.17
C ALA E 63 -21.65 11.01 -9.54
N ARG E 64 -22.15 10.34 -10.58
CA ARG E 64 -21.56 9.08 -11.00
C ARG E 64 -20.12 9.26 -11.47
N LEU E 65 -19.86 10.32 -12.24
CA LEU E 65 -18.55 10.53 -12.85
C LEU E 65 -17.67 11.50 -12.07
N CYS E 66 -18.11 11.94 -10.88
CA CYS E 66 -17.34 12.93 -10.14
C CYS E 66 -15.97 12.42 -9.71
N ASP E 67 -15.79 11.10 -9.65
CA ASP E 67 -14.55 10.52 -9.14
C ASP E 67 -13.74 9.78 -10.19
N LYS E 68 -14.32 9.44 -11.33
CA LYS E 68 -13.57 8.76 -12.37
C LYS E 68 -12.42 9.63 -12.85
N THR E 69 -11.52 9.02 -13.62
CA THR E 69 -10.41 9.76 -14.21
C THR E 69 -9.68 8.85 -15.18
N THR E 70 -9.21 9.43 -16.28
CA THR E 70 -8.40 8.70 -17.23
C THR E 70 -7.04 8.39 -16.61
N PRO E 71 -6.32 7.39 -17.13
CA PRO E 71 -5.03 7.04 -16.52
C PRO E 71 -4.06 8.20 -16.45
N THR E 72 -4.16 9.16 -17.37
CA THR E 72 -3.28 10.32 -17.36
C THR E 72 -3.74 11.42 -16.40
N GLY E 73 -4.88 11.24 -15.72
CA GLY E 73 -5.35 12.18 -14.74
C GLY E 73 -6.46 13.10 -15.19
N TRP E 74 -6.94 12.97 -16.42
CA TRP E 74 -8.05 13.79 -16.88
C TRP E 74 -9.30 13.48 -16.06
N THR E 75 -10.07 14.51 -15.76
CA THR E 75 -11.26 14.38 -14.93
C THR E 75 -12.44 15.09 -15.58
N LEU E 76 -13.64 14.79 -15.10
CA LEU E 76 -14.85 15.31 -15.71
C LEU E 76 -14.89 16.84 -15.66
N ASP E 77 -14.53 17.42 -14.51
CA ASP E 77 -14.56 18.87 -14.39
C ASP E 77 -13.68 19.53 -15.46
N GLN E 78 -12.52 18.94 -15.74
CA GLN E 78 -11.68 19.46 -16.80
C GLN E 78 -12.39 19.38 -18.14
N CYS E 79 -13.11 18.28 -18.40
CA CYS E 79 -13.83 18.15 -19.66
C CYS E 79 -14.88 19.24 -19.81
N ILE E 80 -15.64 19.52 -18.75
CA ILE E 80 -16.77 20.44 -18.85
C ILE E 80 -16.40 21.88 -18.49
N GLN E 81 -15.14 22.15 -18.17
CA GLN E 81 -14.76 23.51 -17.79
C GLN E 81 -15.03 24.52 -18.89
N THR E 82 -14.66 24.19 -20.13
CA THR E 82 -14.85 25.16 -21.22
C THR E 82 -16.31 25.48 -21.42
N GLY E 83 -17.19 24.47 -21.36
CA GLY E 83 -18.62 24.73 -21.49
C GLY E 83 -19.17 25.52 -20.32
N VAL E 84 -18.71 25.21 -19.11
CA VAL E 84 -19.21 25.90 -17.93
C VAL E 84 -18.83 27.38 -17.97
N ASP E 85 -17.59 27.67 -18.34
CA ASP E 85 -17.13 29.06 -18.35
C ASP E 85 -17.92 29.89 -19.35
N ASN E 86 -18.20 29.33 -20.53
CA ASN E 86 -18.89 30.06 -21.58
C ASN E 86 -20.35 29.63 -21.60
N PRO E 87 -21.30 30.44 -21.14
CA PRO E 87 -22.71 30.02 -21.18
C PRO E 87 -23.22 29.76 -22.58
N GLY E 88 -22.64 30.41 -23.59
CA GLY E 88 -23.10 30.24 -24.96
C GLY E 88 -24.28 31.13 -25.30
N HIS E 89 -24.19 31.83 -26.42
CA HIS E 89 -25.27 32.72 -26.82
C HIS E 89 -26.50 31.90 -27.23
N PRO E 90 -27.70 32.41 -26.98
CA PRO E 90 -28.91 31.70 -27.41
C PRO E 90 -28.94 31.53 -28.93
N PHE E 91 -29.49 30.40 -29.36
CA PHE E 91 -29.64 30.01 -30.76
C PHE E 91 -28.31 29.50 -31.33
N ILE E 92 -27.24 29.46 -30.55
CA ILE E 92 -25.95 28.95 -30.99
C ILE E 92 -25.64 27.70 -30.19
N LYS E 93 -25.40 26.59 -30.90
CA LYS E 93 -25.13 25.31 -30.28
C LYS E 93 -23.64 25.05 -30.29
N THR E 94 -23.06 24.88 -29.10
CA THR E 94 -21.65 24.54 -28.94
C THR E 94 -21.53 23.31 -28.08
N VAL E 95 -20.55 22.46 -28.39
CA VAL E 95 -20.41 21.19 -27.68
C VAL E 95 -20.16 21.43 -26.20
N GLY E 96 -19.25 22.34 -25.88
CA GLY E 96 -19.01 22.71 -24.50
C GLY E 96 -18.16 21.74 -23.71
N MET E 97 -17.49 20.80 -24.37
CA MET E 97 -16.57 19.92 -23.68
C MET E 97 -15.46 19.51 -24.63
N VAL E 98 -14.37 19.02 -24.06
CA VAL E 98 -13.21 18.52 -24.80
C VAL E 98 -12.71 17.27 -24.12
N ALA E 99 -11.81 16.57 -24.80
CA ALA E 99 -11.21 15.34 -24.28
C ALA E 99 -9.71 15.55 -24.07
N GLY E 100 -9.19 15.04 -22.96
CA GLY E 100 -7.79 15.18 -22.63
C GLY E 100 -6.92 14.10 -23.23
N ASP E 101 -7.53 12.99 -23.61
CA ASP E 101 -6.80 11.88 -24.23
C ASP E 101 -7.83 10.89 -24.78
N GLU E 102 -7.33 9.79 -25.34
CA GLU E 102 -8.24 8.81 -25.94
C GLU E 102 -9.15 8.19 -24.88
N GLU E 103 -8.55 7.67 -23.80
CA GLU E 103 -9.32 6.98 -22.77
C GLU E 103 -10.50 7.80 -22.27
N THR E 104 -10.44 9.12 -22.40
CA THR E 104 -11.56 9.96 -21.96
C THR E 104 -12.86 9.49 -22.58
N TYR E 105 -12.88 9.32 -23.91
CA TYR E 105 -14.13 8.97 -24.57
C TYR E 105 -14.68 7.65 -24.04
N GLU E 106 -13.83 6.79 -23.50
CA GLU E 106 -14.30 5.58 -22.86
C GLU E 106 -14.74 5.89 -21.43
N VAL E 107 -13.88 6.55 -20.66
CA VAL E 107 -14.15 6.72 -19.23
C VAL E 107 -15.43 7.52 -19.02
N PHE E 108 -15.57 8.64 -19.74
CA PHE E 108 -16.72 9.51 -19.61
C PHE E 108 -17.72 9.30 -20.75
N ALA E 109 -17.85 8.07 -21.23
CA ALA E 109 -18.78 7.80 -22.33
C ALA E 109 -20.21 8.13 -21.94
N ASP E 110 -20.57 7.89 -20.67
CA ASP E 110 -21.94 8.13 -20.25
C ASP E 110 -22.35 9.59 -20.44
N LEU E 111 -21.39 10.51 -20.47
CA LEU E 111 -21.67 11.92 -20.69
C LEU E 111 -21.51 12.31 -22.14
N PHE E 112 -20.41 11.88 -22.77
CA PHE E 112 -20.14 12.29 -24.15
C PHE E 112 -21.17 11.71 -25.12
N ASP E 113 -21.55 10.45 -24.92
CA ASP E 113 -22.36 9.76 -25.92
C ASP E 113 -23.63 10.51 -26.28
N PRO E 114 -24.44 10.97 -25.33
CA PRO E 114 -25.58 11.82 -25.71
C PRO E 114 -25.14 13.06 -26.47
N VAL E 115 -24.02 13.66 -26.08
CA VAL E 115 -23.55 14.86 -26.77
C VAL E 115 -23.16 14.53 -28.21
N ILE E 116 -22.42 13.44 -28.39
CA ILE E 116 -22.01 13.04 -29.74
C ILE E 116 -23.24 12.76 -30.59
N GLN E 117 -24.22 12.05 -30.03
CA GLN E 117 -25.42 11.70 -30.79
C GLN E 117 -26.20 12.95 -31.17
N GLU E 118 -26.39 13.88 -30.24
CA GLU E 118 -27.13 15.09 -30.54
C GLU E 118 -26.39 15.93 -31.58
N ARG E 119 -25.06 15.97 -31.50
CA ARG E 119 -24.29 16.77 -32.45
C ARG E 119 -24.42 16.21 -33.86
N HIS E 120 -24.19 14.92 -34.03
CA HIS E 120 -24.17 14.29 -35.35
C HIS E 120 -25.53 13.69 -35.70
N ASN E 121 -26.57 14.50 -35.58
CA ASN E 121 -27.91 14.23 -36.09
C ASN E 121 -28.28 12.75 -36.01
N GLY E 122 -28.19 12.21 -34.80
CA GLY E 122 -28.75 10.91 -34.48
C GLY E 122 -27.77 9.76 -34.45
N TYR E 123 -26.53 9.97 -34.87
CA TYR E 123 -25.54 8.89 -34.81
C TYR E 123 -25.40 8.40 -33.38
N ASP E 124 -25.44 7.07 -33.20
CA ASP E 124 -25.35 6.49 -31.87
C ASP E 124 -23.99 5.84 -31.69
N PRO E 125 -23.07 6.42 -30.91
CA PRO E 125 -21.75 5.79 -30.74
C PRO E 125 -21.82 4.40 -30.12
N ARG E 126 -22.78 4.17 -29.22
CA ARG E 126 -22.82 2.89 -28.52
C ARG E 126 -23.05 1.72 -29.47
N THR E 127 -23.98 1.88 -30.41
CA THR E 127 -24.38 0.80 -31.31
C THR E 127 -23.74 0.91 -32.68
N MET E 128 -23.92 2.04 -33.36
CA MET E 128 -23.44 2.18 -34.71
C MET E 128 -21.92 2.11 -34.76
N LYS E 129 -21.39 1.85 -35.95
CA LYS E 129 -19.96 1.75 -36.19
C LYS E 129 -19.57 2.68 -37.34
N HIS E 130 -18.30 3.07 -37.35
CA HIS E 130 -17.77 4.00 -38.33
C HIS E 130 -16.83 3.29 -39.29
N THR E 131 -16.89 3.67 -40.56
CA THR E 131 -16.05 3.12 -41.61
C THR E 131 -15.29 4.25 -42.28
N THR E 132 -14.01 4.02 -42.55
CA THR E 132 -13.12 5.03 -43.10
C THR E 132 -12.59 4.57 -44.46
N ASP E 133 -12.72 5.43 -45.46
CA ASP E 133 -12.13 5.19 -46.78
C ASP E 133 -11.53 6.49 -47.28
N LEU E 134 -10.45 6.36 -48.07
CA LEU E 134 -9.76 7.54 -48.58
C LEU E 134 -9.36 7.35 -50.04
N ASP E 135 -10.16 6.62 -50.80
CA ASP E 135 -9.85 6.38 -52.21
C ASP E 135 -10.32 7.55 -53.06
N ALA E 136 -9.40 8.13 -53.83
CA ALA E 136 -9.72 9.23 -54.74
C ALA E 136 -10.20 8.73 -56.10
N SER E 137 -10.24 7.42 -56.32
CA SER E 137 -10.80 6.90 -57.56
C SER E 137 -12.32 6.92 -57.56
N LYS E 138 -12.94 6.72 -56.40
CA LYS E 138 -14.40 6.67 -56.33
C LYS E 138 -15.02 8.01 -56.73
N ILE E 139 -14.41 9.12 -56.32
CA ILE E 139 -14.98 10.42 -56.60
C ILE E 139 -15.18 10.60 -58.10
N ARG E 140 -16.23 11.32 -58.46
CA ARG E 140 -16.51 11.66 -59.85
C ARG E 140 -16.68 13.17 -59.98
N SER E 141 -17.08 13.63 -61.17
CA SER E 141 -17.26 15.07 -61.40
C SER E 141 -15.97 15.82 -61.11
N GLY E 142 -15.84 16.36 -59.91
CA GLY E 142 -14.63 17.05 -59.52
C GLY E 142 -14.51 18.45 -60.07
N TYR E 143 -14.39 18.56 -61.39
CA TYR E 143 -14.23 19.87 -62.02
C TYR E 143 -15.44 20.74 -61.75
N PHE E 144 -15.19 21.99 -61.38
CA PHE E 144 -16.22 22.97 -61.10
C PHE E 144 -16.20 24.05 -62.18
N ASP E 145 -17.06 25.06 -62.02
CA ASP E 145 -17.14 26.19 -62.92
C ASP E 145 -16.58 27.42 -62.21
N GLU E 146 -15.68 28.14 -62.89
CA GLU E 146 -15.03 29.32 -62.31
C GLU E 146 -16.01 30.49 -62.34
N ARG E 147 -17.07 30.35 -61.56
CA ARG E 147 -18.07 31.40 -61.37
C ARG E 147 -18.05 31.97 -59.96
N TYR E 148 -18.18 31.11 -58.94
CA TYR E 148 -18.04 31.52 -57.56
C TYR E 148 -17.17 30.58 -56.74
N VAL E 149 -16.66 29.49 -57.35
CA VAL E 149 -15.87 28.53 -56.59
C VAL E 149 -14.62 29.20 -56.01
N LEU E 150 -13.93 29.98 -56.84
CA LEU E 150 -12.77 30.73 -56.37
C LEU E 150 -11.67 29.79 -55.88
N SER E 151 -11.89 29.12 -54.75
CA SER E 151 -10.89 28.26 -54.15
C SER E 151 -11.56 27.01 -53.60
N SER E 152 -10.76 25.96 -53.44
CA SER E 152 -11.22 24.71 -52.86
C SER E 152 -10.22 24.24 -51.82
N ARG E 153 -10.72 23.56 -50.79
CA ARG E 153 -9.90 23.13 -49.67
C ARG E 153 -10.49 21.87 -49.06
N VAL E 154 -9.64 21.08 -48.43
CA VAL E 154 -10.04 19.92 -47.64
C VAL E 154 -9.18 19.90 -46.38
N ARG E 155 -9.79 19.54 -45.26
CA ARG E 155 -9.11 19.60 -43.97
C ARG E 155 -9.49 18.40 -43.11
N THR E 156 -8.51 17.87 -42.39
CA THR E 156 -8.76 16.80 -41.42
C THR E 156 -7.81 16.98 -40.24
N GLY E 157 -8.04 16.17 -39.20
CA GLY E 157 -7.18 16.19 -38.05
C GLY E 157 -6.74 14.78 -37.69
N ARG E 158 -5.61 14.71 -36.98
CA ARG E 158 -5.03 13.43 -36.60
C ARG E 158 -4.29 13.59 -35.28
N SER E 159 -4.46 12.61 -34.40
CA SER E 159 -3.84 12.60 -33.08
C SER E 159 -2.93 11.39 -32.95
N ILE E 160 -1.74 11.62 -32.42
CA ILE E 160 -0.76 10.55 -32.25
C ILE E 160 -1.09 9.76 -30.98
N ARG E 161 -1.19 8.44 -31.11
CA ARG E 161 -1.51 7.61 -29.97
C ARG E 161 -0.38 7.64 -28.94
N GLY E 162 -0.76 7.51 -27.67
CA GLY E 162 0.19 7.53 -26.58
C GLY E 162 0.56 8.91 -26.08
N LEU E 163 0.02 9.96 -26.67
CA LEU E 163 0.33 11.33 -26.29
C LEU E 163 -0.96 12.06 -25.97
N SER E 164 -0.96 12.79 -24.85
CA SER E 164 -2.17 13.49 -24.41
C SER E 164 -2.55 14.56 -25.42
N LEU E 165 -3.85 14.81 -25.52
CA LEU E 165 -4.37 15.76 -26.47
C LEU E 165 -4.09 17.19 -26.01
N PRO E 166 -4.20 18.17 -26.91
CA PRO E 166 -3.72 19.52 -26.61
C PRO E 166 -4.31 20.08 -25.32
N PRO E 167 -5.58 19.82 -25.02
CA PRO E 167 -6.14 20.35 -23.78
C PRO E 167 -5.39 19.91 -22.54
N ALA E 168 -4.83 18.69 -22.53
CA ALA E 168 -4.15 18.16 -21.37
C ALA E 168 -2.66 17.92 -21.58
N CYS E 169 -2.15 18.07 -22.80
CA CYS E 169 -0.75 17.76 -23.06
C CYS E 169 0.16 18.71 -22.31
N THR E 170 1.27 18.17 -21.80
CA THR E 170 2.28 18.98 -21.15
C THR E 170 3.30 19.46 -22.19
N ARG E 171 4.31 20.20 -21.73
CA ARG E 171 5.34 20.68 -22.65
C ARG E 171 6.09 19.53 -23.29
N ALA E 172 6.44 18.52 -22.49
CA ALA E 172 7.18 17.38 -23.03
C ALA E 172 6.38 16.64 -24.10
N GLU E 173 5.10 16.41 -23.85
CA GLU E 173 4.28 15.69 -24.83
C GLU E 173 4.10 16.51 -26.09
N ARG E 174 3.91 17.83 -25.95
CA ARG E 174 3.79 18.67 -27.12
C ARG E 174 5.06 18.64 -27.96
N ARG E 175 6.22 18.74 -27.31
CA ARG E 175 7.48 18.67 -28.04
C ARG E 175 7.65 17.31 -28.71
N GLU E 176 7.23 16.23 -28.03
CA GLU E 176 7.31 14.91 -28.63
C GLU E 176 6.44 14.82 -29.88
N VAL E 177 5.22 15.35 -29.82
CA VAL E 177 4.34 15.35 -30.97
C VAL E 177 5.00 16.10 -32.13
N GLU E 178 5.56 17.28 -31.84
CA GLU E 178 6.21 18.06 -32.88
C GLU E 178 7.37 17.30 -33.50
N ARG E 179 8.18 16.67 -32.66
N ARG E 179 8.18 16.67 -32.66
CA ARG E 179 9.34 15.93 -33.17
CA ARG E 179 9.33 15.93 -33.17
C ARG E 179 8.89 14.77 -34.05
C ARG E 179 8.89 14.77 -34.05
N VAL E 180 7.89 14.02 -33.62
CA VAL E 180 7.42 12.88 -34.40
C VAL E 180 6.92 13.36 -35.76
N VAL E 181 6.08 14.39 -35.76
CA VAL E 181 5.50 14.86 -37.01
C VAL E 181 6.59 15.40 -37.93
N VAL E 182 7.52 16.17 -37.39
CA VAL E 182 8.56 16.78 -38.23
C VAL E 182 9.46 15.70 -38.82
N ASP E 183 9.88 14.73 -38.01
CA ASP E 183 10.73 13.66 -38.51
C ASP E 183 10.02 12.86 -39.59
N ALA E 184 8.73 12.57 -39.38
CA ALA E 184 7.97 11.85 -40.40
C ALA E 184 7.90 12.66 -41.69
N LEU E 185 7.48 13.91 -41.61
CA LEU E 185 7.34 14.72 -42.81
C LEU E 185 8.66 14.93 -43.53
N SER E 186 9.79 14.86 -42.81
CA SER E 186 11.07 14.99 -43.48
C SER E 186 11.26 13.90 -44.53
N GLY E 187 10.64 12.74 -44.36
CA GLY E 187 10.78 11.66 -45.30
C GLY E 187 9.93 11.76 -46.55
N LEU E 188 9.00 12.71 -46.61
CA LEU E 188 8.19 12.88 -47.80
C LEU E 188 9.06 13.27 -48.98
N LYS E 189 8.76 12.70 -50.15
CA LYS E 189 9.52 12.94 -51.36
C LYS E 189 8.57 13.18 -52.52
N GLY E 190 9.05 13.90 -53.52
CA GLY E 190 8.25 14.18 -54.70
C GLY E 190 7.51 15.51 -54.62
N ASP E 191 6.27 15.53 -55.11
CA ASP E 191 5.49 16.76 -55.08
C ASP E 191 5.22 17.22 -53.66
N LEU E 192 4.94 16.28 -52.76
CA LEU E 192 4.61 16.62 -51.38
C LEU E 192 5.88 16.78 -50.54
N ALA E 193 6.83 17.58 -51.02
CA ALA E 193 8.07 17.84 -50.32
C ALA E 193 8.17 19.34 -50.06
N GLY E 194 8.43 19.70 -48.81
CA GLY E 194 8.49 21.09 -48.43
C GLY E 194 9.28 21.30 -47.17
N ARG E 195 8.88 22.31 -46.40
CA ARG E 195 9.64 22.72 -45.22
C ARG E 195 8.72 22.93 -44.04
N TYR E 196 9.30 22.78 -42.84
CA TYR E 196 8.62 23.01 -41.58
C TYR E 196 9.13 24.32 -40.98
N TYR E 197 8.20 25.22 -40.67
CA TYR E 197 8.51 26.51 -40.08
C TYR E 197 7.98 26.55 -38.65
N ARG E 198 8.87 26.86 -37.72
CA ARG E 198 8.52 26.95 -36.31
C ARG E 198 8.02 28.35 -35.98
N LEU E 199 6.93 28.43 -35.23
CA LEU E 199 6.38 29.73 -34.86
C LEU E 199 7.38 30.55 -34.07
N SER E 200 8.08 29.90 -33.12
CA SER E 200 9.03 30.62 -32.29
C SER E 200 10.14 31.27 -33.10
N GLU E 201 10.42 30.77 -34.30
CA GLU E 201 11.51 31.28 -35.13
C GLU E 201 11.01 32.05 -36.35
N MET E 202 9.74 32.47 -36.33
CA MET E 202 9.13 33.15 -37.47
C MET E 202 8.78 34.58 -37.09
N THR E 203 9.10 35.51 -38.00
CA THR E 203 8.84 36.92 -37.74
C THR E 203 7.34 37.21 -37.68
N GLU E 204 6.98 38.23 -36.91
CA GLU E 204 5.58 38.59 -36.78
C GLU E 204 4.98 39.01 -38.11
N ALA E 205 5.73 39.79 -38.90
CA ALA E 205 5.23 40.23 -40.19
C ALA E 205 5.00 39.05 -41.12
N GLU E 206 5.94 38.09 -41.14
CA GLU E 206 5.77 36.90 -41.96
C GLU E 206 4.56 36.10 -41.51
N GLN E 207 4.37 35.97 -40.19
CA GLN E 207 3.22 35.25 -39.68
C GLN E 207 1.91 35.92 -40.10
N GLN E 208 1.85 37.25 -40.00
CA GLN E 208 0.65 37.97 -40.41
C GLN E 208 0.39 37.79 -41.90
N GLN E 209 1.44 37.86 -42.71
CA GLN E 209 1.28 37.66 -44.15
C GLN E 209 0.75 36.26 -44.45
N LEU E 210 1.30 35.25 -43.77
CA LEU E 210 0.82 33.89 -43.98
C LEU E 210 -0.63 33.75 -43.56
N ILE E 211 -1.01 34.37 -42.44
CA ILE E 211 -2.40 34.32 -41.98
C ILE E 211 -3.33 34.95 -43.02
N ASP E 212 -2.94 36.12 -43.54
CA ASP E 212 -3.76 36.77 -44.56
C ASP E 212 -3.87 35.90 -45.81
N ASP E 213 -2.77 35.28 -46.22
CA ASP E 213 -2.78 34.36 -47.35
C ASP E 213 -3.44 33.03 -47.03
N HIS E 214 -4.00 32.86 -45.84
CA HIS E 214 -4.65 31.60 -45.46
C HIS E 214 -3.65 30.46 -45.42
N PHE E 215 -2.46 30.74 -44.91
CA PHE E 215 -1.38 29.75 -44.80
C PHE E 215 -0.76 29.79 -43.42
N LEU E 216 -1.59 29.97 -42.39
CA LEU E 216 -1.10 30.00 -41.01
C LEU E 216 -2.31 30.05 -40.09
N PHE E 217 -2.03 29.92 -38.79
CA PHE E 217 -3.04 30.02 -37.75
C PHE E 217 -2.63 31.08 -36.74
N ASP E 218 -3.62 31.80 -36.22
CA ASP E 218 -3.38 32.90 -35.30
C ASP E 218 -3.37 32.39 -33.86
N LYS E 219 -2.76 33.17 -32.98
CA LYS E 219 -2.72 32.83 -31.57
C LYS E 219 -4.16 32.76 -31.04
N PRO E 220 -4.56 31.68 -30.38
CA PRO E 220 -5.94 31.60 -29.88
C PRO E 220 -6.22 32.73 -28.89
N VAL E 221 -7.34 33.42 -29.12
CA VAL E 221 -7.79 34.46 -28.20
C VAL E 221 -9.25 34.32 -27.81
N SER E 222 -10.04 33.52 -28.52
CA SER E 222 -11.44 33.37 -28.15
C SER E 222 -11.56 32.73 -26.77
N PRO E 223 -12.56 33.11 -25.98
CA PRO E 223 -12.70 32.51 -24.65
C PRO E 223 -12.82 31.00 -24.70
N LEU E 224 -13.45 30.46 -25.75
CA LEU E 224 -13.59 29.01 -25.85
C LEU E 224 -12.23 28.33 -25.82
N LEU E 225 -11.28 28.82 -26.61
CA LEU E 225 -9.99 28.16 -26.71
C LEU E 225 -9.25 28.21 -25.37
N THR E 226 -9.13 29.41 -24.79
CA THR E 226 -8.37 29.56 -23.56
C THR E 226 -9.02 28.87 -22.37
N ALA E 227 -10.34 28.89 -22.27
CA ALA E 227 -11.01 28.20 -21.18
C ALA E 227 -10.70 26.71 -21.20
N ALA E 228 -10.50 26.14 -22.39
CA ALA E 228 -10.10 24.75 -22.52
C ALA E 228 -8.63 24.54 -22.20
N GLY E 229 -7.86 25.60 -22.01
CA GLY E 229 -6.44 25.47 -21.75
C GLY E 229 -5.66 24.92 -22.90
N MET E 230 -5.93 25.38 -24.12
CA MET E 230 -5.20 24.95 -25.31
C MET E 230 -4.26 26.01 -25.85
N ALA E 231 -4.21 27.19 -25.23
CA ALA E 231 -3.26 28.23 -25.58
C ALA E 231 -2.05 28.25 -24.66
N ARG E 232 -1.90 27.22 -23.82
CA ARG E 232 -0.80 27.20 -22.88
C ARG E 232 0.54 27.15 -23.61
N ASP E 233 1.53 27.86 -23.08
CA ASP E 233 2.90 27.82 -23.56
C ASP E 233 3.03 28.32 -24.99
N TRP E 234 2.09 29.10 -25.48
CA TRP E 234 2.18 29.61 -26.84
C TRP E 234 3.41 30.52 -26.96
N PRO E 235 4.15 30.47 -28.07
CA PRO E 235 3.99 29.62 -29.26
C PRO E 235 4.90 28.40 -29.24
N ASP E 236 5.33 27.95 -28.07
CA ASP E 236 6.29 26.85 -28.01
C ASP E 236 5.69 25.57 -28.58
N ALA E 237 6.42 24.95 -29.50
CA ALA E 237 6.08 23.65 -30.07
C ALA E 237 4.89 23.69 -31.02
N ARG E 238 4.60 24.85 -31.61
CA ARG E 238 3.58 24.98 -32.64
C ARG E 238 4.26 25.33 -33.95
N GLY E 239 3.86 24.67 -35.04
CA GLY E 239 4.54 24.88 -36.29
C GLY E 239 3.65 24.67 -37.49
N ILE E 240 4.20 24.93 -38.68
CA ILE E 240 3.47 24.77 -39.93
C ILE E 240 4.42 24.16 -40.95
N TRP E 241 4.09 22.98 -41.46
CA TRP E 241 4.85 22.32 -42.51
C TRP E 241 4.07 22.44 -43.81
N HIS E 242 4.68 23.03 -44.83
CA HIS E 242 3.98 23.18 -46.10
C HIS E 242 4.90 22.79 -47.25
N ASN E 243 4.29 22.25 -48.30
CA ASN E 243 5.03 21.85 -49.48
C ASN E 243 5.53 23.08 -50.23
N ASN E 244 6.39 22.84 -51.23
CA ASN E 244 6.97 23.95 -51.99
C ASN E 244 5.88 24.75 -52.69
N GLU E 245 4.93 24.06 -53.33
CA GLU E 245 3.84 24.75 -54.01
C GLU E 245 2.83 25.36 -53.03
N LYS E 246 2.94 25.06 -51.74
CA LYS E 246 2.01 25.55 -50.72
C LYS E 246 0.59 25.02 -50.96
N SER E 247 0.46 23.92 -51.69
CA SER E 247 -0.82 23.26 -51.90
C SER E 247 -1.08 22.14 -50.90
N PHE E 248 -0.17 21.93 -49.95
CA PHE E 248 -0.34 20.89 -48.94
C PHE E 248 0.29 21.40 -47.65
N LEU E 249 -0.54 21.63 -46.63
CA LEU E 249 -0.11 22.23 -45.37
C LEU E 249 -0.48 21.32 -44.21
N ILE E 250 0.25 21.48 -43.11
CA ILE E 250 0.02 20.71 -41.90
C ILE E 250 0.34 21.61 -40.71
N TRP E 251 -0.67 21.87 -39.88
CA TRP E 251 -0.50 22.65 -38.67
C TRP E 251 -0.22 21.70 -37.52
N VAL E 252 0.91 21.92 -36.83
CA VAL E 252 1.35 21.08 -35.74
C VAL E 252 1.07 21.81 -34.44
N ASN E 253 0.20 21.22 -33.61
CA ASN E 253 -0.12 21.72 -32.28
C ASN E 253 -0.76 23.11 -32.33
N GLU E 254 -1.89 23.19 -33.03
CA GLU E 254 -2.74 24.38 -33.01
C GLU E 254 -4.10 24.09 -32.38
N GLU E 255 -4.84 23.13 -32.91
CA GLU E 255 -6.04 22.60 -32.27
C GLU E 255 -5.96 21.11 -32.03
N ASP E 256 -5.18 20.38 -32.82
CA ASP E 256 -4.94 18.96 -32.63
C ASP E 256 -3.46 18.70 -32.83
N HIS E 257 -3.03 17.47 -32.53
CA HIS E 257 -1.65 17.10 -32.76
C HIS E 257 -1.25 17.38 -34.19
N THR E 258 -2.16 17.14 -35.14
CA THR E 258 -1.91 17.44 -36.54
C THR E 258 -3.21 17.87 -37.20
N ARG E 259 -3.13 18.93 -38.00
CA ARG E 259 -4.24 19.36 -38.85
C ARG E 259 -3.75 19.41 -40.28
N VAL E 260 -4.20 18.46 -41.10
CA VAL E 260 -3.79 18.34 -42.49
C VAL E 260 -4.75 19.12 -43.38
N ILE E 261 -4.20 19.88 -44.32
CA ILE E 261 -5.00 20.70 -45.22
C ILE E 261 -4.44 20.54 -46.63
N SER E 262 -5.34 20.37 -47.60
CA SER E 262 -5.00 20.37 -49.01
C SER E 262 -5.78 21.49 -49.68
N MET E 263 -5.08 22.42 -50.29
CA MET E 263 -5.67 23.63 -50.85
C MET E 263 -5.45 23.68 -52.35
N GLU E 264 -6.29 24.45 -53.02
CA GLU E 264 -6.11 24.72 -54.45
C GLU E 264 -6.92 25.96 -54.81
N LYS E 265 -6.23 27.01 -55.26
CA LYS E 265 -6.90 28.27 -55.62
C LYS E 265 -7.63 28.07 -56.94
N GLY E 266 -8.68 27.25 -56.89
CA GLY E 266 -9.47 26.95 -58.07
C GLY E 266 -10.73 26.21 -57.73
N GLY E 267 -11.11 25.23 -58.56
CA GLY E 267 -12.31 24.45 -58.32
C GLY E 267 -12.17 23.00 -58.70
N ASN E 268 -10.93 22.54 -58.91
CA ASN E 268 -10.67 21.15 -59.28
C ASN E 268 -10.60 20.29 -58.02
N MET E 269 -11.76 20.16 -57.37
CA MET E 269 -11.83 19.43 -56.11
C MET E 269 -11.30 18.02 -56.26
N LYS E 270 -11.42 17.42 -57.44
CA LYS E 270 -10.92 16.07 -57.64
C LYS E 270 -9.42 15.99 -57.37
N ARG E 271 -8.65 16.89 -57.98
CA ARG E 271 -7.20 16.88 -57.79
C ARG E 271 -6.84 17.19 -56.34
N VAL E 272 -7.56 18.13 -55.72
CA VAL E 272 -7.27 18.49 -54.34
C VAL E 272 -7.46 17.28 -53.44
N PHE E 273 -8.57 16.56 -53.61
CA PHE E 273 -8.82 15.38 -52.78
C PHE E 273 -7.83 14.27 -53.08
N GLU E 274 -7.43 14.11 -54.35
CA GLU E 274 -6.43 13.11 -54.69
C GLU E 274 -5.13 13.37 -53.96
N ARG E 275 -4.63 14.61 -54.04
CA ARG E 275 -3.41 14.97 -53.33
C ARG E 275 -3.59 14.77 -51.84
N PHE E 276 -4.74 15.20 -51.31
CA PHE E 276 -5.01 15.06 -49.87
C PHE E 276 -4.87 13.61 -49.42
N CYS E 277 -5.58 12.70 -50.10
CA CYS E 277 -5.61 11.32 -49.64
C CYS E 277 -4.24 10.66 -49.82
N ARG E 278 -3.57 10.91 -50.95
CA ARG E 278 -2.27 10.26 -51.14
C ARG E 278 -1.25 10.77 -50.14
N GLY E 279 -1.22 12.08 -49.89
CA GLY E 279 -0.32 12.62 -48.90
C GLY E 279 -0.62 12.12 -47.51
N LEU E 280 -1.90 12.00 -47.17
CA LEU E 280 -2.26 11.46 -45.85
C LEU E 280 -1.81 10.03 -45.71
N LYS E 281 -1.97 9.22 -46.77
CA LYS E 281 -1.51 7.84 -46.72
C LYS E 281 0.01 7.77 -46.52
N GLU E 282 0.76 8.61 -47.26
CA GLU E 282 2.21 8.61 -47.10
C GLU E 282 2.61 9.02 -45.70
N VAL E 283 1.96 10.06 -45.16
CA VAL E 283 2.28 10.53 -43.81
C VAL E 283 2.00 9.44 -42.80
N GLU E 284 0.87 8.75 -42.93
CA GLU E 284 0.55 7.67 -42.01
C GLU E 284 1.58 6.55 -42.10
N ARG E 285 1.98 6.19 -43.33
CA ARG E 285 2.99 5.14 -43.49
C ARG E 285 4.27 5.52 -42.78
N LEU E 286 4.72 6.77 -42.96
CA LEU E 286 5.95 7.21 -42.29
C LEU E 286 5.76 7.22 -40.78
N ILE E 287 4.55 7.55 -40.30
CA ILE E 287 4.31 7.52 -38.86
C ILE E 287 4.48 6.11 -38.32
N GLN E 288 3.83 5.12 -38.95
CA GLN E 288 3.98 3.76 -38.48
C GLN E 288 5.39 3.22 -38.68
N GLU E 289 6.16 3.82 -39.60
CA GLU E 289 7.54 3.37 -39.78
C GLU E 289 8.33 3.50 -38.49
N ARG E 290 8.17 4.61 -37.78
CA ARG E 290 8.90 4.86 -36.55
C ARG E 290 8.24 4.25 -35.32
N GLY E 291 7.08 3.61 -35.47
CA GLY E 291 6.41 2.96 -34.36
C GLY E 291 5.28 3.73 -33.74
N TRP E 292 4.85 4.83 -34.34
CA TRP E 292 3.74 5.62 -33.84
C TRP E 292 2.46 5.29 -34.60
N GLU E 293 1.32 5.49 -33.95
CA GLU E 293 0.02 5.19 -34.53
C GLU E 293 -0.96 6.31 -34.25
N PHE E 294 -1.78 6.65 -35.24
CA PHE E 294 -2.87 7.59 -35.03
C PHE E 294 -3.92 6.98 -34.12
N MET E 295 -4.43 7.77 -33.18
CA MET E 295 -5.55 7.31 -32.38
C MET E 295 -6.73 6.98 -33.30
N TRP E 296 -7.32 5.81 -33.08
CA TRP E 296 -8.44 5.39 -33.92
C TRP E 296 -9.14 4.18 -33.33
N ASN E 297 -10.46 4.23 -33.24
CA ASN E 297 -11.27 3.09 -32.82
C ASN E 297 -12.53 3.04 -33.66
N GLU E 298 -13.09 1.83 -33.78
CA GLU E 298 -14.18 1.62 -34.73
C GLU E 298 -15.40 2.48 -34.41
N ARG E 299 -15.75 2.58 -33.12
CA ARG E 299 -16.98 3.28 -32.76
C ARG E 299 -16.92 4.76 -33.17
N LEU E 300 -15.78 5.41 -32.94
CA LEU E 300 -15.66 6.84 -33.17
C LEU E 300 -14.76 7.20 -34.35
N GLY E 301 -13.91 6.29 -34.80
CA GLY E 301 -12.94 6.65 -35.82
C GLY E 301 -11.81 7.45 -35.23
N TYR E 302 -11.25 8.35 -36.04
CA TYR E 302 -10.14 9.17 -35.59
C TYR E 302 -10.56 10.04 -34.41
N ILE E 303 -9.74 10.07 -33.38
CA ILE E 303 -10.06 10.71 -32.12
C ILE E 303 -9.46 12.10 -32.09
N LEU E 304 -10.29 13.10 -31.81
CA LEU E 304 -9.87 14.50 -31.74
C LEU E 304 -10.49 15.13 -30.49
N THR E 305 -10.10 16.38 -30.24
CA THR E 305 -10.50 17.05 -29.00
C THR E 305 -11.99 17.37 -29.00
N CYS E 306 -12.43 18.22 -29.91
CA CYS E 306 -13.83 18.61 -29.96
C CYS E 306 -14.68 17.43 -30.40
N PRO E 307 -15.67 17.01 -29.61
CA PRO E 307 -16.54 15.92 -30.07
C PRO E 307 -17.24 16.21 -31.38
N SER E 308 -17.35 17.48 -31.77
CA SER E 308 -17.94 17.81 -33.06
C SER E 308 -17.08 17.33 -34.22
N ASN E 309 -15.78 17.20 -34.01
CA ASN E 309 -14.84 16.81 -35.06
C ASN E 309 -14.57 15.32 -35.10
N LEU E 310 -15.24 14.53 -34.26
CA LEU E 310 -15.01 13.10 -34.25
C LEU E 310 -15.38 12.49 -35.60
N GLY E 311 -15.05 11.20 -35.74
CA GLY E 311 -15.34 10.50 -36.97
C GLY E 311 -14.19 10.58 -37.95
N THR E 312 -14.27 11.52 -38.89
CA THR E 312 -13.25 11.70 -39.91
C THR E 312 -12.55 13.04 -39.83
N GLY E 313 -13.21 14.07 -39.29
CA GLY E 313 -12.64 15.40 -39.27
C GLY E 313 -12.65 16.10 -40.62
N LEU E 314 -13.18 15.48 -41.66
CA LEU E 314 -13.16 16.07 -42.98
C LEU E 314 -14.09 17.27 -43.04
N ARG E 315 -13.61 18.38 -43.59
CA ARG E 315 -14.39 19.59 -43.80
C ARG E 315 -14.16 20.14 -45.20
N ALA E 316 -14.27 19.28 -46.21
CA ALA E 316 -14.15 19.73 -47.58
C ALA E 316 -15.15 20.85 -47.85
N GLY E 317 -14.66 21.94 -48.42
CA GLY E 317 -15.50 23.10 -48.66
C GLY E 317 -14.88 24.00 -49.71
N VAL E 318 -15.57 25.11 -49.97
CA VAL E 318 -15.15 26.09 -50.97
C VAL E 318 -15.59 27.47 -50.53
N HIS E 319 -15.08 28.49 -51.22
CA HIS E 319 -15.48 29.88 -51.02
C HIS E 319 -16.43 30.28 -52.14
N ILE E 320 -17.44 31.08 -51.79
CA ILE E 320 -18.50 31.46 -52.72
C ILE E 320 -18.73 32.96 -52.60
N LYS E 321 -19.40 33.52 -53.61
CA LYS E 321 -19.62 34.95 -53.69
C LYS E 321 -20.96 35.35 -53.07
N LEU E 322 -21.10 36.64 -52.79
CA LEU E 322 -22.28 37.19 -52.14
C LEU E 322 -23.44 37.44 -53.09
N PRO E 323 -23.23 38.12 -54.24
CA PRO E 323 -24.37 38.74 -54.94
C PRO E 323 -25.45 37.78 -55.37
N LEU E 324 -25.12 36.79 -56.21
CA LEU E 324 -26.13 35.90 -56.76
C LEU E 324 -26.67 34.92 -55.73
N LEU E 325 -26.08 34.86 -54.55
CA LEU E 325 -26.42 33.88 -53.53
C LEU E 325 -27.05 34.48 -52.29
N SER E 326 -26.53 35.60 -51.80
CA SER E 326 -27.04 36.19 -50.56
C SER E 326 -28.49 36.64 -50.72
N LYS E 327 -28.83 37.26 -51.85
CA LYS E 327 -30.13 37.88 -52.06
C LYS E 327 -31.18 36.90 -52.56
N ASP E 328 -30.98 35.60 -52.36
CA ASP E 328 -31.95 34.60 -52.79
C ASP E 328 -33.07 34.50 -51.77
N SER E 329 -33.99 33.55 -51.97
CA SER E 329 -35.19 33.48 -51.15
C SER E 329 -34.93 32.74 -49.83
N ARG E 330 -34.60 31.46 -49.91
CA ARG E 330 -34.55 30.59 -48.74
C ARG E 330 -33.27 29.78 -48.71
N PHE E 331 -32.14 30.46 -48.90
CA PHE E 331 -30.84 29.77 -48.88
C PHE E 331 -30.64 28.89 -47.65
N PRO E 332 -30.91 29.36 -46.43
CA PRO E 332 -30.71 28.47 -45.27
C PRO E 332 -31.48 27.17 -45.37
N LYS E 333 -32.71 27.21 -45.90
CA LYS E 333 -33.47 25.98 -46.09
C LYS E 333 -32.77 25.06 -47.08
N ILE E 334 -32.24 25.63 -48.17
CA ILE E 334 -31.52 24.82 -49.15
C ILE E 334 -30.31 24.17 -48.50
N LEU E 335 -29.55 24.93 -47.72
CA LEU E 335 -28.37 24.38 -47.06
C LEU E 335 -28.75 23.26 -46.11
N GLU E 336 -29.80 23.47 -45.31
CA GLU E 336 -30.23 22.42 -44.38
C GLU E 336 -30.67 21.18 -45.14
N ASN E 337 -31.40 21.35 -46.24
CA ASN E 337 -31.87 20.20 -47.01
C ASN E 337 -30.70 19.44 -47.62
N LEU E 338 -29.70 20.16 -48.12
CA LEU E 338 -28.55 19.55 -48.78
C LEU E 338 -27.42 19.20 -47.82
N ARG E 339 -27.61 19.43 -46.53
CA ARG E 339 -26.60 19.09 -45.52
C ARG E 339 -25.29 19.83 -45.78
N LEU E 340 -25.39 21.16 -45.76
CA LEU E 340 -24.26 22.04 -45.98
C LEU E 340 -24.17 23.04 -44.83
N GLN E 341 -22.95 23.50 -44.55
CA GLN E 341 -22.69 24.47 -43.50
C GLN E 341 -22.13 25.73 -44.15
N LYS E 342 -22.76 26.86 -43.88
CA LYS E 342 -22.36 28.15 -44.45
C LYS E 342 -21.86 29.04 -43.33
N ARG E 343 -20.66 29.59 -43.49
CA ARG E 343 -20.05 30.44 -42.48
C ARG E 343 -19.35 31.60 -43.16
N GLY E 344 -18.87 32.55 -42.35
CA GLY E 344 -18.21 33.72 -42.89
C GLY E 344 -16.83 33.38 -43.40
N THR E 345 -16.50 33.94 -44.57
CA THR E 345 -15.18 33.74 -45.15
C THR E 345 -14.11 34.31 -44.23
N GLY E 346 -13.05 33.53 -44.02
CA GLY E 346 -11.97 33.94 -43.14
C GLY E 346 -12.02 33.24 -41.79
N VAL E 356 -19.78 37.20 -49.77
CA VAL E 356 -18.79 36.14 -49.92
C VAL E 356 -18.79 35.27 -48.67
N PHE E 357 -19.06 33.98 -48.85
CA PHE E 357 -19.20 33.05 -47.73
C PHE E 357 -18.31 31.83 -47.97
N ASP E 358 -18.32 30.90 -47.02
CA ASP E 358 -17.63 29.63 -47.13
C ASP E 358 -18.62 28.52 -46.88
N ILE E 359 -18.72 27.58 -47.83
CA ILE E 359 -19.71 26.51 -47.75
C ILE E 359 -18.98 25.18 -47.69
N SER E 360 -19.40 24.32 -46.77
CA SER E 360 -18.75 23.04 -46.54
C SER E 360 -19.82 22.03 -46.10
N ASN E 361 -19.37 20.91 -45.54
CA ASN E 361 -20.28 19.90 -45.01
C ASN E 361 -20.46 20.10 -43.50
N LEU E 362 -21.53 19.50 -42.96
CA LEU E 362 -21.88 19.68 -41.56
C LEU E 362 -21.31 18.56 -40.69
N ASP E 363 -21.67 17.32 -40.99
CA ASP E 363 -21.35 16.19 -40.13
C ASP E 363 -20.13 15.45 -40.65
N ARG E 364 -19.29 14.99 -39.72
CA ARG E 364 -18.12 14.18 -40.03
C ARG E 364 -18.26 12.73 -39.57
N LEU E 365 -18.82 12.52 -38.39
CA LEU E 365 -19.08 11.16 -37.92
C LEU E 365 -20.19 10.54 -38.75
N GLY E 366 -20.08 9.23 -38.95
CA GLY E 366 -21.04 8.53 -39.79
C GLY E 366 -20.54 8.32 -41.20
N LYS E 367 -20.98 9.19 -42.12
CA LYS E 367 -20.58 9.08 -43.52
C LYS E 367 -19.06 9.01 -43.64
N SER E 368 -18.57 8.47 -44.75
CA SER E 368 -17.14 8.33 -44.97
C SER E 368 -16.59 9.55 -45.70
N GLU E 369 -15.26 9.62 -45.79
CA GLU E 369 -14.61 10.79 -46.38
C GLU E 369 -15.02 10.95 -47.85
N VAL E 370 -15.01 9.85 -48.61
CA VAL E 370 -15.45 9.92 -50.00
C VAL E 370 -16.92 10.32 -50.06
N GLU E 371 -17.74 9.77 -49.17
CA GLU E 371 -19.15 10.14 -49.13
C GLU E 371 -19.31 11.63 -48.87
N LEU E 372 -18.58 12.16 -47.89
CA LEU E 372 -18.72 13.57 -47.56
C LEU E 372 -18.26 14.45 -48.71
N VAL E 373 -17.15 14.09 -49.35
CA VAL E 373 -16.66 14.88 -50.48
C VAL E 373 -17.66 14.86 -51.62
N GLN E 374 -18.23 13.69 -51.91
CA GLN E 374 -19.24 13.60 -52.97
C GLN E 374 -20.47 14.43 -52.62
N LEU E 375 -20.89 14.40 -51.35
CA LEU E 375 -22.03 15.22 -50.94
C LEU E 375 -21.73 16.69 -51.13
N VAL E 376 -20.53 17.13 -50.75
CA VAL E 376 -20.18 18.54 -50.93
C VAL E 376 -20.17 18.90 -52.41
N ILE E 377 -19.62 18.02 -53.25
CA ILE E 377 -19.57 18.30 -54.69
C ILE E 377 -20.98 18.42 -55.25
N ASP E 378 -21.86 17.48 -54.89
CA ASP E 378 -23.22 17.54 -55.38
C ASP E 378 -23.94 18.79 -54.89
N GLY E 379 -23.74 19.15 -53.62
CA GLY E 379 -24.39 20.33 -53.09
C GLY E 379 -23.95 21.60 -53.79
N VAL E 380 -22.64 21.75 -54.01
CA VAL E 380 -22.14 22.95 -54.67
C VAL E 380 -22.57 22.96 -56.13
N ASN E 381 -22.61 21.79 -56.77
CA ASN E 381 -23.12 21.72 -58.14
C ASN E 381 -24.57 22.17 -58.20
N TYR E 382 -25.39 21.71 -57.27
CA TYR E 382 -26.79 22.14 -57.22
C TYR E 382 -26.88 23.64 -56.99
N LEU E 383 -26.04 24.16 -56.09
CA LEU E 383 -26.07 25.60 -55.79
C LEU E 383 -25.72 26.41 -57.03
N ILE E 384 -24.67 26.00 -57.75
CA ILE E 384 -24.24 26.75 -58.93
C ILE E 384 -25.10 26.47 -60.15
N ASP E 385 -25.96 25.46 -60.11
CA ASP E 385 -26.91 25.22 -61.18
C ASP E 385 -28.23 25.95 -60.96
N CYS E 386 -28.68 26.08 -59.71
CA CYS E 386 -29.93 26.74 -59.39
C CYS E 386 -29.72 28.16 -58.88
N GLU E 387 -28.52 28.71 -59.02
CA GLU E 387 -28.27 30.11 -58.67
C GLU E 387 -28.83 31.07 -59.70
N ARG E 388 -29.38 30.56 -60.80
CA ARG E 388 -29.77 31.40 -61.93
C ARG E 388 -30.57 32.61 -61.49
N ARG E 389 -30.01 33.79 -61.69
CA ARG E 389 -30.74 35.04 -61.55
C ARG E 389 -31.34 35.51 -62.87
N LEU E 390 -30.79 35.06 -64.00
CA LEU E 390 -31.39 35.33 -65.30
C LEU E 390 -32.85 34.90 -65.33
N GLU E 391 -33.17 33.81 -64.64
CA GLU E 391 -34.54 33.31 -64.54
C GLU E 391 -34.75 32.81 -63.12
N ARG E 392 -35.88 32.16 -62.89
CA ARG E 392 -36.21 31.56 -61.61
C ARG E 392 -36.40 30.05 -61.79
N GLY E 393 -36.84 29.38 -60.74
CA GLY E 393 -37.10 27.96 -60.79
C GLY E 393 -36.30 27.15 -59.78
N GLN E 394 -35.94 27.77 -58.66
CA GLN E 394 -35.27 27.04 -57.60
C GLN E 394 -36.15 25.89 -57.11
N ASP E 395 -35.55 24.72 -56.92
CA ASP E 395 -36.28 23.51 -56.57
C ASP E 395 -35.96 22.98 -55.19
N ILE E 396 -34.92 23.49 -54.52
CA ILE E 396 -34.51 23.00 -53.21
C ILE E 396 -34.13 21.53 -53.33
N ARG E 397 -35.11 20.67 -53.61
CA ARG E 397 -34.87 19.25 -53.87
C ARG E 397 -34.22 18.57 -52.66
N ILE E 398 -34.97 18.53 -51.57
CA ILE E 398 -34.54 17.83 -50.36
C ILE E 398 -34.14 16.40 -50.73
N SER F 31 2.25 -16.14 0.66
CA SER F 31 2.67 -16.17 2.05
C SER F 31 4.01 -15.46 2.22
N GLU F 32 4.19 -14.81 3.36
CA GLU F 32 5.43 -14.12 3.69
C GLU F 32 6.45 -15.02 4.39
N ARG F 33 6.11 -16.29 4.59
CA ARG F 33 7.04 -17.22 5.23
C ARG F 33 8.10 -17.75 4.28
N ARG F 34 7.94 -17.54 2.97
CA ARG F 34 8.94 -18.00 2.03
C ARG F 34 10.23 -17.22 2.21
N ARG F 35 11.36 -17.89 2.04
CA ARG F 35 12.68 -17.35 2.34
C ARG F 35 13.41 -16.98 1.06
N LEU F 36 14.02 -15.81 1.04
CA LEU F 36 14.83 -15.39 -0.08
C LEU F 36 16.17 -16.13 -0.09
N TYR F 37 16.80 -16.17 -1.25
CA TYR F 37 18.16 -16.67 -1.33
C TYR F 37 19.06 -15.78 -0.48
N PRO F 38 19.86 -16.34 0.42
CA PRO F 38 20.80 -15.51 1.17
C PRO F 38 21.74 -14.78 0.25
N PRO F 39 22.11 -13.54 0.56
CA PRO F 39 23.01 -12.81 -0.36
C PRO F 39 24.30 -13.55 -0.65
N SER F 40 24.83 -14.26 0.35
CA SER F 40 26.05 -15.02 0.13
C SER F 40 25.88 -16.06 -0.96
N ALA F 41 24.65 -16.50 -1.21
CA ALA F 41 24.40 -17.47 -2.27
C ALA F 41 24.71 -16.86 -3.64
N GLU F 42 24.51 -15.56 -3.79
CA GLU F 42 24.76 -14.89 -5.07
C GLU F 42 26.18 -14.38 -5.22
N TYR F 43 27.01 -14.51 -4.19
CA TYR F 43 28.34 -13.93 -4.24
C TYR F 43 29.13 -14.52 -5.40
N PRO F 44 29.79 -13.72 -6.22
CA PRO F 44 30.53 -14.26 -7.36
C PRO F 44 31.71 -15.11 -6.93
N ASP F 45 32.17 -15.95 -7.85
CA ASP F 45 33.34 -16.79 -7.64
C ASP F 45 34.55 -16.08 -8.22
N LEU F 46 35.24 -15.30 -7.38
CA LEU F 46 36.33 -14.45 -7.80
C LEU F 46 37.69 -15.01 -7.41
N ARG F 47 37.83 -16.34 -7.40
CA ARG F 47 39.08 -16.95 -6.95
C ARG F 47 40.21 -16.80 -7.96
N LYS F 48 39.91 -16.43 -9.20
CA LYS F 48 40.93 -16.30 -10.25
C LYS F 48 40.69 -15.03 -11.06
N HIS F 49 40.43 -13.92 -10.36
CA HIS F 49 40.14 -12.65 -10.97
C HIS F 49 41.22 -11.63 -10.59
N ASN F 50 41.07 -10.42 -11.12
CA ASN F 50 41.99 -9.34 -10.81
C ASN F 50 41.23 -8.06 -10.48
N CYS F 52 39.79 -4.06 -10.38
CA CYS F 52 40.01 -3.86 -8.95
C CYS F 52 38.79 -4.27 -8.13
N MET F 53 37.69 -4.58 -8.82
CA MET F 53 36.47 -4.97 -8.11
C MET F 53 36.68 -6.26 -7.33
N ALA F 54 37.35 -7.23 -7.95
CA ALA F 54 37.52 -8.54 -7.31
C ALA F 54 38.29 -8.40 -5.99
N SER F 55 39.35 -7.61 -5.98
CA SER F 55 40.14 -7.47 -4.76
C SER F 55 39.43 -6.61 -3.72
N HIS F 56 38.59 -5.69 -4.15
CA HIS F 56 37.91 -4.77 -3.25
C HIS F 56 36.46 -5.16 -2.97
N LEU F 57 36.02 -6.31 -3.45
CA LEU F 57 34.69 -6.84 -3.15
C LEU F 57 34.83 -7.95 -2.13
N THR F 58 34.09 -7.84 -1.03
CA THR F 58 34.13 -8.78 0.07
C THR F 58 32.72 -9.22 0.42
N PRO F 59 32.58 -10.37 1.07
CA PRO F 59 31.22 -10.85 1.38
C PRO F 59 30.39 -9.84 2.15
N ALA F 60 30.99 -9.11 3.10
CA ALA F 60 30.24 -8.14 3.87
C ALA F 60 29.69 -7.04 2.97
N VAL F 61 30.51 -6.52 2.05
CA VAL F 61 30.07 -5.44 1.18
C VAL F 61 28.95 -5.91 0.28
N TYR F 62 29.11 -7.09 -0.33
CA TYR F 62 28.06 -7.60 -1.20
C TYR F 62 26.76 -7.81 -0.44
N ALA F 63 26.84 -8.39 0.76
CA ALA F 63 25.64 -8.61 1.55
C ALA F 63 24.98 -7.27 1.89
N ARG F 64 25.78 -6.26 2.23
CA ARG F 64 25.24 -4.96 2.57
C ARG F 64 24.52 -4.34 1.38
N LEU F 65 25.11 -4.43 0.19
CA LEU F 65 24.59 -3.76 -1.00
C LEU F 65 23.76 -4.68 -1.89
N CYS F 66 23.49 -5.91 -1.45
CA CYS F 66 22.77 -6.86 -2.29
C CYS F 66 21.35 -6.40 -2.61
N ASP F 67 20.78 -5.51 -1.80
CA ASP F 67 19.38 -5.10 -1.96
C ASP F 67 19.20 -3.65 -2.36
N LYS F 68 20.25 -2.82 -2.23
CA LYS F 68 20.12 -1.43 -2.64
C LYS F 68 19.84 -1.34 -4.14
N THR F 69 19.46 -0.14 -4.57
CA THR F 69 19.22 0.11 -5.99
C THR F 69 19.01 1.60 -6.20
N THR F 70 19.51 2.10 -7.32
CA THR F 70 19.27 3.48 -7.70
C THR F 70 17.79 3.66 -8.07
N PRO F 71 17.29 4.89 -8.03
CA PRO F 71 15.86 5.10 -8.34
C PRO F 71 15.46 4.57 -9.71
N THR F 72 16.38 4.52 -10.67
CA THR F 72 16.07 4.00 -11.99
C THR F 72 16.16 2.48 -12.07
N GLY F 73 16.52 1.81 -10.98
CA GLY F 73 16.54 0.36 -10.94
C GLY F 73 17.90 -0.28 -11.08
N TRP F 74 18.97 0.51 -11.18
CA TRP F 74 20.31 -0.06 -11.26
C TRP F 74 20.64 -0.78 -9.95
N THR F 75 21.33 -1.92 -10.08
CA THR F 75 21.66 -2.75 -8.93
C THR F 75 23.13 -3.13 -8.97
N LEU F 76 23.62 -3.63 -7.83
CA LEU F 76 25.04 -3.92 -7.69
C LEU F 76 25.50 -4.98 -8.69
N ASP F 77 24.72 -6.04 -8.86
CA ASP F 77 25.11 -7.10 -9.79
C ASP F 77 25.31 -6.54 -11.19
N GLN F 78 24.46 -5.60 -11.60
CA GLN F 78 24.65 -4.96 -12.91
C GLN F 78 25.97 -4.21 -12.94
N CYS F 79 26.32 -3.52 -11.86
CA CYS F 79 27.58 -2.78 -11.82
C CYS F 79 28.77 -3.72 -11.98
N ILE F 80 28.75 -4.86 -11.29
CA ILE F 80 29.92 -5.73 -11.27
C ILE F 80 29.87 -6.83 -12.33
N GLN F 81 28.83 -6.86 -13.16
CA GLN F 81 28.73 -7.91 -14.17
C GLN F 81 29.92 -7.89 -15.13
N THR F 82 30.30 -6.70 -15.60
CA THR F 82 31.38 -6.63 -16.58
C THR F 82 32.69 -7.17 -16.00
N GLY F 83 32.99 -6.82 -14.74
CA GLY F 83 34.20 -7.35 -14.12
C GLY F 83 34.10 -8.84 -13.85
N VAL F 84 32.93 -9.31 -13.43
CA VAL F 84 32.78 -10.74 -13.12
C VAL F 84 32.96 -11.58 -14.37
N ASP F 85 32.36 -11.16 -15.48
CA ASP F 85 32.43 -11.95 -16.71
C ASP F 85 33.87 -12.06 -17.20
N ASN F 86 34.63 -10.98 -17.14
CA ASN F 86 35.99 -10.95 -17.63
C ASN F 86 36.96 -11.07 -16.46
N PRO F 87 37.61 -12.21 -16.26
CA PRO F 87 38.54 -12.31 -15.11
C PRO F 87 39.69 -11.33 -15.20
N GLY F 88 40.08 -10.91 -16.39
CA GLY F 88 41.19 -9.99 -16.55
C GLY F 88 42.53 -10.70 -16.56
N HIS F 89 43.37 -10.39 -17.54
CA HIS F 89 44.67 -11.03 -17.64
C HIS F 89 45.57 -10.57 -16.49
N PRO F 90 46.46 -11.44 -16.01
CA PRO F 90 47.39 -11.02 -14.96
C PRO F 90 48.30 -9.89 -15.45
N PHE F 91 48.65 -9.00 -14.52
CA PHE F 91 49.48 -7.83 -14.74
C PHE F 91 48.72 -6.71 -15.42
N ILE F 92 47.44 -6.90 -15.73
CA ILE F 92 46.61 -5.87 -16.36
C ILE F 92 45.53 -5.48 -15.36
N LYS F 93 45.48 -4.19 -15.03
CA LYS F 93 44.53 -3.67 -14.06
C LYS F 93 43.35 -3.06 -14.79
N THR F 94 42.16 -3.60 -14.56
CA THR F 94 40.93 -3.08 -15.13
C THR F 94 39.93 -2.83 -14.01
N VAL F 95 39.17 -1.75 -14.15
CA VAL F 95 38.22 -1.38 -13.10
C VAL F 95 37.20 -2.49 -12.89
N GLY F 96 36.70 -3.05 -13.99
CA GLY F 96 35.72 -4.11 -13.90
C GLY F 96 34.34 -3.65 -13.47
N MET F 97 34.01 -2.37 -13.65
CA MET F 97 32.77 -1.84 -13.12
C MET F 97 32.26 -0.72 -14.02
N VAL F 98 30.96 -0.40 -13.85
CA VAL F 98 30.32 0.70 -14.56
C VAL F 98 29.18 1.22 -13.69
N ALA F 99 28.65 2.38 -14.09
CA ALA F 99 27.54 3.01 -13.40
C ALA F 99 26.38 3.18 -14.37
N GLY F 100 25.17 2.94 -13.87
CA GLY F 100 23.98 3.05 -14.69
C GLY F 100 23.38 4.44 -14.70
N ASP F 101 23.76 5.26 -13.74
CA ASP F 101 23.28 6.64 -13.65
C ASP F 101 24.10 7.35 -12.59
N GLU F 102 23.76 8.62 -12.35
CA GLU F 102 24.50 9.41 -11.36
C GLU F 102 24.34 8.83 -9.97
N GLU F 103 23.10 8.62 -9.53
CA GLU F 103 22.82 8.14 -8.18
C GLU F 103 23.63 6.91 -7.82
N THR F 104 24.05 6.12 -8.81
CA THR F 104 24.85 4.93 -8.53
C THR F 104 26.04 5.28 -7.66
N TYR F 105 26.82 6.28 -8.06
CA TYR F 105 28.04 6.60 -7.33
C TYR F 105 27.74 6.96 -5.87
N GLU F 106 26.51 7.41 -5.60
CA GLU F 106 26.11 7.64 -4.22
C GLU F 106 25.66 6.33 -3.59
N VAL F 107 24.75 5.61 -4.25
CA VAL F 107 24.12 4.45 -3.64
C VAL F 107 25.17 3.39 -3.32
N PHE F 108 26.06 3.11 -4.28
CA PHE F 108 27.10 2.10 -4.11
C PHE F 108 28.45 2.73 -3.80
N ALA F 109 28.45 3.83 -3.05
CA ALA F 109 29.72 4.50 -2.74
C ALA F 109 30.62 3.61 -1.90
N ASP F 110 30.04 2.84 -0.97
CA ASP F 110 30.87 2.02 -0.09
C ASP F 110 31.72 1.04 -0.89
N LEU F 111 31.31 0.71 -2.10
CA LEU F 111 32.04 -0.21 -2.95
C LEU F 111 32.91 0.52 -3.97
N PHE F 112 32.35 1.52 -4.65
CA PHE F 112 33.11 2.25 -5.66
C PHE F 112 34.30 3.00 -5.06
N ASP F 113 34.10 3.61 -3.89
CA ASP F 113 35.11 4.54 -3.37
C ASP F 113 36.50 3.90 -3.27
N PRO F 114 36.66 2.71 -2.69
CA PRO F 114 37.99 2.08 -2.72
C PRO F 114 38.51 1.89 -4.13
N VAL F 115 37.64 1.55 -5.08
CA VAL F 115 38.08 1.37 -6.46
C VAL F 115 38.55 2.68 -7.05
N ILE F 116 37.79 3.76 -6.83
CA ILE F 116 38.20 5.06 -7.35
C ILE F 116 39.53 5.47 -6.75
N GLN F 117 39.69 5.26 -5.44
CA GLN F 117 40.94 5.67 -4.78
C GLN F 117 42.12 4.86 -5.31
N GLU F 118 41.96 3.54 -5.45
CA GLU F 118 43.05 2.73 -5.95
C GLU F 118 43.40 3.10 -7.39
N ARG F 119 42.38 3.39 -8.20
CA ARG F 119 42.64 3.75 -9.60
C ARG F 119 43.44 5.04 -9.70
N HIS F 120 42.97 6.09 -9.03
CA HIS F 120 43.58 7.41 -9.14
C HIS F 120 44.61 7.66 -8.04
N ASN F 121 45.54 6.72 -7.91
CA ASN F 121 46.76 6.86 -7.11
C ASN F 121 46.53 7.68 -5.84
N GLY F 122 45.57 7.24 -5.04
CA GLY F 122 45.40 7.73 -3.69
C GLY F 122 44.31 8.75 -3.49
N TYR F 123 43.73 9.30 -4.55
CA TYR F 123 42.65 10.25 -4.39
C TYR F 123 41.52 9.64 -3.57
N ASP F 124 41.04 10.39 -2.58
CA ASP F 124 39.99 9.90 -1.70
C ASP F 124 38.68 10.61 -2.02
N PRO F 125 37.72 9.95 -2.66
CA PRO F 125 36.46 10.65 -2.96
C PRO F 125 35.72 11.13 -1.73
N ARG F 126 35.80 10.40 -0.62
CA ARG F 126 35.01 10.76 0.56
C ARG F 126 35.43 12.12 1.11
N THR F 127 36.73 12.37 1.19
CA THR F 127 37.24 13.58 1.83
C THR F 127 37.65 14.65 0.81
N MET F 128 38.53 14.30 -0.13
CA MET F 128 39.04 15.28 -1.06
C MET F 128 37.93 15.81 -1.96
N LYS F 129 38.21 16.96 -2.58
CA LYS F 129 37.27 17.61 -3.48
C LYS F 129 37.96 17.88 -4.82
N HIS F 130 37.15 18.02 -5.86
CA HIS F 130 37.64 18.22 -7.22
C HIS F 130 37.32 19.62 -7.69
N THR F 131 38.26 20.23 -8.42
CA THR F 131 38.11 21.56 -8.97
C THR F 131 38.31 21.49 -10.48
N THR F 132 37.47 22.21 -11.22
CA THR F 132 37.46 22.18 -12.67
C THR F 132 37.76 23.57 -13.21
N ASP F 133 38.73 23.65 -14.13
CA ASP F 133 39.02 24.87 -14.84
C ASP F 133 39.27 24.54 -16.31
N LEU F 134 38.92 25.48 -17.19
CA LEU F 134 39.07 25.26 -18.63
C LEU F 134 39.60 26.50 -19.32
N ASP F 135 40.44 27.28 -18.65
CA ASP F 135 41.00 28.49 -19.23
C ASP F 135 42.21 28.13 -20.09
N ALA F 136 42.20 28.55 -21.35
CA ALA F 136 43.30 28.33 -22.26
C ALA F 136 44.35 29.44 -22.18
N SER F 137 44.13 30.46 -21.35
CA SER F 137 45.14 31.49 -21.15
C SER F 137 46.27 31.02 -20.24
N LYS F 138 45.94 30.18 -19.25
CA LYS F 138 46.97 29.75 -18.29
C LYS F 138 48.07 28.95 -18.97
N ILE F 139 47.70 28.07 -19.90
CA ILE F 139 48.67 27.21 -20.57
C ILE F 139 49.78 28.06 -21.18
N ARG F 140 50.99 27.51 -21.21
CA ARG F 140 52.13 28.16 -21.84
C ARG F 140 52.80 27.20 -22.82
N SER F 141 53.95 27.59 -23.36
CA SER F 141 54.66 26.77 -24.32
C SER F 141 53.77 26.44 -25.51
N GLY F 142 53.11 25.29 -25.49
CA GLY F 142 52.18 24.93 -26.55
C GLY F 142 52.86 24.39 -27.79
N TYR F 143 53.60 25.26 -28.49
CA TYR F 143 54.24 24.85 -29.74
C TYR F 143 55.24 23.73 -29.48
N PHE F 144 55.19 22.71 -30.32
CA PHE F 144 56.09 21.56 -30.25
C PHE F 144 57.05 21.58 -31.44
N ASP F 145 57.88 20.55 -31.52
CA ASP F 145 58.82 20.38 -32.61
C ASP F 145 58.36 19.24 -33.50
N GLU F 146 58.33 19.49 -34.81
CA GLU F 146 57.85 18.49 -35.77
C GLU F 146 58.93 17.43 -35.99
N ARG F 147 59.19 16.68 -34.92
CA ARG F 147 60.11 15.55 -34.93
C ARG F 147 59.40 14.22 -34.78
N TYR F 148 58.61 14.07 -33.70
CA TYR F 148 57.78 12.89 -33.52
C TYR F 148 56.36 13.23 -33.08
N VAL F 149 56.04 14.51 -32.92
CA VAL F 149 54.71 14.89 -32.45
C VAL F 149 53.64 14.39 -33.41
N LEU F 150 53.86 14.59 -34.71
CA LEU F 150 52.94 14.09 -35.73
C LEU F 150 51.57 14.73 -35.58
N SER F 151 50.84 14.38 -34.52
CA SER F 151 49.49 14.88 -34.31
C SER F 151 49.28 15.15 -32.83
N SER F 152 48.28 15.99 -32.55
CA SER F 152 47.89 16.33 -31.18
C SER F 152 46.38 16.21 -31.06
N ARG F 153 45.92 15.81 -29.88
CA ARG F 153 44.51 15.57 -29.64
C ARG F 153 44.20 15.81 -28.17
N VAL F 154 42.93 16.18 -27.91
CA VAL F 154 42.41 16.29 -26.55
C VAL F 154 41.00 15.70 -26.56
N ARG F 155 40.66 14.96 -25.51
CA ARG F 155 39.41 14.25 -25.45
C ARG F 155 38.80 14.39 -24.06
N THR F 156 37.46 14.44 -24.01
CA THR F 156 36.76 14.46 -22.74
C THR F 156 35.38 13.83 -22.95
N GLY F 157 34.68 13.62 -21.84
CA GLY F 157 33.35 13.05 -21.88
C GLY F 157 32.39 13.89 -21.05
N ARG F 158 31.11 13.79 -21.41
CA ARG F 158 30.06 14.54 -20.73
C ARG F 158 28.77 13.75 -20.78
N SER F 159 28.06 13.76 -19.65
CA SER F 159 26.80 13.05 -19.48
C SER F 159 25.70 14.03 -19.16
N ILE F 160 24.55 13.88 -19.83
CA ILE F 160 23.41 14.76 -19.62
C ILE F 160 22.66 14.30 -18.38
N ARG F 161 22.39 15.24 -17.48
CA ARG F 161 21.67 14.92 -16.25
C ARG F 161 20.23 14.54 -16.56
N GLY F 162 19.68 13.66 -15.72
CA GLY F 162 18.32 13.19 -15.88
C GLY F 162 18.16 12.05 -16.86
N LEU F 163 19.24 11.58 -17.48
CA LEU F 163 19.18 10.51 -18.46
C LEU F 163 20.15 9.41 -18.05
N SER F 164 19.69 8.17 -18.09
CA SER F 164 20.51 7.04 -17.65
C SER F 164 21.73 6.89 -18.55
N LEU F 165 22.82 6.42 -17.96
CA LEU F 165 24.07 6.28 -18.69
C LEU F 165 24.00 5.09 -19.65
N PRO F 166 24.93 5.02 -20.61
CA PRO F 166 24.79 4.05 -21.70
C PRO F 166 24.60 2.63 -21.21
N PRO F 167 25.28 2.22 -20.13
CA PRO F 167 25.08 0.84 -19.66
C PRO F 167 23.64 0.52 -19.32
N ALA F 168 22.87 1.49 -18.83
CA ALA F 168 21.49 1.26 -18.42
C ALA F 168 20.47 2.01 -19.25
N CYS F 169 20.88 2.89 -20.15
CA CYS F 169 19.93 3.70 -20.90
C CYS F 169 19.08 2.82 -21.81
N THR F 170 17.80 3.16 -21.91
CA THR F 170 16.89 2.48 -22.83
C THR F 170 16.93 3.18 -24.18
N ARG F 171 16.12 2.67 -25.13
CA ARG F 171 16.09 3.27 -26.45
C ARG F 171 15.58 4.71 -26.38
N ALA F 172 14.53 4.95 -25.58
CA ALA F 172 13.98 6.29 -25.48
C ALA F 172 15.00 7.27 -24.92
N GLU F 173 15.71 6.88 -23.87
CA GLU F 173 16.70 7.77 -23.27
C GLU F 173 17.85 8.04 -24.23
N ARG F 174 18.29 7.01 -24.95
CA ARG F 174 19.36 7.20 -25.93
C ARG F 174 18.92 8.18 -27.01
N ARG F 175 17.70 8.02 -27.53
CA ARG F 175 17.20 8.95 -28.54
C ARG F 175 17.08 10.36 -27.99
N GLU F 176 16.66 10.48 -26.72
CA GLU F 176 16.57 11.80 -26.11
C GLU F 176 17.94 12.46 -26.01
N VAL F 177 18.96 11.69 -25.61
CA VAL F 177 20.31 12.23 -25.53
C VAL F 177 20.75 12.71 -26.91
N GLU F 178 20.51 11.89 -27.94
CA GLU F 178 20.92 12.27 -29.28
C GLU F 178 20.22 13.54 -29.72
N ARG F 179 18.92 13.65 -29.45
N ARG F 179 18.92 13.65 -29.45
CA ARG F 179 18.16 14.83 -29.86
CA ARG F 179 18.16 14.83 -29.85
C ARG F 179 18.68 16.07 -29.16
C ARG F 179 18.69 16.07 -29.16
N VAL F 180 18.92 15.98 -27.85
CA VAL F 180 19.41 17.14 -27.09
C VAL F 180 20.74 17.60 -27.66
N VAL F 181 21.66 16.65 -27.85
CA VAL F 181 23.00 17.02 -28.32
C VAL F 181 22.94 17.61 -29.72
N VAL F 182 22.14 17.01 -30.60
CA VAL F 182 22.08 17.49 -31.98
C VAL F 182 21.46 18.89 -32.04
N ASP F 183 20.35 19.09 -31.31
CA ASP F 183 19.73 20.40 -31.31
C ASP F 183 20.67 21.46 -30.74
N ALA F 184 21.41 21.12 -29.68
CA ALA F 184 22.37 22.07 -29.13
C ALA F 184 23.44 22.40 -30.16
N LEU F 185 24.07 21.38 -30.74
CA LEU F 185 25.16 21.62 -31.68
C LEU F 185 24.68 22.37 -32.91
N SER F 186 23.40 22.26 -33.25
CA SER F 186 22.89 23.02 -34.39
C SER F 186 23.07 24.51 -34.21
N GLY F 187 23.09 24.98 -32.96
CA GLY F 187 23.23 26.40 -32.68
C GLY F 187 24.65 26.93 -32.73
N LEU F 188 25.64 26.05 -32.83
CA LEU F 188 27.02 26.51 -32.92
C LEU F 188 27.22 27.31 -34.20
N LYS F 189 27.98 28.39 -34.09
CA LYS F 189 28.25 29.29 -35.20
C LYS F 189 29.73 29.64 -35.24
N GLY F 190 30.21 29.99 -36.43
CA GLY F 190 31.59 30.37 -36.61
C GLY F 190 32.47 29.21 -37.03
N ASP F 191 33.69 29.17 -36.49
CA ASP F 191 34.61 28.10 -36.85
C ASP F 191 34.07 26.74 -36.43
N LEU F 192 33.45 26.67 -35.25
CA LEU F 192 32.95 25.39 -34.74
C LEU F 192 31.56 25.10 -35.28
N ALA F 193 31.40 25.18 -36.60
CA ALA F 193 30.13 24.89 -37.26
C ALA F 193 30.34 23.74 -38.24
N GLY F 194 29.51 22.73 -38.14
CA GLY F 194 29.64 21.55 -38.98
C GLY F 194 28.35 20.79 -39.10
N ARG F 195 28.48 19.48 -39.23
CA ARG F 195 27.32 18.63 -39.50
C ARG F 195 27.34 17.40 -38.61
N TYR F 196 26.14 16.86 -38.38
CA TYR F 196 25.93 15.64 -37.62
C TYR F 196 25.59 14.51 -38.59
N TYR F 197 26.34 13.42 -38.52
CA TYR F 197 26.14 12.24 -39.35
C TYR F 197 25.66 11.09 -38.48
N ARG F 198 24.53 10.50 -38.86
CA ARG F 198 23.96 9.38 -38.14
C ARG F 198 24.55 8.08 -38.66
N LEU F 199 24.91 7.19 -37.75
CA LEU F 199 25.47 5.90 -38.15
C LEU F 199 24.49 5.11 -39.00
N SER F 200 23.21 5.10 -38.61
CA SER F 200 22.22 4.34 -39.34
C SER F 200 22.08 4.80 -40.79
N GLU F 201 22.48 6.03 -41.10
CA GLU F 201 22.34 6.59 -42.45
C GLU F 201 23.68 6.77 -43.14
N MET F 202 24.71 6.06 -42.71
CA MET F 202 26.06 6.20 -43.25
C MET F 202 26.51 4.89 -43.86
N THR F 203 27.12 4.98 -45.04
CA THR F 203 27.58 3.79 -45.74
C THR F 203 28.73 3.12 -44.99
N GLU F 204 28.82 1.79 -45.16
CA GLU F 204 29.89 1.05 -44.49
C GLU F 204 31.27 1.51 -44.95
N ALA F 205 31.43 1.75 -46.25
CA ALA F 205 32.72 2.20 -46.76
C ALA F 205 33.09 3.56 -46.17
N GLU F 206 32.14 4.48 -46.11
CA GLU F 206 32.41 5.79 -45.52
C GLU F 206 32.77 5.65 -44.05
N GLN F 207 32.08 4.77 -43.33
CA GLN F 207 32.39 4.56 -41.92
C GLN F 207 33.80 4.02 -41.75
N GLN F 208 34.18 3.04 -42.58
CA GLN F 208 35.53 2.49 -42.51
C GLN F 208 36.58 3.55 -42.82
N GLN F 209 36.32 4.37 -43.83
CA GLN F 209 37.26 5.44 -44.17
C GLN F 209 37.41 6.41 -43.01
N LEU F 210 36.29 6.79 -42.38
CA LEU F 210 36.36 7.69 -41.24
C LEU F 210 37.13 7.06 -40.09
N ILE F 211 36.92 5.77 -39.84
CA ILE F 211 37.63 5.08 -38.77
C ILE F 211 39.13 5.09 -39.05
N ASP F 212 39.52 4.78 -40.29
CA ASP F 212 40.94 4.80 -40.64
C ASP F 212 41.53 6.20 -40.48
N ASP F 213 40.78 7.23 -40.89
CA ASP F 213 41.21 8.61 -40.72
C ASP F 213 41.09 9.08 -39.29
N HIS F 214 40.74 8.22 -38.34
CA HIS F 214 40.60 8.59 -36.93
C HIS F 214 39.51 9.63 -36.75
N PHE F 215 38.39 9.45 -37.45
CA PHE F 215 37.24 10.35 -37.40
C PHE F 215 35.96 9.55 -37.24
N LEU F 216 35.99 8.48 -36.46
CA LEU F 216 34.80 7.66 -36.25
C LEU F 216 35.14 6.62 -35.17
N PHE F 217 34.10 5.93 -34.72
CA PHE F 217 34.23 4.86 -33.74
C PHE F 217 33.63 3.58 -34.29
N ASP F 218 34.30 2.46 -34.05
CA ASP F 218 33.88 1.17 -34.56
C ASP F 218 32.84 0.55 -33.63
N LYS F 219 32.10 -0.41 -34.17
CA LYS F 219 31.11 -1.12 -33.37
C LYS F 219 31.81 -1.86 -32.24
N PRO F 220 31.37 -1.71 -30.99
CA PRO F 220 32.04 -2.42 -29.89
C PRO F 220 31.97 -3.91 -30.08
N VAL F 221 33.13 -4.57 -30.01
CA VAL F 221 33.20 -6.02 -30.12
C VAL F 221 33.97 -6.68 -28.98
N SER F 222 34.83 -5.96 -28.27
CA SER F 222 35.59 -6.58 -27.19
C SER F 222 34.64 -7.01 -26.07
N PRO F 223 34.99 -8.05 -25.33
CA PRO F 223 34.05 -8.57 -24.32
C PRO F 223 33.67 -7.54 -23.28
N LEU F 224 34.53 -6.57 -22.98
CA LEU F 224 34.25 -5.60 -21.94
C LEU F 224 32.96 -4.82 -22.23
N LEU F 225 32.88 -4.22 -23.41
CA LEU F 225 31.72 -3.39 -23.73
C LEU F 225 30.45 -4.21 -23.76
N THR F 226 30.47 -5.35 -24.47
CA THR F 226 29.27 -6.17 -24.59
C THR F 226 28.82 -6.70 -23.24
N ALA F 227 29.75 -7.14 -22.39
CA ALA F 227 29.39 -7.58 -21.05
C ALA F 227 28.80 -6.43 -20.25
N ALA F 228 29.32 -5.22 -20.44
CA ALA F 228 28.74 -4.04 -19.82
C ALA F 228 27.37 -3.69 -20.38
N GLY F 229 26.97 -4.31 -21.48
CA GLY F 229 25.69 -4.01 -22.09
C GLY F 229 25.59 -2.64 -22.69
N MET F 230 26.65 -2.19 -23.37
CA MET F 230 26.66 -0.89 -24.04
C MET F 230 26.63 -0.98 -25.55
N ALA F 231 26.58 -2.18 -26.11
CA ALA F 231 26.42 -2.37 -27.54
C ALA F 231 24.97 -2.64 -27.92
N ARG F 232 24.04 -2.47 -26.99
CA ARG F 232 22.64 -2.75 -27.26
C ARG F 232 22.10 -1.81 -28.33
N ASP F 233 21.27 -2.36 -29.21
CA ASP F 233 20.54 -1.58 -30.22
C ASP F 233 21.48 -0.89 -31.21
N TRP F 234 22.70 -1.37 -31.35
CA TRP F 234 23.61 -0.75 -32.30
C TRP F 234 23.07 -0.91 -33.72
N PRO F 235 23.19 0.11 -34.58
CA PRO F 235 23.78 1.43 -34.38
C PRO F 235 22.73 2.51 -34.10
N ASP F 236 21.56 2.14 -33.58
CA ASP F 236 20.49 3.11 -33.39
C ASP F 236 20.91 4.17 -32.38
N ALA F 237 20.75 5.44 -32.76
CA ALA F 237 20.95 6.60 -31.90
C ALA F 237 22.42 6.86 -31.58
N ARG F 238 23.33 6.40 -32.44
CA ARG F 238 24.75 6.71 -32.31
C ARG F 238 25.16 7.58 -33.49
N GLY F 239 25.92 8.64 -33.24
CA GLY F 239 26.25 9.57 -34.30
C GLY F 239 27.58 10.25 -34.08
N ILE F 240 27.97 11.06 -35.07
CA ILE F 240 29.23 11.80 -35.02
C ILE F 240 28.96 13.19 -35.59
N TRP F 241 29.17 14.23 -34.78
CA TRP F 241 29.06 15.61 -35.22
C TRP F 241 30.47 16.18 -35.35
N HIS F 242 30.82 16.67 -36.53
CA HIS F 242 32.15 17.23 -36.71
C HIS F 242 32.07 18.55 -37.47
N ASN F 243 32.99 19.44 -37.15
CA ASN F 243 33.05 20.74 -37.80
C ASN F 243 33.51 20.58 -39.24
N ASN F 244 33.41 21.69 -40.00
CA ASN F 244 33.79 21.64 -41.42
C ASN F 244 35.25 21.26 -41.58
N GLU F 245 36.14 21.86 -40.78
CA GLU F 245 37.56 21.54 -40.86
C GLU F 245 37.88 20.17 -40.27
N LYS F 246 36.92 19.51 -39.63
CA LYS F 246 37.12 18.23 -38.97
C LYS F 246 38.15 18.31 -37.85
N SER F 247 38.36 19.51 -37.31
CA SER F 247 39.24 19.70 -36.16
C SER F 247 38.48 19.68 -34.84
N PHE F 248 37.17 19.45 -34.87
CA PHE F 248 36.36 19.40 -33.65
C PHE F 248 35.26 18.37 -33.87
N LEU F 249 35.33 17.28 -33.12
CA LEU F 249 34.42 16.15 -33.27
C LEU F 249 33.71 15.85 -31.96
N ILE F 250 32.56 15.21 -32.08
CA ILE F 250 31.74 14.82 -30.93
C ILE F 250 31.06 13.50 -31.26
N TRP F 251 31.38 12.47 -30.50
CA TRP F 251 30.74 11.17 -30.64
C TRP F 251 29.54 11.09 -29.71
N VAL F 252 28.37 10.83 -30.27
CA VAL F 252 27.13 10.77 -29.52
C VAL F 252 26.74 9.31 -29.34
N ASN F 253 26.71 8.87 -28.07
CA ASN F 253 26.27 7.54 -27.68
C ASN F 253 27.18 6.45 -28.26
N GLU F 254 28.46 6.53 -27.88
CA GLU F 254 29.42 5.46 -28.16
C GLU F 254 29.95 4.83 -26.88
N GLU F 255 30.52 5.60 -25.97
CA GLU F 255 30.84 5.16 -24.62
C GLU F 255 30.19 6.04 -23.56
N ASP F 256 29.93 7.30 -23.87
CA ASP F 256 29.22 8.20 -22.98
C ASP F 256 28.18 8.96 -23.79
N HIS F 257 27.32 9.69 -23.09
CA HIS F 257 26.32 10.50 -23.79
C HIS F 257 27.00 11.42 -24.80
N THR F 258 28.16 11.95 -24.45
CA THR F 258 28.93 12.78 -25.36
C THR F 258 30.40 12.56 -25.14
N ARG F 259 31.16 12.42 -26.23
CA ARG F 259 32.61 12.37 -26.18
C ARG F 259 33.16 13.47 -27.09
N VAL F 260 33.71 14.51 -26.49
CA VAL F 260 34.20 15.67 -27.22
C VAL F 260 35.68 15.46 -27.53
N ILE F 261 36.08 15.78 -28.75
CA ILE F 261 37.46 15.63 -29.19
C ILE F 261 37.86 16.86 -29.99
N SER F 262 39.06 17.36 -29.72
CA SER F 262 39.68 18.43 -30.49
C SER F 262 41.00 17.90 -31.04
N MET F 263 41.13 17.90 -32.36
CA MET F 263 42.26 17.29 -33.04
C MET F 263 43.04 18.34 -33.82
N GLU F 264 44.30 18.05 -34.10
CA GLU F 264 45.11 18.89 -34.96
C GLU F 264 46.29 18.08 -35.45
N LYS F 265 46.39 17.90 -36.77
CA LYS F 265 47.49 17.11 -37.33
C LYS F 265 48.79 17.90 -37.26
N GLY F 266 49.28 18.11 -36.04
CA GLY F 266 50.49 18.87 -35.84
C GLY F 266 51.00 18.76 -34.42
N GLY F 267 51.49 19.88 -33.86
CA GLY F 267 51.98 19.88 -32.49
C GLY F 267 51.66 21.17 -31.75
N ASN F 268 50.74 21.96 -32.28
CA ASN F 268 50.35 23.22 -31.66
C ASN F 268 49.27 22.96 -30.61
N MET F 269 49.69 22.26 -29.55
CA MET F 269 48.74 21.88 -28.51
C MET F 269 48.01 23.08 -27.93
N LYS F 270 48.66 24.25 -27.93
CA LYS F 270 48.01 25.45 -27.41
C LYS F 270 46.72 25.75 -28.16
N ARG F 271 46.79 25.78 -29.49
CA ARG F 271 45.60 26.08 -30.28
C ARG F 271 44.55 24.99 -30.12
N VAL F 272 44.98 23.73 -30.08
CA VAL F 272 44.04 22.63 -29.94
C VAL F 272 43.26 22.77 -28.65
N PHE F 273 43.98 23.04 -27.55
CA PHE F 273 43.30 23.18 -26.26
C PHE F 273 42.42 24.43 -26.22
N GLU F 274 42.86 25.52 -26.86
CA GLU F 274 42.03 26.71 -26.92
C GLU F 274 40.71 26.42 -27.60
N ARG F 275 40.76 25.81 -28.79
CA ARG F 275 39.54 25.45 -29.49
C ARG F 275 38.70 24.50 -28.65
N PHE F 276 39.35 23.52 -28.02
CA PHE F 276 38.64 22.55 -27.20
C PHE F 276 37.84 23.24 -26.10
N CYS F 277 38.50 24.10 -25.32
CA CYS F 277 37.83 24.70 -24.19
C CYS F 277 36.73 25.67 -24.64
N ARG F 278 36.99 26.48 -25.66
CA ARG F 278 35.97 27.42 -26.09
C ARG F 278 34.75 26.70 -26.66
N GLY F 279 34.98 25.66 -27.47
CA GLY F 279 33.87 24.89 -28.00
C GLY F 279 33.09 24.19 -26.91
N LEU F 280 33.79 23.65 -25.91
CA LEU F 280 33.10 23.01 -24.80
C LEU F 280 32.24 24.01 -24.03
N LYS F 281 32.77 25.22 -23.81
CA LYS F 281 31.99 26.24 -23.13
C LYS F 281 30.74 26.60 -23.93
N GLU F 282 30.89 26.77 -25.25
CA GLU F 282 29.73 27.10 -26.07
C GLU F 282 28.70 25.98 -26.04
N VAL F 283 29.16 24.73 -26.14
CA VAL F 283 28.23 23.60 -26.12
C VAL F 283 27.49 23.54 -24.79
N GLU F 284 28.20 23.75 -23.68
CA GLU F 284 27.55 23.76 -22.38
C GLU F 284 26.52 24.87 -22.29
N ARG F 285 26.86 26.06 -22.77
CA ARG F 285 25.92 27.18 -22.74
C ARG F 285 24.65 26.82 -23.50
N LEU F 286 24.80 26.25 -24.70
CA LEU F 286 23.63 25.86 -25.48
C LEU F 286 22.84 24.76 -24.78
N ILE F 287 23.53 23.86 -24.07
CA ILE F 287 22.82 22.82 -23.32
C ILE F 287 21.94 23.44 -22.24
N GLN F 288 22.51 24.33 -21.43
CA GLN F 288 21.72 24.97 -20.40
C GLN F 288 20.64 25.89 -20.98
N GLU F 289 20.82 26.35 -22.22
CA GLU F 289 19.77 27.18 -22.82
C GLU F 289 18.45 26.46 -22.88
N ARG F 290 18.46 25.17 -23.25
CA ARG F 290 17.25 24.38 -23.38
C ARG F 290 16.81 23.76 -22.06
N GLY F 291 17.56 23.95 -20.98
CA GLY F 291 17.18 23.43 -19.69
C GLY F 291 17.85 22.14 -19.27
N TRP F 292 18.86 21.70 -20.00
CA TRP F 292 19.61 20.49 -19.66
C TRP F 292 20.92 20.85 -18.97
N GLU F 293 21.40 19.92 -18.15
CA GLU F 293 22.63 20.13 -17.38
C GLU F 293 23.51 18.90 -17.43
N PHE F 294 24.81 19.11 -17.56
CA PHE F 294 25.75 18.02 -17.45
C PHE F 294 25.81 17.49 -16.03
N MET F 295 25.86 16.17 -15.88
CA MET F 295 26.06 15.60 -14.56
C MET F 295 27.38 16.09 -13.98
N TRP F 296 27.33 16.55 -12.74
CA TRP F 296 28.54 17.08 -12.10
C TRP F 296 28.32 17.27 -10.61
N ASN F 297 29.25 16.77 -9.80
CA ASN F 297 29.23 17.01 -8.36
C ASN F 297 30.66 17.24 -7.89
N GLU F 298 30.79 17.95 -6.77
CA GLU F 298 32.10 18.42 -6.34
C GLU F 298 33.05 17.27 -6.05
N ARG F 299 32.56 16.21 -5.40
CA ARG F 299 33.44 15.12 -4.98
C ARG F 299 34.09 14.45 -6.19
N LEU F 300 33.31 14.20 -7.23
CA LEU F 300 33.78 13.44 -8.38
C LEU F 300 33.96 14.26 -9.65
N GLY F 301 33.35 15.44 -9.72
CA GLY F 301 33.36 16.18 -10.97
C GLY F 301 32.39 15.58 -11.98
N TYR F 302 32.75 15.71 -13.24
CA TYR F 302 31.90 15.19 -14.31
C TYR F 302 31.75 13.68 -14.17
N ILE F 303 30.52 13.20 -14.28
CA ILE F 303 30.18 11.81 -14.01
C ILE F 303 30.14 11.04 -15.32
N LEU F 304 30.89 9.94 -15.39
CA LEU F 304 30.95 9.08 -16.56
C LEU F 304 30.83 7.63 -16.12
N THR F 305 30.74 6.73 -17.11
CA THR F 305 30.49 5.32 -16.81
C THR F 305 31.69 4.68 -16.15
N CYS F 306 32.82 4.62 -16.85
CA CYS F 306 34.02 3.99 -16.30
C CYS F 306 34.53 4.81 -15.12
N PRO F 307 34.66 4.22 -13.93
CA PRO F 307 35.24 4.98 -12.82
C PRO F 307 36.64 5.49 -13.10
N SER F 308 37.35 4.88 -14.04
CA SER F 308 38.67 5.38 -14.42
C SER F 308 38.61 6.73 -15.11
N ASN F 309 37.48 7.08 -15.71
CA ASN F 309 37.32 8.32 -16.44
C ASN F 309 36.69 9.43 -15.61
N LEU F 310 36.45 9.19 -14.32
CA LEU F 310 35.84 10.20 -13.48
C LEU F 310 36.74 11.42 -13.38
N GLY F 311 36.22 12.46 -12.75
CA GLY F 311 36.97 13.69 -12.59
C GLY F 311 36.74 14.65 -13.73
N THR F 312 37.65 14.64 -14.70
CA THR F 312 37.57 15.52 -15.86
C THR F 312 37.41 14.78 -17.18
N GLY F 313 37.87 13.53 -17.26
CA GLY F 313 37.85 12.80 -18.50
C GLY F 313 38.87 13.23 -19.52
N LEU F 314 39.71 14.21 -19.19
CA LEU F 314 40.68 14.73 -20.14
C LEU F 314 41.76 13.69 -20.41
N ARG F 315 42.07 13.48 -21.69
CA ARG F 315 43.14 12.58 -22.12
C ARG F 315 43.99 13.24 -23.20
N ALA F 316 44.42 14.47 -22.93
CA ALA F 316 45.31 15.14 -23.88
C ALA F 316 46.54 14.28 -24.13
N GLY F 317 46.87 14.08 -25.41
CA GLY F 317 47.97 13.23 -25.78
C GLY F 317 48.44 13.53 -27.18
N VAL F 318 49.41 12.75 -27.63
CA VAL F 318 50.02 12.91 -28.95
C VAL F 318 50.48 11.55 -29.45
N HIS F 319 50.85 11.50 -30.73
CA HIS F 319 51.42 10.33 -31.36
C HIS F 319 52.93 10.52 -31.51
N ILE F 320 53.68 9.44 -31.31
CA ILE F 320 55.14 9.47 -31.29
C ILE F 320 55.66 8.32 -32.14
N LYS F 321 56.94 8.42 -32.51
CA LYS F 321 57.58 7.46 -33.40
C LYS F 321 58.29 6.36 -32.61
N LEU F 322 58.60 5.27 -33.31
CA LEU F 322 59.26 4.11 -32.73
C LEU F 322 60.79 4.24 -32.64
N PRO F 323 61.48 4.64 -33.72
CA PRO F 323 62.91 4.33 -33.83
C PRO F 323 63.78 4.91 -32.72
N LEU F 324 63.81 6.23 -32.58
CA LEU F 324 64.66 6.87 -31.58
C LEU F 324 64.16 6.64 -30.16
N LEU F 325 62.99 6.04 -30.00
CA LEU F 325 62.34 5.90 -28.70
C LEU F 325 62.24 4.45 -28.23
N SER F 326 61.78 3.56 -29.09
CA SER F 326 61.53 2.18 -28.67
C SER F 326 62.82 1.53 -28.16
N LYS F 327 63.96 1.84 -28.79
CA LYS F 327 65.23 1.22 -28.45
C LYS F 327 65.90 1.83 -27.22
N ASP F 328 65.16 2.62 -26.44
CA ASP F 328 65.75 3.33 -25.31
C ASP F 328 66.04 2.34 -24.18
N SER F 329 66.58 2.85 -23.07
CA SER F 329 66.98 1.98 -21.97
C SER F 329 65.80 1.62 -21.08
N ARG F 330 65.21 2.61 -20.43
CA ARG F 330 64.20 2.35 -19.39
C ARG F 330 63.06 3.37 -19.47
N PHE F 331 62.49 3.55 -20.66
CA PHE F 331 61.36 4.46 -20.80
C PHE F 331 60.21 4.16 -19.86
N PRO F 332 59.81 2.91 -19.61
CA PRO F 332 58.67 2.70 -18.69
C PRO F 332 58.87 3.40 -17.36
N LYS F 333 60.09 3.37 -16.82
CA LYS F 333 60.37 4.12 -15.60
C LYS F 333 60.18 5.61 -15.82
N ILE F 334 60.61 6.11 -16.98
CA ILE F 334 60.46 7.54 -17.28
C ILE F 334 58.98 7.91 -17.32
N LEU F 335 58.18 7.10 -17.99
CA LEU F 335 56.74 7.38 -18.09
C LEU F 335 56.09 7.36 -16.72
N GLU F 336 56.45 6.37 -15.88
CA GLU F 336 55.92 6.35 -14.53
C GLU F 336 56.33 7.60 -13.76
N ASN F 337 57.59 8.01 -13.89
CA ASN F 337 58.09 9.16 -13.15
C ASN F 337 57.37 10.45 -13.57
N LEU F 338 57.18 10.64 -14.87
CA LEU F 338 56.55 11.84 -15.40
C LEU F 338 55.04 11.71 -15.51
N ARG F 339 54.46 10.62 -15.04
CA ARG F 339 53.00 10.43 -15.02
C ARG F 339 52.43 10.49 -16.43
N LEU F 340 52.89 9.56 -17.27
CA LEU F 340 52.44 9.45 -18.64
C LEU F 340 51.97 8.02 -18.92
N GLN F 341 51.03 7.91 -19.86
CA GLN F 341 50.48 6.64 -20.28
C GLN F 341 50.88 6.40 -21.74
N LYS F 342 51.51 5.26 -22.00
CA LYS F 342 51.95 4.89 -23.34
C LYS F 342 51.15 3.70 -23.82
N ARG F 343 50.58 3.80 -25.01
CA ARG F 343 49.75 2.74 -25.57
C ARG F 343 50.03 2.63 -27.06
N GLY F 344 49.45 1.59 -27.68
CA GLY F 344 49.66 1.38 -29.10
C GLY F 344 48.84 2.36 -29.93
N THR F 345 49.47 2.89 -30.97
CA THR F 345 48.79 3.83 -31.86
C THR F 345 47.61 3.14 -32.53
N GLY F 346 46.47 3.81 -32.54
CA GLY F 346 45.26 3.26 -33.14
C GLY F 346 44.26 2.81 -32.10
N VAL F 356 55.96 3.28 -33.26
CA VAL F 356 55.02 4.39 -33.22
C VAL F 356 53.99 4.12 -32.13
N PHE F 357 53.93 5.00 -31.12
CA PHE F 357 53.08 4.83 -29.97
C PHE F 357 52.21 6.07 -29.77
N ASP F 358 51.38 6.04 -28.74
CA ASP F 358 50.56 7.18 -28.34
C ASP F 358 50.82 7.45 -26.87
N ILE F 359 51.17 8.69 -26.55
CA ILE F 359 51.55 9.07 -25.19
C ILE F 359 50.57 10.14 -24.70
N SER F 360 50.07 9.95 -23.50
CA SER F 360 49.05 10.84 -22.92
C SER F 360 49.28 10.88 -21.42
N ASN F 361 48.27 11.37 -20.68
CA ASN F 361 48.31 11.41 -19.23
C ASN F 361 47.57 10.20 -18.66
N LEU F 362 47.84 9.92 -17.37
CA LEU F 362 47.29 8.75 -16.72
C LEU F 362 46.01 9.07 -15.94
N ASP F 363 46.09 9.99 -14.99
CA ASP F 363 45.00 10.26 -14.06
C ASP F 363 44.21 11.49 -14.51
N ARG F 364 42.89 11.39 -14.37
CA ARG F 364 41.99 12.50 -14.65
C ARG F 364 41.37 13.10 -13.40
N LEU F 365 40.99 12.27 -12.44
CA LEU F 365 40.49 12.77 -11.17
C LEU F 365 41.62 13.42 -10.38
N GLY F 366 41.28 14.47 -9.64
CA GLY F 366 42.27 15.23 -8.91
C GLY F 366 42.71 16.48 -9.63
N LYS F 367 43.85 16.40 -10.31
CA LYS F 367 44.38 17.56 -11.04
C LYS F 367 43.33 18.13 -11.97
N SER F 368 43.47 19.39 -12.35
CA SER F 368 42.52 20.06 -13.22
C SER F 368 42.93 19.90 -14.68
N GLU F 369 42.03 20.33 -15.57
CA GLU F 369 42.27 20.15 -17.00
C GLU F 369 43.52 20.90 -17.45
N VAL F 370 43.64 22.17 -17.02
CA VAL F 370 44.83 22.94 -17.35
C VAL F 370 46.07 22.27 -16.77
N GLU F 371 45.96 21.79 -15.52
CA GLU F 371 47.08 21.10 -14.90
C GLU F 371 47.48 19.87 -15.71
N LEU F 372 46.52 19.06 -16.12
CA LEU F 372 46.84 17.86 -16.86
C LEU F 372 47.46 18.19 -18.21
N VAL F 373 46.94 19.20 -18.89
CA VAL F 373 47.50 19.59 -20.19
C VAL F 373 48.93 20.09 -20.02
N GLN F 374 49.18 20.89 -18.98
CA GLN F 374 50.53 21.37 -18.74
C GLN F 374 51.47 20.22 -18.41
N LEU F 375 51.00 19.25 -17.62
CA LEU F 375 51.82 18.08 -17.32
C LEU F 375 52.16 17.31 -18.58
N VAL F 376 51.19 17.11 -19.47
CA VAL F 376 51.46 16.41 -20.72
C VAL F 376 52.46 17.18 -21.56
N ILE F 377 52.29 18.51 -21.64
CA ILE F 377 53.20 19.33 -22.43
C ILE F 377 54.63 19.21 -21.89
N ASP F 378 54.77 19.32 -20.56
CA ASP F 378 56.11 19.23 -19.97
C ASP F 378 56.70 17.85 -20.18
N GLY F 379 55.89 16.79 -20.05
CA GLY F 379 56.41 15.45 -20.24
C GLY F 379 56.88 15.21 -21.66
N VAL F 380 56.08 15.64 -22.64
CA VAL F 380 56.49 15.45 -24.04
C VAL F 380 57.68 16.32 -24.37
N ASN F 381 57.76 17.53 -23.80
CA ASN F 381 58.92 18.37 -24.00
C ASN F 381 60.18 17.70 -23.45
N TYR F 382 60.08 17.10 -22.27
CA TYR F 382 61.21 16.35 -21.72
C TYR F 382 61.57 15.19 -22.63
N LEU F 383 60.57 14.44 -23.09
CA LEU F 383 60.85 13.28 -23.93
C LEU F 383 61.58 13.68 -25.21
N ILE F 384 61.08 14.71 -25.89
CA ILE F 384 61.69 15.15 -27.14
C ILE F 384 63.06 15.77 -26.87
N ASP F 385 63.22 16.47 -25.75
CA ASP F 385 64.52 17.07 -25.43
C ASP F 385 65.55 16.01 -25.08
N CYS F 386 65.16 15.02 -24.27
CA CYS F 386 66.06 13.96 -23.83
C CYS F 386 65.90 12.69 -24.67
N GLU F 387 65.56 12.84 -25.94
CA GLU F 387 65.52 11.72 -26.89
C GLU F 387 66.87 11.49 -27.55
N ARG F 388 67.88 12.26 -27.18
CA ARG F 388 69.12 12.31 -27.94
C ARG F 388 69.72 10.93 -28.13
N ARG F 389 69.74 10.49 -29.39
CA ARG F 389 70.54 9.33 -29.78
C ARG F 389 71.92 9.74 -30.27
N LEU F 390 72.07 10.97 -30.75
CA LEU F 390 73.39 11.49 -31.09
C LEU F 390 74.35 11.41 -29.92
N GLU F 391 73.84 11.56 -28.70
CA GLU F 391 74.65 11.44 -27.49
C GLU F 391 73.79 10.77 -26.42
N ARG F 392 74.30 10.73 -25.20
CA ARG F 392 73.60 10.16 -24.06
C ARG F 392 73.38 11.26 -23.01
N GLY F 393 72.86 10.85 -21.85
CA GLY F 393 72.65 11.77 -20.76
C GLY F 393 71.20 11.84 -20.30
N GLN F 394 70.45 10.76 -20.50
CA GLN F 394 69.09 10.71 -19.99
C GLN F 394 69.10 10.87 -18.48
N ASP F 395 68.23 11.75 -17.97
CA ASP F 395 68.21 12.09 -16.56
C ASP F 395 66.95 11.63 -15.83
N ILE F 396 65.93 11.15 -16.54
CA ILE F 396 64.69 10.71 -15.92
C ILE F 396 64.05 11.89 -15.19
N ARG F 397 64.69 12.35 -14.12
CA ARG F 397 64.26 13.54 -13.38
C ARG F 397 62.84 13.36 -12.84
N ILE F 398 62.69 12.42 -11.93
CA ILE F 398 61.42 12.20 -11.25
C ILE F 398 60.93 13.51 -10.65
N SER G 31 5.13 13.61 -7.33
CA SER G 31 3.85 13.93 -7.96
C SER G 31 3.48 12.90 -9.01
N GLU G 32 2.19 12.63 -9.14
CA GLU G 32 1.68 11.69 -10.13
C GLU G 32 1.39 12.34 -11.47
N ARG G 33 1.60 13.66 -11.58
CA ARG G 33 1.39 14.35 -12.84
C ARG G 33 2.52 14.15 -13.84
N ARG G 34 3.65 13.60 -13.41
CA ARG G 34 4.75 13.35 -14.33
C ARG G 34 4.35 12.31 -15.36
N ARG G 35 4.76 12.54 -16.61
CA ARG G 35 4.33 11.72 -17.73
C ARG G 35 5.40 10.71 -18.10
N LEU G 36 4.97 9.48 -18.34
CA LEU G 36 5.87 8.42 -18.75
C LEU G 36 6.20 8.54 -20.25
N TYR G 37 7.32 7.96 -20.63
CA TYR G 37 7.66 7.86 -22.04
C TYR G 37 6.59 7.03 -22.75
N PRO G 38 5.98 7.53 -23.82
CA PRO G 38 5.03 6.71 -24.57
C PRO G 38 5.69 5.44 -25.07
N PRO G 39 4.97 4.32 -25.08
CA PRO G 39 5.60 3.07 -25.54
C PRO G 39 6.16 3.18 -26.94
N SER G 40 5.50 3.93 -27.82
CA SER G 40 6.01 4.11 -29.17
C SER G 40 7.40 4.73 -29.17
N ALA G 41 7.74 5.48 -28.12
CA ALA G 41 9.07 6.07 -28.04
C ALA G 41 10.15 5.00 -27.94
N GLU G 42 9.83 3.87 -27.31
CA GLU G 42 10.79 2.79 -27.12
C GLU G 42 10.80 1.79 -28.28
N TYR G 43 9.91 1.94 -29.26
CA TYR G 43 9.79 0.95 -30.31
C TYR G 43 11.12 0.82 -31.06
N PRO G 44 11.63 -0.38 -31.29
CA PRO G 44 12.91 -0.53 -31.97
C PRO G 44 12.84 -0.06 -33.43
N ASP G 45 14.01 0.23 -33.98
CA ASP G 45 14.15 0.63 -35.38
C ASP G 45 14.48 -0.61 -36.19
N LEU G 46 13.44 -1.26 -36.70
CA LEU G 46 13.57 -2.54 -37.40
C LEU G 46 13.44 -2.38 -38.91
N ARG G 47 13.90 -1.26 -39.47
CA ARG G 47 13.74 -1.03 -40.90
C ARG G 47 14.67 -1.88 -41.75
N LYS G 48 15.69 -2.51 -41.16
CA LYS G 48 16.65 -3.31 -41.91
C LYS G 48 16.94 -4.61 -41.17
N HIS G 49 15.90 -5.27 -40.67
CA HIS G 49 16.03 -6.50 -39.90
C HIS G 49 15.35 -7.64 -40.64
N ASN G 50 15.40 -8.83 -40.04
CA ASN G 50 14.76 -10.01 -40.60
C ASN G 50 13.99 -10.76 -39.52
N CYS G 52 12.48 -13.77 -37.01
CA CYS G 52 11.08 -13.55 -37.39
C CYS G 52 10.42 -12.50 -36.51
N MET G 53 11.16 -11.99 -35.51
CA MET G 53 10.60 -11.01 -34.61
C MET G 53 10.22 -9.73 -35.36
N ALA G 54 11.12 -9.23 -36.20
CA ALA G 54 10.91 -7.94 -36.83
C ALA G 54 9.65 -7.95 -37.70
N SER G 55 9.45 -9.03 -38.46
CA SER G 55 8.26 -9.10 -39.31
C SER G 55 6.99 -9.27 -38.49
N HIS G 56 7.09 -9.89 -37.31
CA HIS G 56 5.93 -10.19 -36.50
C HIS G 56 5.78 -9.25 -35.30
N LEU G 57 6.61 -8.22 -35.20
CA LEU G 57 6.48 -7.20 -34.18
C LEU G 57 5.91 -5.93 -34.81
N THR G 58 4.83 -5.42 -34.24
CA THR G 58 4.14 -4.25 -34.75
C THR G 58 3.92 -3.26 -33.62
N PRO G 59 3.70 -1.99 -33.94
CA PRO G 59 3.54 -0.98 -32.88
C PRO G 59 2.45 -1.34 -31.89
N ALA G 60 1.33 -1.89 -32.37
CA ALA G 60 0.23 -2.24 -31.47
C ALA G 60 0.67 -3.31 -30.47
N VAL G 61 1.38 -4.34 -30.94
CA VAL G 61 1.79 -5.42 -30.05
C VAL G 61 2.77 -4.89 -29.00
N TYR G 62 3.76 -4.10 -29.44
CA TYR G 62 4.72 -3.57 -28.48
C TYR G 62 4.03 -2.69 -27.46
N ALA G 63 3.13 -1.81 -27.90
CA ALA G 63 2.41 -0.96 -26.96
C ALA G 63 1.60 -1.78 -25.98
N ARG G 64 0.96 -2.85 -26.46
CA ARG G 64 0.17 -3.69 -25.58
C ARG G 64 1.04 -4.36 -24.53
N LEU G 65 2.21 -4.87 -24.93
CA LEU G 65 3.06 -5.65 -24.06
C LEU G 65 4.19 -4.83 -23.43
N CYS G 66 4.20 -3.51 -23.64
CA CYS G 66 5.31 -2.70 -23.13
C CYS G 66 5.39 -2.70 -21.61
N ASP G 67 4.30 -3.02 -20.92
CA ASP G 67 4.26 -2.95 -19.47
C ASP G 67 4.12 -4.29 -18.77
N LYS G 68 3.74 -5.35 -19.49
CA LYS G 68 3.62 -6.66 -18.88
C LYS G 68 4.99 -7.11 -18.35
N THR G 69 4.97 -8.18 -17.55
CA THR G 69 6.19 -8.75 -17.03
C THR G 69 5.86 -10.07 -16.34
N THR G 70 6.76 -11.05 -16.47
CA THR G 70 6.61 -12.29 -15.74
C THR G 70 6.85 -12.05 -14.26
N PRO G 71 6.37 -12.94 -13.40
CA PRO G 71 6.52 -12.72 -11.95
C PRO G 71 7.97 -12.54 -11.52
N THR G 72 8.92 -13.12 -12.26
CA THR G 72 10.34 -12.98 -11.94
C THR G 72 10.95 -11.71 -12.49
N GLY G 73 10.18 -10.90 -13.21
CA GLY G 73 10.65 -9.61 -13.69
C GLY G 73 11.05 -9.58 -15.15
N TRP G 74 10.90 -10.68 -15.89
CA TRP G 74 11.21 -10.68 -17.30
C TRP G 74 10.26 -9.74 -18.05
N THR G 75 10.79 -9.03 -19.04
CA THR G 75 10.03 -8.04 -19.78
C THR G 75 10.25 -8.23 -21.27
N LEU G 76 9.37 -7.61 -22.07
CA LEU G 76 9.39 -7.82 -23.51
C LEU G 76 10.72 -7.36 -24.12
N ASP G 77 11.22 -6.20 -23.69
CA ASP G 77 12.47 -5.70 -24.26
C ASP G 77 13.59 -6.70 -24.05
N GLN G 78 13.62 -7.36 -22.89
CA GLN G 78 14.63 -8.40 -22.67
C GLN G 78 14.45 -9.54 -23.66
N CYS G 79 13.19 -9.92 -23.93
CA CYS G 79 12.95 -11.00 -24.89
C CYS G 79 13.48 -10.65 -26.27
N ILE G 80 13.22 -9.41 -26.73
CA ILE G 80 13.55 -9.05 -28.11
C ILE G 80 14.92 -8.41 -28.25
N GLN G 81 15.68 -8.28 -27.16
CA GLN G 81 16.98 -7.63 -27.24
C GLN G 81 17.92 -8.38 -28.18
N THR G 82 17.95 -9.71 -28.09
CA THR G 82 18.88 -10.48 -28.90
C THR G 82 18.61 -10.28 -30.38
N GLY G 83 17.33 -10.27 -30.78
CA GLY G 83 17.01 -10.05 -32.18
C GLY G 83 17.25 -8.61 -32.60
N VAL G 84 16.97 -7.66 -31.72
CA VAL G 84 17.16 -6.25 -32.08
C VAL G 84 18.63 -5.96 -32.32
N ASP G 85 19.50 -6.47 -31.45
CA ASP G 85 20.93 -6.19 -31.58
C ASP G 85 21.48 -6.76 -32.89
N ASN G 86 21.04 -7.96 -33.26
CA ASN G 86 21.54 -8.63 -34.44
C ASN G 86 20.52 -8.51 -35.56
N PRO G 87 20.74 -7.66 -36.58
CA PRO G 87 19.74 -7.55 -37.66
C PRO G 87 19.51 -8.84 -38.41
N GLY G 88 20.49 -9.74 -38.46
CA GLY G 88 20.34 -10.98 -39.17
C GLY G 88 20.64 -10.83 -40.66
N HIS G 89 21.47 -11.73 -41.19
CA HIS G 89 21.82 -11.66 -42.60
C HIS G 89 20.61 -12.00 -43.46
N PRO G 90 20.50 -11.41 -44.66
CA PRO G 90 19.38 -11.76 -45.54
C PRO G 90 19.40 -13.23 -45.90
N PHE G 91 18.20 -13.80 -46.07
CA PHE G 91 17.99 -15.20 -46.43
C PHE G 91 18.29 -16.14 -45.26
N ILE G 92 18.55 -15.62 -44.07
CA ILE G 92 18.83 -16.42 -42.88
C ILE G 92 17.70 -16.20 -41.89
N LYS G 93 17.04 -17.29 -41.49
CA LYS G 93 15.91 -17.21 -40.58
C LYS G 93 16.40 -17.41 -39.14
N THR G 94 16.28 -16.37 -38.33
CA THR G 94 16.62 -16.43 -36.92
C THR G 94 15.42 -16.00 -36.11
N VAL G 95 15.15 -16.71 -35.01
CA VAL G 95 13.98 -16.42 -34.20
C VAL G 95 14.06 -14.99 -33.65
N GLY G 96 15.19 -14.64 -33.06
CA GLY G 96 15.40 -13.29 -32.57
C GLY G 96 14.90 -13.02 -31.17
N MET G 97 14.26 -13.99 -30.52
CA MET G 97 13.76 -13.80 -29.16
C MET G 97 14.14 -15.00 -28.31
N VAL G 98 14.07 -14.80 -26.99
CA VAL G 98 14.31 -15.85 -26.01
C VAL G 98 13.31 -15.68 -24.87
N ALA G 99 13.27 -16.65 -23.98
CA ALA G 99 12.38 -16.64 -22.83
C ALA G 99 13.18 -16.67 -21.54
N GLY G 100 12.76 -15.88 -20.57
CA GLY G 100 13.46 -15.81 -19.30
C GLY G 100 12.96 -16.81 -18.29
N ASP G 101 11.78 -17.36 -18.51
CA ASP G 101 11.21 -18.37 -17.63
C ASP G 101 9.97 -18.94 -18.31
N GLU G 102 9.30 -19.87 -17.62
CA GLU G 102 8.13 -20.50 -18.21
C GLU G 102 7.01 -19.49 -18.44
N GLU G 103 6.64 -18.74 -17.41
CA GLU G 103 5.54 -17.79 -17.51
C GLU G 103 5.67 -16.86 -18.72
N THR G 104 6.90 -16.64 -19.21
CA THR G 104 7.08 -15.80 -20.39
C THR G 104 6.16 -16.25 -21.52
N TYR G 105 6.22 -17.54 -21.86
CA TYR G 105 5.44 -18.01 -23.00
C TYR G 105 3.95 -17.76 -22.81
N GLU G 106 3.51 -17.63 -21.57
CA GLU G 106 2.13 -17.25 -21.31
C GLU G 106 1.96 -15.74 -21.39
N VAL G 107 2.82 -14.99 -20.69
CA VAL G 107 2.64 -13.55 -20.58
C VAL G 107 2.74 -12.90 -21.95
N PHE G 108 3.77 -13.25 -22.71
CA PHE G 108 4.00 -12.68 -24.03
C PHE G 108 3.56 -13.60 -25.15
N ALA G 109 2.48 -14.36 -24.94
CA ALA G 109 2.00 -15.28 -25.95
C ALA G 109 1.61 -14.55 -27.23
N ASP G 110 1.04 -13.34 -27.09
CA ASP G 110 0.58 -12.60 -28.26
C ASP G 110 1.70 -12.32 -29.24
N LEU G 111 2.95 -12.29 -28.77
CA LEU G 111 4.11 -12.07 -29.63
C LEU G 111 4.77 -13.37 -30.06
N PHE G 112 4.97 -14.29 -29.11
CA PHE G 112 5.66 -15.54 -29.43
C PHE G 112 4.84 -16.41 -30.38
N ASP G 113 3.52 -16.46 -30.18
CA ASP G 113 2.71 -17.44 -30.92
C ASP G 113 2.88 -17.32 -32.42
N PRO G 114 2.77 -16.13 -33.03
CA PRO G 114 3.08 -16.05 -34.47
C PRO G 114 4.48 -16.53 -34.79
N VAL G 115 5.45 -16.23 -33.92
CA VAL G 115 6.83 -16.65 -34.18
C VAL G 115 6.93 -18.18 -34.13
N ILE G 116 6.32 -18.79 -33.11
CA ILE G 116 6.36 -20.24 -33.00
C ILE G 116 5.68 -20.87 -34.21
N GLN G 117 4.55 -20.34 -34.64
CA GLN G 117 3.83 -20.91 -35.77
C GLN G 117 4.64 -20.78 -37.05
N GLU G 118 5.24 -19.62 -37.30
CA GLU G 118 6.04 -19.43 -38.49
C GLU G 118 7.25 -20.34 -38.48
N ARG G 119 7.87 -20.52 -37.32
CA ARG G 119 9.07 -21.35 -37.24
C ARG G 119 8.73 -22.82 -37.54
N HIS G 120 7.72 -23.36 -36.87
CA HIS G 120 7.37 -24.77 -37.00
C HIS G 120 6.29 -25.00 -38.05
N ASN G 121 6.53 -24.45 -39.25
CA ASN G 121 5.77 -24.75 -40.47
C ASN G 121 4.27 -24.98 -40.17
N GLY G 122 3.66 -23.98 -39.56
CA GLY G 122 2.22 -23.92 -39.46
C GLY G 122 1.62 -24.39 -38.14
N TYR G 123 2.42 -24.99 -37.26
CA TYR G 123 1.90 -25.41 -35.97
C TYR G 123 1.30 -24.21 -35.24
N ASP G 124 0.10 -24.39 -34.70
CA ASP G 124 -0.58 -23.31 -34.00
C ASP G 124 -0.58 -23.58 -32.51
N PRO G 125 0.22 -22.87 -31.71
CA PRO G 125 0.22 -23.14 -30.26
C PRO G 125 -1.13 -22.92 -29.60
N ARG G 126 -1.90 -21.94 -30.08
CA ARG G 126 -3.16 -21.61 -29.41
C ARG G 126 -4.14 -22.78 -29.45
N THR G 127 -4.27 -23.43 -30.60
CA THR G 127 -5.26 -24.48 -30.80
C THR G 127 -4.67 -25.88 -30.67
N MET G 128 -3.64 -26.18 -31.45
CA MET G 128 -3.09 -27.53 -31.49
C MET G 128 -2.47 -27.89 -30.14
N LYS G 129 -2.28 -29.19 -29.94
CA LYS G 129 -1.71 -29.73 -28.72
C LYS G 129 -0.54 -30.63 -29.08
N HIS G 130 0.36 -30.81 -28.12
CA HIS G 130 1.58 -31.59 -28.30
C HIS G 130 1.51 -32.87 -27.49
N THR G 131 2.05 -33.95 -28.06
CA THR G 131 2.09 -35.26 -27.42
C THR G 131 3.53 -35.75 -27.40
N THR G 132 3.94 -36.33 -26.27
CA THR G 132 5.31 -36.77 -26.06
C THR G 132 5.33 -38.27 -25.81
N ASP G 133 6.18 -38.98 -26.55
CA ASP G 133 6.42 -40.40 -26.34
C ASP G 133 7.91 -40.66 -26.45
N LEU G 134 8.42 -41.55 -25.60
CA LEU G 134 9.85 -41.87 -25.56
C LEU G 134 10.04 -43.38 -25.48
N ASP G 135 9.32 -44.10 -26.34
CA ASP G 135 9.39 -45.56 -26.39
C ASP G 135 10.33 -45.98 -27.51
N ALA G 136 11.36 -46.75 -27.16
CA ALA G 136 12.31 -47.27 -28.14
C ALA G 136 11.85 -48.60 -28.74
N SER G 137 10.71 -49.13 -28.32
CA SER G 137 10.17 -50.33 -28.95
C SER G 137 9.52 -50.02 -30.29
N LYS G 138 8.88 -48.86 -30.42
CA LYS G 138 8.17 -48.53 -31.65
C LYS G 138 9.12 -48.44 -32.84
N ILE G 139 10.30 -47.85 -32.64
CA ILE G 139 11.26 -47.64 -33.71
C ILE G 139 11.57 -48.97 -34.39
N ARG G 140 11.82 -48.93 -35.70
CA ARG G 140 12.22 -50.10 -36.46
C ARG G 140 13.49 -49.79 -37.24
N SER G 141 13.91 -50.71 -38.11
CA SER G 141 15.13 -50.53 -38.90
C SER G 141 16.32 -50.30 -37.97
N GLY G 142 16.67 -49.05 -37.73
CA GLY G 142 17.75 -48.74 -36.82
C GLY G 142 19.13 -48.92 -37.43
N TYR G 143 19.48 -50.16 -37.74
CA TYR G 143 20.81 -50.44 -38.28
C TYR G 143 21.00 -49.72 -39.61
N PHE G 144 22.16 -49.08 -39.76
CA PHE G 144 22.52 -48.35 -40.97
C PHE G 144 23.65 -49.09 -41.68
N ASP G 145 24.13 -48.50 -42.77
CA ASP G 145 25.24 -49.04 -43.54
C ASP G 145 26.46 -48.15 -43.32
N GLU G 146 27.59 -48.79 -43.02
CA GLU G 146 28.84 -48.06 -42.73
C GLU G 146 29.46 -47.58 -44.04
N ARG G 147 28.74 -46.67 -44.70
CA ARG G 147 29.20 -46.01 -45.91
C ARG G 147 29.49 -44.53 -45.70
N TYR G 148 28.52 -43.78 -45.19
CA TYR G 148 28.71 -42.38 -44.82
C TYR G 148 28.14 -42.05 -43.46
N VAL G 149 27.50 -43.00 -42.77
CA VAL G 149 26.89 -42.71 -41.48
C VAL G 149 27.94 -42.23 -40.48
N LEU G 150 29.06 -42.94 -40.42
CA LEU G 150 30.17 -42.53 -39.56
C LEU G 150 29.76 -42.54 -38.09
N SER G 151 28.90 -41.61 -37.70
CA SER G 151 28.48 -41.46 -36.32
C SER G 151 27.00 -41.13 -36.25
N SER G 152 26.40 -41.42 -35.10
CA SER G 152 25.00 -41.12 -34.85
C SER G 152 24.87 -40.45 -33.48
N ARG G 153 23.89 -39.56 -33.37
CA ARG G 153 23.70 -38.79 -32.15
C ARG G 153 22.23 -38.43 -32.01
N VAL G 154 21.81 -38.21 -30.76
CA VAL G 154 20.49 -37.69 -30.44
C VAL G 154 20.65 -36.68 -29.30
N ARG G 155 19.89 -35.59 -29.36
CA ARG G 155 20.05 -34.50 -28.42
C ARG G 155 18.69 -33.93 -28.05
N THR G 156 18.54 -33.58 -26.77
CA THR G 156 17.34 -32.90 -26.29
C THR G 156 17.74 -31.94 -25.18
N GLY G 157 16.77 -31.13 -24.76
CA GLY G 157 16.98 -30.19 -23.68
C GLY G 157 15.88 -30.31 -22.65
N ARG G 158 16.20 -29.89 -21.43
CA ARG G 158 15.26 -29.98 -20.32
C ARG G 158 15.53 -28.85 -19.34
N SER G 159 14.45 -28.23 -18.87
CA SER G 159 14.52 -27.11 -17.94
C SER G 159 13.83 -27.49 -16.63
N ILE G 160 14.49 -27.17 -15.52
CA ILE G 160 13.94 -27.48 -14.20
C ILE G 160 12.92 -26.42 -13.82
N ARG G 161 11.73 -26.86 -13.41
CA ARG G 161 10.67 -25.94 -13.03
C ARG G 161 11.04 -25.19 -11.76
N GLY G 162 10.55 -23.95 -11.66
CA GLY G 162 10.83 -23.11 -10.52
C GLY G 162 12.13 -22.36 -10.58
N LEU G 163 12.92 -22.52 -11.64
CA LEU G 163 14.21 -21.87 -11.78
C LEU G 163 14.23 -21.12 -13.10
N SER G 164 14.70 -19.87 -13.06
CA SER G 164 14.71 -19.04 -14.26
C SER G 164 15.65 -19.63 -15.31
N LEU G 165 15.30 -19.40 -16.57
CA LEU G 165 16.07 -19.94 -17.67
C LEU G 165 17.38 -19.19 -17.84
N PRO G 166 18.33 -19.75 -18.59
CA PRO G 166 19.69 -19.20 -18.60
C PRO G 166 19.72 -17.73 -18.95
N PRO G 167 18.89 -17.26 -19.88
CA PRO G 167 18.91 -15.82 -20.20
C PRO G 167 18.67 -14.93 -19.00
N ALA G 168 17.84 -15.36 -18.05
CA ALA G 168 17.49 -14.54 -16.90
C ALA G 168 17.97 -15.10 -15.58
N CYS G 169 18.52 -16.31 -15.55
CA CYS G 169 18.91 -16.92 -14.28
C CYS G 169 20.03 -16.14 -13.63
N THR G 170 19.97 -16.01 -12.31
CA THR G 170 21.03 -15.40 -11.53
C THR G 170 22.07 -16.45 -11.14
N ARG G 171 23.09 -16.02 -10.41
CA ARG G 171 24.12 -16.96 -9.97
C ARG G 171 23.53 -18.02 -9.05
N ALA G 172 22.67 -17.61 -8.12
CA ALA G 172 22.08 -18.57 -7.18
C ALA G 172 21.24 -19.62 -7.92
N GLU G 173 20.42 -19.18 -8.87
CA GLU G 173 19.58 -20.13 -9.60
C GLU G 173 20.42 -21.07 -10.44
N ARG G 174 21.47 -20.55 -11.08
CA ARG G 174 22.35 -21.42 -11.86
C ARG G 174 23.02 -22.47 -10.97
N ARG G 175 23.51 -22.06 -9.80
CA ARG G 175 24.12 -23.01 -8.89
C ARG G 175 23.10 -24.04 -8.42
N GLU G 176 21.85 -23.60 -8.17
CA GLU G 176 20.82 -24.54 -7.76
C GLU G 176 20.54 -25.56 -8.85
N VAL G 177 20.46 -25.12 -10.10
CA VAL G 177 20.26 -26.04 -11.21
C VAL G 177 21.39 -27.06 -11.27
N GLU G 178 22.62 -26.58 -11.15
CA GLU G 178 23.76 -27.48 -11.19
C GLU G 178 23.70 -28.50 -10.06
N ARG G 179 23.38 -28.04 -8.86
N ARG G 179 23.38 -28.04 -8.86
CA ARG G 179 23.32 -28.95 -7.72
CA ARG G 179 23.31 -28.94 -7.72
C ARG G 179 22.24 -30.01 -7.91
C ARG G 179 22.24 -30.01 -7.91
N VAL G 180 21.05 -29.59 -8.37
CA VAL G 180 19.96 -30.54 -8.57
C VAL G 180 20.37 -31.59 -9.58
N VAL G 181 20.91 -31.15 -10.72
CA VAL G 181 21.26 -32.09 -11.78
C VAL G 181 22.36 -33.03 -11.31
N VAL G 182 23.38 -32.51 -10.63
CA VAL G 182 24.50 -33.34 -10.20
C VAL G 182 24.04 -34.37 -9.18
N ASP G 183 23.25 -33.94 -8.20
CA ASP G 183 22.76 -34.87 -7.19
C ASP G 183 21.90 -35.95 -7.82
N ALA G 184 21.05 -35.58 -8.77
CA ALA G 184 20.23 -36.58 -9.45
C ALA G 184 21.10 -37.57 -10.20
N LEU G 185 22.03 -37.07 -11.02
CA LEU G 185 22.86 -37.96 -11.82
C LEU G 185 23.74 -38.86 -10.96
N SER G 186 24.05 -38.42 -9.74
CA SER G 186 24.83 -39.27 -8.84
C SER G 186 24.13 -40.59 -8.57
N GLY G 187 22.80 -40.61 -8.62
CA GLY G 187 22.04 -41.81 -8.36
C GLY G 187 21.96 -42.80 -9.50
N LEU G 188 22.39 -42.41 -10.70
CA LEU G 188 22.37 -43.33 -11.82
C LEU G 188 23.28 -44.51 -11.55
N LYS G 189 22.82 -45.70 -11.94
CA LYS G 189 23.56 -46.94 -11.73
C LYS G 189 23.52 -47.78 -12.99
N GLY G 190 24.54 -48.64 -13.14
CA GLY G 190 24.61 -49.51 -14.29
C GLY G 190 25.43 -48.93 -15.43
N ASP G 191 24.98 -49.15 -16.66
CA ASP G 191 25.72 -48.64 -17.82
C ASP G 191 25.79 -47.12 -17.81
N LEU G 192 24.69 -46.46 -17.43
CA LEU G 192 24.64 -45.00 -17.45
C LEU G 192 25.21 -44.43 -16.15
N ALA G 193 26.41 -44.85 -15.77
CA ALA G 193 27.09 -44.38 -14.58
C ALA G 193 28.42 -43.75 -15.00
N GLY G 194 28.66 -42.54 -14.55
CA GLY G 194 29.85 -41.82 -14.92
C GLY G 194 30.20 -40.73 -13.94
N ARG G 195 30.79 -39.65 -14.46
CA ARG G 195 31.31 -38.59 -13.61
C ARG G 195 30.90 -37.22 -14.15
N TYR G 196 30.84 -36.25 -13.23
CA TYR G 196 30.55 -34.86 -13.54
C TYR G 196 31.84 -34.06 -13.43
N TYR G 197 32.17 -33.34 -14.50
CA TYR G 197 33.36 -32.51 -14.56
C TYR G 197 32.94 -31.05 -14.62
N ARG G 198 33.46 -30.25 -13.69
CA ARG G 198 33.16 -28.83 -13.62
C ARG G 198 34.14 -28.05 -14.50
N LEU G 199 33.60 -27.10 -15.26
CA LEU G 199 34.45 -26.31 -16.14
C LEU G 199 35.50 -25.54 -15.34
N SER G 200 35.09 -24.96 -14.21
CA SER G 200 36.02 -24.17 -13.41
C SER G 200 37.20 -24.99 -12.92
N GLU G 201 37.07 -26.31 -12.83
CA GLU G 201 38.12 -27.18 -12.32
C GLU G 201 38.76 -28.03 -13.41
N MET G 202 38.61 -27.63 -14.67
CA MET G 202 39.12 -28.41 -15.80
C MET G 202 40.16 -27.61 -16.55
N THR G 203 41.25 -28.27 -16.92
CA THR G 203 42.34 -27.61 -17.62
C THR G 203 41.92 -27.18 -19.02
N GLU G 204 42.55 -26.11 -19.51
CA GLU G 204 42.23 -25.60 -20.84
C GLU G 204 42.55 -26.64 -21.91
N ALA G 205 43.68 -27.33 -21.79
CA ALA G 205 44.05 -28.33 -22.78
C ALA G 205 43.03 -29.48 -22.79
N GLU G 206 42.61 -29.93 -21.60
CA GLU G 206 41.61 -30.98 -21.53
C GLU G 206 40.30 -30.53 -22.14
N GLN G 207 39.90 -29.28 -21.88
CA GLN G 207 38.67 -28.75 -22.46
C GLN G 207 38.75 -28.71 -23.98
N GLN G 208 39.89 -28.26 -24.52
CA GLN G 208 40.06 -28.22 -25.97
C GLN G 208 40.01 -29.63 -26.56
N GLN G 209 40.66 -30.58 -25.90
CA GLN G 209 40.63 -31.95 -26.39
C GLN G 209 39.21 -32.50 -26.39
N LEU G 210 38.46 -32.24 -25.33
CA LEU G 210 37.07 -32.70 -25.28
C LEU G 210 36.24 -32.04 -26.38
N ILE G 211 36.46 -30.75 -26.62
CA ILE G 211 35.72 -30.06 -27.68
C ILE G 211 36.02 -30.70 -29.03
N ASP G 212 37.31 -30.95 -29.30
CA ASP G 212 37.68 -31.57 -30.57
C ASP G 212 37.05 -32.95 -30.70
N ASP G 213 37.05 -33.72 -29.62
CA ASP G 213 36.41 -35.03 -29.59
C ASP G 213 34.90 -34.95 -29.55
N HIS G 214 34.31 -33.76 -29.66
CA HIS G 214 32.86 -33.60 -29.63
C HIS G 214 32.29 -34.07 -28.29
N PHE G 215 32.98 -33.75 -27.20
CA PHE G 215 32.57 -34.12 -25.85
C PHE G 215 32.66 -32.93 -24.92
N LEU G 216 32.31 -31.74 -25.41
CA LEU G 216 32.34 -30.53 -24.59
C LEU G 216 31.72 -29.40 -25.40
N PHE G 217 31.51 -28.28 -24.72
CA PHE G 217 30.98 -27.07 -25.33
C PHE G 217 31.94 -25.91 -25.10
N ASP G 218 32.12 -25.09 -26.12
CA ASP G 218 33.04 -23.96 -26.05
C ASP G 218 32.37 -22.76 -25.41
N LYS G 219 33.20 -21.83 -24.95
CA LYS G 219 32.68 -20.60 -24.37
C LYS G 219 31.89 -19.83 -25.43
N PRO G 220 30.66 -19.41 -25.15
CA PRO G 220 29.90 -18.68 -26.17
C PRO G 220 30.59 -17.39 -26.56
N VAL G 221 30.74 -17.19 -27.87
CA VAL G 221 31.32 -15.96 -28.40
C VAL G 221 30.47 -15.33 -29.49
N SER G 222 29.53 -16.06 -30.10
CA SER G 222 28.72 -15.48 -31.15
C SER G 222 27.89 -14.32 -30.60
N PRO G 223 27.66 -13.28 -31.41
CA PRO G 223 26.85 -12.15 -30.91
C PRO G 223 25.47 -12.57 -30.43
N LEU G 224 24.88 -13.59 -31.07
CA LEU G 224 23.57 -14.06 -30.65
C LEU G 224 23.57 -14.44 -29.17
N LEU G 225 24.53 -15.25 -28.77
CA LEU G 225 24.57 -15.74 -27.39
C LEU G 225 24.77 -14.60 -26.40
N THR G 226 25.80 -13.78 -26.62
CA THR G 226 26.10 -12.71 -25.68
C THR G 226 24.99 -11.67 -25.60
N ALA G 227 24.40 -11.29 -26.74
CA ALA G 227 23.30 -10.34 -26.71
C ALA G 227 22.13 -10.86 -25.89
N ALA G 228 21.91 -12.17 -25.90
CA ALA G 228 20.88 -12.77 -25.06
C ALA G 228 21.28 -12.81 -23.59
N GLY G 229 22.52 -12.49 -23.27
CA GLY G 229 22.97 -12.52 -21.89
C GLY G 229 23.01 -13.91 -21.30
N MET G 230 23.49 -14.89 -22.07
CA MET G 230 23.62 -16.26 -21.59
C MET G 230 25.06 -16.66 -21.35
N ALA G 231 26.02 -15.77 -21.58
CA ALA G 231 27.42 -16.02 -21.27
C ALA G 231 27.83 -15.39 -19.95
N ARG G 232 26.87 -14.90 -19.17
CA ARG G 232 27.20 -14.24 -17.92
C ARG G 232 27.86 -15.21 -16.95
N ASP G 233 28.84 -14.71 -16.20
CA ASP G 233 29.50 -15.45 -15.13
C ASP G 233 30.21 -16.71 -15.62
N TRP G 234 30.55 -16.76 -16.90
CA TRP G 234 31.25 -17.93 -17.41
C TRP G 234 32.62 -18.04 -16.73
N PRO G 235 33.07 -19.26 -16.39
CA PRO G 235 32.44 -20.58 -16.54
C PRO G 235 31.76 -21.06 -15.27
N ASP G 236 31.36 -20.16 -14.38
CA ASP G 236 30.81 -20.58 -13.09
C ASP G 236 29.50 -21.34 -13.29
N ALA G 237 29.42 -22.52 -12.68
CA ALA G 237 28.21 -23.33 -12.64
C ALA G 237 27.87 -23.98 -13.98
N ARG G 238 28.85 -24.17 -14.85
CA ARG G 238 28.68 -24.91 -16.10
C ARG G 238 29.50 -26.19 -16.02
N GLY G 239 28.90 -27.31 -16.43
CA GLY G 239 29.58 -28.58 -16.29
C GLY G 239 29.18 -29.58 -17.33
N ILE G 240 29.84 -30.74 -17.30
CA ILE G 240 29.58 -31.82 -18.24
C ILE G 240 29.61 -33.14 -17.47
N TRP G 241 28.49 -33.85 -17.46
CA TRP G 241 28.42 -35.18 -16.85
C TRP G 241 28.37 -36.21 -17.96
N HIS G 242 29.32 -37.14 -17.95
CA HIS G 242 29.34 -38.16 -18.99
C HIS G 242 29.58 -39.54 -18.37
N ASN G 243 28.99 -40.55 -19.00
CA ASN G 243 29.15 -41.92 -18.55
C ASN G 243 30.58 -42.40 -18.81
N ASN G 244 30.89 -43.57 -18.25
CA ASN G 244 32.25 -44.11 -18.40
C ASN G 244 32.58 -44.35 -19.87
N GLU G 245 31.65 -44.93 -20.63
CA GLU G 245 31.88 -45.18 -22.04
C GLU G 245 31.82 -43.90 -22.87
N LYS G 246 31.41 -42.79 -22.28
CA LYS G 246 31.27 -41.51 -22.98
C LYS G 246 30.22 -41.59 -24.09
N SER G 247 29.29 -42.54 -23.99
CA SER G 247 28.18 -42.66 -24.91
C SER G 247 26.93 -41.95 -24.41
N PHE G 248 26.99 -41.30 -23.26
CA PHE G 248 25.84 -40.59 -22.71
C PHE G 248 26.37 -39.36 -21.98
N LEU G 249 26.05 -38.17 -22.50
CA LEU G 249 26.58 -36.91 -21.99
C LEU G 249 25.43 -35.99 -21.62
N ILE G 250 25.73 -35.05 -20.72
CA ILE G 250 24.76 -34.07 -20.26
C ILE G 250 25.51 -32.77 -19.99
N TRP G 251 25.16 -31.72 -20.73
CA TRP G 251 25.74 -30.41 -20.53
C TRP G 251 24.86 -29.63 -19.58
N VAL G 252 25.44 -29.14 -18.48
CA VAL G 252 24.72 -28.42 -17.45
C VAL G 252 25.05 -26.94 -17.60
N ASN G 253 24.01 -26.14 -17.89
CA ASN G 253 24.10 -24.69 -17.96
C ASN G 253 25.05 -24.25 -19.09
N GLU G 254 24.71 -24.64 -20.30
CA GLU G 254 25.38 -24.14 -21.50
C GLU G 254 24.42 -23.35 -22.39
N GLU G 255 23.33 -23.97 -22.83
CA GLU G 255 22.23 -23.25 -23.47
C GLU G 255 20.91 -23.44 -22.75
N ASP G 256 20.75 -24.54 -22.02
CA ASP G 256 19.57 -24.79 -21.21
C ASP G 256 20.04 -25.35 -19.87
N HIS G 257 19.09 -25.48 -18.93
CA HIS G 257 19.41 -26.07 -17.65
C HIS G 257 20.07 -27.43 -17.83
N THR G 258 19.60 -28.21 -18.79
CA THR G 258 20.18 -29.50 -19.10
C THR G 258 20.10 -29.75 -20.60
N ARG G 259 21.19 -30.24 -21.18
CA ARG G 259 21.21 -30.70 -22.57
C ARG G 259 21.69 -32.15 -22.58
N VAL G 260 20.78 -33.06 -22.86
CA VAL G 260 21.06 -34.50 -22.84
C VAL G 260 21.46 -34.93 -24.26
N ILE G 261 22.52 -35.72 -24.35
CA ILE G 261 23.04 -36.21 -25.63
C ILE G 261 23.36 -37.68 -25.49
N SER G 262 22.96 -38.47 -26.49
CA SER G 262 23.33 -39.87 -26.60
C SER G 262 24.07 -40.05 -27.91
N MET G 263 25.31 -40.53 -27.84
CA MET G 263 26.19 -40.61 -28.99
C MET G 263 26.58 -42.06 -29.26
N GLU G 264 26.98 -42.31 -30.49
CA GLU G 264 27.51 -43.63 -30.86
C GLU G 264 28.30 -43.48 -32.14
N LYS G 265 29.61 -43.77 -32.09
CA LYS G 265 30.48 -43.64 -33.25
C LYS G 265 30.20 -44.80 -34.21
N GLY G 266 29.00 -44.75 -34.79
CA GLY G 266 28.56 -45.78 -35.72
C GLY G 266 27.29 -45.41 -36.43
N GLY G 267 26.39 -46.37 -36.63
CA GLY G 267 25.14 -46.12 -37.30
C GLY G 267 23.97 -46.89 -36.73
N ASN G 268 24.15 -47.45 -35.53
CA ASN G 268 23.10 -48.23 -34.87
C ASN G 268 22.17 -47.28 -34.11
N MET G 269 21.45 -46.46 -34.88
CA MET G 269 20.57 -45.46 -34.29
C MET G 269 19.58 -46.08 -33.31
N LYS G 270 19.19 -47.34 -33.55
CA LYS G 270 18.25 -47.99 -32.64
C LYS G 270 18.81 -48.05 -31.22
N ARG G 271 20.04 -48.53 -31.07
CA ARG G 271 20.64 -48.63 -29.74
C ARG G 271 20.84 -47.25 -29.13
N VAL G 272 21.26 -46.28 -29.94
CA VAL G 272 21.48 -44.94 -29.43
C VAL G 272 20.19 -44.37 -28.85
N PHE G 273 19.09 -44.52 -29.60
CA PHE G 273 17.81 -43.99 -29.12
C PHE G 273 17.32 -44.77 -27.90
N GLU G 274 17.55 -46.08 -27.88
CA GLU G 274 17.17 -46.87 -26.71
C GLU G 274 17.86 -46.37 -25.46
N ARG G 275 19.18 -46.22 -25.52
CA ARG G 275 19.93 -45.69 -24.39
C ARG G 275 19.44 -44.30 -24.03
N PHE G 276 19.22 -43.46 -25.05
CA PHE G 276 18.77 -42.09 -24.80
C PHE G 276 17.47 -42.07 -24.01
N CYS G 277 16.46 -42.80 -24.47
CA CYS G 277 15.16 -42.74 -23.81
C CYS G 277 15.21 -43.35 -22.43
N ARG G 278 15.90 -44.49 -22.26
CA ARG G 278 15.93 -45.10 -20.93
C ARG G 278 16.68 -44.22 -19.94
N GLY G 279 17.82 -43.65 -20.36
CA GLY G 279 18.54 -42.75 -19.48
C GLY G 279 17.74 -41.51 -19.13
N LEU G 280 17.03 -40.95 -20.12
CA LEU G 280 16.19 -39.79 -19.84
C LEU G 280 15.10 -40.14 -18.84
N LYS G 281 14.48 -41.30 -18.98
CA LYS G 281 13.45 -41.71 -18.03
C LYS G 281 14.03 -41.85 -16.62
N GLU G 282 15.21 -42.47 -16.51
CA GLU G 282 15.83 -42.61 -15.20
C GLU G 282 16.16 -41.25 -14.59
N VAL G 283 16.71 -40.35 -15.41
CA VAL G 283 17.06 -39.02 -14.90
C VAL G 283 15.82 -38.29 -14.43
N GLU G 284 14.73 -38.38 -15.20
CA GLU G 284 13.49 -37.73 -14.79
C GLU G 284 12.98 -38.32 -13.49
N ARG G 285 13.02 -39.64 -13.35
CA ARG G 285 12.57 -40.27 -12.12
C ARG G 285 13.37 -39.75 -10.92
N LEU G 286 14.69 -39.68 -11.08
CA LEU G 286 15.51 -39.19 -9.97
C LEU G 286 15.21 -37.72 -9.69
N ILE G 287 14.89 -36.95 -10.73
CA ILE G 287 14.54 -35.54 -10.52
C ILE G 287 13.28 -35.43 -9.67
N GLN G 288 12.22 -36.16 -10.04
CA GLN G 288 11.00 -36.11 -9.23
C GLN G 288 11.19 -36.72 -7.86
N GLU G 289 12.19 -37.59 -7.68
CA GLU G 289 12.44 -38.15 -6.35
C GLU G 289 12.71 -37.06 -5.33
N ARG G 290 13.50 -36.05 -5.70
CA ARG G 290 13.86 -34.97 -4.80
C ARG G 290 12.84 -33.84 -4.78
N GLY G 291 11.79 -33.93 -5.59
CA GLY G 291 10.75 -32.92 -5.60
C GLY G 291 10.83 -31.90 -6.70
N TRP G 292 11.70 -32.10 -7.69
CA TRP G 292 11.83 -31.18 -8.82
C TRP G 292 11.09 -31.75 -10.03
N GLU G 293 10.66 -30.84 -10.92
CA GLU G 293 9.92 -31.22 -12.10
C GLU G 293 10.43 -30.46 -13.31
N PHE G 294 10.50 -31.15 -14.45
CA PHE G 294 10.83 -30.48 -15.71
C PHE G 294 9.69 -29.58 -16.13
N MET G 295 10.03 -28.40 -16.63
CA MET G 295 8.99 -27.53 -17.19
C MET G 295 8.33 -28.24 -18.36
N TRP G 296 6.99 -28.24 -18.36
CA TRP G 296 6.25 -28.92 -19.41
C TRP G 296 4.78 -28.54 -19.38
N ASN G 297 4.23 -28.16 -20.53
CA ASN G 297 2.80 -27.91 -20.65
C ASN G 297 2.33 -28.46 -21.99
N GLU G 298 1.03 -28.79 -22.05
CA GLU G 298 0.50 -29.52 -23.19
C GLU G 298 0.67 -28.75 -24.49
N ARG G 299 0.40 -27.44 -24.47
CA ARG G 299 0.43 -26.67 -25.71
C ARG G 299 1.81 -26.68 -26.34
N LEU G 300 2.86 -26.51 -25.54
CA LEU G 300 4.22 -26.37 -26.05
C LEU G 300 5.12 -27.57 -25.75
N GLY G 301 4.75 -28.41 -24.79
CA GLY G 301 5.65 -29.47 -24.38
C GLY G 301 6.78 -28.93 -23.51
N TYR G 302 7.94 -29.57 -23.62
CA TYR G 302 9.08 -29.15 -22.83
C TYR G 302 9.48 -27.73 -23.19
N ILE G 303 9.72 -26.90 -22.18
CA ILE G 303 9.94 -25.47 -22.33
C ILE G 303 11.44 -25.20 -22.35
N LEU G 304 11.91 -24.51 -23.39
CA LEU G 304 13.31 -24.15 -23.53
C LEU G 304 13.41 -22.69 -23.96
N THR G 305 14.64 -22.19 -24.00
CA THR G 305 14.85 -20.76 -24.25
C THR G 305 14.50 -20.39 -25.68
N CYS G 306 15.20 -20.95 -26.65
CA CYS G 306 14.95 -20.62 -28.05
C CYS G 306 13.59 -21.17 -28.47
N PRO G 307 12.67 -20.34 -28.96
CA PRO G 307 11.39 -20.87 -29.42
C PRO G 307 11.53 -21.90 -30.52
N SER G 308 12.66 -21.90 -31.26
CA SER G 308 12.88 -22.92 -32.27
C SER G 308 13.04 -24.31 -31.68
N ASN G 309 13.44 -24.41 -30.41
CA ASN G 309 13.67 -25.69 -29.76
C ASN G 309 12.48 -26.17 -28.94
N LEU G 310 11.36 -25.46 -28.98
CA LEU G 310 10.19 -25.87 -28.22
C LEU G 310 9.70 -27.23 -28.69
N GLY G 311 8.73 -27.77 -27.97
CA GLY G 311 8.17 -29.06 -28.30
C GLY G 311 8.89 -30.20 -27.61
N THR G 312 9.84 -30.81 -28.32
CA THR G 312 10.60 -31.92 -27.79
C THR G 312 12.09 -31.64 -27.67
N GLY G 313 12.62 -30.73 -28.49
CA GLY G 313 14.04 -30.46 -28.50
C GLY G 313 14.88 -31.54 -29.17
N LEU G 314 14.25 -32.58 -29.70
CA LEU G 314 14.99 -33.68 -30.29
C LEU G 314 15.63 -33.23 -31.60
N ARG G 315 16.92 -33.56 -31.76
CA ARG G 315 17.66 -33.29 -32.99
C ARG G 315 18.46 -34.51 -33.40
N ALA G 316 17.81 -35.66 -33.45
CA ALA G 316 18.47 -36.86 -33.91
C ALA G 316 19.05 -36.63 -35.30
N GLY G 317 20.32 -36.97 -35.47
CA GLY G 317 21.00 -36.73 -36.72
C GLY G 317 22.22 -37.60 -36.84
N VAL G 318 22.94 -37.42 -37.96
CA VAL G 318 24.14 -38.20 -38.26
C VAL G 318 25.10 -37.32 -39.06
N HIS G 319 26.34 -37.82 -39.20
CA HIS G 319 27.36 -37.19 -40.01
C HIS G 319 27.48 -37.94 -41.34
N ILE G 320 27.60 -37.19 -42.42
CA ILE G 320 27.63 -37.74 -43.77
C ILE G 320 28.83 -37.16 -44.51
N LYS G 321 29.22 -37.84 -45.59
CA LYS G 321 30.42 -37.49 -46.32
C LYS G 321 30.11 -36.53 -47.48
N LEU G 322 31.14 -35.84 -47.94
CA LEU G 322 31.03 -34.85 -49.00
C LEU G 322 31.01 -35.44 -50.41
N PRO G 323 31.94 -36.35 -50.76
CA PRO G 323 32.22 -36.60 -52.18
C PRO G 323 31.03 -37.07 -53.00
N LEU G 324 30.44 -38.20 -52.64
CA LEU G 324 29.33 -38.76 -53.41
C LEU G 324 28.05 -37.96 -53.26
N LEU G 325 28.01 -36.99 -52.34
CA LEU G 325 26.81 -36.25 -52.01
C LEU G 325 26.87 -34.78 -52.42
N SER G 326 27.97 -34.09 -52.14
CA SER G 326 28.04 -32.66 -52.43
C SER G 326 27.83 -32.38 -53.91
N LYS G 327 28.33 -33.25 -54.79
CA LYS G 327 28.23 -33.06 -56.22
C LYS G 327 26.90 -33.54 -56.80
N ASP G 328 25.87 -33.68 -55.96
CA ASP G 328 24.57 -34.15 -56.43
C ASP G 328 23.89 -33.06 -57.24
N SER G 329 22.69 -33.35 -57.73
CA SER G 329 21.98 -32.41 -58.59
C SER G 329 21.21 -31.37 -57.78
N ARG G 330 20.21 -31.82 -57.02
CA ARG G 330 19.29 -30.91 -56.34
C ARG G 330 19.02 -31.39 -54.92
N PHE G 331 20.08 -31.77 -54.20
CA PHE G 331 19.91 -32.23 -52.81
C PHE G 331 19.15 -31.25 -51.94
N PRO G 332 19.31 -29.93 -52.04
CA PRO G 332 18.50 -29.04 -51.18
C PRO G 332 17.01 -29.30 -51.33
N LYS G 333 16.54 -29.53 -52.56
CA LYS G 333 15.13 -29.87 -52.77
C LYS G 333 14.81 -31.20 -52.10
N ILE G 334 15.71 -32.17 -52.16
CA ILE G 334 15.48 -33.46 -51.52
C ILE G 334 15.33 -33.27 -50.01
N LEU G 335 16.22 -32.49 -49.41
CA LEU G 335 16.14 -32.26 -47.97
C LEU G 335 14.84 -31.56 -47.60
N GLU G 336 14.44 -30.56 -48.38
CA GLU G 336 13.17 -29.89 -48.12
C GLU G 336 12.02 -30.87 -48.21
N ASN G 337 12.03 -31.74 -49.22
CA ASN G 337 10.94 -32.69 -49.41
C ASN G 337 10.87 -33.68 -48.26
N LEU G 338 12.02 -34.20 -47.82
CA LEU G 338 12.08 -35.21 -46.77
C LEU G 338 12.16 -34.60 -45.38
N ARG G 339 12.09 -33.28 -45.25
CA ARG G 339 12.09 -32.61 -43.96
C ARG G 339 13.37 -32.91 -43.19
N LEU G 340 14.49 -32.54 -43.79
CA LEU G 340 15.81 -32.73 -43.19
C LEU G 340 16.56 -31.41 -43.18
N GLN G 341 17.42 -31.26 -42.18
CA GLN G 341 18.24 -30.07 -42.01
C GLN G 341 19.70 -30.49 -42.20
N LYS G 342 20.38 -29.80 -43.12
CA LYS G 342 21.78 -30.07 -43.41
C LYS G 342 22.62 -28.86 -43.00
N ARG G 343 23.63 -29.09 -42.17
CA ARG G 343 24.47 -28.02 -41.67
C ARG G 343 25.93 -28.47 -41.69
N GLY G 344 26.83 -27.52 -41.48
CA GLY G 344 28.24 -27.82 -41.51
C GLY G 344 28.67 -28.66 -40.33
N THR G 345 29.60 -29.59 -40.58
CA THR G 345 30.11 -30.43 -39.51
C THR G 345 30.94 -29.62 -38.54
N GLY G 346 30.74 -29.88 -37.25
CA GLY G 346 31.44 -29.17 -36.20
C GLY G 346 30.59 -28.13 -35.51
N VAL G 356 31.61 -33.06 -46.08
CA VAL G 356 31.12 -33.72 -44.88
C VAL G 356 30.18 -32.77 -44.15
N PHE G 357 28.97 -33.25 -43.85
CA PHE G 357 27.92 -32.42 -43.27
C PHE G 357 27.23 -33.18 -42.14
N ASP G 358 26.35 -32.48 -41.44
CA ASP G 358 25.48 -33.08 -40.43
C ASP G 358 24.05 -32.98 -40.93
N ILE G 359 23.35 -34.11 -40.97
CA ILE G 359 21.98 -34.18 -41.46
C ILE G 359 21.09 -34.64 -40.30
N SER G 360 20.01 -33.90 -40.07
CA SER G 360 19.13 -34.15 -38.94
C SER G 360 17.71 -33.77 -39.34
N ASN G 361 16.83 -33.62 -38.35
CA ASN G 361 15.47 -33.18 -38.59
C ASN G 361 15.35 -31.67 -38.39
N LEU G 362 14.28 -31.10 -38.95
CA LEU G 362 14.07 -29.66 -38.91
C LEU G 362 13.21 -29.23 -37.74
N ASP G 363 11.99 -29.77 -37.65
CA ASP G 363 11.00 -29.32 -36.68
C ASP G 363 10.97 -30.26 -35.48
N ARG G 364 10.79 -29.67 -34.30
CA ARG G 364 10.65 -30.41 -33.05
C ARG G 364 9.25 -30.33 -32.48
N LEU G 365 8.62 -29.16 -32.53
CA LEU G 365 7.25 -29.02 -32.11
C LEU G 365 6.33 -29.75 -33.08
N GLY G 366 5.25 -30.32 -32.54
CA GLY G 366 4.33 -31.10 -33.35
C GLY G 366 4.60 -32.59 -33.24
N LYS G 367 5.31 -33.14 -34.23
CA LYS G 367 5.61 -34.56 -34.25
C LYS G 367 6.23 -34.99 -32.94
N SER G 368 6.15 -36.28 -32.62
CA SER G 368 6.69 -36.81 -31.38
C SER G 368 8.13 -37.28 -31.59
N GLU G 369 8.79 -37.62 -30.47
CA GLU G 369 10.20 -38.01 -30.54
C GLU G 369 10.38 -39.26 -31.39
N VAL G 370 9.54 -40.27 -31.17
CA VAL G 370 9.62 -41.48 -31.98
C VAL G 370 9.34 -41.15 -33.44
N GLU G 371 8.35 -40.29 -33.69
CA GLU G 371 8.05 -39.88 -35.06
C GLU G 371 9.25 -39.21 -35.70
N LEU G 372 9.88 -38.28 -34.98
CA LEU G 372 11.03 -37.56 -35.55
C LEU G 372 12.19 -38.51 -35.82
N VAL G 373 12.44 -39.43 -34.91
CA VAL G 373 13.54 -40.39 -35.11
C VAL G 373 13.25 -41.27 -36.31
N GLN G 374 12.01 -41.75 -36.44
CA GLN G 374 11.66 -42.57 -37.59
C GLN G 374 11.79 -41.78 -38.89
N LEU G 375 11.37 -40.51 -38.89
CA LEU G 375 11.52 -39.68 -40.07
C LEU G 375 12.99 -39.52 -40.45
N VAL G 376 13.85 -39.29 -39.45
CA VAL G 376 15.28 -39.14 -39.74
C VAL G 376 15.83 -40.45 -40.30
N ILE G 377 15.43 -41.58 -39.72
CA ILE G 377 15.92 -42.87 -40.19
C ILE G 377 15.50 -43.10 -41.63
N ASP G 378 14.23 -42.84 -41.94
CA ASP G 378 13.75 -43.03 -43.31
C ASP G 378 14.45 -42.09 -44.28
N GLY G 379 14.66 -40.83 -43.87
CA GLY G 379 15.34 -39.90 -44.75
C GLY G 379 16.76 -40.29 -45.05
N VAL G 380 17.51 -40.70 -44.02
CA VAL G 380 18.89 -41.10 -44.24
C VAL G 380 18.95 -42.41 -45.04
N ASN G 381 18.00 -43.32 -44.81
CA ASN G 381 17.94 -44.53 -45.62
C ASN G 381 17.71 -44.20 -47.09
N TYR G 382 16.78 -43.27 -47.36
CA TYR G 382 16.56 -42.83 -48.73
C TYR G 382 17.81 -42.20 -49.32
N LEU G 383 18.48 -41.35 -48.54
CA LEU G 383 19.68 -40.68 -49.03
C LEU G 383 20.77 -41.69 -49.38
N ILE G 384 21.01 -42.66 -48.51
CA ILE G 384 22.04 -43.66 -48.76
C ILE G 384 21.61 -44.69 -49.79
N ASP G 385 20.31 -44.75 -50.11
CA ASP G 385 19.81 -45.65 -51.14
C ASP G 385 19.84 -45.00 -52.51
N CYS G 386 19.45 -43.72 -52.59
CA CYS G 386 19.46 -42.98 -53.84
C CYS G 386 20.71 -42.13 -54.01
N GLU G 387 21.81 -42.50 -53.34
CA GLU G 387 23.10 -41.86 -53.53
C GLU G 387 23.85 -42.43 -54.72
N ARG G 388 23.28 -43.42 -55.40
CA ARG G 388 24.02 -44.16 -56.43
C ARG G 388 24.70 -43.24 -57.41
N ARG G 389 26.04 -43.28 -57.41
CA ARG G 389 26.84 -42.68 -58.46
C ARG G 389 27.19 -43.67 -59.54
N LEU G 390 27.20 -44.97 -59.23
CA LEU G 390 27.39 -46.00 -60.25
C LEU G 390 26.36 -45.85 -61.36
N GLU G 391 25.13 -45.43 -61.01
CA GLU G 391 24.09 -45.18 -62.00
C GLU G 391 23.31 -43.95 -61.55
N ARG G 392 22.21 -43.67 -62.23
CA ARG G 392 21.33 -42.56 -61.92
C ARG G 392 19.95 -43.10 -61.54
N GLY G 393 18.99 -42.18 -61.36
CA GLY G 393 17.64 -42.57 -61.02
C GLY G 393 17.14 -41.96 -59.73
N GLN G 394 17.69 -40.83 -59.33
CA GLN G 394 17.20 -40.14 -58.14
C GLN G 394 15.73 -39.77 -58.34
N ASP G 395 14.91 -40.06 -57.33
CA ASP G 395 13.47 -39.89 -57.43
C ASP G 395 12.91 -38.81 -56.52
N ILE G 396 13.71 -38.27 -55.60
CA ILE G 396 13.24 -37.25 -54.66
C ILE G 396 12.13 -37.84 -53.81
N ARG G 397 10.98 -38.13 -54.42
CA ARG G 397 9.86 -38.80 -53.75
C ARG G 397 9.36 -37.98 -52.56
N ILE G 398 8.83 -36.80 -52.87
CA ILE G 398 8.21 -35.95 -51.86
C ILE G 398 7.19 -36.76 -51.07
N SER H 31 -13.37 -4.05 8.38
CA SER H 31 -13.42 -2.85 9.20
C SER H 31 -12.24 -2.78 10.15
N GLU H 32 -11.74 -1.57 10.39
CA GLU H 32 -10.63 -1.35 11.31
C GLU H 32 -11.09 -1.12 12.74
N ARG H 33 -12.39 -1.18 13.00
CA ARG H 33 -12.91 -1.00 14.35
C ARG H 33 -12.76 -2.26 15.20
N ARG H 34 -12.45 -3.40 14.60
CA ARG H 34 -12.25 -4.62 15.37
C ARG H 34 -11.02 -4.49 16.26
N ARG H 35 -11.10 -5.06 17.45
CA ARG H 35 -10.08 -4.90 18.48
C ARG H 35 -9.24 -6.16 18.60
N LEU H 36 -7.93 -5.98 18.69
CA LEU H 36 -7.03 -7.10 18.90
C LEU H 36 -7.11 -7.57 20.36
N TYR H 37 -6.65 -8.79 20.58
CA TYR H 37 -6.48 -9.28 21.94
C TYR H 37 -5.42 -8.42 22.64
N PRO H 38 -5.70 -7.88 23.82
CA PRO H 38 -4.68 -7.13 24.54
C PRO H 38 -3.46 -8.01 24.81
N PRO H 39 -2.25 -7.46 24.75
CA PRO H 39 -1.08 -8.30 24.98
C PRO H 39 -1.11 -9.03 26.30
N SER H 40 -1.65 -8.39 27.34
CA SER H 40 -1.76 -9.03 28.64
C SER H 40 -2.60 -10.31 28.57
N ALA H 41 -3.49 -10.42 27.57
CA ALA H 41 -4.27 -11.64 27.44
C ALA H 41 -3.40 -12.82 27.07
N GLU H 42 -2.31 -12.59 26.35
CA GLU H 42 -1.41 -13.65 25.93
C GLU H 42 -0.31 -13.94 26.93
N TYR H 43 -0.22 -13.18 28.01
CA TYR H 43 0.90 -13.32 28.93
C TYR H 43 0.90 -14.74 29.52
N PRO H 44 2.03 -15.43 29.54
CA PRO H 44 2.05 -16.80 30.06
C PRO H 44 1.76 -16.84 31.55
N ASP H 45 1.36 -18.04 32.01
CA ASP H 45 1.08 -18.29 33.42
C ASP H 45 2.35 -18.89 34.03
N LEU H 46 3.21 -18.02 34.56
CA LEU H 46 4.52 -18.41 35.07
C LEU H 46 4.55 -18.46 36.59
N ARG H 47 3.44 -18.82 37.23
CA ARG H 47 3.39 -18.82 38.69
C ARG H 47 4.18 -19.95 39.32
N LYS H 48 4.57 -20.97 38.55
CA LYS H 48 5.31 -22.11 39.08
C LYS H 48 6.46 -22.49 38.16
N HIS H 49 7.19 -21.50 37.70
CA HIS H 49 8.31 -21.69 36.76
C HIS H 49 9.61 -21.27 37.43
N ASN H 50 10.71 -21.41 36.68
CA ASN H 50 12.02 -21.02 37.14
C ASN H 50 12.77 -20.23 36.07
N CYS H 52 15.63 -18.78 33.35
CA CYS H 52 15.69 -17.41 33.87
C CYS H 52 14.65 -16.52 33.19
N MET H 53 14.01 -17.04 32.14
CA MET H 53 13.01 -16.24 31.44
C MET H 53 11.84 -15.90 32.34
N ALA H 54 11.38 -16.87 33.13
CA ALA H 54 10.20 -16.64 33.97
C ALA H 54 10.45 -15.52 34.97
N SER H 55 11.63 -15.50 35.60
CA SER H 55 11.90 -14.47 36.59
C SER H 55 12.19 -13.12 35.94
N HIS H 56 12.70 -13.11 34.71
CA HIS H 56 13.07 -11.88 34.04
C HIS H 56 12.04 -11.44 33.01
N LEU H 57 10.90 -12.11 32.92
CA LEU H 57 9.81 -11.69 32.06
C LEU H 57 8.72 -11.04 32.91
N THR H 58 8.32 -9.83 32.54
CA THR H 58 7.34 -9.05 33.27
C THR H 58 6.28 -8.56 32.30
N PRO H 59 5.09 -8.21 32.81
CA PRO H 59 4.02 -7.77 31.90
C PRO H 59 4.43 -6.62 31.01
N ALA H 60 5.19 -5.66 31.54
CA ALA H 60 5.61 -4.52 30.73
C ALA H 60 6.47 -4.97 29.56
N VAL H 61 7.44 -5.87 29.81
CA VAL H 61 8.33 -6.31 28.75
C VAL H 61 7.55 -7.07 27.68
N TYR H 62 6.67 -7.98 28.10
CA TYR H 62 5.90 -8.74 27.13
C TYR H 62 5.02 -7.81 26.30
N ALA H 63 4.35 -6.85 26.94
CA ALA H 63 3.51 -5.92 26.20
C ALA H 63 4.34 -5.11 25.21
N ARG H 64 5.54 -4.69 25.62
CA ARG H 64 6.40 -3.92 24.74
C ARG H 64 6.82 -4.73 23.53
N LEU H 65 7.18 -6.00 23.73
CA LEU H 65 7.71 -6.84 22.67
C LEU H 65 6.67 -7.75 22.04
N CYS H 66 5.39 -7.60 22.40
CA CYS H 66 4.38 -8.52 21.90
C CYS H 66 4.20 -8.41 20.38
N ASP H 67 4.61 -7.28 19.78
CA ASP H 67 4.38 -7.06 18.35
C ASP H 67 5.65 -7.01 17.52
N LYS H 68 6.81 -6.88 18.14
CA LYS H 68 8.05 -6.87 17.37
C LYS H 68 8.23 -8.21 16.66
N THR H 69 9.20 -8.23 15.74
CA THR H 69 9.52 -9.45 15.01
C THR H 69 10.78 -9.22 14.19
N THR H 70 11.62 -10.25 14.10
CA THR H 70 12.79 -10.18 13.25
C THR H 70 12.36 -10.19 11.79
N PRO H 71 13.21 -9.74 10.88
CA PRO H 71 12.82 -9.68 9.46
C PRO H 71 12.38 -11.02 8.91
N THR H 72 12.88 -12.13 9.46
CA THR H 72 12.49 -13.45 9.00
C THR H 72 11.20 -13.94 9.64
N GLY H 73 10.60 -13.17 10.53
CA GLY H 73 9.33 -13.52 11.12
C GLY H 73 9.38 -14.10 12.53
N TRP H 74 10.57 -14.20 13.12
CA TRP H 74 10.67 -14.68 14.49
C TRP H 74 9.98 -13.71 15.44
N THR H 75 9.30 -14.26 16.44
CA THR H 75 8.53 -13.47 17.39
C THR H 75 8.85 -13.90 18.81
N LEU H 76 8.45 -13.05 19.77
CA LEU H 76 8.81 -13.28 21.16
C LEU H 76 8.23 -14.60 21.68
N ASP H 77 6.97 -14.88 21.36
CA ASP H 77 6.36 -16.11 21.83
C ASP H 77 7.15 -17.32 21.38
N GLN H 78 7.67 -17.29 20.15
CA GLN H 78 8.51 -18.40 19.69
C GLN H 78 9.77 -18.50 20.55
N CYS H 79 10.36 -17.36 20.90
CA CYS H 79 11.57 -17.38 21.74
C CYS H 79 11.29 -18.02 23.09
N ILE H 80 10.17 -17.66 23.72
CA ILE H 80 9.91 -18.11 25.08
C ILE H 80 9.08 -19.39 25.15
N GLN H 81 8.74 -19.98 24.01
CA GLN H 81 7.92 -21.18 24.04
C GLN H 81 8.61 -22.32 24.79
N THR H 82 9.90 -22.53 24.52
CA THR H 82 10.59 -23.64 25.17
C THR H 82 10.60 -23.48 26.68
N GLY H 83 10.84 -22.28 27.17
CA GLY H 83 10.81 -22.05 28.60
C GLY H 83 9.42 -22.18 29.19
N VAL H 84 8.41 -21.68 28.47
CA VAL H 84 7.05 -21.74 28.98
C VAL H 84 6.58 -23.18 29.10
N ASP H 85 6.85 -24.00 28.08
CA ASP H 85 6.37 -25.38 28.09
C ASP H 85 6.98 -26.16 29.25
N ASN H 86 8.28 -25.96 29.49
CA ASN H 86 8.98 -26.69 30.54
C ASN H 86 9.13 -25.82 31.76
N PRO H 87 8.37 -26.05 32.85
CA PRO H 87 8.53 -25.20 34.03
C PRO H 87 9.91 -25.24 34.65
N GLY H 88 10.65 -26.34 34.46
CA GLY H 88 11.98 -26.46 35.03
C GLY H 88 11.95 -26.92 36.47
N HIS H 89 12.76 -27.92 36.79
CA HIS H 89 12.80 -28.44 38.14
C HIS H 89 13.42 -27.40 39.09
N PRO H 90 12.99 -27.37 40.35
CA PRO H 90 13.59 -26.42 41.29
C PRO H 90 15.08 -26.69 41.47
N PHE H 91 15.84 -25.63 41.69
CA PHE H 91 17.29 -25.66 41.88
C PHE H 91 18.04 -25.92 40.58
N ILE H 92 17.35 -25.95 39.44
CA ILE H 92 17.97 -26.18 38.14
C ILE H 92 17.81 -24.91 37.32
N LYS H 93 18.94 -24.35 36.89
CA LYS H 93 18.95 -23.11 36.12
C LYS H 93 18.91 -23.45 34.63
N THR H 94 17.80 -23.12 33.98
CA THR H 94 17.63 -23.30 32.55
C THR H 94 17.29 -21.96 31.92
N VAL H 95 17.91 -21.67 30.78
CA VAL H 95 17.68 -20.38 30.12
C VAL H 95 16.21 -20.26 29.72
N GLY H 96 15.66 -21.32 29.15
CA GLY H 96 14.28 -21.30 28.72
C GLY H 96 14.03 -20.45 27.49
N MET H 97 15.04 -20.24 26.65
CA MET H 97 14.89 -19.34 25.52
C MET H 97 15.79 -19.80 24.37
N VAL H 98 15.48 -19.31 23.17
CA VAL H 98 16.27 -19.58 21.98
C VAL H 98 16.12 -18.40 21.03
N ALA H 99 16.97 -18.37 20.00
CA ALA H 99 16.96 -17.32 18.99
C ALA H 99 16.72 -17.94 17.63
N GLY H 100 15.90 -17.29 16.81
CA GLY H 100 15.59 -17.78 15.49
C GLY H 100 16.55 -17.31 14.42
N ASP H 101 17.32 -16.27 14.70
CA ASP H 101 18.27 -15.74 13.74
C ASP H 101 19.12 -14.70 14.46
N GLU H 102 20.07 -14.11 13.72
CA GLU H 102 20.98 -13.15 14.31
C GLU H 102 20.24 -11.92 14.82
N GLU H 103 19.26 -11.44 14.04
CA GLU H 103 18.56 -10.22 14.42
C GLU H 103 17.75 -10.36 15.69
N THR H 104 17.53 -11.60 16.15
CA THR H 104 16.71 -11.80 17.34
C THR H 104 17.31 -11.13 18.57
N TYR H 105 18.61 -11.30 18.77
CA TYR H 105 19.25 -10.71 19.94
C TYR H 105 19.16 -9.20 19.95
N GLU H 106 19.10 -8.57 18.78
CA GLU H 106 18.94 -7.12 18.71
C GLU H 106 17.49 -6.74 18.96
N VAL H 107 16.56 -7.34 18.21
CA VAL H 107 15.16 -6.97 18.31
C VAL H 107 14.65 -7.19 19.72
N PHE H 108 14.94 -8.36 20.31
CA PHE H 108 14.49 -8.69 21.65
C PHE H 108 15.60 -8.52 22.68
N ALA H 109 16.45 -7.50 22.50
CA ALA H 109 17.55 -7.29 23.44
C ALA H 109 17.02 -6.94 24.82
N ASP H 110 15.95 -6.15 24.90
CA ASP H 110 15.44 -5.71 26.19
C ASP H 110 15.09 -6.90 27.09
N LEU H 111 14.81 -8.05 26.48
CA LEU H 111 14.46 -9.25 27.24
C LEU H 111 15.65 -10.18 27.41
N PHE H 112 16.39 -10.44 26.33
CA PHE H 112 17.53 -11.35 26.42
C PHE H 112 18.61 -10.82 27.34
N ASP H 113 18.89 -9.51 27.28
CA ASP H 113 20.07 -8.98 27.96
C ASP H 113 20.10 -9.31 29.44
N PRO H 114 19.03 -9.12 30.22
CA PRO H 114 19.07 -9.58 31.61
C PRO H 114 19.37 -11.06 31.74
N VAL H 115 18.82 -11.87 30.83
CA VAL H 115 19.07 -13.31 30.88
C VAL H 115 20.53 -13.62 30.60
N ILE H 116 21.11 -12.98 29.59
CA ILE H 116 22.51 -13.21 29.28
C ILE H 116 23.38 -12.79 30.47
N GLN H 117 23.06 -11.64 31.07
CA GLN H 117 23.86 -11.16 32.19
C GLN H 117 23.76 -12.11 33.39
N GLU H 118 22.55 -12.55 33.71
CA GLU H 118 22.39 -13.47 34.84
C GLU H 118 23.09 -14.79 34.58
N ARG H 119 23.04 -15.28 33.34
CA ARG H 119 23.67 -16.56 33.01
C ARG H 119 25.18 -16.47 33.18
N HIS H 120 25.81 -15.46 32.57
CA HIS H 120 27.26 -15.33 32.56
C HIS H 120 27.76 -14.45 33.69
N ASN H 121 27.33 -14.76 34.90
CA ASN H 121 27.86 -14.21 36.15
C ASN H 121 28.28 -12.74 36.00
N GLY H 122 27.33 -11.92 35.56
CA GLY H 122 27.48 -10.48 35.62
C GLY H 122 27.89 -9.81 34.33
N TYR H 123 28.25 -10.56 33.30
CA TYR H 123 28.60 -9.93 32.03
C TYR H 123 27.44 -9.08 31.53
N ASP H 124 27.74 -7.85 31.11
CA ASP H 124 26.71 -6.94 30.64
C ASP H 124 26.82 -6.80 29.13
N PRO H 125 25.90 -7.38 28.34
CA PRO H 125 26.01 -7.23 26.88
C PRO H 125 25.92 -5.79 26.41
N ARG H 126 25.13 -4.96 27.09
CA ARG H 126 24.92 -3.60 26.61
C ARG H 126 26.21 -2.79 26.60
N THR H 127 27.02 -2.92 27.66
CA THR H 127 28.21 -2.10 27.83
C THR H 127 29.49 -2.86 27.48
N MET H 128 29.71 -4.02 28.09
CA MET H 128 30.94 -4.75 27.90
C MET H 128 31.06 -5.24 26.46
N LYS H 129 32.29 -5.58 26.08
CA LYS H 129 32.60 -6.07 24.74
C LYS H 129 33.35 -7.39 24.85
N HIS H 130 33.28 -8.17 23.78
CA HIS H 130 33.89 -9.50 23.74
C HIS H 130 35.07 -9.51 22.78
N THR H 131 36.11 -10.25 23.15
CA THR H 131 37.31 -10.39 22.35
C THR H 131 37.58 -11.86 22.11
N THR H 132 37.96 -12.20 20.88
CA THR H 132 38.16 -13.58 20.46
C THR H 132 39.61 -13.78 20.02
N ASP H 133 40.24 -14.82 20.57
CA ASP H 133 41.58 -15.22 20.16
C ASP H 133 41.63 -16.74 20.07
N LEU H 134 42.35 -17.25 19.08
CA LEU H 134 42.43 -18.69 18.84
C LEU H 134 43.87 -19.08 18.56
N ASP H 135 44.80 -18.57 19.37
CA ASP H 135 46.22 -18.84 19.22
C ASP H 135 46.61 -19.97 20.18
N ALA H 136 47.18 -21.04 19.62
CA ALA H 136 47.66 -22.16 20.41
C ALA H 136 49.09 -21.98 20.90
N SER H 137 49.73 -20.86 20.55
CA SER H 137 51.06 -20.59 21.08
C SER H 137 51.01 -20.07 22.51
N LYS H 138 49.97 -19.31 22.85
CA LYS H 138 49.88 -18.72 24.19
C LYS H 138 49.76 -19.81 25.25
N ILE H 139 49.00 -20.86 24.98
CA ILE H 139 48.78 -21.90 25.98
C ILE H 139 50.12 -22.48 26.43
N ARG H 140 50.17 -22.86 27.71
CA ARG H 140 51.35 -23.51 28.29
C ARG H 140 50.93 -24.83 28.93
N SER H 141 51.86 -25.46 29.65
CA SER H 141 51.58 -26.74 30.30
C SER H 141 51.10 -27.76 29.28
N GLY H 142 49.78 -27.92 29.17
CA GLY H 142 49.23 -28.83 28.18
C GLY H 142 49.24 -30.28 28.62
N TYR H 143 50.44 -30.85 28.73
CA TYR H 143 50.56 -32.26 29.09
C TYR H 143 49.96 -32.52 30.47
N PHE H 144 49.18 -33.58 30.58
CA PHE H 144 48.53 -33.99 31.82
C PHE H 144 49.17 -35.29 32.31
N ASP H 145 48.63 -35.81 33.40
CA ASP H 145 49.07 -37.07 33.98
C ASP H 145 48.00 -38.13 33.75
N GLU H 146 48.40 -39.29 33.24
CA GLU H 146 47.48 -40.37 32.91
C GLU H 146 47.04 -41.08 34.20
N ARG H 147 46.33 -40.32 35.03
CA ARG H 147 45.75 -40.85 36.27
C ARG H 147 44.23 -40.90 36.20
N TYR H 148 43.59 -39.78 35.91
CA TYR H 148 42.15 -39.72 35.70
C TYR H 148 41.76 -38.94 34.46
N VAL H 149 42.73 -38.38 33.72
CA VAL H 149 42.39 -37.57 32.57
C VAL H 149 41.62 -38.38 31.53
N LEU H 150 42.09 -39.60 31.26
CA LEU H 150 41.38 -40.51 30.37
C LEU H 150 41.33 -39.92 28.96
N SER H 151 40.53 -38.87 28.78
CA SER H 151 40.33 -38.27 27.46
C SER H 151 40.24 -36.76 27.60
N SER H 152 40.51 -36.07 26.49
CA SER H 152 40.42 -34.63 26.41
C SER H 152 39.63 -34.23 25.17
N ARG H 153 38.89 -33.14 25.29
CA ARG H 153 38.02 -32.69 24.21
C ARG H 153 37.87 -31.18 24.27
N VAL H 154 37.58 -30.59 23.11
CA VAL H 154 37.24 -29.18 23.00
C VAL H 154 36.10 -29.06 22.00
N ARG H 155 35.15 -28.17 22.28
CA ARG H 155 33.95 -28.05 21.45
C ARG H 155 33.55 -26.59 21.31
N THR H 156 33.09 -26.23 20.12
CA THR H 156 32.54 -24.90 19.87
C THR H 156 31.42 -25.02 18.85
N GLY H 157 30.73 -23.90 18.63
CA GLY H 157 29.67 -23.84 17.66
C GLY H 157 29.84 -22.65 16.75
N ARG H 158 29.26 -22.75 15.57
CA ARG H 158 29.36 -21.71 14.56
C ARG H 158 28.09 -21.69 13.72
N SER H 159 27.60 -20.48 13.44
CA SER H 159 26.40 -20.28 12.64
C SER H 159 26.74 -19.50 11.38
N ILE H 160 26.20 -19.95 10.25
CA ILE H 160 26.44 -19.29 8.97
C ILE H 160 25.51 -18.09 8.85
N ARG H 161 26.09 -16.93 8.54
CA ARG H 161 25.30 -15.72 8.40
C ARG H 161 24.36 -15.81 7.20
N GLY H 162 23.21 -15.15 7.32
CA GLY H 162 22.22 -15.16 6.27
C GLY H 162 21.28 -16.34 6.29
N LEU H 163 21.45 -17.27 7.22
CA LEU H 163 20.61 -18.46 7.30
C LEU H 163 20.01 -18.55 8.70
N SER H 164 18.71 -18.83 8.77
CA SER H 164 18.03 -18.88 10.04
C SER H 164 18.57 -20.02 10.90
N LEU H 165 18.54 -19.81 12.20
CA LEU H 165 19.08 -20.77 13.15
C LEU H 165 18.15 -21.98 13.26
N PRO H 166 18.64 -23.09 13.82
CA PRO H 166 17.90 -24.34 13.76
C PRO H 166 16.48 -24.22 14.28
N PRO H 167 16.26 -23.45 15.35
CA PRO H 167 14.88 -23.33 15.85
C PRO H 167 13.90 -22.80 14.82
N ALA H 168 14.34 -21.93 13.90
CA ALA H 168 13.47 -21.33 12.91
C ALA H 168 13.80 -21.71 11.48
N CYS H 169 14.91 -22.41 11.24
CA CYS H 169 15.31 -22.71 9.87
C CYS H 169 14.30 -23.63 9.20
N THR H 170 14.05 -23.39 7.93
CA THR H 170 13.18 -24.25 7.13
C THR H 170 14.03 -25.35 6.49
N ARG H 171 13.37 -26.21 5.71
CA ARG H 171 14.09 -27.29 5.05
C ARG H 171 15.12 -26.74 4.08
N ALA H 172 14.75 -25.72 3.30
CA ALA H 172 15.66 -25.16 2.33
C ALA H 172 16.90 -24.58 3.01
N GLU H 173 16.70 -23.83 4.09
CA GLU H 173 17.84 -23.23 4.78
C GLU H 173 18.73 -24.29 5.41
N ARG H 174 18.13 -25.33 5.97
CA ARG H 174 18.93 -26.42 6.54
C ARG H 174 19.77 -27.10 5.47
N ARG H 175 19.16 -27.38 4.31
CA ARG H 175 19.91 -27.99 3.22
C ARG H 175 21.02 -27.07 2.73
N GLU H 176 20.75 -25.76 2.69
CA GLU H 176 21.78 -24.82 2.27
C GLU H 176 22.95 -24.82 3.24
N VAL H 177 22.66 -24.85 4.55
CA VAL H 177 23.73 -24.91 5.55
C VAL H 177 24.56 -26.16 5.35
N GLU H 178 23.89 -27.30 5.15
CA GLU H 178 24.61 -28.55 4.97
C GLU H 178 25.49 -28.49 3.73
N ARG H 179 24.96 -27.95 2.63
N ARG H 179 24.96 -27.95 2.63
CA ARG H 179 25.74 -27.87 1.41
CA ARG H 179 25.73 -27.86 1.40
C ARG H 179 26.96 -26.98 1.57
C ARG H 179 26.95 -26.99 1.58
N VAL H 180 26.78 -25.82 2.20
CA VAL H 180 27.90 -24.91 2.40
C VAL H 180 28.99 -25.58 3.23
N VAL H 181 28.59 -26.20 4.34
CA VAL H 181 29.58 -26.80 5.23
C VAL H 181 30.29 -27.95 4.54
N VAL H 182 29.54 -28.79 3.81
CA VAL H 182 30.15 -29.95 3.17
C VAL H 182 31.11 -29.51 2.08
N ASP H 183 30.70 -28.54 1.25
CA ASP H 183 31.58 -28.07 0.19
C ASP H 183 32.84 -27.45 0.77
N ALA H 184 32.70 -26.68 1.85
CA ALA H 184 33.89 -26.11 2.49
C ALA H 184 34.81 -27.20 3.00
N LEU H 185 34.28 -28.15 3.77
CA LEU H 185 35.11 -29.19 4.35
C LEU H 185 35.76 -30.05 3.29
N SER H 186 35.14 -30.15 2.11
CA SER H 186 35.76 -30.92 1.03
C SER H 186 37.14 -30.38 0.67
N GLY H 187 37.37 -29.08 0.87
CA GLY H 187 38.64 -28.48 0.54
C GLY H 187 39.75 -28.67 1.55
N LEU H 188 39.42 -29.20 2.73
CA LEU H 188 40.46 -29.45 3.73
C LEU H 188 41.45 -30.47 3.22
N LYS H 189 42.73 -30.23 3.49
CA LYS H 189 43.81 -31.11 3.05
C LYS H 189 44.78 -31.34 4.20
N GLY H 190 45.48 -32.47 4.13
CA GLY H 190 46.45 -32.81 5.14
C GLY H 190 45.88 -33.69 6.24
N ASP H 191 46.30 -33.43 7.48
CA ASP H 191 45.82 -34.23 8.60
C ASP H 191 44.31 -34.08 8.77
N LEU H 192 43.79 -32.87 8.60
CA LEU H 192 42.37 -32.62 8.81
C LEU H 192 41.58 -32.94 7.55
N ALA H 193 41.78 -34.12 6.99
CA ALA H 193 41.06 -34.58 5.80
C ALA H 193 40.30 -35.85 6.14
N GLY H 194 39.02 -35.85 5.83
CA GLY H 194 38.17 -36.99 6.16
C GLY H 194 36.95 -37.04 5.29
N ARG H 195 35.85 -37.54 5.87
CA ARG H 195 34.64 -37.79 5.11
C ARG H 195 33.42 -37.27 5.86
N TYR H 196 32.38 -36.96 5.09
CA TYR H 196 31.09 -36.53 5.60
C TYR H 196 30.09 -37.68 5.46
N TYR H 197 29.44 -38.04 6.56
CA TYR H 197 28.45 -39.10 6.59
C TYR H 197 27.09 -38.49 6.88
N ARG H 198 26.12 -38.78 6.01
CA ARG H 198 24.77 -38.28 6.15
C ARG H 198 23.96 -39.24 7.01
N LEU H 199 23.18 -38.68 7.94
CA LEU H 199 22.37 -39.52 8.81
C LEU H 199 21.37 -40.34 8.01
N SER H 200 20.74 -39.72 7.01
CA SER H 200 19.73 -40.41 6.23
C SER H 200 20.29 -41.65 5.54
N GLU H 201 21.60 -41.66 5.27
CA GLU H 201 22.24 -42.75 4.54
C GLU H 201 23.09 -43.64 5.44
N MET H 202 22.88 -43.57 6.76
CA MET H 202 23.69 -44.32 7.72
C MET H 202 22.81 -45.34 8.44
N THR H 203 23.35 -46.55 8.60
CA THR H 203 22.61 -47.62 9.24
C THR H 203 22.41 -47.32 10.72
N GLU H 204 21.32 -47.85 11.28
CA GLU H 204 21.02 -47.64 12.69
C GLU H 204 22.10 -48.23 13.58
N ALA H 205 22.58 -49.43 13.25
CA ALA H 205 23.63 -50.04 14.05
C ALA H 205 24.90 -49.21 14.03
N GLU H 206 25.28 -48.72 12.85
CA GLU H 206 26.47 -47.87 12.76
C GLU H 206 26.28 -46.59 13.56
N GLN H 207 25.09 -46.01 13.50
CA GLN H 207 24.83 -44.79 14.28
C GLN H 207 24.93 -45.07 15.77
N GLN H 208 24.38 -46.18 16.24
CA GLN H 208 24.47 -46.52 17.64
C GLN H 208 25.92 -46.75 18.06
N GLN H 209 26.69 -47.44 17.22
CA GLN H 209 28.09 -47.66 17.53
C GLN H 209 28.85 -46.34 17.62
N LEU H 210 28.60 -45.43 16.69
CA LEU H 210 29.25 -44.12 16.74
C LEU H 210 28.86 -43.35 17.98
N ILE H 211 27.58 -43.43 18.37
CA ILE H 211 27.13 -42.74 19.58
C ILE H 211 27.85 -43.29 20.80
N ASP H 212 27.94 -44.62 20.90
CA ASP H 212 28.63 -45.24 22.02
C ASP H 212 30.10 -44.83 22.04
N ASP H 213 30.74 -44.80 20.89
CA ASP H 213 32.12 -44.35 20.77
C ASP H 213 32.28 -42.85 20.90
N HIS H 214 31.20 -42.12 21.21
CA HIS H 214 31.26 -40.66 21.36
C HIS H 214 31.67 -39.99 20.05
N PHE H 215 31.14 -40.50 18.95
CA PHE H 215 31.41 -39.97 17.62
C PHE H 215 30.12 -39.79 16.83
N LEU H 216 29.07 -39.34 17.50
CA LEU H 216 27.79 -39.10 16.85
C LEU H 216 26.86 -38.44 17.85
N PHE H 217 25.70 -38.00 17.35
CA PHE H 217 24.66 -37.40 18.16
C PHE H 217 23.36 -38.17 17.96
N ASP H 218 22.58 -38.28 19.04
CA ASP H 218 21.33 -39.02 19.01
C ASP H 218 20.17 -38.11 18.62
N LYS H 219 19.08 -38.74 18.19
CA LYS H 219 17.89 -37.97 17.84
C LYS H 219 17.37 -37.25 19.08
N PRO H 220 17.13 -35.94 19.01
CA PRO H 220 16.65 -35.23 20.19
C PRO H 220 15.31 -35.78 20.67
N VAL H 221 15.25 -36.12 21.95
CA VAL H 221 14.02 -36.62 22.55
C VAL H 221 13.63 -35.86 23.81
N SER H 222 14.54 -35.17 24.49
CA SER H 222 14.17 -34.46 25.69
C SER H 222 13.19 -33.33 25.35
N PRO H 223 12.30 -32.99 26.28
CA PRO H 223 11.28 -31.97 25.94
C PRO H 223 11.85 -30.65 25.51
N LEU H 224 13.06 -30.29 25.96
CA LEU H 224 13.63 -28.99 25.65
C LEU H 224 13.76 -28.78 24.15
N LEU H 225 14.44 -29.70 23.47
CA LEU H 225 14.69 -29.55 22.04
C LEU H 225 13.38 -29.58 21.25
N THR H 226 12.52 -30.55 21.53
CA THR H 226 11.27 -30.66 20.77
C THR H 226 10.40 -29.44 20.97
N ALA H 227 10.32 -28.93 22.20
CA ALA H 227 9.55 -27.71 22.45
C ALA H 227 10.17 -26.53 21.71
N ALA H 228 11.50 -26.46 21.67
CA ALA H 228 12.16 -25.41 20.90
C ALA H 228 11.90 -25.57 19.41
N GLY H 229 11.51 -26.77 18.97
CA GLY H 229 11.25 -27.02 17.58
C GLY H 229 12.51 -27.21 16.76
N MET H 230 13.44 -28.01 17.28
CA MET H 230 14.70 -28.28 16.62
C MET H 230 14.86 -29.72 16.18
N ALA H 231 13.88 -30.57 16.44
CA ALA H 231 13.86 -31.94 15.93
C ALA H 231 13.04 -32.06 14.66
N ARG H 232 12.63 -30.94 14.08
CA ARG H 232 11.80 -30.98 12.88
C ARG H 232 12.54 -31.62 11.73
N ASP H 233 11.83 -32.43 10.95
CA ASP H 233 12.35 -33.03 9.72
C ASP H 233 13.53 -33.97 9.98
N TRP H 234 13.67 -34.47 11.20
CA TRP H 234 14.77 -35.39 11.48
C TRP H 234 14.60 -36.66 10.64
N PRO H 235 15.69 -37.22 10.11
CA PRO H 235 17.10 -36.80 10.16
C PRO H 235 17.54 -36.04 8.92
N ASP H 236 16.61 -35.42 8.18
CA ASP H 236 16.97 -34.77 6.93
C ASP H 236 17.93 -33.61 7.18
N ALA H 237 19.04 -33.61 6.44
CA ALA H 237 20.01 -32.52 6.43
C ALA H 237 20.85 -32.45 7.70
N ARG H 238 20.98 -33.56 8.42
CA ARG H 238 21.87 -33.65 9.58
C ARG H 238 22.99 -34.62 9.25
N GLY H 239 24.23 -34.24 9.58
CA GLY H 239 25.35 -35.06 9.21
C GLY H 239 26.52 -34.94 10.17
N ILE H 240 27.55 -35.74 9.90
CA ILE H 240 28.76 -35.74 10.73
C ILE H 240 29.96 -35.87 9.79
N TRP H 241 30.84 -34.87 9.82
CA TRP H 241 32.08 -34.90 9.05
C TRP H 241 33.22 -35.14 10.03
N HIS H 242 34.00 -36.19 9.80
CA HIS H 242 35.11 -36.49 10.69
C HIS H 242 36.35 -36.83 9.88
N ASN H 243 37.51 -36.47 10.44
CA ASN H 243 38.78 -36.76 9.80
C ASN H 243 39.07 -38.26 9.84
N ASN H 244 40.10 -38.67 9.11
CA ASN H 244 40.45 -40.08 9.04
C ASN H 244 40.79 -40.63 10.41
N GLU H 245 41.59 -39.89 11.18
CA GLU H 245 41.96 -40.32 12.53
C GLU H 245 40.80 -40.21 13.51
N LYS H 246 39.69 -39.57 13.12
CA LYS H 246 38.54 -39.35 13.99
C LYS H 246 38.89 -38.47 15.18
N SER H 247 39.96 -37.68 15.06
CA SER H 247 40.34 -36.72 16.10
C SER H 247 39.79 -35.32 15.82
N PHE H 248 39.00 -35.15 14.76
CA PHE H 248 38.42 -33.86 14.43
C PHE H 248 37.06 -34.12 13.80
N LEU H 249 36.00 -33.71 14.51
CA LEU H 249 34.63 -33.98 14.10
C LEU H 249 33.85 -32.67 13.98
N ILE H 250 32.79 -32.72 13.18
CA ILE H 250 31.91 -31.58 12.97
C ILE H 250 30.50 -32.10 12.78
N TRP H 251 29.60 -31.72 13.68
CA TRP H 251 28.20 -32.09 13.58
C TRP H 251 27.46 -30.99 12.84
N VAL H 252 26.79 -31.35 11.75
CA VAL H 252 26.07 -30.41 10.90
C VAL H 252 24.58 -30.55 11.19
N ASN H 253 24.00 -29.46 11.70
CA ASN H 253 22.55 -29.36 11.96
C ASN H 253 22.10 -30.37 13.02
N GLU H 254 22.67 -30.24 14.21
CA GLU H 254 22.19 -30.97 15.38
C GLU H 254 21.67 -30.05 16.47
N GLU H 255 22.50 -29.11 16.95
CA GLU H 255 22.03 -28.00 17.78
C GLU H 255 22.34 -26.65 17.18
N ASP H 256 23.36 -26.56 16.34
CA ASP H 256 23.72 -25.34 15.64
C ASP H 256 24.05 -25.70 14.20
N HIS H 257 24.20 -24.67 13.36
CA HIS H 257 24.59 -24.91 11.97
C HIS H 257 25.84 -25.76 11.91
N THR H 258 26.78 -25.52 12.81
CA THR H 258 28.00 -26.32 12.89
C THR H 258 28.42 -26.45 14.35
N ARG H 259 28.80 -27.67 14.74
CA ARG H 259 29.38 -27.92 16.05
C ARG H 259 30.73 -28.58 15.84
N VAL H 260 31.81 -27.85 16.09
CA VAL H 260 33.17 -28.34 15.87
C VAL H 260 33.69 -28.97 17.15
N ILE H 261 34.33 -30.12 17.02
CA ILE H 261 34.86 -30.86 18.16
C ILE H 261 36.26 -31.37 17.81
N SER H 262 37.18 -31.22 18.74
CA SER H 262 38.52 -31.78 18.63
C SER H 262 38.74 -32.70 19.83
N MET H 263 39.00 -33.97 19.55
CA MET H 263 39.08 -35.00 20.58
C MET H 263 40.47 -35.60 20.61
N GLU H 264 40.80 -36.20 21.76
CA GLU H 264 42.05 -36.95 21.89
C GLU H 264 41.92 -37.87 23.10
N LYS H 265 41.99 -39.18 22.87
CA LYS H 265 41.87 -40.15 23.94
C LYS H 265 43.16 -40.16 24.77
N GLY H 266 43.35 -39.07 25.50
CA GLY H 266 44.53 -38.89 26.32
C GLY H 266 44.43 -37.67 27.22
N GLY H 267 45.54 -36.96 27.37
CA GLY H 267 45.56 -35.76 28.21
C GLY H 267 46.43 -34.66 27.66
N ASN H 268 46.82 -34.76 26.39
CA ASN H 268 47.67 -33.75 25.76
C ASN H 268 46.79 -32.62 25.23
N MET H 269 46.19 -31.89 26.17
CA MET H 269 45.28 -30.82 25.80
C MET H 269 45.94 -29.80 24.88
N LYS H 270 47.25 -29.62 24.99
CA LYS H 270 47.94 -28.68 24.11
C LYS H 270 47.75 -29.05 22.65
N ARG H 271 48.03 -30.31 22.30
CA ARG H 271 47.89 -30.74 20.92
C ARG H 271 46.43 -30.68 20.47
N VAL H 272 45.51 -31.05 21.34
CA VAL H 272 44.08 -31.02 20.97
C VAL H 272 43.67 -29.60 20.63
N PHE H 273 44.06 -28.63 21.46
CA PHE H 273 43.69 -27.25 21.19
C PHE H 273 44.39 -26.72 19.96
N GLU H 274 45.65 -27.12 19.74
CA GLU H 274 46.35 -26.70 18.54
C GLU H 274 45.61 -27.15 17.29
N ARG H 275 45.28 -28.45 17.23
CA ARG H 275 44.52 -28.96 16.09
C ARG H 275 43.18 -28.25 15.97
N PHE H 276 42.50 -28.05 17.10
CA PHE H 276 41.21 -27.38 17.08
C PHE H 276 41.30 -26.00 16.44
N CYS H 277 42.22 -25.17 16.92
CA CYS H 277 42.27 -23.80 16.42
C CYS H 277 42.72 -23.76 14.96
N ARG H 278 43.72 -24.57 14.58
CA ARG H 278 44.17 -24.52 13.20
C ARG H 278 43.08 -25.01 12.25
N GLY H 279 42.39 -26.09 12.60
CA GLY H 279 41.31 -26.57 11.77
C GLY H 279 40.16 -25.58 11.68
N LEU H 280 39.84 -24.92 12.79
CA LEU H 280 38.80 -23.91 12.76
C LEU H 280 39.18 -22.74 11.86
N LYS H 281 40.45 -22.32 11.91
CA LYS H 281 40.90 -21.25 11.03
C LYS H 281 40.80 -21.67 9.57
N GLU H 282 41.21 -22.89 9.24
CA GLU H 282 41.11 -23.35 7.86
C GLU H 282 39.67 -23.42 7.40
N VAL H 283 38.78 -23.92 8.26
CA VAL H 283 37.37 -24.03 7.90
C VAL H 283 36.79 -22.65 7.65
N GLU H 284 37.12 -21.68 8.52
CA GLU H 284 36.63 -20.33 8.34
C GLU H 284 37.15 -19.74 7.03
N ARG H 285 38.43 -19.95 6.72
CA ARG H 285 38.97 -19.43 5.48
C ARG H 285 38.22 -19.99 4.29
N LEU H 286 37.97 -21.30 4.29
CA LEU H 286 37.23 -21.90 3.18
C LEU H 286 35.80 -21.38 3.12
N ILE H 287 35.20 -21.09 4.28
CA ILE H 287 33.86 -20.52 4.28
C ILE H 287 33.85 -19.16 3.59
N GLN H 288 34.76 -18.27 3.99
CA GLN H 288 34.80 -16.96 3.34
C GLN H 288 35.22 -17.06 1.88
N GLU H 289 35.91 -18.13 1.49
CA GLU H 289 36.28 -18.28 0.08
C GLU H 289 35.05 -18.27 -0.82
N ARG H 290 33.99 -18.97 -0.41
CA ARG H 290 32.77 -19.05 -1.20
C ARG H 290 31.82 -17.89 -0.96
N GLY H 291 32.15 -16.97 -0.06
CA GLY H 291 31.32 -15.81 0.18
C GLY H 291 30.42 -15.89 1.40
N TRP H 292 30.60 -16.89 2.25
CA TRP H 292 29.80 -17.04 3.46
C TRP H 292 30.60 -16.54 4.67
N GLU H 293 29.88 -16.11 5.70
CA GLU H 293 30.49 -15.58 6.90
C GLU H 293 29.80 -16.13 8.13
N PHE H 294 30.58 -16.45 9.15
CA PHE H 294 30.02 -16.84 10.44
C PHE H 294 29.35 -15.64 11.10
N MET H 295 28.18 -15.87 11.69
CA MET H 295 27.55 -14.81 12.48
C MET H 295 28.48 -14.41 13.60
N TRP H 296 28.68 -13.10 13.76
CA TRP H 296 29.57 -12.60 14.79
C TRP H 296 29.42 -11.09 14.97
N ASN H 297 29.26 -10.63 16.21
CA ASN H 297 29.24 -9.21 16.52
C ASN H 297 30.01 -8.99 17.81
N GLU H 298 30.53 -7.78 17.98
CA GLU H 298 31.46 -7.51 19.07
C GLU H 298 30.82 -7.73 20.43
N ARG H 299 29.57 -7.28 20.61
CA ARG H 299 28.94 -7.36 21.92
C ARG H 299 28.81 -8.80 22.41
N LEU H 300 28.40 -9.70 21.51
CA LEU H 300 28.11 -11.08 21.88
C LEU H 300 29.12 -12.09 21.35
N GLY H 301 29.89 -11.73 20.33
CA GLY H 301 30.75 -12.71 19.69
C GLY H 301 29.95 -13.63 18.79
N TYR H 302 30.41 -14.86 18.68
CA TYR H 302 29.74 -15.84 17.83
C TYR H 302 28.32 -16.08 18.33
N ILE H 303 27.37 -16.06 17.40
CA ILE H 303 25.95 -16.10 17.72
C ILE H 303 25.45 -17.54 17.60
N LEU H 304 24.83 -18.04 18.66
CA LEU H 304 24.27 -19.38 18.70
C LEU H 304 22.87 -19.33 19.30
N THR H 305 22.18 -20.47 19.23
CA THR H 305 20.78 -20.51 19.65
C THR H 305 20.65 -20.31 21.15
N CYS H 306 21.22 -21.20 21.94
CA CYS H 306 21.11 -21.10 23.39
C CYS H 306 21.86 -19.88 23.89
N PRO H 307 21.22 -18.95 24.59
CA PRO H 307 21.97 -17.80 25.12
C PRO H 307 23.09 -18.22 26.07
N SER H 308 23.00 -19.40 26.66
CA SER H 308 24.08 -19.89 27.51
C SER H 308 25.36 -20.16 26.73
N ASN H 309 25.26 -20.41 25.43
CA ASN H 309 26.41 -20.74 24.60
C ASN H 309 26.96 -19.53 23.86
N LEU H 310 26.45 -18.33 24.12
CA LEU H 310 26.94 -17.15 23.44
C LEU H 310 28.41 -16.92 23.79
N GLY H 311 29.01 -15.94 23.11
CA GLY H 311 30.40 -15.62 23.33
C GLY H 311 31.33 -16.41 22.43
N THR H 312 31.87 -17.50 22.95
CA THR H 312 32.78 -18.35 22.20
C THR H 312 32.26 -19.76 21.97
N GLY H 313 31.37 -20.26 22.83
CA GLY H 313 30.91 -21.63 22.72
C GLY H 313 31.92 -22.66 23.15
N LEU H 314 33.10 -22.26 23.61
CA LEU H 314 34.13 -23.22 23.97
C LEU H 314 33.73 -23.96 25.24
N ARG H 315 33.88 -25.28 25.23
CA ARG H 315 33.62 -26.13 26.38
C ARG H 315 34.74 -27.15 26.55
N ALA H 316 35.98 -26.67 26.53
CA ALA H 316 37.12 -27.55 26.76
C ALA H 316 36.93 -28.27 28.10
N GLY H 317 37.10 -29.59 28.07
CA GLY H 317 36.88 -30.39 29.25
C GLY H 317 37.58 -31.73 29.15
N VAL H 318 37.38 -32.54 30.18
CA VAL H 318 38.00 -33.86 30.28
C VAL H 318 37.09 -34.79 31.06
N HIS H 319 37.41 -36.07 31.01
CA HIS H 319 36.71 -37.10 31.79
C HIS H 319 37.58 -37.49 32.98
N ILE H 320 36.93 -37.72 34.12
CA ILE H 320 37.61 -37.99 35.38
C ILE H 320 36.97 -39.19 36.06
N LYS H 321 37.69 -39.77 37.01
CA LYS H 321 37.27 -40.99 37.68
C LYS H 321 36.49 -40.68 38.95
N LEU H 322 35.77 -41.70 39.44
CA LEU H 322 34.95 -41.60 40.65
C LEU H 322 35.72 -41.78 41.94
N PRO H 323 36.55 -42.83 42.08
CA PRO H 323 36.94 -43.29 43.43
C PRO H 323 37.66 -42.24 44.26
N LEU H 324 38.82 -41.78 43.80
CA LEU H 324 39.60 -40.82 44.59
C LEU H 324 38.94 -39.45 44.68
N LEU H 325 37.87 -39.23 43.92
CA LEU H 325 37.24 -37.92 43.81
C LEU H 325 35.85 -37.86 44.40
N SER H 326 35.00 -38.85 44.11
CA SER H 326 33.60 -38.78 44.54
C SER H 326 33.50 -38.71 46.06
N LYS H 327 34.40 -39.39 46.77
CA LYS H 327 34.33 -39.50 48.22
C LYS H 327 35.02 -38.32 48.92
N ASP H 328 35.23 -37.22 48.22
CA ASP H 328 35.97 -36.08 48.77
C ASP H 328 35.08 -35.33 49.76
N SER H 329 35.60 -34.24 50.33
CA SER H 329 34.86 -33.51 51.34
C SER H 329 33.87 -32.53 50.71
N ARG H 330 34.37 -31.52 50.02
CA ARG H 330 33.53 -30.41 49.56
C ARG H 330 33.90 -30.00 48.13
N PHE H 331 34.01 -30.96 47.23
CA PHE H 331 34.32 -30.64 45.83
C PHE H 331 33.39 -29.62 45.21
N PRO H 332 32.07 -29.62 45.45
CA PRO H 332 31.24 -28.60 44.79
C PRO H 332 31.73 -27.18 45.06
N LYS H 333 32.16 -26.92 46.30
CA LYS H 333 32.77 -25.64 46.62
C LYS H 333 34.05 -25.43 45.81
N ILE H 334 34.86 -26.47 45.66
CA ILE H 334 36.09 -26.36 44.90
C ILE H 334 35.79 -25.99 43.45
N LEU H 335 34.83 -26.68 42.85
CA LEU H 335 34.46 -26.42 41.46
C LEU H 335 33.94 -25.00 41.31
N GLU H 336 33.09 -24.55 42.24
CA GLU H 336 32.62 -23.16 42.18
C GLU H 336 33.79 -22.19 42.28
N ASN H 337 34.74 -22.47 43.17
CA ASN H 337 35.86 -21.55 43.38
C ASN H 337 36.74 -21.48 42.13
N LEU H 338 37.02 -22.60 41.51
CA LEU H 338 37.87 -22.65 40.32
C LEU H 338 37.11 -22.48 39.02
N ARG H 339 35.80 -22.22 39.09
CA ARG H 339 34.99 -21.96 37.90
C ARG H 339 35.02 -23.15 36.96
N LEU H 340 34.54 -24.29 37.47
CA LEU H 340 34.47 -25.52 36.72
C LEU H 340 33.05 -26.07 36.78
N GLN H 341 32.66 -26.79 35.74
CA GLN H 341 31.34 -27.41 35.65
C GLN H 341 31.51 -28.92 35.61
N LYS H 342 30.86 -29.61 36.53
CA LYS H 342 30.94 -31.07 36.65
C LYS H 342 29.59 -31.68 36.32
N ARG H 343 29.58 -32.60 35.36
CA ARG H 343 28.35 -33.26 34.93
C ARG H 343 28.61 -34.75 34.77
N GLY H 344 27.55 -35.51 34.48
CA GLY H 344 27.67 -36.94 34.33
C GLY H 344 28.31 -37.30 32.99
N THR H 345 29.23 -38.27 33.04
CA THR H 345 29.88 -38.74 31.83
C THR H 345 28.85 -39.33 30.88
N GLY H 346 28.96 -38.95 29.61
CA GLY H 346 28.03 -39.42 28.60
C GLY H 346 27.01 -38.37 28.20
N VAL H 356 32.81 -41.63 37.94
CA VAL H 356 33.37 -41.11 36.69
C VAL H 356 32.50 -39.94 36.21
N PHE H 357 33.10 -38.76 36.11
CA PHE H 357 32.38 -37.53 35.77
C PHE H 357 33.06 -36.85 34.60
N ASP H 358 32.50 -35.73 34.17
CA ASP H 358 33.07 -34.89 33.13
C ASP H 358 33.21 -33.48 33.67
N ILE H 359 34.42 -32.94 33.61
CA ILE H 359 34.73 -31.63 34.19
C ILE H 359 35.18 -30.70 33.08
N SER H 360 34.59 -29.51 33.05
CA SER H 360 34.85 -28.53 31.99
C SER H 360 34.75 -27.13 32.60
N ASN H 361 34.61 -26.12 31.76
CA ASN H 361 34.43 -24.74 32.20
C ASN H 361 32.95 -24.38 32.19
N LEU H 362 32.63 -23.31 32.91
CA LEU H 362 31.24 -22.88 33.08
C LEU H 362 30.84 -21.81 32.05
N ASP H 363 31.54 -20.69 32.04
CA ASP H 363 31.16 -19.53 31.25
C ASP H 363 31.94 -19.46 29.96
N ARG H 364 31.27 -19.09 28.89
CA ARG H 364 31.87 -18.88 27.58
C ARG H 364 31.95 -17.41 27.18
N LEU H 365 30.90 -16.65 27.45
CA LEU H 365 30.93 -15.22 27.20
C LEU H 365 31.88 -14.53 28.17
N GLY H 366 32.54 -13.49 27.67
CA GLY H 366 33.53 -12.79 28.47
C GLY H 366 34.94 -13.24 28.16
N LYS H 367 35.49 -14.13 28.98
CA LYS H 367 36.85 -14.62 28.79
C LYS H 367 37.04 -15.13 27.37
N SER H 368 38.27 -15.19 26.90
CA SER H 368 38.57 -15.63 25.55
C SER H 368 38.84 -17.14 25.53
N GLU H 369 38.96 -17.68 24.32
CA GLU H 369 39.14 -19.13 24.19
C GLU H 369 40.43 -19.59 24.85
N VAL H 370 41.52 -18.88 24.60
CA VAL H 370 42.79 -19.23 25.24
C VAL H 370 42.65 -19.08 26.75
N GLU H 371 41.98 -18.03 27.21
CA GLU H 371 41.77 -17.85 28.64
C GLU H 371 41.00 -19.01 29.23
N LEU H 372 39.92 -19.42 28.57
CA LEU H 372 39.11 -20.51 29.10
C LEU H 372 39.89 -21.82 29.12
N VAL H 373 40.67 -22.09 28.07
CA VAL H 373 41.45 -23.31 28.03
C VAL H 373 42.50 -23.30 29.14
N GLN H 374 43.16 -22.17 29.35
CA GLN H 374 44.14 -22.08 30.42
C GLN H 374 43.49 -22.26 31.77
N LEU H 375 42.31 -21.69 31.97
CA LEU H 375 41.59 -21.87 33.23
C LEU H 375 41.25 -23.34 33.46
N VAL H 376 40.78 -24.03 32.42
CA VAL H 376 40.47 -25.45 32.56
C VAL H 376 41.74 -26.24 32.90
N ILE H 377 42.84 -25.93 32.23
CA ILE H 377 44.09 -26.64 32.47
C ILE H 377 44.54 -26.44 33.91
N ASP H 378 44.49 -25.19 34.39
CA ASP H 378 44.90 -24.92 35.77
C ASP H 378 43.98 -25.62 36.76
N GLY H 379 42.67 -25.59 36.50
CA GLY H 379 41.73 -26.23 37.40
C GLY H 379 41.95 -27.73 37.50
N VAL H 380 42.13 -28.38 36.35
CA VAL H 380 42.35 -29.83 36.36
C VAL H 380 43.70 -30.16 36.98
N ASN H 381 44.71 -29.33 36.74
CA ASN H 381 46.00 -29.54 37.39
C ASN H 381 45.87 -29.45 38.91
N TYR H 382 45.14 -28.45 39.40
CA TYR H 382 44.89 -28.34 40.83
C TYR H 382 44.14 -29.57 41.35
N LEU H 383 43.12 -30.01 40.61
CA LEU H 383 42.34 -31.16 41.05
C LEU H 383 43.20 -32.40 41.15
N ILE H 384 44.02 -32.66 40.13
CA ILE H 384 44.86 -33.85 40.14
C ILE H 384 46.06 -33.69 41.08
N ASP H 385 46.33 -32.47 41.52
CA ASP H 385 47.40 -32.23 42.50
C ASP H 385 46.89 -32.36 43.93
N CYS H 386 45.70 -31.81 44.22
CA CYS H 386 45.11 -31.89 45.55
C CYS H 386 44.11 -33.03 45.66
N GLU H 387 44.26 -34.07 44.83
CA GLU H 387 43.46 -35.27 44.94
C GLU H 387 44.03 -36.26 45.96
N ARG H 388 45.15 -35.92 46.59
CA ARG H 388 45.89 -36.87 47.40
C ARG H 388 44.99 -37.54 48.43
N ARG H 389 44.82 -38.85 48.28
CA ARG H 389 44.22 -39.67 49.32
C ARG H 389 45.26 -40.29 50.24
N LEU H 390 46.49 -40.45 49.76
CA LEU H 390 47.58 -40.90 50.61
C LEU H 390 47.72 -40.00 51.83
N GLU H 391 47.45 -38.70 51.68
CA GLU H 391 47.48 -37.75 52.78
C GLU H 391 46.33 -36.77 52.59
N ARG H 392 46.31 -35.73 53.41
CA ARG H 392 45.31 -34.67 53.33
C ARG H 392 46.02 -33.34 53.04
N GLY H 393 45.26 -32.26 53.08
CA GLY H 393 45.82 -30.94 52.86
C GLY H 393 45.16 -30.18 51.72
N GLN H 394 43.92 -30.51 51.40
CA GLN H 394 43.19 -29.75 50.40
C GLN H 394 43.11 -28.28 50.78
N ASP H 395 43.36 -27.40 49.82
CA ASP H 395 43.44 -25.97 50.08
C ASP H 395 42.35 -25.17 49.39
N ILE H 396 41.59 -25.77 48.47
CA ILE H 396 40.56 -25.06 47.73
C ILE H 396 41.20 -23.93 46.92
N ARG H 397 41.72 -22.93 47.62
CA ARG H 397 42.47 -21.84 46.99
C ARG H 397 41.62 -21.09 45.98
N ILE H 398 40.56 -20.45 46.49
CA ILE H 398 39.71 -19.60 45.67
C ILE H 398 40.56 -18.59 44.91
PB ADP I . -10.27 -41.53 22.14
O1B ADP I . -8.98 -41.40 21.38
O2B ADP I . -11.48 -41.89 21.30
O3B ADP I . -10.52 -40.42 23.13
PA ADP I . -8.68 -42.98 23.89
O1A ADP I . -7.90 -44.14 23.31
O2A ADP I . -8.05 -41.61 23.99
O3A ADP I . -10.05 -42.82 23.08
O5' ADP I . -9.21 -43.39 25.35
C5' ADP I . -8.61 -42.81 26.51
C4' ADP I . -9.23 -43.40 27.77
O4' ADP I . -10.61 -43.67 27.57
C3' ADP I . -8.57 -44.70 28.17
O3' ADP I . -7.79 -44.52 29.36
C2' ADP I . -9.71 -45.68 28.40
O2' ADP I . -9.60 -46.31 29.69
C1' ADP I . -10.97 -44.85 28.30
N9 ADP I . -12.03 -45.63 27.62
C8 ADP I . -12.32 -45.62 26.31
N7 ADP I . -13.35 -46.45 26.04
C5 ADP I . -13.75 -47.00 27.20
C6 ADP I . -14.79 -47.96 27.62
N6 ADP I . -15.65 -48.52 26.74
N1 ADP I . -14.86 -48.27 28.94
C2 ADP I . -14.01 -47.73 29.84
N3 ADP I . -13.06 -46.86 29.52
C4 ADP I . -12.88 -46.46 28.23
H5'1 ADP I . -8.76 -41.73 26.49
H5'2 ADP I . -7.53 -43.01 26.50
H4' ADP I . -9.11 -42.68 28.58
H3' ADP I . -7.94 -45.07 27.35
HO3' ADP I . -7.31 -45.34 29.56
H2' ADP I . -9.70 -46.44 27.61
HO2' ADP I . -8.87 -46.93 29.69
H1' ADP I . -11.30 -44.58 29.31
H8 ADP I . -11.79 -45.03 25.57
HN61 ADP I . -15.58 -48.29 25.76
HN62 ADP I . -16.35 -49.17 27.06
H2 ADP I . -14.12 -48.02 30.88
N1 KLU J . -3.74 -37.17 14.71
C4 KLU J . -4.94 -37.74 15.01
C5 KLU J . -5.59 -38.74 13.99
C6 KLU J . -3.06 -36.25 15.52
C7 KLU J . -3.74 -35.36 16.34
C8 KLU J . -3.01 -34.43 17.11
C10 KLU J . -0.95 -35.28 16.23
C1 KLU J . -0.83 -37.82 12.41
C11 KLU J . -1.67 -36.19 15.46
C2 KLU J . -1.62 -37.91 13.71
C3 KLU J . -3.06 -37.52 13.45
C9 KLU J . -1.63 -34.40 17.05
N2 KLU J . -0.13 -36.75 12.15
O1 KLU J . -0.87 -38.76 11.61
O2 KLU J . -5.51 -37.47 16.02
O3 KLU J . -0.95 -37.04 14.65
H9 KLU J . 0.14 -35.25 16.18
PB ADP K . -18.38 9.50 43.51
O1B ADP K . -18.83 10.33 42.33
O2B ADP K . -17.09 9.96 44.15
O3B ADP K . -18.46 8.01 43.29
PA ADP K . -21.06 9.74 44.23
O1A ADP K . -21.61 11.14 44.31
O2A ADP K . -21.17 8.94 42.95
O3A ADP K . -19.49 9.78 44.63
O5' ADP K . -21.67 8.86 45.42
C5' ADP K . -22.65 7.87 45.12
C4' ADP K . -23.16 7.22 46.41
O4' ADP K . -22.10 7.12 47.37
C3' ADP K . -24.27 8.04 47.06
O3' ADP K . -25.52 7.36 46.94
C2' ADP K . -23.86 8.20 48.51
O2' ADP K . -24.91 7.81 49.40
C1' ADP K . -22.64 7.33 48.68
N9 ADP K . -21.66 7.98 49.58
C8 ADP K . -20.64 8.78 49.21
N7 ADP K . -19.94 9.20 50.28
C5 ADP K . -20.51 8.67 51.38
C6 ADP K . -20.27 8.70 52.84
N6 ADP K . -19.26 9.42 53.37
N1 ADP K . -21.11 7.99 53.62
C2 ADP K . -22.13 7.27 53.12
N3 ADP K . -22.40 7.20 51.81
C4 ADP K . -21.64 7.86 50.90
H5'1 ADP K . -22.22 7.10 44.48
H5'2 ADP K . -23.50 8.32 44.59
H4' ADP K . -23.55 6.23 46.17
H3' ADP K . -24.32 9.03 46.57
HO3' ADP K . -26.23 7.91 47.27
H2' ADP K . -23.59 9.25 48.69
HO2' ADP K . -25.62 8.46 49.36
H1' ADP K . -22.95 6.37 49.11
H8 ADP K . -20.42 9.05 48.18
HN61 ADP K . -18.64 9.94 52.76
HN62 ADP K . -19.12 9.43 54.37
H2 ADP K . -22.76 6.72 53.81
N1 KLU L . -17.36 13.49 33.68
C4 KLU L . -16.79 13.45 34.91
C5 KLU L . -15.95 14.66 35.41
C6 KLU L . -18.12 12.46 33.08
C7 KLU L . -17.96 11.13 33.45
C8 KLU L . -18.75 10.13 32.82
C10 KLU L . -19.81 11.80 31.48
C1 KLU L . -18.27 16.24 31.28
C11 KLU L . -19.05 12.79 32.09
C2 KLU L . -18.51 15.16 32.31
C3 KLU L . -17.17 14.68 32.85
C9 KLU L . -19.65 10.48 31.85
N2 KLU L . -18.68 16.07 30.03
O1 KLU L . -17.70 17.28 31.59
O2 KLU L . -16.91 12.49 35.61
O3 KLU L . -19.24 14.09 31.68
H9 KLU L . -20.53 12.07 30.71
PB ADP M . -44.65 11.96 13.58
O1B ADP M . -43.86 11.01 14.44
O2B ADP M . -45.37 11.31 12.42
O3B ADP M . -43.91 13.23 13.22
PA ADP M . -45.48 12.91 16.05
O1A ADP M . -46.08 11.91 17.00
O2A ADP M . -44.01 13.25 16.10
O3A ADP M . -45.83 12.47 14.55
O5' ADP M . -46.31 14.29 16.18
C5' ADP M . -45.71 15.41 16.82
C4' ADP M . -46.70 16.57 16.90
O4' ADP M . -47.53 16.60 15.73
C3' ADP M . -47.63 16.44 18.10
O3' ADP M . -47.32 17.45 19.07
C2' ADP M . -49.03 16.62 17.55
O2' ADP M . -49.75 17.63 18.28
C1' ADP M . -48.84 17.03 16.10
N9 ADP M . -49.89 16.40 15.25
C8 ADP M . -49.79 15.22 14.61
N7 ADP M . -50.93 14.96 13.93
C5 ADP M . -51.78 15.98 14.13
C6 ADP M . -53.15 16.34 13.70
N6 ADP M . -53.87 15.52 12.89
N1 ADP M . -53.67 17.50 14.15
C2 ADP M . -52.97 18.33 14.96
N3 ADP M . -51.72 18.06 15.37
C4 ADP M . -51.08 16.92 15.01
H5'1 ADP M . -44.82 15.73 16.26
H5'2 ADP M . -45.39 15.14 17.83
H4' ADP M . -46.14 17.51 16.98
H3' ADP M . -47.53 15.43 18.54
HO3' ADP M . -47.85 17.30 19.87
H2' ADP M . -49.57 15.66 17.59
HO2' ADP M . -49.97 17.29 19.16
H1' ADP M . -48.92 18.12 16.03
H8 ADP M . -48.92 14.57 14.63
HN61 ADP M . -53.48 14.65 12.57
HN62 ADP M . -54.80 15.79 12.62
H2 ADP M . -53.43 19.25 15.28
N1 KLU N . -36.83 4.87 15.43
C4 KLU N . -37.94 5.16 14.69
C5 KLU N . -38.84 3.97 14.20
C6 KLU N . -35.92 5.83 15.92
C7 KLU N . -35.72 7.06 15.28
C8 KLU N . -34.78 7.97 15.79
C10 KLU N . -34.24 6.45 17.56
C1 KLU N . -35.71 1.98 17.56
C11 KLU N . -35.16 5.54 17.06
C2 KLU N . -36.26 3.36 17.26
C3 KLU N . -36.53 3.49 15.77
C9 KLU N . -34.05 7.65 16.91
N2 KLU N . -34.41 1.83 17.79
O1 KLU N . -36.46 1.01 17.59
O2 KLU N . -38.21 6.27 14.38
O3 KLU N . -35.30 4.33 17.73
H9 KLU N . -33.66 6.21 18.45
PB ADP O . -6.44 47.22 -7.00
O1B ADP O . -5.72 46.42 -8.05
O2B ADP O . -5.57 47.68 -5.86
O3B ADP O . -7.77 46.63 -6.57
PA ADP O . -7.51 48.50 -9.22
O1A ADP O . -6.54 49.07 -10.21
O2A ADP O . -8.08 47.11 -9.39
O3A ADP O . -6.86 48.58 -7.75
O5' ADP O . -8.75 49.51 -9.08
C5' ADP O . -10.02 49.17 -9.63
C4' ADP O . -11.02 50.30 -9.43
O4' ADP O . -10.77 50.97 -8.18
C3' ADP O . -10.91 51.35 -10.52
O3' ADP O . -12.06 51.30 -11.37
C2' ADP O . -10.82 52.68 -9.81
O2' ADP O . -11.80 53.60 -10.29
C1' ADP O . -11.06 52.36 -8.34
N9 ADP O . -10.18 53.20 -7.48
C8 ADP O . -8.96 52.87 -7.03
N7 ADP O . -8.45 53.88 -6.27
C5 ADP O . -9.35 54.87 -6.24
C6 ADP O . -9.45 56.22 -5.64
N6 ADP O . -8.45 56.73 -4.89
N1 ADP O . -10.58 56.93 -5.86
C2 ADP O . -11.59 56.45 -6.62
N3 ADP O . -11.56 55.24 -7.19
C4 ADP O . -10.50 54.42 -7.05
H5'1 ADP O . -10.40 48.26 -9.15
H5'2 ADP O . -9.91 48.96 -10.69
H4' ADP O . -12.03 49.89 -9.43
H3' ADP O . -10.00 51.18 -11.10
HO3' ADP O . -11.96 51.91 -12.11
H2' ADP O . -9.81 53.10 -9.93
HO2' ADP O . -11.56 53.90 -11.17
H1' ADP O . -12.12 52.56 -8.10
H8 ADP O . -8.46 51.93 -7.23
HN61 ADP O . -7.62 56.19 -4.73
HN62 ADP O . -8.54 57.64 -4.48
H2 ADP O . -12.47 57.07 -6.76
N1 KLU P . -0.91 38.75 -10.59
C4 KLU P . -0.93 39.77 -9.70
C5 KLU P . 0.42 40.45 -9.25
C6 KLU P . -2.03 38.05 -11.05
C7 KLU P . -3.18 37.91 -10.28
C8 KLU P . -4.27 37.19 -10.79
C10 KLU P . -3.06 36.71 -12.80
C1 KLU P . 1.53 37.49 -13.18
C11 KLU P . -1.98 37.44 -12.31
C2 KLU P . 0.31 38.23 -12.66
C3 KLU P . 0.38 38.31 -11.15
C9 KLU P . -4.20 36.60 -12.03
N2 KLU P . 1.44 36.21 -13.48
O1 KLU P . 2.60 38.08 -13.32
O2 KLU P . -1.96 40.15 -9.22
O3 KLU P . -0.86 37.52 -13.12
H9 KLU P . -3.01 36.25 -13.79
PB ADP Q . -11.29 24.86 -39.68
O1B ADP Q . -11.91 25.27 -38.37
O2B ADP Q . -12.01 23.75 -40.39
O3B ADP Q . -9.79 24.72 -39.65
PA ADP Q . -11.22 27.62 -40.07
O1A ADP Q . -12.51 28.37 -39.91
O2A ADP Q . -10.27 27.45 -38.89
O3A ADP Q . -11.54 26.14 -40.62
O5' ADP Q . -10.39 28.26 -41.28
C5' ADP Q . -9.23 29.04 -41.01
C4' ADP Q . -8.64 29.59 -42.30
O4' ADP Q . -8.82 28.66 -43.37
C3' ADP Q . -9.33 30.88 -42.72
O3' ADP Q . -8.43 31.98 -42.56
C2' ADP Q . -9.69 30.69 -44.18
O2' ADP Q . -9.21 31.76 -45.00
C1' ADP Q . -9.06 29.38 -44.58
N9 ADP Q . -9.96 28.64 -45.51
C8 ADP Q . -10.86 27.70 -45.16
N7 ADP Q . -11.50 27.23 -46.26
C5 ADP Q . -11.01 27.87 -47.33
C6 ADP Q . -11.23 27.85 -48.80
N6 ADP Q . -12.16 27.03 -49.35
N1 ADP Q . -10.49 28.68 -49.55
C2 ADP Q . -9.56 29.51 -49.02
N3 ADP Q . -9.31 29.57 -47.71
C4 ADP Q . -9.98 28.79 -46.83
H5'1 ADP Q . -8.47 28.43 -40.50
H5'2 ADP Q . -9.49 29.87 -40.34
H4' ADP Q . -7.58 29.79 -42.15
H3' ADP Q . -10.24 31.03 -42.13
HO3' ADP Q . -8.90 32.81 -42.76
H2' ADP Q . -10.79 30.61 -44.27
HO2' ADP Q . -9.72 32.56 -44.81
H1' ADP Q . -8.10 29.58 -45.08
H8 ADP Q . -11.05 27.37 -44.15
HN61 ADP Q . -12.70 26.42 -48.77
HN62 ADP Q . -12.29 27.04 -50.35
H2 ADP Q . -9.00 30.15 -49.69
N1 KLU R . -14.32 23.17 -29.55
C4 KLU R . -14.51 22.78 -30.82
C5 KLU R . -15.91 22.17 -31.25
C6 KLU R . -13.12 23.71 -29.02
C7 KLU R . -11.90 23.44 -29.60
C8 KLU R . -10.73 23.99 -29.04
C10 KLU R . -12.03 25.04 -27.32
C1 KLU R . -16.61 24.11 -26.69
C11 KLU R . -13.19 24.51 -27.87
C2 KLU R . -15.62 24.32 -27.81
C3 KLU R . -15.43 23.03 -28.59
C9 KLU R . -10.80 24.78 -27.90
N2 KLU R . -16.17 23.91 -25.46
O1 KLU R . -17.82 24.11 -26.92
O2 KLU R . -13.64 22.85 -31.64
O3 KLU R . -14.39 24.80 -27.25
H9 KLU R . -12.09 25.67 -26.43
PB ADP S . 39.93 7.16 -25.96
O1B ADP S . 39.71 5.81 -25.33
O2B ADP S . 40.55 8.19 -25.04
O3B ADP S . 38.76 7.68 -26.77
PA ADP S . 40.93 5.62 -28.05
O1A ADP S . 42.02 4.63 -27.71
O2A ADP S . 39.48 5.19 -28.05
O3A ADP S . 41.07 6.89 -27.06
O5' ADP S . 41.25 6.27 -29.47
C5' ADP S . 40.47 5.91 -30.61
C4' ADP S . 41.00 6.60 -31.86
O4' ADP S . 41.51 7.90 -31.54
C3' ADP S . 42.14 5.82 -32.50
O3' ADP S . 41.72 5.23 -33.73
C2' ADP S . 43.25 6.83 -32.72
O2' ADP S . 43.71 6.81 -34.08
C1' ADP S . 42.64 8.17 -32.37
N9 ADP S . 43.63 9.02 -31.69
C8 ADP S . 43.82 9.14 -30.36
N7 ADP S . 44.81 10.01 -30.09
C5 ADP S . 45.29 10.47 -31.26
C6 ADP S . 46.35 11.42 -31.68
N6 ADP S . 47.11 12.07 -30.79
N1 ADP S . 46.51 11.61 -33.01
C2 ADP S . 45.75 10.98 -33.94
N3 ADP S . 44.78 10.11 -33.60
C4 ADP S . 44.51 9.82 -32.31
H5'1 ADP S . 39.43 6.20 -30.45
H5'2 ADP S . 40.50 4.82 -30.75
H4' ADP S . 40.19 6.68 -32.59
H3' ADP S . 42.50 5.05 -31.80
HO3' ADP S . 42.42 4.67 -34.08
H2' ADP S . 44.08 6.62 -32.04
HO2' ADP S . 44.21 6.00 -34.24
H1' ADP S . 42.31 8.66 -33.31
H8 ADP S . 43.24 8.60 -29.62
HN61 ADP S . 46.98 11.92 -29.80
HN62 ADP S . 47.83 12.71 -31.11
H2 ADP S . 45.93 11.19 -34.98
N1 KLU T . 35.56 0.47 -18.85
C4 KLU T . 36.20 1.64 -19.09
C5 KLU T . 37.40 2.07 -18.18
C6 KLU T . 34.46 -0.02 -19.57
C7 KLU T . 33.49 0.84 -20.09
C8 KLU T . 32.41 0.29 -20.79
C10 KLU T . 33.24 -1.92 -20.41
C1 KLU T . 36.19 -2.78 -17.11
C11 KLU T . 34.32 -1.39 -19.73
C2 KLU T . 36.25 -1.82 -18.27
C3 KLU T . 36.03 -0.40 -17.78
C9 KLU T . 32.28 -1.08 -20.94
N2 KLU T . 35.09 -3.47 -16.90
O1 KLU T . 37.16 -2.91 -16.36
O2 KLU T . 35.83 2.38 -19.96
O3 KLU T . 35.26 -2.27 -19.21
H9 KLU T . 33.14 -3.00 -20.53
PB ADP U . 23.07 -28.62 -31.12
O1B ADP U . 22.95 -27.15 -31.44
O2B ADP U . 21.88 -29.45 -31.52
O3B ADP U . 23.60 -28.92 -29.73
PA ADP U . 25.61 -28.28 -32.22
O1A ADP U . 25.67 -27.68 -33.61
O2A ADP U . 25.71 -27.40 -30.99
O3A ADP U . 24.25 -29.13 -32.09
O5' ADP U . 26.73 -29.42 -32.09
C5' ADP U . 27.89 -29.17 -31.31
C4' ADP U . 28.84 -30.36 -31.41
O4' ADP U . 28.13 -31.59 -31.51
C3' ADP U . 29.73 -30.26 -32.65
O3' ADP U . 31.09 -29.98 -32.27
C2' ADP U . 29.63 -31.61 -33.33
O2' ADP U . 30.91 -32.17 -33.60
C1' ADP U . 28.84 -32.48 -32.37
N9 ADP U . 27.92 -33.37 -33.12
C8 ADP U . 26.63 -33.10 -33.43
N7 ADP U . 26.08 -34.15 -34.12
C5 ADP U . 27.04 -35.09 -34.25
C6 ADP U . 27.13 -36.43 -34.86
N6 ADP U . 26.08 -37.00 -35.50
N1 ADP U . 28.31 -37.09 -34.76
C2 ADP U . 29.37 -36.56 -34.13
N3 ADP U . 29.35 -35.34 -33.56
C4 ADP U . 28.24 -34.58 -33.58
H5'1 ADP U . 27.61 -29.03 -30.27
H5'2 ADP U . 28.40 -28.26 -31.65
H4' ADP U . 29.50 -30.37 -30.52
H3' ADP U . 29.35 -29.48 -33.31
HO3' ADP U . 31.61 -29.84 -33.06
H2' ADP U . 29.06 -31.50 -34.27
HO2' ADP U . 31.35 -31.68 -34.30
H1' ADP U . 29.54 -33.08 -31.78
H8 ADP U . 26.11 -32.19 -33.18
HN61 ADP U . 25.19 -36.50 -35.56
HN62 ADP U . 26.16 -37.91 -35.91
H2 ADP U . 30.30 -37.13 -34.10
N1 KLU V . 18.70 -19.02 -30.20
C4 KLU V . 18.49 -20.32 -30.51
C5 KLU V . 17.43 -20.69 -31.61
C6 KLU V . 19.59 -18.54 -29.22
C7 KLU V . 19.97 -19.32 -28.13
C8 KLU V . 20.86 -18.79 -27.16
C10 KLU V . 20.97 -16.73 -28.36
C1 KLU V . 18.10 -15.76 -31.99
C11 KLU V . 20.09 -17.24 -29.33
C2 KLU V . 18.90 -16.92 -31.43
C3 KLU V . 17.95 -17.98 -30.92
C9 KLU V . 21.34 -17.51 -27.30
N2 KLU V . 17.96 -14.65 -31.27
O1 KLU V . 17.60 -15.83 -33.10
O2 KLU V . 19.07 -21.20 -29.94
O3 KLU V . 19.76 -16.42 -30.38
H9 KLU V . 21.36 -15.71 -28.48
PB ADP W . 28.01 -30.55 24.54
O1B ADP W . 26.62 -30.27 25.04
O2B ADP W . 29.04 -29.54 24.96
O3B ADP W . 28.08 -30.94 23.09
PA ADP W . 27.41 -33.12 25.40
O1A ADP W . 26.95 -33.28 26.83
O2A ADP W . 26.39 -32.94 24.30
O3A ADP W . 28.44 -31.90 25.32
O5' ADP W . 28.35 -34.37 25.01
C5' ADP W . 27.85 -35.38 24.14
C4' ADP W . 28.89 -36.48 23.97
O4' ADP W . 30.21 -35.94 24.00
C3' ADP W . 28.81 -37.51 25.08
O3' ADP W . 28.29 -38.75 24.57
C2' ADP W . 30.22 -37.68 25.59
O2' ADP W . 30.62 -39.05 25.59
C1' ADP W . 31.08 -36.87 24.64
N9 ADP W . 32.18 -36.20 25.38
C8 ADP W . 32.14 -34.95 25.88
N7 ADP W . 33.32 -34.66 26.50
C5 ADP W . 34.12 -35.73 26.40
C6 ADP W . 35.48 -36.10 26.83
N6 ADP W . 36.26 -35.23 27.52
N1 ADP W . 35.94 -37.33 26.51
C2 ADP W . 35.18 -38.21 25.82
N3 ADP W . 33.93 -37.95 25.40
C4 ADP W . 33.36 -36.75 25.65
H5'1 ADP W . 27.62 -34.94 23.16
H5'2 ADP W . 26.93 -35.80 24.54
H4' ADP W . 28.72 -36.98 23.00
H3' ADP W . 28.17 -37.13 25.89
HO3' ADP W . 28.16 -39.37 25.30
H2' ADP W . 30.30 -37.25 26.60
HO2' ADP W . 30.16 -39.51 26.30
H1' ADP W . 31.51 -37.56 23.88
H8 ADP W . 31.30 -34.27 25.80
HN61 ADP W . 35.91 -34.31 27.74
HN62 ADP W . 37.19 -35.51 27.80
H2 ADP W . 35.60 -39.19 25.60
N1 KLU X . 19.04 -24.76 25.39
C4 KLU X . 20.40 -24.78 25.36
C5 KLU X . 21.21 -24.08 26.50
C6 KLU X . 18.19 -25.33 24.42
C7 KLU X . 18.58 -25.45 23.09
C8 KLU X . 17.69 -26.02 22.15
C10 KLU X . 16.04 -26.29 23.87
C1 KLU X . 16.42 -24.27 28.04
C11 KLU X . 16.92 -25.74 24.80
C2 KLU X . 17.33 -25.03 27.09
C3 KLU X . 18.35 -24.09 26.49
C9 KLU X . 16.44 -26.42 22.55
N2 KLU X . 15.13 -24.22 27.79
O1 KLU X . 16.88 -23.70 29.03
O2 KLU X . 20.99 -25.31 24.47
O3 KLU X . 16.48 -25.63 26.10
H9 KLU X . 15.05 -26.63 24.18
#